data_2M89
#
_entry.id   2M89
#
_entity_poly.entity_id   1
_entity_poly.type   'polypeptide(L)'
_entity_poly.pdbx_seq_one_letter_code
;MVNINHRIGIKASPEKIYQALTTDDGLKKWWTNDISGAGVVGSTIKFRFNGGGPDFKVTKLIPNKTVCWQHAGNMPESWM
GTEISFQLETVENQTFVRFTHSNWHETTDFMAHCNTKWAVFLLSLKDALEIGKGTPFPNDIQIDHSLE
;
_entity_poly.pdbx_strand_id   A,B
#
# COMPACT_ATOMS: atom_id res chain seq x y z
N MET A 1 13.55 -9.13 12.89
CA MET A 1 13.26 -7.75 12.51
C MET A 1 11.94 -7.64 11.75
N VAL A 2 11.48 -6.41 11.55
CA VAL A 2 10.22 -6.18 10.86
C VAL A 2 10.43 -6.03 9.36
N ASN A 3 9.50 -6.57 8.58
CA ASN A 3 9.56 -6.47 7.12
C ASN A 3 8.22 -6.06 6.54
N ILE A 4 8.25 -5.49 5.34
CA ILE A 4 7.03 -5.08 4.66
C ILE A 4 6.82 -5.87 3.37
N ASN A 5 5.64 -6.47 3.23
CA ASN A 5 5.34 -7.30 2.08
C ASN A 5 4.16 -6.73 1.29
N HIS A 6 4.37 -6.57 -0.02
CA HIS A 6 3.28 -6.19 -0.91
C HIS A 6 3.12 -7.20 -2.04
N ARG A 7 1.89 -7.33 -2.53
CA ARG A 7 1.59 -8.27 -3.60
C ARG A 7 0.58 -7.70 -4.59
N ILE A 8 0.81 -7.94 -5.87
CA ILE A 8 -0.05 -7.40 -6.91
C ILE A 8 0.07 -8.22 -8.20
N GLY A 9 -1.07 -8.53 -8.81
CA GLY A 9 -1.09 -9.19 -10.11
C GLY A 9 -1.02 -8.17 -11.24
N ILE A 10 -0.18 -8.45 -12.23
CA ILE A 10 -0.08 -7.59 -13.41
C ILE A 10 -0.17 -8.40 -14.69
N LYS A 11 -1.10 -8.02 -15.56
CA LYS A 11 -1.30 -8.72 -16.83
C LYS A 11 -0.24 -8.31 -17.85
N ALA A 12 1.00 -8.71 -17.61
CA ALA A 12 2.09 -8.39 -18.52
C ALA A 12 3.22 -9.40 -18.40
N SER A 13 4.00 -9.54 -19.47
CA SER A 13 5.10 -10.51 -19.50
C SER A 13 6.13 -10.21 -18.43
N PRO A 14 6.65 -11.26 -17.79
CA PRO A 14 7.73 -11.11 -16.84
C PRO A 14 8.90 -10.33 -17.44
N GLU A 15 9.07 -10.44 -18.75
CA GLU A 15 10.10 -9.70 -19.45
C GLU A 15 9.83 -8.20 -19.40
N LYS A 16 8.56 -7.82 -19.54
CA LYS A 16 8.17 -6.43 -19.54
C LYS A 16 8.40 -5.79 -18.17
N ILE A 17 7.98 -6.50 -17.13
CA ILE A 17 8.18 -6.03 -15.77
C ILE A 17 9.66 -5.95 -15.41
N TYR A 18 10.40 -7.00 -15.72
CA TYR A 18 11.83 -7.04 -15.46
C TYR A 18 12.53 -5.86 -16.11
N GLN A 19 12.42 -5.75 -17.43
CA GLN A 19 13.12 -4.71 -18.18
C GLN A 19 12.73 -3.33 -17.69
N ALA A 20 11.44 -3.13 -17.42
CA ALA A 20 10.94 -1.84 -16.96
C ALA A 20 11.68 -1.36 -15.72
N LEU A 21 12.09 -2.32 -14.88
CA LEU A 21 12.66 -2.00 -13.58
C LEU A 21 14.16 -2.19 -13.57
N THR A 22 14.73 -2.42 -14.75
CA THR A 22 16.17 -2.63 -14.87
C THR A 22 16.75 -1.74 -15.97
N THR A 23 15.90 -0.94 -16.60
CA THR A 23 16.35 0.03 -17.59
C THR A 23 15.99 1.45 -17.17
N ASP A 24 16.78 2.42 -17.63
CA ASP A 24 16.50 3.82 -17.37
C ASP A 24 15.20 4.26 -18.05
N ASP A 25 14.99 3.77 -19.27
CA ASP A 25 13.79 4.11 -20.03
C ASP A 25 12.52 3.67 -19.29
N GLY A 26 12.60 2.53 -18.62
CA GLY A 26 11.46 2.01 -17.88
C GLY A 26 11.31 2.69 -16.53
N LEU A 27 12.45 2.93 -15.86
CA LEU A 27 12.44 3.48 -14.52
C LEU A 27 12.03 4.94 -14.52
N LYS A 28 12.39 5.65 -15.58
CA LYS A 28 12.08 7.07 -15.71
C LYS A 28 10.59 7.30 -15.88
N LYS A 29 9.88 6.24 -16.25
CA LYS A 29 8.42 6.27 -16.33
C LYS A 29 7.79 5.83 -15.01
N TRP A 30 8.48 4.94 -14.30
CA TRP A 30 7.92 4.33 -13.11
C TRP A 30 8.13 5.21 -11.88
N TRP A 31 9.39 5.40 -11.50
CA TRP A 31 9.72 6.00 -10.21
C TRP A 31 9.70 7.52 -10.30
N THR A 32 10.62 8.07 -11.07
CA THR A 32 10.75 9.52 -11.19
C THR A 32 11.40 9.91 -12.51
N ASN A 33 11.66 11.21 -12.68
CA ASN A 33 12.13 11.73 -13.95
C ASN A 33 13.63 11.51 -14.12
N ASP A 34 14.40 11.93 -13.12
CA ASP A 34 15.86 11.91 -13.21
C ASP A 34 16.42 10.62 -12.61
N ILE A 35 16.77 9.68 -13.48
CA ILE A 35 17.32 8.40 -13.03
C ILE A 35 18.51 7.99 -13.88
N SER A 36 19.58 7.55 -13.23
CA SER A 36 20.79 7.13 -13.92
C SER A 36 21.26 5.76 -13.46
N GLY A 37 22.24 5.20 -14.17
CA GLY A 37 22.77 3.89 -13.82
C GLY A 37 21.98 2.78 -14.50
N ALA A 38 21.21 2.04 -13.71
CA ALA A 38 20.49 0.88 -14.20
C ALA A 38 21.43 -0.11 -14.87
N GLY A 39 22.47 -0.51 -14.15
CA GLY A 39 23.49 -1.40 -14.71
C GLY A 39 23.30 -2.83 -14.23
N VAL A 40 24.40 -3.48 -13.86
CA VAL A 40 24.36 -4.89 -13.46
C VAL A 40 24.78 -5.06 -12.01
N VAL A 41 24.82 -6.31 -11.56
CA VAL A 41 25.19 -6.61 -10.18
C VAL A 41 26.53 -5.98 -9.81
N GLY A 42 26.55 -5.26 -8.71
CA GLY A 42 27.76 -4.56 -8.26
C GLY A 42 27.65 -3.06 -8.49
N SER A 43 26.86 -2.68 -9.49
CA SER A 43 26.69 -1.27 -9.83
C SER A 43 25.61 -0.62 -8.98
N THR A 44 25.50 0.70 -9.06
CA THR A 44 24.52 1.44 -8.27
C THR A 44 23.53 2.17 -9.17
N ILE A 45 22.24 2.00 -8.88
CA ILE A 45 21.19 2.73 -9.60
C ILE A 45 20.82 4.00 -8.86
N LYS A 46 20.90 5.13 -9.57
CA LYS A 46 20.75 6.44 -8.95
C LYS A 46 19.39 7.06 -9.25
N PHE A 47 18.59 7.23 -8.21
CA PHE A 47 17.31 7.93 -8.34
C PHE A 47 17.40 9.35 -7.80
N ARG A 48 16.79 10.29 -8.51
CA ARG A 48 16.85 11.69 -8.12
C ARG A 48 15.47 12.33 -8.18
N PHE A 49 15.00 12.84 -7.05
CA PHE A 49 13.79 13.66 -7.01
C PHE A 49 13.80 14.59 -5.80
N ASN A 50 12.91 15.58 -5.82
CA ASN A 50 12.84 16.57 -4.75
C ASN A 50 12.32 15.95 -3.46
N GLY A 51 13.21 15.76 -2.50
CA GLY A 51 12.83 15.20 -1.21
C GLY A 51 13.89 14.24 -0.68
N GLY A 52 14.50 13.49 -1.60
CA GLY A 52 15.58 12.57 -1.23
C GLY A 52 15.63 11.39 -2.19
N GLY A 53 16.31 11.57 -3.32
CA GLY A 53 16.51 10.49 -4.28
C GLY A 53 17.40 9.40 -3.70
N PRO A 54 16.88 8.17 -3.67
CA PRO A 54 17.60 7.05 -3.07
C PRO A 54 18.65 6.49 -4.02
N ASP A 55 19.63 5.80 -3.47
CA ASP A 55 20.58 5.04 -4.28
C ASP A 55 20.51 3.56 -3.95
N PHE A 56 20.40 2.72 -4.99
CA PHE A 56 20.17 1.30 -4.81
C PHE A 56 21.24 0.48 -5.52
N LYS A 57 22.02 -0.25 -4.74
CA LYS A 57 23.08 -1.10 -5.29
C LYS A 57 22.56 -2.49 -5.62
N VAL A 58 22.81 -2.94 -6.84
CA VAL A 58 22.27 -4.20 -7.33
C VAL A 58 23.06 -5.39 -6.78
N THR A 59 22.37 -6.33 -6.15
CA THR A 59 23.01 -7.41 -5.43
C THR A 59 22.77 -8.75 -6.11
N LYS A 60 21.67 -8.83 -6.86
CA LYS A 60 21.32 -10.06 -7.57
C LYS A 60 20.37 -9.78 -8.73
N LEU A 61 20.67 -10.39 -9.88
CA LEU A 61 19.80 -10.26 -11.04
C LEU A 61 19.46 -11.63 -11.62
N ILE A 62 18.16 -11.90 -11.72
CA ILE A 62 17.68 -13.09 -12.42
C ILE A 62 16.85 -12.71 -13.64
N PRO A 63 17.25 -13.20 -14.81
CA PRO A 63 16.60 -12.82 -16.05
C PRO A 63 15.09 -13.04 -15.99
N ASN A 64 14.33 -11.96 -16.11
CA ASN A 64 12.88 -12.06 -16.26
C ASN A 64 12.24 -12.71 -15.04
N LYS A 65 12.80 -12.43 -13.87
CA LYS A 65 12.28 -12.98 -12.62
C LYS A 65 12.66 -12.11 -11.43
N THR A 66 13.63 -12.59 -10.65
CA THR A 66 13.89 -12.04 -9.32
C THR A 66 14.99 -11.00 -9.37
N VAL A 67 14.71 -9.81 -8.83
CA VAL A 67 15.72 -8.77 -8.67
C VAL A 67 15.84 -8.32 -7.24
N CYS A 68 17.08 -8.23 -6.75
CA CYS A 68 17.33 -7.84 -5.37
C CYS A 68 18.44 -6.81 -5.27
N TRP A 69 18.29 -5.85 -4.37
CA TRP A 69 19.25 -4.76 -4.23
C TRP A 69 19.36 -4.30 -2.78
N GLN A 70 20.41 -3.55 -2.48
CA GLN A 70 20.65 -3.07 -1.12
C GLN A 70 20.88 -1.56 -1.10
N HIS A 71 20.28 -0.89 -0.13
CA HIS A 71 20.36 0.56 -0.03
C HIS A 71 21.81 1.02 0.11
N ALA A 72 22.17 2.09 -0.60
CA ALA A 72 23.48 2.69 -0.49
C ALA A 72 23.40 4.19 -0.28
N GLY A 73 24.44 4.77 0.32
CA GLY A 73 24.48 6.20 0.58
C GLY A 73 25.20 6.49 1.89
N ASN A 74 24.90 7.65 2.48
CA ASN A 74 25.51 8.05 3.74
C ASN A 74 24.51 7.96 4.89
N MET A 75 23.56 7.04 4.76
CA MET A 75 22.56 6.83 5.80
C MET A 75 23.11 5.99 6.94
N PRO A 76 22.44 6.05 8.09
CA PRO A 76 22.83 5.26 9.25
C PRO A 76 22.97 3.79 8.89
N GLU A 77 23.78 3.06 9.66
CA GLU A 77 24.08 1.67 9.36
C GLU A 77 22.79 0.86 9.17
N SER A 78 21.78 1.17 9.97
CA SER A 78 20.52 0.44 9.93
C SER A 78 19.86 0.57 8.56
N TRP A 79 20.09 1.70 7.90
CA TRP A 79 19.57 1.92 6.56
C TRP A 79 20.50 1.31 5.50
N MET A 80 21.80 1.35 5.78
CA MET A 80 22.79 0.80 4.87
C MET A 80 22.66 -0.72 4.77
N GLY A 81 22.21 -1.34 5.85
CA GLY A 81 22.06 -2.79 5.89
C GLY A 81 20.67 -3.22 5.45
N THR A 82 19.91 -2.28 4.89
CA THR A 82 18.56 -2.56 4.43
C THR A 82 18.56 -3.15 3.02
N GLU A 83 17.93 -4.31 2.89
CA GLU A 83 17.85 -4.99 1.59
C GLU A 83 16.41 -5.08 1.11
N ILE A 84 16.23 -5.11 -0.21
CA ILE A 84 14.91 -5.17 -0.80
C ILE A 84 14.84 -6.19 -1.93
N SER A 85 13.77 -6.98 -1.94
CA SER A 85 13.65 -8.07 -2.90
C SER A 85 12.42 -7.89 -3.78
N PHE A 86 12.55 -8.25 -5.06
CA PHE A 86 11.44 -8.17 -5.99
C PHE A 86 11.30 -9.44 -6.80
N GLN A 87 10.28 -10.23 -6.48
CA GLN A 87 10.13 -11.55 -7.08
C GLN A 87 8.98 -11.58 -8.09
N LEU A 88 9.15 -12.36 -9.14
CA LEU A 88 8.08 -12.57 -10.12
C LEU A 88 7.73 -14.04 -10.23
N GLU A 89 6.44 -14.33 -10.44
CA GLU A 89 6.01 -15.68 -10.76
C GLU A 89 4.80 -15.66 -11.69
N THR A 90 4.92 -16.33 -12.83
CA THR A 90 3.84 -16.37 -13.81
C THR A 90 2.65 -17.16 -13.28
N VAL A 91 1.48 -16.53 -13.30
CA VAL A 91 0.25 -17.18 -12.85
C VAL A 91 -0.82 -17.11 -13.94
N GLU A 92 -1.10 -18.26 -14.56
CA GLU A 92 -2.16 -18.35 -15.55
C GLU A 92 -1.85 -17.49 -16.77
N ASN A 93 -2.59 -16.40 -16.91
CA ASN A 93 -2.45 -15.53 -18.08
C ASN A 93 -1.82 -14.20 -17.71
N GLN A 94 -1.23 -14.14 -16.51
CA GLN A 94 -0.59 -12.92 -16.04
C GLN A 94 0.64 -13.23 -15.20
N THR A 95 1.31 -12.19 -14.73
CA THR A 95 2.47 -12.36 -13.85
C THR A 95 2.20 -11.79 -12.47
N PHE A 96 2.39 -12.62 -11.45
CA PHE A 96 2.15 -12.21 -10.07
C PHE A 96 3.40 -11.60 -9.45
N VAL A 97 3.24 -10.42 -8.86
CA VAL A 97 4.37 -9.68 -8.31
C VAL A 97 4.41 -9.80 -6.79
N ARG A 98 5.57 -10.15 -6.26
CA ARG A 98 5.79 -10.19 -4.82
C ARG A 98 6.95 -9.30 -4.40
N PHE A 99 6.63 -8.20 -3.73
CA PHE A 99 7.65 -7.24 -3.32
C PHE A 99 7.87 -7.28 -1.82
N THR A 100 9.13 -7.31 -1.41
CA THR A 100 9.49 -7.33 0.01
C THR A 100 10.51 -6.25 0.34
N HIS A 101 10.12 -5.35 1.25
CA HIS A 101 11.06 -4.37 1.78
C HIS A 101 11.34 -4.63 3.26
N SER A 102 12.50 -5.21 3.55
CA SER A 102 12.77 -5.79 4.86
C SER A 102 13.75 -4.93 5.65
N ASN A 103 14.16 -5.44 6.80
CA ASN A 103 15.16 -4.76 7.63
C ASN A 103 14.62 -3.49 8.23
N TRP A 104 13.56 -3.62 9.03
CA TRP A 104 13.08 -2.53 9.86
C TRP A 104 13.31 -2.82 11.33
N HIS A 105 13.90 -1.86 12.04
CA HIS A 105 14.23 -2.03 13.46
C HIS A 105 12.97 -1.92 14.32
N GLU A 106 12.25 -0.83 14.15
CA GLU A 106 11.07 -0.56 14.97
C GLU A 106 10.00 0.20 14.18
N THR A 107 8.80 0.27 14.73
CA THR A 107 7.68 0.91 14.06
C THR A 107 7.81 2.43 14.08
N THR A 108 8.73 2.96 13.28
CA THR A 108 8.93 4.39 13.19
C THR A 108 8.05 5.00 12.10
N ASP A 109 8.17 6.31 11.92
CA ASP A 109 7.32 7.04 10.98
C ASP A 109 7.60 6.59 9.54
N PHE A 110 8.86 6.27 9.26
CA PHE A 110 9.28 5.91 7.91
C PHE A 110 8.60 4.64 7.44
N MET A 111 8.29 3.75 8.38
CA MET A 111 7.75 2.44 8.07
C MET A 111 6.40 2.56 7.34
N ALA A 112 5.45 3.24 7.99
CA ALA A 112 4.12 3.39 7.43
C ALA A 112 4.14 4.22 6.15
N HIS A 113 5.00 5.24 6.14
CA HIS A 113 5.12 6.11 4.97
C HIS A 113 5.53 5.32 3.73
N CYS A 114 6.62 4.55 3.86
CA CYS A 114 7.11 3.74 2.76
C CYS A 114 6.11 2.65 2.39
N ASN A 115 5.49 2.05 3.40
CA ASN A 115 4.53 0.97 3.19
C ASN A 115 3.44 1.39 2.20
N THR A 116 2.84 2.54 2.45
CA THR A 116 1.79 3.06 1.59
C THR A 116 2.32 3.38 0.20
N LYS A 117 3.48 4.03 0.16
CA LYS A 117 4.05 4.48 -1.10
C LYS A 117 4.33 3.31 -2.04
N TRP A 118 4.82 2.21 -1.48
CA TRP A 118 5.22 1.06 -2.27
C TRP A 118 4.05 0.51 -3.07
N ALA A 119 2.88 0.45 -2.45
CA ALA A 119 1.69 -0.09 -3.09
C ALA A 119 1.20 0.82 -4.21
N VAL A 120 1.35 2.13 -4.00
CA VAL A 120 0.97 3.11 -5.02
C VAL A 120 1.83 2.98 -6.26
N PHE A 121 3.13 2.75 -6.06
CA PHE A 121 4.06 2.58 -7.17
C PHE A 121 3.79 1.28 -7.92
N LEU A 122 3.38 0.25 -7.18
CA LEU A 122 2.99 -1.02 -7.79
C LEU A 122 1.74 -0.85 -8.65
N LEU A 123 0.74 -0.16 -8.10
CA LEU A 123 -0.47 0.16 -8.86
C LEU A 123 -0.13 0.88 -10.17
N SER A 124 0.78 1.84 -10.08
CA SER A 124 1.23 2.56 -11.26
C SER A 124 1.93 1.62 -12.24
N LEU A 125 2.75 0.73 -11.71
CA LEU A 125 3.41 -0.28 -12.54
C LEU A 125 2.41 -1.14 -13.28
N LYS A 126 1.27 -1.40 -12.64
CA LYS A 126 0.25 -2.27 -13.20
C LYS A 126 -0.49 -1.58 -14.35
N ASP A 127 -0.96 -0.37 -14.09
CA ASP A 127 -1.77 0.36 -15.06
C ASP A 127 -0.94 0.76 -16.27
N ALA A 128 0.33 1.08 -16.03
CA ALA A 128 1.24 1.46 -17.11
C ALA A 128 1.47 0.29 -18.07
N LEU A 129 1.66 -0.90 -17.50
CA LEU A 129 2.00 -2.07 -18.28
C LEU A 129 0.79 -2.65 -19.00
N GLU A 130 -0.35 -2.60 -18.32
CA GLU A 130 -1.58 -3.18 -18.84
C GLU A 130 -2.25 -2.26 -19.85
N ILE A 131 -2.38 -0.99 -19.49
CA ILE A 131 -3.09 -0.03 -20.32
C ILE A 131 -2.14 0.97 -20.96
N GLY A 132 -1.26 1.55 -20.15
CA GLY A 132 -0.40 2.64 -20.59
C GLY A 132 -0.80 3.96 -19.95
N LYS A 133 -1.47 3.88 -18.81
CA LYS A 133 -1.94 5.07 -18.10
C LYS A 133 -0.77 5.85 -17.51
N GLY A 134 0.29 5.14 -17.15
CA GLY A 134 1.48 5.78 -16.59
C GLY A 134 2.12 6.73 -17.59
N MET B 1 1.85 -9.37 18.49
CA MET B 1 1.31 -9.76 17.20
C MET B 1 1.74 -8.78 16.11
N VAL B 2 1.48 -9.15 14.85
CA VAL B 2 1.84 -8.31 13.72
C VAL B 2 0.71 -7.35 13.36
N ASN B 3 1.08 -6.13 12.97
CA ASN B 3 0.10 -5.14 12.56
C ASN B 3 0.52 -4.44 11.27
N ILE B 4 -0.45 -3.88 10.56
CA ILE B 4 -0.17 -3.16 9.32
C ILE B 4 -0.53 -1.69 9.45
N ASN B 5 0.42 -0.81 9.13
CA ASN B 5 0.23 0.62 9.25
C ASN B 5 0.34 1.32 7.91
N HIS B 6 -0.66 2.12 7.57
CA HIS B 6 -0.60 2.96 6.38
C HIS B 6 -0.81 4.43 6.74
N ARG B 7 -0.21 5.31 5.95
CA ARG B 7 -0.31 6.75 6.19
C ARG B 7 -0.43 7.52 4.88
N ILE B 8 -1.30 8.53 4.87
CA ILE B 8 -1.54 9.32 3.67
C ILE B 8 -2.12 10.68 4.02
N GLY B 9 -1.59 11.72 3.39
CA GLY B 9 -2.15 13.07 3.53
C GLY B 9 -3.27 13.31 2.52
N ILE B 10 -4.36 13.90 2.99
CA ILE B 10 -5.47 14.25 2.11
C ILE B 10 -5.90 15.70 2.32
N LYS B 11 -5.94 16.46 1.24
CA LYS B 11 -6.33 17.87 1.31
C LYS B 11 -7.84 18.02 1.38
N ALA B 12 -8.42 17.61 2.51
CA ALA B 12 -9.85 17.71 2.72
C ALA B 12 -10.19 17.77 4.20
N SER B 13 -11.35 18.35 4.51
CA SER B 13 -11.78 18.53 5.89
C SER B 13 -11.94 17.18 6.59
N PRO B 14 -11.53 17.12 7.84
CA PRO B 14 -11.75 15.93 8.67
C PRO B 14 -13.22 15.51 8.64
N GLU B 15 -14.10 16.48 8.50
CA GLU B 15 -15.53 16.21 8.40
C GLU B 15 -15.85 15.43 7.13
N LYS B 16 -15.20 15.79 6.04
CA LYS B 16 -15.43 15.14 4.75
C LYS B 16 -14.97 13.69 4.77
N ILE B 17 -13.78 13.46 5.32
CA ILE B 17 -13.25 12.11 5.44
C ILE B 17 -14.09 11.26 6.39
N TYR B 18 -14.41 11.82 7.54
CA TYR B 18 -15.23 11.13 8.53
C TYR B 18 -16.56 10.68 7.92
N GLN B 19 -17.33 11.64 7.42
CA GLN B 19 -18.66 11.36 6.89
C GLN B 19 -18.60 10.36 5.75
N ALA B 20 -17.60 10.52 4.87
CA ALA B 20 -17.44 9.64 3.73
C ALA B 20 -17.36 8.18 4.16
N LEU B 21 -16.78 7.95 5.33
CA LEU B 21 -16.48 6.59 5.78
C LEU B 21 -17.46 6.14 6.86
N THR B 22 -18.50 6.94 7.08
CA THR B 22 -19.50 6.63 8.08
C THR B 22 -20.91 6.72 7.51
N THR B 23 -20.99 7.06 6.23
CA THR B 23 -22.27 7.08 5.53
C THR B 23 -22.28 6.11 4.36
N ASP B 24 -23.47 5.61 4.01
CA ASP B 24 -23.63 4.73 2.86
C ASP B 24 -23.30 5.46 1.56
N ASP B 25 -23.72 6.72 1.47
CA ASP B 25 -23.48 7.53 0.29
C ASP B 25 -21.99 7.68 0.01
N GLY B 26 -21.21 7.80 1.08
CA GLY B 26 -19.76 7.97 0.95
C GLY B 26 -19.08 6.63 0.71
N LEU B 27 -19.54 5.59 1.40
CA LEU B 27 -18.90 4.29 1.34
C LEU B 27 -19.16 3.61 0.00
N LYS B 28 -20.32 3.87 -0.57
CA LYS B 28 -20.71 3.28 -1.86
C LYS B 28 -19.84 3.83 -2.99
N LYS B 29 -19.20 4.96 -2.73
CA LYS B 29 -18.24 5.52 -3.68
C LYS B 29 -16.83 5.02 -3.40
N TRP B 30 -16.55 4.74 -2.14
CA TRP B 30 -15.19 4.41 -1.71
C TRP B 30 -14.90 2.93 -1.92
N TRP B 31 -15.62 2.08 -1.18
CA TRP B 31 -15.27 0.67 -1.09
C TRP B 31 -15.86 -0.13 -2.25
N THR B 32 -17.18 -0.19 -2.30
CA THR B 32 -17.88 -0.97 -3.32
C THR B 32 -19.29 -0.44 -3.55
N ASN B 33 -20.05 -1.14 -4.40
CA ASN B 33 -21.35 -0.66 -4.83
C ASN B 33 -22.41 -0.96 -3.78
N ASP B 34 -22.49 -2.22 -3.36
CA ASP B 34 -23.54 -2.67 -2.46
C ASP B 34 -23.10 -2.60 -1.01
N ILE B 35 -23.54 -1.56 -0.31
CA ILE B 35 -23.18 -1.37 1.10
C ILE B 35 -24.39 -0.93 1.92
N SER B 36 -24.56 -1.56 3.07
CA SER B 36 -25.69 -1.25 3.95
C SER B 36 -25.22 -1.01 5.38
N GLY B 37 -26.14 -0.52 6.21
CA GLY B 37 -25.82 -0.23 7.60
C GLY B 37 -25.28 1.19 7.76
N ALA B 38 -23.99 1.30 8.04
CA ALA B 38 -23.38 2.58 8.33
C ALA B 38 -24.08 3.30 9.47
N GLY B 39 -24.21 2.61 10.60
CA GLY B 39 -24.94 3.14 11.75
C GLY B 39 -24.00 3.66 12.82
N VAL B 40 -24.29 3.35 14.07
CA VAL B 40 -23.52 3.87 15.20
C VAL B 40 -22.85 2.73 15.96
N VAL B 41 -22.13 3.09 17.03
CA VAL B 41 -21.42 2.10 17.84
C VAL B 41 -22.37 0.98 18.29
N GLY B 42 -21.97 -0.26 18.06
CA GLY B 42 -22.78 -1.41 18.41
C GLY B 42 -23.39 -2.05 17.16
N SER B 43 -23.60 -1.24 16.13
CA SER B 43 -24.21 -1.71 14.89
C SER B 43 -23.16 -2.32 13.97
N THR B 44 -23.62 -2.96 12.90
CA THR B 44 -22.72 -3.60 11.94
C THR B 44 -22.85 -2.98 10.56
N ILE B 45 -21.71 -2.64 9.96
CA ILE B 45 -21.69 -2.14 8.59
C ILE B 45 -21.44 -3.25 7.60
N LYS B 46 -22.34 -3.39 6.63
CA LYS B 46 -22.34 -4.54 5.72
C LYS B 46 -21.79 -4.17 4.35
N PHE B 47 -20.66 -4.74 3.99
CA PHE B 47 -20.10 -4.58 2.66
C PHE B 47 -20.35 -5.82 1.80
N ARG B 48 -20.70 -5.59 0.54
CA ARG B 48 -21.01 -6.69 -0.37
C ARG B 48 -20.32 -6.50 -1.72
N PHE B 49 -19.48 -7.46 -2.09
CA PHE B 49 -18.91 -7.51 -3.43
C PHE B 49 -18.51 -8.93 -3.80
N ASN B 50 -18.27 -9.15 -5.09
CA ASN B 50 -17.93 -10.48 -5.58
C ASN B 50 -16.54 -10.89 -5.13
N GLY B 51 -16.49 -11.82 -4.18
CA GLY B 51 -15.22 -12.33 -3.66
C GLY B 51 -15.29 -12.57 -2.16
N GLY B 52 -16.00 -11.69 -1.46
CA GLY B 52 -16.19 -11.84 -0.03
C GLY B 52 -16.39 -10.48 0.65
N GLY B 53 -17.62 -10.00 0.64
CA GLY B 53 -17.97 -8.74 1.32
C GLY B 53 -17.83 -8.88 2.83
N PRO B 54 -17.01 -8.03 3.42
CA PRO B 54 -16.72 -8.10 4.85
C PRO B 54 -17.84 -7.46 5.67
N ASP B 55 -17.94 -7.84 6.94
CA ASP B 55 -18.82 -7.16 7.87
C ASP B 55 -18.03 -6.54 9.02
N PHE B 56 -18.29 -5.27 9.29
CA PHE B 56 -17.50 -4.51 10.25
C PHE B 56 -18.38 -3.91 11.34
N LYS B 57 -18.17 -4.36 12.57
CA LYS B 57 -18.94 -3.86 13.71
C LYS B 57 -18.28 -2.65 14.33
N VAL B 58 -19.05 -1.58 14.51
CA VAL B 58 -18.51 -0.31 14.99
C VAL B 58 -18.29 -0.34 16.50
N THR B 59 -17.08 -0.02 16.92
CA THR B 59 -16.69 -0.19 18.32
C THR B 59 -16.45 1.16 18.99
N LYS B 60 -16.12 2.17 18.17
CA LYS B 60 -15.86 3.51 18.69
C LYS B 60 -16.03 4.55 17.59
N LEU B 61 -16.71 5.65 17.92
CA LEU B 61 -16.89 6.76 16.99
C LEU B 61 -16.50 8.08 17.64
N ILE B 62 -15.55 8.78 17.02
CA ILE B 62 -15.23 10.15 17.42
C ILE B 62 -15.54 11.14 16.30
N PRO B 63 -16.36 12.12 16.61
CA PRO B 63 -16.82 13.08 15.61
C PRO B 63 -15.64 13.71 14.87
N ASN B 64 -15.58 13.46 13.56
CA ASN B 64 -14.64 14.16 12.70
C ASN B 64 -13.20 13.85 13.10
N LYS B 65 -12.96 12.63 13.55
CA LYS B 65 -11.62 12.19 13.95
C LYS B 65 -11.47 10.68 13.85
N THR B 66 -11.50 10.02 15.00
CA THR B 66 -11.06 8.63 15.10
C THR B 66 -12.23 7.67 14.99
N VAL B 67 -12.13 6.71 14.08
CA VAL B 67 -13.12 5.65 13.98
C VAL B 67 -12.48 4.28 14.09
N CYS B 68 -13.07 3.42 14.91
CA CYS B 68 -12.53 2.08 15.13
C CYS B 68 -13.62 1.03 15.09
N TRP B 69 -13.31 -0.13 14.52
CA TRP B 69 -14.29 -1.20 14.34
C TRP B 69 -13.64 -2.57 14.44
N GLN B 70 -14.46 -3.60 14.61
CA GLN B 70 -13.96 -4.96 14.75
C GLN B 70 -14.66 -5.91 13.78
N HIS B 71 -13.88 -6.79 13.17
CA HIS B 71 -14.41 -7.71 12.16
C HIS B 71 -15.51 -8.60 12.75
N ALA B 72 -16.57 -8.80 11.99
CA ALA B 72 -17.64 -9.70 12.40
C ALA B 72 -17.99 -10.67 11.28
N GLY B 73 -18.56 -11.82 11.65
CA GLY B 73 -18.95 -12.84 10.69
C GLY B 73 -18.75 -14.24 11.24
N ASN B 74 -18.60 -15.21 10.35
CA ASN B 74 -18.39 -16.59 10.76
C ASN B 74 -16.95 -17.04 10.52
N MET B 75 -16.03 -16.08 10.57
CA MET B 75 -14.62 -16.37 10.38
C MET B 75 -13.98 -16.94 11.64
N PRO B 76 -12.83 -17.59 11.48
CA PRO B 76 -12.11 -18.14 12.62
C PRO B 76 -11.88 -17.09 13.70
N GLU B 77 -11.71 -17.55 14.93
CA GLU B 77 -11.59 -16.66 16.07
C GLU B 77 -10.53 -15.59 15.83
N SER B 78 -9.44 -15.99 15.18
CA SER B 78 -8.32 -15.09 14.93
C SER B 78 -8.75 -13.91 14.07
N TRP B 79 -9.73 -14.14 13.21
CA TRP B 79 -10.29 -13.07 12.38
C TRP B 79 -11.36 -12.30 13.12
N MET B 80 -12.10 -12.99 13.97
CA MET B 80 -13.16 -12.36 14.76
C MET B 80 -12.58 -11.39 15.78
N GLY B 81 -11.37 -11.67 16.24
CA GLY B 81 -10.71 -10.84 17.23
C GLY B 81 -9.86 -9.77 16.58
N THR B 82 -10.02 -9.59 15.27
CA THR B 82 -9.25 -8.61 14.52
C THR B 82 -9.90 -7.23 14.60
N GLU B 83 -9.13 -6.24 15.03
CA GLU B 83 -9.63 -4.88 15.15
C GLU B 83 -8.89 -3.94 14.20
N ILE B 84 -9.58 -2.88 13.78
CA ILE B 84 -8.99 -1.93 12.83
C ILE B 84 -9.27 -0.49 13.27
N SER B 85 -8.26 0.36 13.19
CA SER B 85 -8.35 1.73 13.67
C SER B 85 -8.10 2.72 12.55
N PHE B 86 -8.86 3.82 12.57
CA PHE B 86 -8.70 4.87 11.58
C PHE B 86 -8.64 6.25 12.23
N GLN B 87 -7.44 6.83 12.27
CA GLN B 87 -7.22 8.07 13.00
C GLN B 87 -7.04 9.24 12.04
N LEU B 88 -7.53 10.41 12.45
CA LEU B 88 -7.31 11.64 11.71
C LEU B 88 -6.59 12.68 12.56
N GLU B 89 -5.73 13.46 11.91
CA GLU B 89 -5.12 14.63 12.56
C GLU B 89 -4.86 15.74 11.55
N THR B 90 -5.41 16.91 11.84
CA THR B 90 -5.24 18.07 10.95
C THR B 90 -3.80 18.55 10.93
N VAL B 91 -3.22 18.62 9.73
CA VAL B 91 -1.86 19.12 9.57
C VAL B 91 -1.81 20.28 8.58
N GLU B 92 -1.58 21.47 9.10
CA GLU B 92 -1.42 22.65 8.26
C GLU B 92 -2.71 22.96 7.50
N ASN B 93 -2.68 22.71 6.18
CA ASN B 93 -3.81 23.05 5.32
C ASN B 93 -4.50 21.79 4.82
N GLN B 94 -4.20 20.66 5.45
CA GLN B 94 -4.79 19.39 5.06
C GLN B 94 -5.01 18.50 6.28
N THR B 95 -5.58 17.32 6.04
CA THR B 95 -5.78 16.34 7.10
C THR B 95 -4.94 15.09 6.87
N PHE B 96 -4.14 14.73 7.88
CA PHE B 96 -3.27 13.56 7.79
C PHE B 96 -3.99 12.30 8.26
N VAL B 97 -3.95 11.26 7.44
CA VAL B 97 -4.65 10.02 7.73
C VAL B 97 -3.69 8.95 8.24
N ARG B 98 -4.05 8.33 9.35
CA ARG B 98 -3.29 7.20 9.89
C ARG B 98 -4.18 5.97 10.05
N PHE B 99 -3.94 4.96 9.22
CA PHE B 99 -4.74 3.74 9.23
C PHE B 99 -3.95 2.57 9.80
N THR B 100 -4.57 1.83 10.70
CA THR B 100 -3.94 0.67 11.31
C THR B 100 -4.83 -0.56 11.21
N HIS B 101 -4.33 -1.60 10.56
CA HIS B 101 -5.01 -2.89 10.54
C HIS B 101 -4.20 -3.95 11.29
N SER B 102 -4.62 -4.25 12.51
CA SER B 102 -3.78 -5.01 13.44
C SER B 102 -4.29 -6.42 13.62
N ASN B 103 -3.68 -7.15 14.56
CA ASN B 103 -4.12 -8.51 14.89
C ASN B 103 -3.82 -9.47 13.76
N TRP B 104 -2.55 -9.60 13.42
CA TRP B 104 -2.10 -10.66 12.52
C TRP B 104 -1.23 -11.68 13.26
N HIS B 105 -1.56 -12.96 13.10
CA HIS B 105 -0.85 -14.03 13.79
C HIS B 105 0.51 -14.27 13.16
N GLU B 106 0.52 -14.50 11.85
CA GLU B 106 1.75 -14.83 11.14
C GLU B 106 1.72 -14.28 9.71
N THR B 107 2.88 -14.29 9.06
CA THR B 107 3.01 -13.74 7.72
C THR B 107 2.38 -14.67 6.68
N THR B 108 1.06 -14.70 6.65
CA THR B 108 0.34 -15.51 5.67
C THR B 108 0.06 -14.72 4.40
N ASP B 109 -0.62 -15.38 3.46
CA ASP B 109 -0.88 -14.77 2.16
C ASP B 109 -1.80 -13.56 2.29
N PHE B 110 -2.74 -13.63 3.23
CA PHE B 110 -3.73 -12.58 3.40
C PHE B 110 -3.08 -11.26 3.81
N MET B 111 -1.95 -11.35 4.51
CA MET B 111 -1.30 -10.19 5.07
C MET B 111 -0.86 -9.23 3.97
N ALA B 112 -0.04 -9.74 3.05
CA ALA B 112 0.49 -8.92 1.95
C ALA B 112 -0.62 -8.45 1.02
N HIS B 113 -1.59 -9.32 0.79
CA HIS B 113 -2.72 -9.00 -0.07
C HIS B 113 -3.49 -7.78 0.44
N CYS B 114 -3.88 -7.84 1.71
CA CYS B 114 -4.61 -6.74 2.33
C CYS B 114 -3.75 -5.49 2.43
N ASN B 115 -2.47 -5.68 2.76
CA ASN B 115 -1.54 -4.57 2.91
C ASN B 115 -1.54 -3.67 1.67
N THR B 116 -1.39 -4.29 0.51
CA THR B 116 -1.37 -3.55 -0.76
C THR B 116 -2.73 -2.89 -1.03
N LYS B 117 -3.80 -3.65 -0.79
CA LYS B 117 -5.14 -3.18 -1.10
C LYS B 117 -5.48 -1.92 -0.31
N TRP B 118 -5.07 -1.90 0.96
CA TRP B 118 -5.43 -0.81 1.85
C TRP B 118 -4.91 0.52 1.33
N ALA B 119 -3.69 0.51 0.81
CA ALA B 119 -3.06 1.73 0.31
C ALA B 119 -3.74 2.23 -0.96
N VAL B 120 -4.19 1.28 -1.78
CA VAL B 120 -4.91 1.62 -3.01
C VAL B 120 -6.23 2.31 -2.70
N PHE B 121 -6.93 1.82 -1.68
CA PHE B 121 -8.20 2.39 -1.27
C PHE B 121 -8.00 3.78 -0.66
N LEU B 122 -6.89 3.96 0.04
CA LEU B 122 -6.53 5.26 0.58
C LEU B 122 -6.25 6.26 -0.54
N LEU B 123 -5.47 5.83 -1.52
CA LEU B 123 -5.21 6.66 -2.70
C LEU B 123 -6.51 7.09 -3.36
N SER B 124 -7.44 6.17 -3.50
CA SER B 124 -8.76 6.47 -4.06
C SER B 124 -9.50 7.47 -3.18
N LEU B 125 -9.42 7.28 -1.87
CA LEU B 125 -10.03 8.22 -0.93
C LEU B 125 -9.47 9.62 -1.10
N LYS B 126 -8.19 9.70 -1.45
CA LYS B 126 -7.51 10.98 -1.58
C LYS B 126 -7.95 11.71 -2.84
N ASP B 127 -7.90 11.01 -3.97
CA ASP B 127 -8.21 11.61 -5.27
C ASP B 127 -9.68 11.99 -5.37
N ALA B 128 -10.54 11.18 -4.76
CA ALA B 128 -11.97 11.43 -4.75
C ALA B 128 -12.30 12.71 -3.98
N LEU B 129 -11.65 12.89 -2.84
CA LEU B 129 -11.94 14.00 -1.96
C LEU B 129 -11.33 15.30 -2.47
N GLU B 130 -10.12 15.18 -3.05
CA GLU B 130 -9.38 16.35 -3.50
C GLU B 130 -9.89 16.83 -4.86
N ILE B 131 -10.03 15.89 -5.79
CA ILE B 131 -10.40 16.23 -7.16
C ILE B 131 -11.82 15.79 -7.47
N GLY B 132 -12.13 14.54 -7.16
CA GLY B 132 -13.41 13.95 -7.55
C GLY B 132 -13.22 12.86 -8.60
N LYS B 133 -12.01 12.31 -8.66
CA LYS B 133 -11.69 11.30 -9.65
C LYS B 133 -12.41 9.98 -9.36
N GLY B 134 -12.68 9.73 -8.08
CA GLY B 134 -13.38 8.52 -7.67
C GLY B 134 -14.80 8.49 -8.23
N MET A 1 12.97 -8.86 13.68
CA MET A 1 12.55 -7.52 13.31
C MET A 1 11.26 -7.55 12.50
N VAL A 2 10.89 -6.40 11.94
CA VAL A 2 9.67 -6.30 11.14
C VAL A 2 9.99 -6.33 9.64
N ASN A 3 9.16 -7.03 8.89
CA ASN A 3 9.28 -7.04 7.44
C ASN A 3 7.93 -6.82 6.77
N ILE A 4 7.96 -6.40 5.51
CA ILE A 4 6.74 -6.12 4.76
C ILE A 4 6.66 -6.96 3.49
N ASN A 5 5.57 -7.71 3.35
CA ASN A 5 5.37 -8.55 2.18
C ASN A 5 4.18 -8.07 1.36
N HIS A 6 4.42 -7.73 0.10
CA HIS A 6 3.38 -7.24 -0.79
C HIS A 6 3.55 -7.78 -2.20
N ARG A 7 2.45 -7.90 -2.93
CA ARG A 7 2.47 -8.45 -4.27
C ARG A 7 1.40 -7.81 -5.15
N ILE A 8 1.66 -7.78 -6.46
CA ILE A 8 0.71 -7.23 -7.41
C ILE A 8 0.68 -8.06 -8.70
N GLY A 9 -0.52 -8.34 -9.18
CA GLY A 9 -0.69 -9.06 -10.44
C GLY A 9 -0.64 -8.11 -11.63
N ILE A 10 0.12 -8.48 -12.65
CA ILE A 10 0.22 -7.69 -13.87
C ILE A 10 0.07 -8.55 -15.11
N LYS A 11 -0.73 -8.07 -16.05
CA LYS A 11 -0.94 -8.79 -17.32
C LYS A 11 0.23 -8.56 -18.27
N ALA A 12 1.40 -9.06 -17.89
CA ALA A 12 2.60 -8.91 -18.71
C ALA A 12 3.61 -10.00 -18.42
N SER A 13 4.55 -10.19 -19.32
CA SER A 13 5.55 -11.26 -19.20
C SER A 13 6.57 -10.92 -18.12
N PRO A 14 7.15 -11.95 -17.52
CA PRO A 14 8.22 -11.77 -16.55
C PRO A 14 9.47 -11.19 -17.19
N GLU A 15 9.56 -11.31 -18.50
CA GLU A 15 10.67 -10.72 -19.26
C GLU A 15 10.54 -9.20 -19.33
N LYS A 16 9.33 -8.73 -19.62
CA LYS A 16 9.06 -7.31 -19.65
C LYS A 16 9.21 -6.68 -18.27
N ILE A 17 8.75 -7.39 -17.25
CA ILE A 17 8.84 -6.91 -15.87
C ILE A 17 10.29 -6.86 -15.40
N TYR A 18 11.03 -7.93 -15.67
CA TYR A 18 12.44 -8.00 -15.31
C TYR A 18 13.23 -6.86 -15.93
N GLN A 19 13.05 -6.67 -17.23
CA GLN A 19 13.73 -5.60 -17.95
C GLN A 19 13.37 -4.23 -17.39
N ALA A 20 12.10 -4.07 -17.01
CA ALA A 20 11.64 -2.82 -16.41
C ALA A 20 12.37 -2.52 -15.11
N LEU A 21 12.90 -3.56 -14.48
CA LEU A 21 13.60 -3.42 -13.22
C LEU A 21 15.10 -3.22 -13.43
N THR A 22 15.58 -3.61 -14.61
CA THR A 22 17.01 -3.63 -14.87
C THR A 22 17.37 -2.66 -15.99
N THR A 23 16.38 -1.90 -16.45
CA THR A 23 16.61 -0.86 -17.44
C THR A 23 16.20 0.51 -16.90
N ASP A 24 17.11 1.48 -17.02
CA ASP A 24 16.86 2.82 -16.52
C ASP A 24 15.65 3.44 -17.21
N ASP A 25 15.58 3.30 -18.53
CA ASP A 25 14.47 3.84 -19.31
C ASP A 25 13.15 3.18 -18.91
N GLY A 26 13.23 1.93 -18.48
CA GLY A 26 12.05 1.19 -18.03
C GLY A 26 11.60 1.66 -16.65
N LEU A 27 12.57 1.94 -15.78
CA LEU A 27 12.29 2.41 -14.44
C LEU A 27 11.62 3.78 -14.47
N LYS A 28 12.15 4.67 -15.30
CA LYS A 28 11.72 6.06 -15.30
C LYS A 28 10.23 6.18 -15.59
N LYS A 29 9.67 5.17 -16.25
CA LYS A 29 8.28 5.19 -16.65
C LYS A 29 7.35 5.19 -15.44
N TRP A 30 7.87 4.72 -14.31
CA TRP A 30 7.07 4.59 -13.10
C TRP A 30 7.88 4.94 -11.86
N TRP A 31 9.10 5.42 -12.07
CA TRP A 31 9.90 5.98 -10.99
C TRP A 31 10.06 7.48 -11.14
N THR A 32 11.24 7.91 -11.57
CA THR A 32 11.59 9.32 -11.58
C THR A 32 11.99 9.78 -12.98
N ASN A 33 12.36 11.06 -13.09
CA ASN A 33 12.58 11.68 -14.39
C ASN A 33 14.02 11.49 -14.85
N ASP A 34 14.89 11.06 -13.94
CA ASP A 34 16.30 10.91 -14.23
C ASP A 34 16.91 9.75 -13.43
N ILE A 35 17.16 8.64 -14.10
CA ILE A 35 17.72 7.46 -13.44
C ILE A 35 18.99 7.00 -14.15
N SER A 36 20.01 6.68 -13.36
CA SER A 36 21.30 6.26 -13.90
C SER A 36 21.85 5.06 -13.14
N GLY A 37 22.10 3.98 -13.86
CA GLY A 37 22.69 2.78 -13.27
C GLY A 37 22.14 1.52 -13.90
N ALA A 38 21.91 0.50 -13.08
CA ALA A 38 21.30 -0.74 -13.55
C ALA A 38 22.16 -1.41 -14.61
N GLY A 39 23.44 -1.61 -14.29
CA GLY A 39 24.33 -2.42 -15.12
C GLY A 39 24.39 -3.85 -14.61
N VAL A 40 25.59 -4.41 -14.60
CA VAL A 40 25.81 -5.74 -14.05
C VAL A 40 25.83 -5.70 -12.52
N VAL A 41 25.82 -6.89 -11.90
CA VAL A 41 25.85 -6.99 -10.44
C VAL A 41 27.04 -6.22 -9.86
N GLY A 42 26.77 -5.36 -8.90
CA GLY A 42 27.76 -4.43 -8.39
C GLY A 42 27.45 -2.99 -8.79
N SER A 43 26.70 -2.85 -9.87
CA SER A 43 26.28 -1.53 -10.33
C SER A 43 25.25 -0.91 -9.39
N THR A 44 25.32 0.40 -9.22
CA THR A 44 24.41 1.11 -8.32
C THR A 44 23.42 1.97 -9.10
N ILE A 45 22.15 1.87 -8.75
CA ILE A 45 21.11 2.66 -9.40
C ILE A 45 20.82 3.93 -8.61
N LYS A 46 20.92 5.07 -9.28
CA LYS A 46 20.60 6.35 -8.67
C LYS A 46 19.28 6.91 -9.22
N PHE A 47 18.39 7.28 -8.31
CA PHE A 47 17.10 7.86 -8.70
C PHE A 47 17.08 9.37 -8.45
N ARG A 48 16.23 10.07 -9.20
CA ARG A 48 16.11 11.52 -9.06
C ARG A 48 15.33 11.89 -7.81
N PHE A 49 15.77 12.94 -7.14
CA PHE A 49 15.09 13.42 -5.94
C PHE A 49 15.46 14.86 -5.64
N ASN A 50 14.50 15.62 -5.13
CA ASN A 50 14.65 17.07 -4.97
C ASN A 50 15.90 17.40 -4.17
N GLY A 51 16.08 16.67 -3.06
CA GLY A 51 17.26 16.86 -2.22
C GLY A 51 18.43 16.03 -2.74
N GLY A 52 18.61 14.84 -2.18
CA GLY A 52 19.64 13.92 -2.65
C GLY A 52 19.02 12.65 -3.22
N GLY A 53 19.52 12.22 -4.37
CA GLY A 53 19.00 11.02 -5.03
C GLY A 53 19.37 9.76 -4.27
N PRO A 54 18.38 8.93 -3.99
CA PRO A 54 18.59 7.67 -3.28
C PRO A 54 19.33 6.66 -4.15
N ASP A 55 20.12 5.81 -3.52
CA ASP A 55 20.92 4.82 -4.24
C ASP A 55 20.49 3.41 -3.88
N PHE A 56 20.47 2.53 -4.88
CA PHE A 56 20.21 1.11 -4.65
C PHE A 56 21.22 0.24 -5.40
N LYS A 57 22.04 -0.49 -4.66
CA LYS A 57 23.07 -1.33 -5.25
C LYS A 57 22.49 -2.68 -5.68
N VAL A 58 22.85 -3.13 -6.88
CA VAL A 58 22.43 -4.42 -7.38
C VAL A 58 23.33 -5.53 -6.86
N THR A 59 22.77 -6.42 -6.05
CA THR A 59 23.57 -7.40 -5.31
C THR A 59 23.38 -8.80 -5.87
N LYS A 60 22.30 -8.99 -6.62
CA LYS A 60 22.00 -10.28 -7.22
C LYS A 60 21.04 -10.14 -8.39
N LEU A 61 21.36 -10.82 -9.50
CA LEU A 61 20.49 -10.81 -10.67
C LEU A 61 20.25 -12.24 -11.18
N ILE A 62 19.01 -12.69 -11.10
CA ILE A 62 18.61 -13.95 -11.72
C ILE A 62 17.71 -13.70 -12.93
N PRO A 63 18.10 -14.24 -14.07
CA PRO A 63 17.43 -13.94 -15.33
C PRO A 63 15.92 -14.14 -15.22
N ASN A 64 15.18 -13.04 -15.24
CA ASN A 64 13.73 -13.10 -15.36
C ASN A 64 13.12 -13.85 -14.18
N LYS A 65 13.74 -13.73 -13.02
CA LYS A 65 13.24 -14.37 -11.81
C LYS A 65 13.37 -13.44 -10.60
N THR A 66 14.59 -12.99 -10.36
CA THR A 66 14.91 -12.30 -9.10
C THR A 66 15.78 -11.07 -9.36
N VAL A 67 15.38 -9.95 -8.76
CA VAL A 67 16.25 -8.79 -8.66
C VAL A 67 16.41 -8.35 -7.20
N CYS A 68 17.65 -8.26 -6.74
CA CYS A 68 17.93 -7.91 -5.36
C CYS A 68 18.67 -6.58 -5.26
N TRP A 69 18.05 -5.61 -4.61
CA TRP A 69 18.69 -4.33 -4.34
C TRP A 69 19.10 -4.21 -2.88
N GLN A 70 20.14 -3.43 -2.62
CA GLN A 70 20.46 -3.01 -1.26
C GLN A 70 20.49 -1.48 -1.16
N HIS A 71 19.77 -0.96 -0.17
CA HIS A 71 19.60 0.49 -0.03
C HIS A 71 20.94 1.17 0.24
N ALA A 72 21.09 2.39 -0.24
CA ALA A 72 22.25 3.21 0.09
C ALA A 72 21.92 4.70 -0.01
N GLY A 73 22.67 5.51 0.73
CA GLY A 73 22.45 6.95 0.74
C GLY A 73 23.02 7.59 2.00
N ASN A 74 22.53 8.78 2.33
CA ASN A 74 22.97 9.48 3.53
C ASN A 74 22.01 9.25 4.69
N MET A 75 21.05 8.35 4.48
CA MET A 75 20.08 8.00 5.52
C MET A 75 20.76 7.34 6.70
N PRO A 76 20.10 7.34 7.85
CA PRO A 76 20.59 6.65 9.03
C PRO A 76 20.93 5.20 8.72
N GLU A 77 21.86 4.63 9.47
CA GLU A 77 22.36 3.29 9.20
C GLU A 77 21.24 2.26 9.28
N SER A 78 20.25 2.54 10.12
CA SER A 78 19.10 1.65 10.29
C SER A 78 18.27 1.59 9.02
N TRP A 79 18.31 2.67 8.24
CA TRP A 79 17.57 2.74 6.99
C TRP A 79 18.43 2.25 5.82
N MET A 80 19.73 2.44 5.92
CA MET A 80 20.66 2.00 4.89
C MET A 80 20.82 0.49 4.90
N GLY A 81 20.74 -0.10 6.10
CA GLY A 81 20.91 -1.54 6.26
C GLY A 81 19.63 -2.30 5.93
N THR A 82 19.07 -2.02 4.76
CA THR A 82 17.86 -2.70 4.32
C THR A 82 17.98 -3.14 2.87
N GLU A 83 17.19 -4.15 2.50
CA GLU A 83 17.28 -4.73 1.17
C GLU A 83 15.91 -4.84 0.51
N ILE A 84 15.89 -4.92 -0.82
CA ILE A 84 14.64 -5.07 -1.56
C ILE A 84 14.71 -6.27 -2.49
N SER A 85 13.69 -7.13 -2.41
CA SER A 85 13.63 -8.32 -3.25
C SER A 85 12.51 -8.21 -4.26
N PHE A 86 12.82 -8.49 -5.52
CA PHE A 86 11.80 -8.56 -6.57
C PHE A 86 11.66 -9.99 -7.10
N GLN A 87 10.69 -10.72 -6.56
CA GLN A 87 10.46 -12.10 -6.97
C GLN A 87 9.30 -12.20 -7.96
N LEU A 88 9.58 -12.73 -9.14
CA LEU A 88 8.56 -12.93 -10.15
C LEU A 88 7.98 -14.34 -10.08
N GLU A 89 6.65 -14.44 -10.12
CA GLU A 89 5.98 -15.72 -10.15
C GLU A 89 5.07 -15.84 -11.37
N THR A 90 5.40 -16.77 -12.25
CA THR A 90 4.64 -16.97 -13.48
C THR A 90 3.26 -17.55 -13.18
N VAL A 91 2.23 -16.93 -13.74
CA VAL A 91 0.86 -17.41 -13.57
C VAL A 91 0.24 -17.74 -14.93
N GLU A 92 -0.64 -18.75 -14.94
CA GLU A 92 -1.24 -19.23 -16.17
C GLU A 92 -1.63 -18.07 -17.08
N ASN A 93 -2.26 -17.06 -16.50
CA ASN A 93 -2.82 -15.95 -17.27
C ASN A 93 -1.95 -14.71 -17.15
N GLN A 94 -1.38 -14.51 -15.98
CA GLN A 94 -0.68 -13.26 -15.66
C GLN A 94 0.72 -13.53 -15.13
N THR A 95 1.39 -12.48 -14.67
CA THR A 95 2.60 -12.64 -13.88
C THR A 95 2.51 -11.85 -12.58
N PHE A 96 2.89 -12.48 -11.47
CA PHE A 96 2.81 -11.87 -10.16
C PHE A 96 4.14 -11.26 -9.75
N VAL A 97 4.12 -10.02 -9.27
CA VAL A 97 5.31 -9.35 -8.78
C VAL A 97 5.33 -9.29 -7.26
N ARG A 98 6.29 -9.96 -6.65
CA ARG A 98 6.40 -10.02 -5.20
C ARG A 98 7.45 -9.05 -4.68
N PHE A 99 7.00 -8.02 -3.98
CA PHE A 99 7.90 -7.05 -3.38
C PHE A 99 8.11 -7.31 -1.90
N THR A 100 9.35 -7.62 -1.52
CA THR A 100 9.67 -7.89 -0.12
C THR A 100 10.73 -6.91 0.39
N HIS A 101 10.46 -6.30 1.54
CA HIS A 101 11.43 -5.44 2.19
C HIS A 101 11.43 -5.65 3.71
N SER A 102 12.59 -6.01 4.25
CA SER A 102 12.69 -6.38 5.66
C SER A 102 13.60 -5.41 6.40
N ASN A 103 13.93 -5.76 7.65
CA ASN A 103 14.84 -4.95 8.46
C ASN A 103 14.20 -3.64 8.86
N TRP A 104 12.93 -3.68 9.21
CA TRP A 104 12.25 -2.55 9.81
C TRP A 104 12.33 -2.60 11.33
N HIS A 105 12.75 -1.49 11.94
CA HIS A 105 12.85 -1.40 13.39
C HIS A 105 11.48 -1.21 14.02
N GLU A 106 10.75 -0.19 13.57
CA GLU A 106 9.44 0.12 14.12
C GLU A 106 8.51 0.65 13.04
N THR A 107 7.21 0.51 13.27
CA THR A 107 6.21 0.97 12.30
C THR A 107 6.01 2.48 12.39
N THR A 108 7.01 3.23 11.94
CA THR A 108 6.96 4.69 12.01
C THR A 108 6.35 5.28 10.75
N ASP A 109 6.31 6.61 10.69
CA ASP A 109 5.68 7.30 9.57
C ASP A 109 6.50 7.13 8.28
N PHE A 110 7.82 7.13 8.42
CA PHE A 110 8.70 6.88 7.29
C PHE A 110 8.38 5.56 6.62
N MET A 111 8.10 4.54 7.42
CA MET A 111 7.72 3.23 6.91
C MET A 111 6.43 3.30 6.12
N ALA A 112 5.45 4.03 6.65
CA ALA A 112 4.18 4.24 5.96
C ALA A 112 4.38 4.98 4.65
N HIS A 113 5.31 5.92 4.64
CA HIS A 113 5.62 6.69 3.45
C HIS A 113 6.15 5.79 2.33
N CYS A 114 7.11 4.94 2.67
CA CYS A 114 7.68 4.01 1.71
C CYS A 114 6.62 3.06 1.16
N ASN A 115 5.77 2.55 2.06
CA ASN A 115 4.71 1.63 1.68
C ASN A 115 3.75 2.28 0.67
N THR A 116 3.41 3.54 0.91
CA THR A 116 2.61 4.31 -0.04
C THR A 116 3.29 4.38 -1.40
N LYS A 117 4.57 4.76 -1.39
CA LYS A 117 5.33 4.91 -2.64
C LYS A 117 5.43 3.58 -3.37
N TRP A 118 5.53 2.49 -2.62
CA TRP A 118 5.65 1.17 -3.21
C TRP A 118 4.40 0.80 -4.01
N ALA A 119 3.24 1.01 -3.41
CA ALA A 119 1.97 0.74 -4.07
C ALA A 119 1.80 1.60 -5.32
N VAL A 120 2.19 2.85 -5.21
CA VAL A 120 2.12 3.78 -6.34
C VAL A 120 3.04 3.32 -7.47
N PHE A 121 4.27 2.93 -7.12
CA PHE A 121 5.24 2.49 -8.10
C PHE A 121 4.76 1.24 -8.84
N LEU A 122 4.17 0.32 -8.09
CA LEU A 122 3.73 -0.96 -8.66
C LEU A 122 2.52 -0.75 -9.58
N LEU A 123 1.53 -0.01 -9.09
CA LEU A 123 0.38 0.37 -9.90
C LEU A 123 0.81 1.06 -11.19
N SER A 124 1.81 1.94 -11.08
CA SER A 124 2.36 2.62 -12.24
C SER A 124 3.04 1.65 -13.18
N LEU A 125 3.76 0.69 -12.62
CA LEU A 125 4.37 -0.38 -13.40
C LEU A 125 3.31 -1.20 -14.12
N LYS A 126 2.16 -1.38 -13.47
CA LYS A 126 1.09 -2.20 -14.03
C LYS A 126 0.43 -1.51 -15.22
N ASP A 127 0.14 -0.23 -15.08
CA ASP A 127 -0.47 0.54 -16.15
C ASP A 127 0.51 0.76 -17.30
N ALA A 128 1.78 0.94 -16.95
CA ALA A 128 2.83 1.12 -17.94
C ALA A 128 2.97 -0.10 -18.84
N LEU A 129 3.00 -1.28 -18.21
CA LEU A 129 3.20 -2.54 -18.94
C LEU A 129 1.96 -2.89 -19.74
N GLU A 130 0.79 -2.78 -19.11
CA GLU A 130 -0.46 -3.26 -19.70
C GLU A 130 -0.96 -2.29 -20.76
N ILE A 131 -0.94 -1.00 -20.43
CA ILE A 131 -1.49 0.02 -21.33
C ILE A 131 -0.37 0.80 -22.02
N GLY A 132 0.55 1.33 -21.21
CA GLY A 132 1.57 2.24 -21.73
C GLY A 132 1.39 3.64 -21.18
N LYS A 133 0.70 3.75 -20.04
CA LYS A 133 0.41 5.05 -19.45
C LYS A 133 1.67 5.67 -18.84
N GLY A 134 2.58 4.82 -18.39
CA GLY A 134 3.83 5.28 -17.81
C GLY A 134 4.67 6.05 -18.82
N MET B 1 2.65 -9.89 18.13
CA MET B 1 2.22 -10.21 16.78
C MET B 1 2.63 -9.13 15.80
N VAL B 2 2.12 -9.23 14.57
CA VAL B 2 2.44 -8.25 13.54
C VAL B 2 1.31 -7.24 13.37
N ASN B 3 1.68 -5.98 13.19
CA ASN B 3 0.69 -4.93 12.89
C ASN B 3 1.15 -4.08 11.71
N ILE B 4 0.19 -3.39 11.10
CA ILE B 4 0.48 -2.54 9.94
C ILE B 4 0.06 -1.10 10.19
N ASN B 5 1.00 -0.18 10.03
CA ASN B 5 0.72 1.24 10.22
C ASN B 5 0.87 2.01 8.92
N HIS B 6 -0.20 2.67 8.50
CA HIS B 6 -0.20 3.42 7.25
C HIS B 6 -1.00 4.72 7.39
N ARG B 7 -0.63 5.72 6.62
CA ARG B 7 -1.28 7.03 6.69
C ARG B 7 -1.32 7.71 5.33
N ILE B 8 -2.32 8.56 5.13
CA ILE B 8 -2.45 9.31 3.89
C ILE B 8 -2.92 10.73 4.15
N GLY B 9 -2.28 11.70 3.49
CA GLY B 9 -2.67 13.09 3.59
C GLY B 9 -3.79 13.43 2.60
N ILE B 10 -4.81 14.12 3.09
CA ILE B 10 -5.93 14.54 2.24
C ILE B 10 -6.27 16.00 2.47
N LYS B 11 -6.47 16.73 1.38
CA LYS B 11 -6.84 18.14 1.45
C LYS B 11 -8.34 18.29 1.76
N ALA B 12 -8.74 17.86 2.95
CA ALA B 12 -10.13 17.95 3.37
C ALA B 12 -10.25 17.98 4.88
N SER B 13 -11.40 18.42 5.37
CA SER B 13 -11.63 18.55 6.81
C SER B 13 -11.80 17.20 7.47
N PRO B 14 -11.46 17.13 8.76
CA PRO B 14 -11.67 15.91 9.53
C PRO B 14 -13.15 15.60 9.71
N GLU B 15 -13.98 16.62 9.50
CA GLU B 15 -15.42 16.44 9.56
C GLU B 15 -15.94 15.69 8.34
N LYS B 16 -15.45 16.08 7.16
CA LYS B 16 -15.79 15.39 5.92
C LYS B 16 -15.28 13.96 5.92
N ILE B 17 -14.07 13.77 6.42
CA ILE B 17 -13.46 12.45 6.47
C ILE B 17 -14.19 11.54 7.46
N TYR B 18 -14.49 12.08 8.64
CA TYR B 18 -15.21 11.33 9.66
C TYR B 18 -16.57 10.86 9.14
N GLN B 19 -17.31 11.79 8.54
CA GLN B 19 -18.62 11.47 7.98
C GLN B 19 -18.51 10.41 6.89
N ALA B 20 -17.45 10.50 6.09
CA ALA B 20 -17.22 9.53 5.03
C ALA B 20 -17.04 8.13 5.60
N LEU B 21 -16.63 8.05 6.87
CA LEU B 21 -16.40 6.78 7.53
C LEU B 21 -17.65 6.28 8.24
N THR B 22 -18.57 7.19 8.53
CA THR B 22 -19.72 6.89 9.36
C THR B 22 -21.01 7.04 8.56
N THR B 23 -20.88 7.31 7.27
CA THR B 23 -22.04 7.37 6.38
C THR B 23 -21.93 6.35 5.26
N ASP B 24 -22.98 5.57 5.07
CA ASP B 24 -22.98 4.53 4.04
C ASP B 24 -22.79 5.13 2.66
N ASP B 25 -23.51 6.22 2.38
CA ASP B 25 -23.41 6.90 1.09
C ASP B 25 -22.01 7.45 0.87
N GLY B 26 -21.34 7.81 1.96
CA GLY B 26 -19.97 8.32 1.88
C GLY B 26 -18.99 7.19 1.62
N LEU B 27 -19.23 6.05 2.24
CA LEU B 27 -18.36 4.88 2.07
C LEU B 27 -18.42 4.37 0.63
N LYS B 28 -19.62 4.30 0.07
CA LYS B 28 -19.84 3.68 -1.23
C LYS B 28 -19.01 4.36 -2.30
N LYS B 29 -18.66 5.62 -2.07
CA LYS B 29 -17.95 6.42 -3.05
C LYS B 29 -16.56 5.85 -3.32
N TRP B 30 -16.05 5.10 -2.35
CA TRP B 30 -14.69 4.57 -2.44
C TRP B 30 -14.61 3.15 -1.86
N TRP B 31 -15.77 2.59 -1.53
CA TRP B 31 -15.86 1.19 -1.16
C TRP B 31 -16.62 0.40 -2.23
N THR B 32 -17.86 0.04 -1.92
CA THR B 32 -18.63 -0.88 -2.76
C THR B 32 -19.94 -0.25 -3.21
N ASN B 33 -20.73 -1.00 -3.95
CA ASN B 33 -21.91 -0.47 -4.61
C ASN B 33 -23.14 -0.54 -3.70
N ASP B 34 -23.01 -1.31 -2.63
CA ASP B 34 -24.13 -1.52 -1.70
C ASP B 34 -23.63 -1.69 -0.27
N ILE B 35 -23.81 -0.65 0.54
CA ILE B 35 -23.37 -0.68 1.93
C ILE B 35 -24.53 -0.36 2.87
N SER B 36 -24.63 -1.14 3.95
CA SER B 36 -25.71 -0.97 4.92
C SER B 36 -25.19 -1.06 6.34
N GLY B 37 -25.41 0.00 7.11
CA GLY B 37 -25.02 0.01 8.52
C GLY B 37 -24.57 1.40 8.95
N ALA B 38 -23.53 1.45 9.78
CA ALA B 38 -22.95 2.72 10.21
C ALA B 38 -23.95 3.56 10.96
N GLY B 39 -24.57 2.97 11.97
CA GLY B 39 -25.41 3.71 12.91
C GLY B 39 -24.62 4.12 14.14
N VAL B 40 -25.24 3.99 15.31
CA VAL B 40 -24.57 4.24 16.58
C VAL B 40 -23.65 3.09 16.95
N VAL B 41 -22.84 3.30 17.98
CA VAL B 41 -21.92 2.26 18.46
C VAL B 41 -22.67 0.97 18.77
N GLY B 42 -22.19 -0.13 18.21
CA GLY B 42 -22.91 -1.40 18.28
C GLY B 42 -23.45 -1.79 16.91
N SER B 43 -23.67 -0.80 16.06
CA SER B 43 -24.13 -1.04 14.69
C SER B 43 -23.06 -1.72 13.85
N THR B 44 -23.48 -2.60 12.97
CA THR B 44 -22.56 -3.34 12.11
C THR B 44 -22.66 -2.88 10.66
N ILE B 45 -21.52 -2.63 10.04
CA ILE B 45 -21.49 -2.22 8.64
C ILE B 45 -21.26 -3.40 7.72
N LYS B 46 -22.16 -3.59 6.76
CA LYS B 46 -22.02 -4.64 5.77
C LYS B 46 -21.65 -4.07 4.41
N PHE B 47 -20.60 -4.63 3.80
CA PHE B 47 -20.15 -4.19 2.48
C PHE B 47 -20.52 -5.22 1.42
N ARG B 48 -20.66 -4.75 0.18
CA ARG B 48 -21.02 -5.62 -0.94
C ARG B 48 -19.84 -6.47 -1.37
N PHE B 49 -20.11 -7.73 -1.71
CA PHE B 49 -19.07 -8.64 -2.16
C PHE B 49 -19.67 -9.82 -2.94
N ASN B 50 -18.96 -10.26 -3.97
CA ASN B 50 -19.49 -11.24 -4.90
C ASN B 50 -19.98 -12.49 -4.16
N GLY B 51 -19.18 -12.97 -3.23
CA GLY B 51 -19.54 -14.12 -2.41
C GLY B 51 -20.37 -13.71 -1.21
N GLY B 52 -19.72 -13.51 -0.08
CA GLY B 52 -20.38 -13.02 1.12
C GLY B 52 -19.84 -11.66 1.54
N GLY B 53 -20.75 -10.74 1.87
CA GLY B 53 -20.36 -9.39 2.26
C GLY B 53 -19.68 -9.39 3.62
N PRO B 54 -18.52 -8.75 3.70
CA PRO B 54 -17.78 -8.66 4.94
C PRO B 54 -18.46 -7.71 5.92
N ASP B 55 -18.31 -7.99 7.22
CA ASP B 55 -18.95 -7.19 8.25
C ASP B 55 -17.92 -6.51 9.14
N PHE B 56 -18.20 -5.25 9.51
CA PHE B 56 -17.37 -4.54 10.46
C PHE B 56 -18.21 -3.86 11.53
N LYS B 57 -18.06 -4.29 12.78
CA LYS B 57 -18.83 -3.75 13.88
C LYS B 57 -18.20 -2.48 14.41
N VAL B 58 -19.03 -1.47 14.65
CA VAL B 58 -18.57 -0.21 15.23
C VAL B 58 -18.47 -0.30 16.75
N THR B 59 -17.26 -0.19 17.27
CA THR B 59 -17.00 -0.48 18.67
C THR B 59 -16.70 0.78 19.45
N LYS B 60 -16.35 1.85 18.74
CA LYS B 60 -16.04 3.14 19.36
C LYS B 60 -16.15 4.27 18.36
N LEU B 61 -16.81 5.35 18.76
CA LEU B 61 -16.93 6.54 17.93
C LEU B 61 -16.56 7.80 18.70
N ILE B 62 -15.47 8.45 18.29
CA ILE B 62 -15.12 9.76 18.81
C ILE B 62 -15.33 10.84 17.76
N PRO B 63 -16.12 11.86 18.10
CA PRO B 63 -16.54 12.87 17.15
C PRO B 63 -15.35 13.45 16.40
N ASN B 64 -15.26 13.12 15.11
CA ASN B 64 -14.28 13.77 14.23
C ASN B 64 -12.86 13.54 14.70
N LYS B 65 -12.62 12.39 15.32
CA LYS B 65 -11.29 12.02 15.78
C LYS B 65 -10.97 10.57 15.49
N THR B 66 -11.83 9.68 15.97
CA THR B 66 -11.54 8.25 15.99
C THR B 66 -12.74 7.43 15.54
N VAL B 67 -12.50 6.51 14.62
CA VAL B 67 -13.47 5.44 14.33
C VAL B 67 -12.84 4.07 14.47
N CYS B 68 -13.45 3.23 15.29
CA CYS B 68 -12.92 1.90 15.56
C CYS B 68 -13.86 0.81 15.07
N TRP B 69 -13.38 0.00 14.12
CA TRP B 69 -14.13 -1.15 13.65
C TRP B 69 -13.55 -2.46 14.19
N GLN B 70 -14.40 -3.46 14.32
CA GLN B 70 -13.93 -4.83 14.55
C GLN B 70 -14.44 -5.77 13.47
N HIS B 71 -13.53 -6.54 12.88
CA HIS B 71 -13.85 -7.39 11.75
C HIS B 71 -14.86 -8.47 12.14
N ALA B 72 -15.71 -8.85 11.20
CA ALA B 72 -16.62 -9.97 11.40
C ALA B 72 -16.99 -10.62 10.06
N GLY B 73 -17.35 -11.90 10.11
CA GLY B 73 -17.71 -12.64 8.91
C GLY B 73 -17.56 -14.14 9.12
N ASN B 74 -17.46 -14.88 8.02
CA ASN B 74 -17.27 -16.32 8.08
C ASN B 74 -15.80 -16.70 7.96
N MET B 75 -14.93 -15.69 7.97
CA MET B 75 -13.50 -15.91 7.91
C MET B 75 -12.99 -16.67 9.13
N PRO B 76 -11.83 -17.28 9.01
CA PRO B 76 -11.18 -17.94 10.13
C PRO B 76 -11.08 -17.02 11.34
N GLU B 77 -11.07 -17.60 12.53
CA GLU B 77 -11.08 -16.83 13.77
C GLU B 77 -9.88 -15.90 13.85
N SER B 78 -8.78 -16.32 13.25
CA SER B 78 -7.56 -15.52 13.25
C SER B 78 -7.72 -14.25 12.44
N TRP B 79 -8.63 -14.29 11.47
CA TRP B 79 -8.92 -13.12 10.65
C TRP B 79 -10.06 -12.29 11.22
N MET B 80 -10.97 -12.96 11.92
CA MET B 80 -12.09 -12.28 12.56
C MET B 80 -11.64 -11.50 13.78
N GLY B 81 -10.64 -12.03 14.47
CA GLY B 81 -10.14 -11.40 15.70
C GLY B 81 -9.17 -10.27 15.38
N THR B 82 -9.61 -9.34 14.53
CA THR B 82 -8.79 -8.19 14.16
C THR B 82 -9.60 -6.91 14.19
N GLU B 83 -8.92 -5.78 14.35
CA GLU B 83 -9.59 -4.49 14.50
C GLU B 83 -9.01 -3.46 13.55
N ILE B 84 -9.78 -2.43 13.26
CA ILE B 84 -9.32 -1.33 12.41
C ILE B 84 -9.50 0.02 13.11
N SER B 85 -8.43 0.81 13.13
CA SER B 85 -8.47 2.13 13.76
C SER B 85 -8.34 3.23 12.72
N PHE B 86 -9.25 4.21 12.79
CA PHE B 86 -9.16 5.40 11.95
C PHE B 86 -8.87 6.64 12.78
N GLN B 87 -7.60 7.00 12.86
CA GLN B 87 -7.19 8.16 13.64
C GLN B 87 -6.95 9.37 12.74
N LEU B 88 -7.68 10.45 13.00
CA LEU B 88 -7.52 11.69 12.25
C LEU B 88 -6.56 12.64 12.96
N GLU B 89 -5.63 13.20 12.20
CA GLU B 89 -4.71 14.21 12.73
C GLU B 89 -4.78 15.50 11.95
N THR B 90 -5.23 16.56 12.61
CA THR B 90 -5.39 17.86 11.96
C THR B 90 -4.03 18.47 11.62
N VAL B 91 -3.88 18.91 10.38
CA VAL B 91 -2.65 19.56 9.94
C VAL B 91 -2.93 20.98 9.44
N GLU B 92 -1.96 21.87 9.64
CA GLU B 92 -2.13 23.27 9.31
C GLU B 92 -2.84 23.44 7.98
N ASN B 93 -2.41 22.67 6.98
CA ASN B 93 -2.91 22.83 5.62
C ASN B 93 -3.89 21.72 5.26
N GLN B 94 -3.63 20.52 5.78
CA GLN B 94 -4.38 19.33 5.37
C GLN B 94 -4.93 18.58 6.57
N THR B 95 -5.49 17.41 6.32
CA THR B 95 -5.78 16.46 7.39
C THR B 95 -5.21 15.08 7.08
N PHE B 96 -4.56 14.49 8.08
CA PHE B 96 -3.92 13.19 7.91
C PHE B 96 -4.82 12.06 8.40
N VAL B 97 -4.95 11.02 7.58
CA VAL B 97 -5.72 9.84 7.94
C VAL B 97 -4.82 8.67 8.30
N ARG B 98 -4.88 8.25 9.56
CA ARG B 98 -4.02 7.17 10.04
C ARG B 98 -4.79 5.85 10.11
N PHE B 99 -4.41 4.91 9.24
CA PHE B 99 -5.03 3.59 9.23
C PHE B 99 -4.15 2.57 9.95
N THR B 100 -4.67 2.01 11.04
CA THR B 100 -3.94 1.00 11.79
C THR B 100 -4.71 -0.31 11.86
N HIS B 101 -4.05 -1.40 11.54
CA HIS B 101 -4.63 -2.74 11.67
C HIS B 101 -3.61 -3.73 12.22
N SER B 102 -3.95 -4.35 13.34
CA SER B 102 -3.02 -5.23 14.04
C SER B 102 -3.54 -6.66 14.08
N ASN B 103 -2.88 -7.51 14.86
CA ASN B 103 -3.31 -8.88 15.04
C ASN B 103 -3.09 -9.70 13.77
N TRP B 104 -1.96 -9.46 13.11
CA TRP B 104 -1.53 -10.31 12.00
C TRP B 104 -0.64 -11.43 12.50
N HIS B 105 -0.96 -12.67 12.09
CA HIS B 105 -0.16 -13.83 12.45
C HIS B 105 1.12 -13.90 11.63
N GLU B 106 0.97 -13.88 10.32
CA GLU B 106 2.11 -13.99 9.41
C GLU B 106 1.89 -13.14 8.16
N THR B 107 2.99 -12.76 7.51
CA THR B 107 2.92 -11.94 6.31
C THR B 107 2.57 -12.77 5.08
N THR B 108 1.32 -13.23 5.03
CA THR B 108 0.86 -14.08 3.95
C THR B 108 0.30 -13.26 2.79
N ASP B 109 -0.20 -13.95 1.77
CA ASP B 109 -0.71 -13.28 0.58
C ASP B 109 -2.00 -12.53 0.88
N PHE B 110 -2.83 -13.11 1.72
CA PHE B 110 -4.06 -12.45 2.16
C PHE B 110 -3.77 -11.09 2.78
N MET B 111 -2.71 -11.02 3.56
CA MET B 111 -2.28 -9.76 4.17
C MET B 111 -1.90 -8.74 3.11
N ALA B 112 -1.16 -9.19 2.10
CA ALA B 112 -0.77 -8.33 0.98
C ALA B 112 -2.00 -7.85 0.21
N HIS B 113 -2.99 -8.72 0.10
CA HIS B 113 -4.23 -8.37 -0.60
C HIS B 113 -4.95 -7.23 0.11
N CYS B 114 -5.10 -7.35 1.41
CA CYS B 114 -5.75 -6.33 2.22
C CYS B 114 -4.99 -5.00 2.13
N ASN B 115 -3.67 -5.06 2.21
CA ASN B 115 -2.84 -3.87 2.13
C ASN B 115 -3.04 -3.15 0.81
N THR B 116 -3.10 -3.91 -0.28
CA THR B 116 -3.41 -3.35 -1.59
C THR B 116 -4.76 -2.63 -1.58
N LYS B 117 -5.78 -3.31 -1.07
CA LYS B 117 -7.13 -2.75 -1.04
C LYS B 117 -7.18 -1.48 -0.18
N TRP B 118 -6.39 -1.47 0.89
CA TRP B 118 -6.34 -0.33 1.80
C TRP B 118 -5.84 0.92 1.10
N ALA B 119 -4.74 0.78 0.37
CA ALA B 119 -4.16 1.89 -0.38
C ALA B 119 -5.12 2.39 -1.45
N VAL B 120 -5.79 1.46 -2.12
CA VAL B 120 -6.78 1.81 -3.13
C VAL B 120 -7.95 2.57 -2.52
N PHE B 121 -8.44 2.08 -1.39
CA PHE B 121 -9.57 2.70 -0.70
C PHE B 121 -9.23 4.12 -0.28
N LEU B 122 -8.02 4.31 0.25
CA LEU B 122 -7.60 5.61 0.77
C LEU B 122 -7.41 6.61 -0.37
N LEU B 123 -6.69 6.19 -1.41
CA LEU B 123 -6.52 7.00 -2.60
C LEU B 123 -7.86 7.40 -3.19
N SER B 124 -8.81 6.47 -3.19
CA SER B 124 -10.16 6.75 -3.67
C SER B 124 -10.87 7.75 -2.76
N LEU B 125 -10.67 7.60 -1.45
CA LEU B 125 -11.19 8.57 -0.50
C LEU B 125 -10.59 9.95 -0.72
N LYS B 126 -9.33 9.99 -1.13
CA LYS B 126 -8.63 11.25 -1.33
C LYS B 126 -9.16 11.99 -2.56
N ASP B 127 -9.33 11.27 -3.66
CA ASP B 127 -9.85 11.85 -4.89
C ASP B 127 -11.33 12.22 -4.74
N ALA B 128 -12.06 11.40 -3.98
CA ALA B 128 -13.48 11.66 -3.74
C ALA B 128 -13.68 12.95 -2.96
N LEU B 129 -12.88 13.14 -1.91
CA LEU B 129 -13.01 14.32 -1.05
C LEU B 129 -12.51 15.57 -1.76
N GLU B 130 -11.34 15.46 -2.39
CA GLU B 130 -10.67 16.61 -2.97
C GLU B 130 -11.33 17.04 -4.28
N ILE B 131 -11.61 16.07 -5.15
CA ILE B 131 -12.16 16.36 -6.46
C ILE B 131 -13.64 16.02 -6.52
N GLY B 132 -13.98 14.80 -6.15
CA GLY B 132 -15.34 14.29 -6.32
C GLY B 132 -15.39 13.16 -7.34
N LYS B 133 -14.24 12.52 -7.55
CA LYS B 133 -14.15 11.43 -8.53
C LYS B 133 -14.88 10.20 -8.06
N GLY B 134 -14.92 10.00 -6.74
CA GLY B 134 -15.60 8.85 -6.16
C GLY B 134 -17.09 8.86 -6.48
N MET A 1 12.97 -9.37 12.50
CA MET A 1 12.75 -7.94 12.31
C MET A 1 11.49 -7.69 11.49
N VAL A 2 11.10 -6.42 11.38
CA VAL A 2 9.88 -6.06 10.67
C VAL A 2 10.15 -5.87 9.17
N ASN A 3 9.22 -6.36 8.35
CA ASN A 3 9.34 -6.22 6.91
C ASN A 3 8.01 -5.78 6.28
N ILE A 4 8.08 -5.28 5.05
CA ILE A 4 6.87 -4.95 4.30
C ILE A 4 6.57 -6.01 3.25
N ASN A 5 5.35 -6.55 3.30
CA ASN A 5 4.92 -7.53 2.33
C ASN A 5 3.79 -7.00 1.46
N HIS A 6 4.06 -6.85 0.17
CA HIS A 6 3.07 -6.34 -0.78
C HIS A 6 3.06 -7.16 -2.06
N ARG A 7 1.88 -7.32 -2.64
CA ARG A 7 1.74 -8.08 -3.87
C ARG A 7 0.68 -7.46 -4.78
N ILE A 8 0.98 -7.37 -6.07
CA ILE A 8 0.05 -6.84 -7.05
C ILE A 8 0.03 -7.69 -8.32
N GLY A 9 -1.17 -8.01 -8.79
CA GLY A 9 -1.32 -8.74 -10.04
C GLY A 9 -1.30 -7.78 -11.24
N ILE A 10 -0.56 -8.16 -12.27
CA ILE A 10 -0.48 -7.35 -13.49
C ILE A 10 -0.71 -8.21 -14.73
N LYS A 11 -1.53 -7.70 -15.63
CA LYS A 11 -1.82 -8.40 -16.89
C LYS A 11 -0.69 -8.19 -17.90
N ALA A 12 0.49 -8.72 -17.57
CA ALA A 12 1.64 -8.60 -18.45
C ALA A 12 2.65 -9.72 -18.19
N SER A 13 3.51 -9.97 -19.17
CA SER A 13 4.48 -11.07 -19.07
C SER A 13 5.56 -10.74 -18.04
N PRO A 14 6.16 -11.80 -17.49
CA PRO A 14 7.29 -11.63 -16.57
C PRO A 14 8.40 -10.82 -17.22
N GLU A 15 8.53 -10.94 -18.54
CA GLU A 15 9.58 -10.26 -19.28
C GLU A 15 9.32 -8.75 -19.34
N LYS A 16 8.07 -8.39 -19.60
CA LYS A 16 7.68 -6.98 -19.65
C LYS A 16 7.88 -6.31 -18.30
N ILE A 17 7.43 -6.98 -17.24
CA ILE A 17 7.57 -6.45 -15.88
C ILE A 17 9.03 -6.35 -15.48
N TYR A 18 9.79 -7.41 -15.71
CA TYR A 18 11.20 -7.44 -15.37
C TYR A 18 11.95 -6.28 -16.03
N GLN A 19 11.80 -6.15 -17.34
CA GLN A 19 12.48 -5.10 -18.09
C GLN A 19 12.10 -3.72 -17.57
N ALA A 20 10.81 -3.53 -17.30
CA ALA A 20 10.31 -2.25 -16.82
C ALA A 20 11.01 -1.84 -15.54
N LEU A 21 11.41 -2.82 -14.74
CA LEU A 21 11.98 -2.57 -13.43
C LEU A 21 13.50 -2.54 -13.48
N THR A 22 14.06 -2.91 -14.63
CA THR A 22 15.51 -3.00 -14.78
C THR A 22 16.01 -2.00 -15.82
N THR A 23 15.08 -1.27 -16.42
CA THR A 23 15.44 -0.17 -17.31
C THR A 23 15.15 1.18 -16.65
N ASP A 24 15.94 2.18 -17.01
CA ASP A 24 15.79 3.51 -16.43
C ASP A 24 14.51 4.19 -16.92
N ASP A 25 14.31 4.18 -18.23
CA ASP A 25 13.19 4.88 -18.83
C ASP A 25 11.86 4.30 -18.38
N GLY A 26 11.89 3.04 -17.98
CA GLY A 26 10.70 2.37 -17.45
C GLY A 26 10.38 2.85 -16.04
N LEU A 27 11.43 3.10 -15.26
CA LEU A 27 11.26 3.55 -13.88
C LEU A 27 10.89 5.02 -13.82
N LYS A 28 11.38 5.80 -14.78
CA LYS A 28 11.14 7.23 -14.82
C LYS A 28 9.64 7.52 -14.85
N LYS A 29 8.85 6.54 -15.27
CA LYS A 29 7.41 6.73 -15.43
C LYS A 29 6.75 7.04 -14.10
N TRP A 30 7.34 6.54 -13.01
CA TRP A 30 6.77 6.69 -11.69
C TRP A 30 7.84 7.00 -10.65
N TRP A 31 9.05 7.28 -11.14
CA TRP A 31 10.12 7.79 -10.27
C TRP A 31 10.45 9.24 -10.60
N THR A 32 11.58 9.44 -11.27
CA THR A 32 12.08 10.78 -11.54
C THR A 32 12.57 10.93 -12.98
N ASN A 33 13.14 12.07 -13.29
CA ASN A 33 13.55 12.37 -14.66
C ASN A 33 14.95 11.85 -14.95
N ASP A 34 15.79 11.80 -13.92
CA ASP A 34 17.17 11.39 -14.08
C ASP A 34 17.49 10.17 -13.23
N ILE A 35 17.49 9.00 -13.87
CA ILE A 35 17.89 7.76 -13.20
C ILE A 35 19.17 7.21 -13.79
N SER A 36 20.16 6.98 -12.93
CA SER A 36 21.50 6.61 -13.38
C SER A 36 21.91 5.25 -12.83
N GLY A 37 22.93 4.65 -13.44
CA GLY A 37 23.42 3.35 -13.01
C GLY A 37 22.58 2.22 -13.62
N ALA A 38 22.04 1.37 -12.76
CA ALA A 38 21.26 0.23 -13.22
C ALA A 38 22.06 -0.66 -14.16
N GLY A 39 23.25 -1.06 -13.72
CA GLY A 39 24.08 -1.97 -14.50
C GLY A 39 24.02 -3.38 -13.94
N VAL A 40 25.19 -4.02 -13.82
CA VAL A 40 25.27 -5.37 -13.28
C VAL A 40 25.45 -5.36 -11.77
N VAL A 41 25.47 -6.54 -11.17
CA VAL A 41 25.65 -6.65 -9.72
C VAL A 41 26.88 -5.89 -9.25
N GLY A 42 26.69 -5.02 -8.26
CA GLY A 42 27.74 -4.12 -7.81
C GLY A 42 27.43 -2.69 -8.22
N SER A 43 26.63 -2.54 -9.27
CA SER A 43 26.24 -1.22 -9.75
C SER A 43 25.27 -0.54 -8.81
N THR A 44 25.44 0.77 -8.62
CA THR A 44 24.54 1.55 -7.77
C THR A 44 23.51 2.31 -8.61
N ILE A 45 22.24 2.09 -8.30
CA ILE A 45 21.16 2.79 -8.99
C ILE A 45 20.81 4.10 -8.27
N LYS A 46 20.86 5.20 -9.01
CA LYS A 46 20.64 6.52 -8.44
C LYS A 46 19.34 7.13 -8.96
N PHE A 47 18.47 7.52 -8.03
CA PHE A 47 17.26 8.27 -8.38
C PHE A 47 17.40 9.73 -7.96
N ARG A 48 17.73 10.58 -8.93
CA ARG A 48 18.04 11.98 -8.64
C ARG A 48 16.78 12.83 -8.56
N PHE A 49 16.45 13.26 -7.36
CA PHE A 49 15.33 14.19 -7.17
C PHE A 49 15.80 15.63 -7.14
N ASN A 50 14.86 16.55 -6.92
CA ASN A 50 15.19 17.97 -6.84
C ASN A 50 16.23 18.23 -5.76
N GLY A 51 16.15 17.48 -4.66
CA GLY A 51 17.11 17.61 -3.57
C GLY A 51 17.90 16.33 -3.37
N GLY A 52 17.88 15.47 -4.39
CA GLY A 52 18.52 14.16 -4.29
C GLY A 52 17.53 13.11 -3.82
N GLY A 53 17.71 11.88 -4.29
CA GLY A 53 16.82 10.78 -3.93
C GLY A 53 17.59 9.59 -3.39
N PRO A 54 16.95 8.43 -3.33
CA PRO A 54 17.53 7.25 -2.72
C PRO A 54 18.49 6.56 -3.67
N ASP A 55 19.39 5.76 -3.11
CA ASP A 55 20.29 4.93 -3.92
C ASP A 55 20.11 3.45 -3.59
N PHE A 56 20.08 2.62 -4.63
CA PHE A 56 19.90 1.19 -4.47
C PHE A 56 21.02 0.41 -5.14
N LYS A 57 21.84 -0.27 -4.33
CA LYS A 57 22.93 -1.08 -4.86
C LYS A 57 22.44 -2.47 -5.23
N VAL A 58 22.81 -2.92 -6.43
CA VAL A 58 22.39 -4.23 -6.92
C VAL A 58 23.25 -5.34 -6.32
N THR A 59 22.59 -6.28 -5.65
CA THR A 59 23.30 -7.31 -4.89
C THR A 59 23.20 -8.66 -5.57
N LYS A 60 22.17 -8.83 -6.40
CA LYS A 60 21.95 -10.08 -7.11
C LYS A 60 20.96 -9.90 -8.25
N LEU A 61 21.24 -10.54 -9.39
CA LEU A 61 20.38 -10.43 -10.56
C LEU A 61 20.04 -11.81 -11.12
N ILE A 62 18.77 -12.16 -11.07
CA ILE A 62 18.27 -13.35 -11.75
C ILE A 62 17.32 -12.98 -12.89
N PRO A 63 17.73 -13.28 -14.12
CA PRO A 63 16.96 -12.88 -15.30
C PRO A 63 15.52 -13.35 -15.20
N ASN A 64 14.59 -12.40 -15.32
CA ASN A 64 13.17 -12.74 -15.42
C ASN A 64 12.73 -13.59 -14.25
N LYS A 65 13.06 -13.16 -13.04
CA LYS A 65 12.67 -13.86 -11.83
C LYS A 65 12.85 -13.00 -10.60
N THR A 66 14.10 -12.82 -10.17
CA THR A 66 14.40 -12.24 -8.87
C THR A 66 15.43 -11.13 -9.00
N VAL A 67 15.11 -9.97 -8.41
CA VAL A 67 16.08 -8.88 -8.30
C VAL A 67 16.25 -8.44 -6.85
N CYS A 68 17.51 -8.36 -6.42
CA CYS A 68 17.83 -8.00 -5.04
C CYS A 68 18.57 -6.67 -4.97
N TRP A 69 17.95 -5.70 -4.31
CA TRP A 69 18.62 -4.42 -4.04
C TRP A 69 18.98 -4.29 -2.57
N GLN A 70 19.98 -3.46 -2.28
CA GLN A 70 20.23 -2.98 -0.93
C GLN A 70 20.35 -1.46 -0.89
N HIS A 71 19.61 -0.84 0.01
CA HIS A 71 19.55 0.61 0.07
C HIS A 71 20.79 1.20 0.73
N ALA A 72 21.28 2.31 0.18
CA ALA A 72 22.45 2.98 0.73
C ALA A 72 22.39 4.49 0.49
N GLY A 73 23.21 5.23 1.22
CA GLY A 73 23.27 6.68 1.07
C GLY A 73 23.52 7.37 2.40
N ASN A 74 23.16 8.65 2.48
CA ASN A 74 23.29 9.41 3.71
C ASN A 74 21.99 9.41 4.49
N MET A 75 21.07 8.52 4.13
CA MET A 75 19.80 8.40 4.82
C MET A 75 19.97 7.79 6.20
N PRO A 76 19.00 8.02 7.07
CA PRO A 76 19.02 7.43 8.41
C PRO A 76 19.22 5.93 8.34
N GLU A 77 19.70 5.36 9.46
CA GLU A 77 20.04 3.94 9.50
C GLU A 77 18.82 3.07 9.25
N SER A 78 17.64 3.64 9.46
CA SER A 78 16.39 2.91 9.23
C SER A 78 16.14 2.72 7.75
N TRP A 79 16.85 3.48 6.92
CA TRP A 79 16.70 3.40 5.47
C TRP A 79 17.87 2.66 4.84
N MET A 80 19.08 3.02 5.26
CA MET A 80 20.29 2.46 4.65
C MET A 80 20.74 1.20 5.37
N GLY A 81 21.09 0.17 4.60
CA GLY A 81 21.46 -1.12 5.16
C GLY A 81 20.31 -2.12 5.07
N THR A 82 19.16 -1.64 4.62
CA THR A 82 18.00 -2.51 4.45
C THR A 82 18.02 -3.19 3.09
N GLU A 83 17.37 -4.34 3.00
CA GLU A 83 17.39 -5.14 1.78
C GLU A 83 16.01 -5.18 1.13
N ILE A 84 15.99 -5.18 -0.20
CA ILE A 84 14.75 -5.16 -0.95
C ILE A 84 14.72 -6.26 -2.01
N SER A 85 13.64 -7.04 -2.01
CA SER A 85 13.52 -8.17 -2.92
C SER A 85 12.38 -7.98 -3.90
N PHE A 86 12.65 -8.24 -5.17
CA PHE A 86 11.61 -8.19 -6.21
C PHE A 86 11.41 -9.56 -6.85
N GLN A 87 10.31 -10.21 -6.52
CA GLN A 87 10.06 -11.57 -6.97
C GLN A 87 8.85 -11.62 -7.92
N LEU A 88 9.07 -12.15 -9.11
CA LEU A 88 7.98 -12.35 -10.06
C LEU A 88 7.47 -13.79 -10.03
N GLU A 89 6.15 -13.95 -10.06
CA GLU A 89 5.54 -15.26 -10.11
C GLU A 89 4.57 -15.38 -11.29
N THR A 90 4.87 -16.28 -12.21
CA THR A 90 4.05 -16.47 -13.40
C THR A 90 2.71 -17.09 -13.03
N VAL A 91 1.62 -16.48 -13.52
CA VAL A 91 0.28 -17.01 -13.30
C VAL A 91 -0.40 -17.35 -14.62
N GLU A 92 -1.26 -18.36 -14.60
CA GLU A 92 -1.90 -18.84 -15.81
C GLU A 92 -2.36 -17.68 -16.69
N ASN A 93 -2.98 -16.69 -16.07
CA ASN A 93 -3.58 -15.58 -16.81
C ASN A 93 -2.74 -14.33 -16.71
N GLN A 94 -2.13 -14.12 -15.54
CA GLN A 94 -1.41 -12.88 -15.25
C GLN A 94 0.00 -13.15 -14.77
N THR A 95 0.68 -12.11 -14.31
CA THR A 95 1.91 -12.26 -13.55
C THR A 95 1.85 -11.48 -12.24
N PHE A 96 2.24 -12.13 -11.15
CA PHE A 96 2.19 -11.51 -9.83
C PHE A 96 3.52 -10.87 -9.47
N VAL A 97 3.47 -9.64 -8.98
CA VAL A 97 4.67 -8.95 -8.52
C VAL A 97 4.74 -8.90 -7.00
N ARG A 98 5.75 -9.56 -6.43
CA ARG A 98 5.91 -9.60 -4.99
C ARG A 98 7.02 -8.64 -4.53
N PHE A 99 6.65 -7.67 -3.71
CA PHE A 99 7.61 -6.71 -3.17
C PHE A 99 7.87 -6.98 -1.69
N THR A 100 9.14 -7.12 -1.34
CA THR A 100 9.53 -7.29 0.06
C THR A 100 10.62 -6.31 0.45
N HIS A 101 10.38 -5.59 1.56
CA HIS A 101 11.38 -4.67 2.09
C HIS A 101 11.59 -4.89 3.58
N SER A 102 12.74 -5.45 3.94
CA SER A 102 12.94 -6.01 5.27
C SER A 102 13.94 -5.17 6.06
N ASN A 103 14.26 -5.64 7.27
CA ASN A 103 15.26 -4.98 8.09
C ASN A 103 14.75 -3.65 8.64
N TRP A 104 13.51 -3.65 9.13
CA TRP A 104 12.97 -2.52 9.85
C TRP A 104 12.82 -2.83 11.34
N HIS A 105 13.04 -1.82 12.17
CA HIS A 105 12.94 -1.99 13.61
C HIS A 105 11.48 -2.10 14.06
N GLU A 106 10.67 -1.14 13.62
CA GLU A 106 9.27 -1.09 14.02
C GLU A 106 8.43 -0.36 12.99
N THR A 107 7.11 -0.51 13.09
CA THR A 107 6.19 0.12 12.14
C THR A 107 6.05 1.61 12.42
N THR A 108 7.10 2.36 12.10
CA THR A 108 7.10 3.80 12.33
C THR A 108 6.64 4.57 11.10
N ASP A 109 6.75 5.89 11.14
CA ASP A 109 6.29 6.74 10.06
C ASP A 109 7.02 6.40 8.76
N PHE A 110 8.29 6.08 8.87
CA PHE A 110 9.10 5.71 7.71
C PHE A 110 8.55 4.46 7.03
N MET A 111 8.01 3.55 7.85
CA MET A 111 7.38 2.34 7.33
C MET A 111 6.12 2.67 6.54
N ALA A 112 5.30 3.55 7.10
CA ALA A 112 4.07 3.99 6.43
C ALA A 112 4.38 4.71 5.13
N HIS A 113 5.41 5.55 5.15
CA HIS A 113 5.79 6.32 3.97
C HIS A 113 6.28 5.41 2.84
N CYS A 114 7.21 4.52 3.17
CA CYS A 114 7.70 3.53 2.21
C CYS A 114 6.56 2.71 1.63
N ASN A 115 5.74 2.13 2.51
CA ASN A 115 4.62 1.31 2.09
C ASN A 115 3.73 2.04 1.10
N THR A 116 3.37 3.27 1.43
CA THR A 116 2.47 4.06 0.60
C THR A 116 3.08 4.33 -0.76
N LYS A 117 4.33 4.78 -0.78
CA LYS A 117 4.99 5.20 -2.01
C LYS A 117 5.17 4.03 -2.97
N TRP A 118 5.56 2.89 -2.41
CA TRP A 118 5.89 1.71 -3.22
C TRP A 118 4.63 1.10 -3.83
N ALA A 119 3.53 1.17 -3.08
CA ALA A 119 2.23 0.72 -3.59
C ALA A 119 1.82 1.52 -4.82
N VAL A 120 2.05 2.84 -4.76
CA VAL A 120 1.76 3.70 -5.90
C VAL A 120 2.68 3.40 -7.07
N PHE A 121 3.95 3.14 -6.78
CA PHE A 121 4.92 2.78 -7.80
C PHE A 121 4.50 1.52 -8.54
N LEU A 122 3.95 0.56 -7.81
CA LEU A 122 3.52 -0.70 -8.40
C LEU A 122 2.26 -0.52 -9.24
N LEU A 123 1.30 0.23 -8.71
CA LEU A 123 0.12 0.62 -9.46
C LEU A 123 0.50 1.23 -10.81
N SER A 124 1.53 2.08 -10.79
CA SER A 124 2.05 2.67 -12.01
C SER A 124 2.69 1.62 -12.91
N LEU A 125 3.44 0.71 -12.30
CA LEU A 125 4.00 -0.44 -13.02
C LEU A 125 2.90 -1.22 -13.73
N LYS A 126 1.73 -1.28 -13.11
CA LYS A 126 0.62 -2.06 -13.66
C LYS A 126 0.01 -1.38 -14.87
N ASP A 127 -0.34 -0.10 -14.71
CA ASP A 127 -1.05 0.63 -15.74
C ASP A 127 -0.11 1.01 -16.89
N ALA A 128 1.17 1.17 -16.58
CA ALA A 128 2.18 1.46 -17.59
C ALA A 128 2.27 0.33 -18.61
N LEU A 129 2.11 -0.90 -18.13
CA LEU A 129 2.23 -2.07 -19.00
C LEU A 129 0.90 -2.41 -19.66
N GLU A 130 -0.18 -2.32 -18.89
CA GLU A 130 -1.50 -2.70 -19.38
C GLU A 130 -2.07 -1.65 -20.33
N ILE A 131 -1.96 -0.39 -19.93
CA ILE A 131 -2.54 0.71 -20.68
C ILE A 131 -1.47 1.46 -21.48
N GLY A 132 -0.41 1.87 -20.80
CA GLY A 132 0.63 2.70 -21.41
C GLY A 132 0.80 4.00 -20.66
N LYS A 133 0.36 4.02 -19.41
CA LYS A 133 0.45 5.23 -18.58
C LYS A 133 0.79 4.88 -17.14
N GLY A 134 1.97 5.32 -16.69
CA GLY A 134 2.42 5.05 -15.33
C GLY A 134 2.09 6.20 -14.39
N MET B 1 2.10 -8.73 18.21
CA MET B 1 1.62 -9.31 16.97
C MET B 1 1.91 -8.39 15.79
N VAL B 2 1.64 -8.87 14.58
CA VAL B 2 1.91 -8.11 13.36
C VAL B 2 0.74 -7.20 13.01
N ASN B 3 1.06 -5.98 12.58
CA ASN B 3 0.03 -5.02 12.17
C ASN B 3 0.41 -4.33 10.88
N ILE B 4 -0.57 -3.72 10.22
CA ILE B 4 -0.33 -2.91 9.04
C ILE B 4 -0.38 -1.42 9.36
N ASN B 5 0.70 -0.71 9.02
CA ASN B 5 0.76 0.72 9.24
C ASN B 5 0.81 1.48 7.92
N HIS B 6 -0.23 2.25 7.64
CA HIS B 6 -0.31 3.02 6.40
C HIS B 6 -0.79 4.44 6.68
N ARG B 7 -0.28 5.39 5.91
CA ARG B 7 -0.65 6.79 6.06
C ARG B 7 -0.71 7.49 4.71
N ILE B 8 -1.75 8.29 4.51
CA ILE B 8 -1.89 9.06 3.28
C ILE B 8 -2.36 10.48 3.57
N GLY B 9 -1.71 11.45 2.95
CA GLY B 9 -2.11 12.86 3.06
C GLY B 9 -3.20 13.19 2.05
N ILE B 10 -4.23 13.90 2.52
CA ILE B 10 -5.32 14.32 1.66
C ILE B 10 -5.61 15.81 1.83
N LYS B 11 -5.79 16.50 0.71
CA LYS B 11 -6.11 17.92 0.74
C LYS B 11 -7.59 18.14 1.02
N ALA B 12 -8.03 17.77 2.22
CA ALA B 12 -9.42 17.94 2.62
C ALA B 12 -9.55 18.00 4.14
N SER B 13 -10.66 18.55 4.60
CA SER B 13 -10.88 18.74 6.03
C SER B 13 -11.11 17.41 6.73
N PRO B 14 -10.81 17.37 8.02
CA PRO B 14 -11.09 16.19 8.84
C PRO B 14 -12.56 15.82 8.77
N GLU B 15 -13.41 16.81 8.58
CA GLU B 15 -14.85 16.59 8.52
C GLU B 15 -15.26 15.89 7.24
N LYS B 16 -14.68 16.33 6.12
CA LYS B 16 -14.95 15.71 4.83
C LYS B 16 -14.50 14.26 4.81
N ILE B 17 -13.29 14.01 5.31
CA ILE B 17 -12.74 12.66 5.34
C ILE B 17 -13.54 11.77 6.28
N TYR B 18 -13.82 12.27 7.48
CA TYR B 18 -14.60 11.52 8.46
C TYR B 18 -15.94 11.07 7.89
N GLN B 19 -16.71 12.03 7.37
CA GLN B 19 -18.02 11.74 6.81
C GLN B 19 -17.93 10.72 5.68
N ALA B 20 -16.94 10.89 4.81
CA ALA B 20 -16.76 9.99 3.68
C ALA B 20 -16.60 8.55 4.14
N LEU B 21 -16.03 8.37 5.33
CA LEU B 21 -15.70 7.05 5.83
C LEU B 21 -16.81 6.51 6.73
N THR B 22 -17.78 7.37 7.06
CA THR B 22 -18.84 7.00 7.98
C THR B 22 -20.20 7.03 7.29
N THR B 23 -20.20 7.41 6.01
CA THR B 23 -21.39 7.32 5.19
C THR B 23 -21.28 6.18 4.17
N ASP B 24 -22.41 5.58 3.82
CA ASP B 24 -22.44 4.47 2.90
C ASP B 24 -22.10 4.92 1.48
N ASP B 25 -22.76 5.96 1.02
CA ASP B 25 -22.61 6.42 -0.36
C ASP B 25 -21.19 6.91 -0.63
N GLY B 26 -20.49 7.30 0.44
CA GLY B 26 -19.10 7.72 0.33
C GLY B 26 -18.19 6.52 0.14
N LEU B 27 -18.51 5.42 0.81
CA LEU B 27 -17.72 4.20 0.73
C LEU B 27 -17.96 3.47 -0.58
N LYS B 28 -19.18 3.57 -1.09
CA LYS B 28 -19.55 2.87 -2.32
C LYS B 28 -18.64 3.27 -3.48
N LYS B 29 -18.00 4.42 -3.34
CA LYS B 29 -17.16 4.96 -4.41
C LYS B 29 -15.98 4.04 -4.70
N TRP B 30 -15.55 3.30 -3.68
CA TRP B 30 -14.37 2.44 -3.81
C TRP B 30 -14.60 1.11 -3.10
N TRP B 31 -15.84 0.86 -2.69
CA TRP B 31 -16.24 -0.44 -2.19
C TRP B 31 -17.20 -1.14 -3.14
N THR B 32 -18.48 -1.16 -2.77
CA THR B 32 -19.48 -1.91 -3.53
C THR B 32 -20.75 -1.09 -3.70
N ASN B 33 -21.77 -1.72 -4.28
CA ASN B 33 -23.00 -1.02 -4.61
C ASN B 33 -23.98 -1.02 -3.43
N ASP B 34 -23.90 -2.06 -2.61
CA ASP B 34 -24.82 -2.23 -1.49
C ASP B 34 -24.06 -2.27 -0.16
N ILE B 35 -24.04 -1.15 0.54
CA ILE B 35 -23.44 -1.09 1.87
C ILE B 35 -24.51 -0.81 2.93
N SER B 36 -24.58 -1.68 3.93
CA SER B 36 -25.65 -1.63 4.92
C SER B 36 -25.10 -1.42 6.32
N GLY B 37 -25.97 -1.00 7.24
CA GLY B 37 -25.57 -0.76 8.62
C GLY B 37 -24.96 0.63 8.79
N ALA B 38 -23.73 0.67 9.30
CA ALA B 38 -23.05 1.94 9.55
C ALA B 38 -23.88 2.84 10.45
N GLY B 39 -24.29 2.31 11.59
CA GLY B 39 -25.01 3.09 12.58
C GLY B 39 -24.11 3.50 13.75
N VAL B 40 -24.62 3.35 14.97
CA VAL B 40 -23.85 3.67 16.16
C VAL B 40 -23.05 2.47 16.65
N VAL B 41 -22.26 2.69 17.70
CA VAL B 41 -21.45 1.62 18.28
C VAL B 41 -22.30 0.39 18.58
N GLY B 42 -21.86 -0.77 18.09
CA GLY B 42 -22.65 -2.00 18.18
C GLY B 42 -23.22 -2.38 16.82
N SER B 43 -23.35 -1.39 15.94
CA SER B 43 -23.87 -1.63 14.60
C SER B 43 -22.85 -2.37 13.73
N THR B 44 -23.33 -3.30 12.92
CA THR B 44 -22.46 -4.05 12.00
C THR B 44 -22.55 -3.48 10.59
N ILE B 45 -21.38 -3.13 10.04
CA ILE B 45 -21.31 -2.61 8.67
C ILE B 45 -21.10 -3.74 7.68
N LYS B 46 -22.00 -3.84 6.70
CA LYS B 46 -21.97 -4.93 5.73
C LYS B 46 -21.60 -4.41 4.34
N PHE B 47 -20.57 -5.00 3.76
CA PHE B 47 -20.22 -4.73 2.37
C PHE B 47 -20.59 -5.90 1.46
N ARG B 48 -21.72 -5.79 0.79
CA ARG B 48 -22.27 -6.90 0.03
C ARG B 48 -21.66 -6.97 -1.37
N PHE B 49 -20.84 -7.99 -1.59
CA PHE B 49 -20.27 -8.25 -2.91
C PHE B 49 -21.11 -9.26 -3.68
N ASN B 50 -20.66 -9.59 -4.89
CA ASN B 50 -21.35 -10.58 -5.72
C ASN B 50 -21.52 -11.90 -4.99
N GLY B 51 -20.51 -12.26 -4.20
CA GLY B 51 -20.54 -13.49 -3.42
C GLY B 51 -20.51 -13.21 -1.93
N GLY B 52 -20.81 -11.97 -1.57
CA GLY B 52 -20.72 -11.53 -0.17
C GLY B 52 -19.35 -10.94 0.12
N GLY B 53 -19.32 -9.95 1.02
CA GLY B 53 -18.08 -9.28 1.37
C GLY B 53 -17.85 -9.28 2.88
N PRO B 54 -16.94 -8.44 3.35
CA PRO B 54 -16.53 -8.44 4.75
C PRO B 54 -17.55 -7.70 5.61
N ASP B 55 -17.52 -7.99 6.92
CA ASP B 55 -18.35 -7.26 7.87
C ASP B 55 -17.48 -6.61 8.94
N PHE B 56 -17.80 -5.36 9.26
CA PHE B 56 -17.05 -4.61 10.27
C PHE B 56 -17.97 -4.07 11.36
N LYS B 57 -17.80 -4.59 12.57
CA LYS B 57 -18.58 -4.14 13.71
C LYS B 57 -17.97 -2.90 14.35
N VAL B 58 -18.80 -1.89 14.60
CA VAL B 58 -18.33 -0.64 15.18
C VAL B 58 -18.15 -0.77 16.69
N THR B 59 -16.94 -0.50 17.16
CA THR B 59 -16.59 -0.74 18.56
C THR B 59 -16.44 0.56 19.33
N LYS B 60 -16.18 1.65 18.60
CA LYS B 60 -16.02 2.96 19.21
C LYS B 60 -16.09 4.06 18.17
N LEU B 61 -16.76 5.16 18.52
CA LEU B 61 -16.93 6.27 17.60
C LEU B 61 -16.53 7.60 18.27
N ILE B 62 -15.48 8.22 17.76
CA ILE B 62 -15.14 9.58 18.15
C ILE B 62 -15.31 10.55 17.00
N PRO B 63 -16.24 11.49 17.16
CA PRO B 63 -16.59 12.41 16.08
C PRO B 63 -15.35 13.14 15.56
N ASN B 64 -15.12 13.03 14.25
CA ASN B 64 -14.07 13.81 13.60
C ASN B 64 -12.72 13.59 14.26
N LYS B 65 -12.37 12.32 14.46
CA LYS B 65 -11.08 11.97 15.06
C LYS B 65 -10.77 10.50 14.85
N THR B 66 -11.44 9.64 15.60
CA THR B 66 -11.05 8.22 15.69
C THR B 66 -12.26 7.32 15.46
N VAL B 67 -12.09 6.34 14.56
CA VAL B 67 -13.09 5.30 14.38
C VAL B 67 -12.48 3.91 14.54
N CYS B 68 -13.12 3.08 15.37
CA CYS B 68 -12.62 1.75 15.65
C CYS B 68 -13.58 0.69 15.14
N TRP B 69 -13.09 -0.14 14.21
CA TRP B 69 -13.85 -1.30 13.74
C TRP B 69 -13.25 -2.59 14.25
N GLN B 70 -14.07 -3.64 14.33
CA GLN B 70 -13.57 -5.00 14.47
C GLN B 70 -14.20 -5.93 13.44
N HIS B 71 -13.34 -6.69 12.75
CA HIS B 71 -13.79 -7.53 11.65
C HIS B 71 -14.48 -8.80 12.16
N ALA B 72 -15.55 -9.19 11.50
CA ALA B 72 -16.28 -10.40 11.86
C ALA B 72 -16.93 -11.03 10.64
N GLY B 73 -17.31 -12.30 10.78
CA GLY B 73 -17.99 -13.02 9.70
C GLY B 73 -17.58 -14.50 9.69
N ASN B 74 -17.76 -15.13 8.54
CA ASN B 74 -17.36 -16.53 8.38
C ASN B 74 -15.97 -16.64 7.76
N MET B 75 -15.24 -15.54 7.77
CA MET B 75 -13.88 -15.52 7.25
C MET B 75 -12.92 -16.26 8.18
N PRO B 76 -11.79 -16.69 7.63
CA PRO B 76 -10.75 -17.35 8.41
C PRO B 76 -10.40 -16.54 9.64
N GLU B 77 -9.82 -17.21 10.65
CA GLU B 77 -9.53 -16.56 11.92
C GLU B 77 -8.51 -15.44 11.75
N SER B 78 -7.76 -15.50 10.66
CA SER B 78 -6.77 -14.47 10.36
C SER B 78 -7.45 -13.16 9.96
N TRP B 79 -8.72 -13.24 9.63
CA TRP B 79 -9.50 -12.06 9.22
C TRP B 79 -10.43 -11.60 10.33
N MET B 80 -11.14 -12.55 10.92
CA MET B 80 -12.15 -12.23 11.93
C MET B 80 -11.56 -12.21 13.32
N GLY B 81 -11.90 -11.19 14.10
CA GLY B 81 -11.35 -11.02 15.44
C GLY B 81 -10.25 -9.97 15.44
N THR B 82 -9.90 -9.49 14.26
CA THR B 82 -8.88 -8.45 14.13
C THR B 82 -9.49 -7.06 14.31
N GLU B 83 -8.66 -6.10 14.74
CA GLU B 83 -9.14 -4.76 15.02
C GLU B 83 -8.57 -3.76 14.03
N ILE B 84 -9.38 -2.76 13.68
CA ILE B 84 -8.98 -1.76 12.70
C ILE B 84 -9.21 -0.34 13.21
N SER B 85 -8.19 0.49 13.13
CA SER B 85 -8.24 1.84 13.67
C SER B 85 -8.13 2.88 12.56
N PHE B 86 -9.01 3.87 12.59
CA PHE B 86 -8.94 4.98 11.65
C PHE B 86 -8.70 6.30 12.38
N GLN B 87 -7.50 6.83 12.26
CA GLN B 87 -7.10 8.03 12.99
C GLN B 87 -6.83 9.19 12.05
N LEU B 88 -7.53 10.30 12.25
CA LEU B 88 -7.28 11.52 11.49
C LEU B 88 -6.38 12.48 12.26
N GLU B 89 -5.42 13.07 11.55
CA GLU B 89 -4.55 14.08 12.13
C GLU B 89 -4.55 15.36 11.31
N THR B 90 -5.02 16.44 11.92
CA THR B 90 -5.10 17.72 11.25
C THR B 90 -3.71 18.30 10.98
N VAL B 91 -3.47 18.71 9.73
CA VAL B 91 -2.22 19.34 9.35
C VAL B 91 -2.45 20.76 8.84
N GLU B 92 -1.47 21.62 9.07
CA GLU B 92 -1.59 23.03 8.71
C GLU B 92 -2.23 23.19 7.34
N ASN B 93 -1.77 22.41 6.38
CA ASN B 93 -2.22 22.54 4.99
C ASN B 93 -3.21 21.45 4.62
N GLN B 94 -2.98 20.25 5.14
CA GLN B 94 -3.75 19.08 4.72
C GLN B 94 -4.34 18.36 5.94
N THR B 95 -4.91 17.19 5.69
CA THR B 95 -5.24 16.25 6.76
C THR B 95 -4.67 14.87 6.48
N PHE B 96 -4.03 14.28 7.49
CA PHE B 96 -3.41 12.97 7.35
C PHE B 96 -4.35 11.87 7.79
N VAL B 97 -4.46 10.82 6.98
CA VAL B 97 -5.26 9.65 7.32
C VAL B 97 -4.38 8.47 7.72
N ARG B 98 -4.50 8.05 8.97
CA ARG B 98 -3.71 6.94 9.49
C ARG B 98 -4.54 5.67 9.58
N PHE B 99 -4.13 4.64 8.84
CA PHE B 99 -4.81 3.36 8.87
C PHE B 99 -3.98 2.31 9.60
N THR B 100 -4.60 1.66 10.59
CA THR B 100 -3.95 0.59 11.32
C THR B 100 -4.82 -0.66 11.37
N HIS B 101 -4.23 -1.79 10.97
CA HIS B 101 -4.93 -3.07 11.04
C HIS B 101 -4.08 -4.12 11.73
N SER B 102 -4.45 -4.49 12.95
CA SER B 102 -3.57 -5.24 13.83
C SER B 102 -4.07 -6.66 14.03
N ASN B 103 -3.39 -7.41 14.88
CA ASN B 103 -3.82 -8.77 15.23
C ASN B 103 -3.61 -9.73 14.07
N TRP B 104 -2.44 -9.64 13.43
CA TRP B 104 -2.03 -10.62 12.43
C TRP B 104 -0.89 -11.49 12.96
N HIS B 105 -0.90 -12.76 12.56
CA HIS B 105 0.13 -13.70 13.01
C HIS B 105 1.45 -13.44 12.30
N GLU B 106 1.41 -13.35 10.98
CA GLU B 106 2.61 -13.17 10.17
C GLU B 106 2.29 -12.50 8.84
N THR B 107 3.32 -12.01 8.16
CA THR B 107 3.15 -11.34 6.89
C THR B 107 2.87 -12.33 5.77
N THR B 108 1.67 -12.90 5.77
CA THR B 108 1.29 -13.88 4.77
C THR B 108 0.57 -13.22 3.60
N ASP B 109 0.04 -14.04 2.69
CA ASP B 109 -0.62 -13.54 1.49
C ASP B 109 -1.81 -12.66 1.85
N PHE B 110 -2.51 -13.03 2.91
CA PHE B 110 -3.66 -12.25 3.38
C PHE B 110 -3.24 -10.85 3.80
N MET B 111 -2.02 -10.74 4.34
CA MET B 111 -1.47 -9.45 4.72
C MET B 111 -1.19 -8.59 3.50
N ALA B 112 -0.60 -9.20 2.48
CA ALA B 112 -0.31 -8.50 1.22
C ALA B 112 -1.60 -8.05 0.54
N HIS B 113 -2.61 -8.91 0.56
CA HIS B 113 -3.88 -8.60 -0.08
C HIS B 113 -4.58 -7.44 0.60
N CYS B 114 -4.71 -7.52 1.92
CA CYS B 114 -5.28 -6.43 2.70
C CYS B 114 -4.54 -5.12 2.46
N ASN B 115 -3.22 -5.16 2.62
CA ASN B 115 -2.39 -3.98 2.43
C ASN B 115 -2.67 -3.33 1.08
N THR B 116 -2.65 -4.14 0.03
CA THR B 116 -2.83 -3.64 -1.33
C THR B 116 -4.19 -2.99 -1.51
N LYS B 117 -5.24 -3.69 -1.07
CA LYS B 117 -6.60 -3.25 -1.30
C LYS B 117 -6.89 -1.95 -0.56
N TRP B 118 -6.41 -1.86 0.68
CA TRP B 118 -6.72 -0.71 1.53
C TRP B 118 -6.00 0.53 1.05
N ALA B 119 -4.79 0.35 0.52
CA ALA B 119 -4.04 1.44 -0.08
C ALA B 119 -4.80 2.06 -1.26
N VAL B 120 -5.40 1.19 -2.08
CA VAL B 120 -6.22 1.65 -3.19
C VAL B 120 -7.47 2.36 -2.70
N PHE B 121 -8.08 1.82 -1.64
CA PHE B 121 -9.26 2.43 -1.05
C PHE B 121 -8.97 3.84 -0.57
N LEU B 122 -7.78 4.05 -0.01
CA LEU B 122 -7.39 5.35 0.51
C LEU B 122 -7.09 6.32 -0.61
N LEU B 123 -6.38 5.86 -1.63
CA LEU B 123 -6.16 6.63 -2.84
C LEU B 123 -7.48 7.14 -3.41
N SER B 124 -8.50 6.28 -3.39
CA SER B 124 -9.83 6.67 -3.83
C SER B 124 -10.44 7.69 -2.88
N LEU B 125 -10.26 7.47 -1.58
CA LEU B 125 -10.67 8.45 -0.58
C LEU B 125 -10.07 9.82 -0.86
N LYS B 126 -8.84 9.82 -1.38
CA LYS B 126 -8.12 11.06 -1.63
C LYS B 126 -8.69 11.80 -2.83
N ASP B 127 -8.81 11.09 -3.95
CA ASP B 127 -9.24 11.70 -5.20
C ASP B 127 -10.73 12.01 -5.20
N ALA B 128 -11.48 11.21 -4.45
CA ALA B 128 -12.92 11.44 -4.30
C ALA B 128 -13.20 12.80 -3.67
N LEU B 129 -12.35 13.20 -2.73
CA LEU B 129 -12.54 14.45 -2.01
C LEU B 129 -11.91 15.61 -2.76
N GLU B 130 -10.71 15.39 -3.29
CA GLU B 130 -9.95 16.45 -3.95
C GLU B 130 -10.53 16.76 -5.32
N ILE B 131 -10.82 15.72 -6.08
CA ILE B 131 -11.28 15.88 -7.46
C ILE B 131 -12.78 15.65 -7.56
N GLY B 132 -13.25 14.53 -7.03
CA GLY B 132 -14.65 14.14 -7.16
C GLY B 132 -14.78 12.79 -7.84
N LYS B 133 -13.71 12.00 -7.80
CA LYS B 133 -13.71 10.69 -8.42
C LYS B 133 -12.93 9.69 -7.57
N GLY B 134 -13.62 8.67 -7.06
CA GLY B 134 -13.00 7.66 -6.22
C GLY B 134 -12.61 6.44 -7.05
N MET A 1 14.49 -9.62 12.07
CA MET A 1 14.24 -8.21 11.77
C MET A 1 12.88 -8.01 11.14
N VAL A 2 12.54 -6.76 10.84
CA VAL A 2 11.26 -6.44 10.23
C VAL A 2 11.37 -6.40 8.72
N ASN A 3 10.38 -6.97 8.03
CA ASN A 3 10.31 -6.89 6.58
C ASN A 3 8.92 -6.45 6.12
N ILE A 4 8.85 -5.91 4.91
CA ILE A 4 7.58 -5.50 4.33
C ILE A 4 7.31 -6.24 3.03
N ASN A 5 6.16 -6.89 2.95
CA ASN A 5 5.80 -7.70 1.78
C ASN A 5 4.59 -7.10 1.06
N HIS A 6 4.80 -6.72 -0.19
CA HIS A 6 3.71 -6.23 -1.03
C HIS A 6 3.44 -7.19 -2.20
N ARG A 7 2.19 -7.24 -2.63
CA ARG A 7 1.81 -8.09 -3.74
C ARG A 7 0.94 -7.35 -4.75
N ILE A 8 1.15 -7.62 -6.03
CA ILE A 8 0.36 -7.00 -7.09
C ILE A 8 0.41 -7.83 -8.37
N GLY A 9 -0.75 -8.04 -8.98
CA GLY A 9 -0.82 -8.66 -10.29
C GLY A 9 -0.78 -7.61 -11.40
N ILE A 10 -0.05 -7.89 -12.46
CA ILE A 10 0.04 -7.00 -13.61
C ILE A 10 -0.20 -7.75 -14.91
N LYS A 11 -1.10 -7.24 -15.73
CA LYS A 11 -1.41 -7.86 -17.02
C LYS A 11 -0.36 -7.51 -18.07
N ALA A 12 0.86 -7.97 -17.84
CA ALA A 12 1.95 -7.73 -18.79
C ALA A 12 3.05 -8.78 -18.63
N SER A 13 3.82 -8.97 -19.70
CA SER A 13 4.84 -10.01 -19.73
C SER A 13 5.91 -9.78 -18.65
N PRO A 14 6.54 -10.86 -18.22
CA PRO A 14 7.63 -10.78 -17.26
C PRO A 14 8.82 -10.04 -17.87
N GLU A 15 8.88 -10.01 -19.19
CA GLU A 15 9.91 -9.25 -19.90
C GLU A 15 9.69 -7.75 -19.75
N LYS A 16 8.44 -7.33 -19.90
CA LYS A 16 8.08 -5.92 -19.75
C LYS A 16 8.30 -5.44 -18.32
N ILE A 17 7.90 -6.26 -17.36
CA ILE A 17 8.06 -5.92 -15.95
C ILE A 17 9.53 -5.93 -15.55
N TYR A 18 10.24 -7.00 -15.91
CA TYR A 18 11.67 -7.09 -15.64
C TYR A 18 12.41 -5.86 -16.13
N GLN A 19 12.24 -5.54 -17.41
CA GLN A 19 12.92 -4.40 -18.01
C GLN A 19 12.54 -3.10 -17.30
N ALA A 20 11.25 -2.97 -16.98
CA ALA A 20 10.74 -1.77 -16.33
C ALA A 20 11.43 -1.53 -15.00
N LEU A 21 11.95 -2.60 -14.40
CA LEU A 21 12.61 -2.52 -13.11
C LEU A 21 14.13 -2.37 -13.28
N THR A 22 14.64 -2.92 -14.38
CA THR A 22 16.08 -3.16 -14.51
C THR A 22 16.69 -2.28 -15.59
N THR A 23 15.88 -1.38 -16.14
CA THR A 23 16.38 -0.37 -17.08
C THR A 23 16.06 1.04 -16.59
N ASP A 24 16.94 1.97 -16.92
CA ASP A 24 16.71 3.38 -16.59
C ASP A 24 15.49 3.92 -17.31
N ASP A 25 15.41 3.69 -18.61
CA ASP A 25 14.28 4.14 -19.41
C ASP A 25 12.97 3.56 -18.89
N GLY A 26 13.03 2.32 -18.42
CA GLY A 26 11.85 1.65 -17.90
C GLY A 26 11.43 2.22 -16.55
N LEU A 27 12.41 2.45 -15.69
CA LEU A 27 12.15 2.97 -14.35
C LEU A 27 11.56 4.38 -14.41
N LYS A 28 12.00 5.14 -15.41
CA LYS A 28 11.60 6.55 -15.51
C LYS A 28 10.19 6.69 -16.06
N LYS A 29 9.58 5.55 -16.42
CA LYS A 29 8.25 5.55 -16.99
C LYS A 29 7.18 5.62 -15.91
N TRP A 30 7.45 5.00 -14.77
CA TRP A 30 6.42 4.73 -13.77
C TRP A 30 6.82 5.27 -12.41
N TRP A 31 8.13 5.37 -12.18
CA TRP A 31 8.65 5.69 -10.85
C TRP A 31 8.82 7.20 -10.67
N THR A 32 9.71 7.78 -11.45
CA THR A 32 9.91 9.22 -11.44
C THR A 32 10.63 9.70 -12.69
N ASN A 33 10.95 10.98 -12.73
CA ASN A 33 11.54 11.60 -13.92
C ASN A 33 13.03 11.23 -14.05
N ASP A 34 13.77 11.43 -12.96
CA ASP A 34 15.22 11.34 -13.01
C ASP A 34 15.71 10.04 -12.37
N ILE A 35 16.03 9.05 -13.20
CA ILE A 35 16.67 7.83 -12.73
C ILE A 35 17.80 7.43 -13.68
N SER A 36 18.94 7.06 -13.10
CA SER A 36 20.11 6.67 -13.89
C SER A 36 21.04 5.76 -13.10
N GLY A 37 21.57 4.74 -13.76
CA GLY A 37 22.62 3.92 -13.17
C GLY A 37 22.28 2.43 -13.31
N ALA A 38 21.09 2.13 -13.80
CA ALA A 38 20.66 0.75 -13.97
C ALA A 38 21.55 0.02 -14.95
N GLY A 39 22.07 -1.14 -14.53
CA GLY A 39 22.97 -1.93 -15.35
C GLY A 39 23.00 -3.38 -14.88
N VAL A 40 24.16 -3.81 -14.40
CA VAL A 40 24.36 -5.20 -13.99
C VAL A 40 24.82 -5.29 -12.55
N VAL A 41 25.09 -6.50 -12.09
CA VAL A 41 25.57 -6.73 -10.73
C VAL A 41 26.83 -5.94 -10.46
N GLY A 42 26.81 -5.13 -9.41
CA GLY A 42 27.93 -4.25 -9.08
C GLY A 42 27.61 -2.80 -9.42
N SER A 43 26.61 -2.61 -10.28
CA SER A 43 26.22 -1.27 -10.70
C SER A 43 25.43 -0.56 -9.61
N THR A 44 25.50 0.77 -9.59
CA THR A 44 24.78 1.56 -8.61
C THR A 44 23.72 2.43 -9.27
N ILE A 45 22.48 2.27 -8.84
CA ILE A 45 21.37 3.06 -9.37
C ILE A 45 21.12 4.30 -8.53
N LYS A 46 21.18 5.46 -9.17
CA LYS A 46 20.88 6.72 -8.50
C LYS A 46 19.41 7.10 -8.66
N PHE A 47 18.72 7.27 -7.53
CA PHE A 47 17.33 7.72 -7.55
C PHE A 47 17.20 9.13 -6.99
N ARG A 48 16.60 10.01 -7.80
CA ARG A 48 16.42 11.41 -7.40
C ARG A 48 15.40 11.53 -6.28
N PHE A 49 15.77 12.25 -5.22
CA PHE A 49 14.87 12.51 -4.12
C PHE A 49 15.20 13.82 -3.42
N ASN A 50 14.19 14.67 -3.23
CA ASN A 50 14.37 15.94 -2.54
C ASN A 50 14.65 15.72 -1.05
N GLY A 51 15.91 15.87 -0.65
CA GLY A 51 16.30 15.62 0.72
C GLY A 51 17.43 14.60 0.80
N GLY A 52 17.80 14.06 -0.36
CA GLY A 52 18.91 13.12 -0.44
C GLY A 52 18.55 11.92 -1.30
N GLY A 53 18.92 11.98 -2.58
CA GLY A 53 18.66 10.88 -3.51
C GLY A 53 19.33 9.60 -3.04
N PRO A 54 18.53 8.57 -2.80
CA PRO A 54 19.04 7.30 -2.31
C PRO A 54 19.70 6.50 -3.42
N ASP A 55 20.63 5.62 -3.06
CA ASP A 55 21.30 4.76 -4.01
C ASP A 55 20.90 3.30 -3.82
N PHE A 56 20.74 2.59 -4.94
CA PHE A 56 20.40 1.16 -4.89
C PHE A 56 21.37 0.35 -5.75
N LYS A 57 22.14 -0.51 -5.10
CA LYS A 57 23.16 -1.30 -5.79
C LYS A 57 22.63 -2.68 -6.14
N VAL A 58 23.06 -3.19 -7.30
CA VAL A 58 22.65 -4.52 -7.74
C VAL A 58 23.56 -5.59 -7.17
N THR A 59 22.99 -6.49 -6.38
CA THR A 59 23.77 -7.53 -5.71
C THR A 59 23.54 -8.89 -6.35
N LYS A 60 22.45 -9.01 -7.11
CA LYS A 60 22.18 -10.21 -7.88
C LYS A 60 21.10 -9.97 -8.92
N LEU A 61 21.30 -10.52 -10.12
CA LEU A 61 20.43 -10.23 -11.25
C LEU A 61 20.12 -11.48 -12.05
N ILE A 62 18.88 -11.95 -11.95
CA ILE A 62 18.44 -13.11 -12.72
C ILE A 62 17.42 -12.71 -13.79
N PRO A 63 17.73 -13.03 -15.04
CA PRO A 63 16.85 -12.67 -16.14
C PRO A 63 15.42 -13.17 -15.91
N ASN A 64 14.48 -12.24 -15.84
CA ASN A 64 13.07 -12.59 -15.80
C ASN A 64 12.80 -13.62 -14.71
N LYS A 65 13.17 -13.28 -13.47
CA LYS A 65 12.88 -14.14 -12.32
C LYS A 65 13.06 -13.39 -11.02
N THR A 66 14.31 -13.17 -10.63
CA THR A 66 14.62 -12.62 -9.31
C THR A 66 15.66 -11.51 -9.41
N VAL A 67 15.37 -10.38 -8.80
CA VAL A 67 16.31 -9.26 -8.75
C VAL A 67 16.55 -8.79 -7.31
N CYS A 68 17.81 -8.71 -6.92
CA CYS A 68 18.16 -8.36 -5.55
C CYS A 68 18.98 -7.08 -5.50
N TRP A 69 18.44 -6.06 -4.84
CA TRP A 69 19.17 -4.80 -4.65
C TRP A 69 19.57 -4.62 -3.19
N GLN A 70 20.67 -3.90 -2.98
CA GLN A 70 21.01 -3.40 -1.66
C GLN A 70 20.77 -1.90 -1.55
N HIS A 71 20.03 -1.50 -0.51
CA HIS A 71 19.71 -0.10 -0.31
C HIS A 71 20.81 0.60 0.48
N ALA A 72 21.25 1.75 -0.04
CA ALA A 72 22.19 2.60 0.69
C ALA A 72 21.94 4.08 0.38
N GLY A 73 20.88 4.62 0.95
CA GLY A 73 20.48 6.00 0.68
C GLY A 73 20.71 6.89 1.90
N ASN A 74 20.12 8.08 1.88
CA ASN A 74 20.27 9.02 2.97
C ASN A 74 19.30 8.72 4.11
N MET A 75 19.57 7.62 4.81
CA MET A 75 18.70 7.18 5.90
C MET A 75 19.51 6.83 7.14
N PRO A 76 18.85 6.84 8.29
CA PRO A 76 19.46 6.40 9.53
C PRO A 76 20.03 4.99 9.41
N GLU A 77 21.17 4.75 10.06
CA GLU A 77 21.90 3.50 9.89
C GLU A 77 20.95 2.30 9.89
N SER A 78 20.18 2.19 10.96
CA SER A 78 19.35 1.00 11.18
C SER A 78 18.11 1.03 10.28
N TRP A 79 17.85 2.19 9.67
CA TRP A 79 16.81 2.31 8.66
C TRP A 79 17.41 2.57 7.28
N MET A 80 18.66 2.16 7.10
CA MET A 80 19.35 2.37 5.84
C MET A 80 19.88 1.06 5.27
N GLY A 81 20.49 0.25 6.13
CA GLY A 81 21.07 -1.02 5.70
C GLY A 81 20.00 -2.06 5.44
N THR A 82 19.23 -1.85 4.37
CA THR A 82 18.09 -2.72 4.07
C THR A 82 18.25 -3.40 2.72
N GLU A 83 17.49 -4.46 2.51
CA GLU A 83 17.64 -5.27 1.30
C GLU A 83 16.33 -5.35 0.54
N ILE A 84 16.42 -5.34 -0.79
CA ILE A 84 15.24 -5.27 -1.65
C ILE A 84 15.19 -6.43 -2.62
N SER A 85 14.05 -7.10 -2.70
CA SER A 85 13.90 -8.29 -3.52
C SER A 85 12.71 -8.14 -4.46
N PHE A 86 12.92 -8.50 -5.73
CA PHE A 86 11.82 -8.58 -6.70
C PHE A 86 11.65 -10.00 -7.22
N GLN A 87 10.45 -10.54 -7.05
CA GLN A 87 10.15 -11.90 -7.51
C GLN A 87 8.98 -11.91 -8.48
N LEU A 88 9.22 -12.44 -9.67
CA LEU A 88 8.16 -12.60 -10.66
C LEU A 88 7.66 -14.04 -10.71
N GLU A 89 6.35 -14.21 -10.82
CA GLU A 89 5.76 -15.54 -10.99
C GLU A 89 4.66 -15.51 -12.04
N THR A 90 4.78 -16.39 -13.03
CA THR A 90 3.78 -16.51 -14.09
C THR A 90 2.50 -17.14 -13.56
N VAL A 91 1.37 -16.47 -13.80
CA VAL A 91 0.07 -16.97 -13.37
C VAL A 91 -0.89 -17.06 -14.55
N GLU A 92 -2.14 -17.45 -14.26
CA GLU A 92 -3.05 -17.91 -15.29
C GLU A 92 -3.02 -16.98 -16.50
N ASN A 93 -3.41 -15.73 -16.29
CA ASN A 93 -3.68 -14.81 -17.38
C ASN A 93 -2.93 -13.50 -17.21
N GLN A 94 -1.88 -13.53 -16.40
CA GLN A 94 -1.05 -12.35 -16.16
C GLN A 94 0.27 -12.72 -15.50
N THR A 95 1.06 -11.71 -15.13
CA THR A 95 2.29 -11.93 -14.39
C THR A 95 2.16 -11.39 -12.96
N PHE A 96 2.48 -12.23 -11.99
CA PHE A 96 2.36 -11.86 -10.59
C PHE A 96 3.67 -11.26 -10.07
N VAL A 97 3.57 -10.10 -9.42
CA VAL A 97 4.73 -9.42 -8.88
C VAL A 97 4.73 -9.46 -7.36
N ARG A 98 5.79 -10.02 -6.77
CA ARG A 98 5.96 -10.03 -5.33
C ARG A 98 7.14 -9.16 -4.91
N PHE A 99 6.87 -8.16 -4.06
CA PHE A 99 7.90 -7.24 -3.61
C PHE A 99 8.20 -7.45 -2.13
N THR A 100 9.49 -7.57 -1.81
CA THR A 100 9.92 -7.71 -0.42
C THR A 100 11.02 -6.71 -0.08
N HIS A 101 10.84 -6.00 1.02
CA HIS A 101 11.88 -5.10 1.53
C HIS A 101 12.16 -5.37 2.99
N SER A 102 13.32 -5.95 3.27
CA SER A 102 13.58 -6.58 4.57
C SER A 102 14.78 -5.93 5.25
N ASN A 103 15.10 -6.43 6.44
CA ASN A 103 16.23 -5.90 7.20
C ASN A 103 15.93 -4.51 7.76
N TRP A 104 14.68 -4.32 8.18
CA TRP A 104 14.30 -3.08 8.85
C TRP A 104 14.48 -3.20 10.36
N HIS A 105 14.77 -2.06 11.00
CA HIS A 105 15.01 -2.04 12.44
C HIS A 105 13.76 -2.41 13.22
N GLU A 106 12.76 -1.56 13.15
CA GLU A 106 11.52 -1.76 13.91
C GLU A 106 10.37 -0.97 13.31
N THR A 107 9.15 -1.31 13.69
CA THR A 107 7.96 -0.62 13.22
C THR A 107 7.89 0.80 13.77
N THR A 108 7.91 1.78 12.88
CA THR A 108 7.90 3.18 13.29
C THR A 108 7.32 4.07 12.19
N ASP A 109 7.44 5.38 12.38
CA ASP A 109 6.89 6.34 11.42
C ASP A 109 7.35 6.02 10.01
N PHE A 110 8.64 5.79 9.85
CA PHE A 110 9.20 5.45 8.55
C PHE A 110 8.41 4.33 7.89
N MET A 111 8.01 3.34 8.68
CA MET A 111 7.44 2.10 8.13
C MET A 111 6.00 2.32 7.69
N ALA A 112 5.23 3.02 8.51
CA ALA A 112 3.84 3.34 8.18
C ALA A 112 3.74 4.09 6.87
N HIS A 113 4.72 4.94 6.60
CA HIS A 113 4.77 5.72 5.37
C HIS A 113 5.17 4.85 4.19
N CYS A 114 6.25 4.09 4.36
CA CYS A 114 6.77 3.26 3.28
C CYS A 114 5.74 2.25 2.80
N ASN A 115 4.88 1.81 3.72
CA ASN A 115 3.83 0.86 3.39
C ASN A 115 2.97 1.38 2.24
N THR A 116 2.54 2.63 2.34
CA THR A 116 1.73 3.25 1.30
C THR A 116 2.57 3.56 0.06
N LYS A 117 3.78 4.02 0.28
CA LYS A 117 4.65 4.47 -0.81
C LYS A 117 4.92 3.34 -1.78
N TRP A 118 5.28 2.17 -1.25
CA TRP A 118 5.65 1.03 -2.07
C TRP A 118 4.46 0.47 -2.82
N ALA A 119 3.28 0.55 -2.20
CA ALA A 119 2.05 0.06 -2.81
C ALA A 119 1.70 0.87 -4.04
N VAL A 120 1.75 2.19 -3.90
CA VAL A 120 1.39 3.09 -4.99
C VAL A 120 2.46 3.11 -6.07
N PHE A 121 3.69 2.80 -5.68
CA PHE A 121 4.77 2.60 -6.65
C PHE A 121 4.48 1.41 -7.56
N LEU A 122 4.00 0.33 -6.97
CA LEU A 122 3.60 -0.85 -7.73
C LEU A 122 2.42 -0.55 -8.63
N LEU A 123 1.44 0.18 -8.09
CA LEU A 123 0.27 0.58 -8.87
C LEU A 123 0.67 1.40 -10.08
N SER A 124 1.69 2.25 -9.91
CA SER A 124 2.24 3.00 -11.03
C SER A 124 2.90 2.07 -12.05
N LEU A 125 3.63 1.08 -11.56
CA LEU A 125 4.21 0.05 -12.42
C LEU A 125 3.13 -0.69 -13.19
N LYS A 126 1.95 -0.83 -12.56
CA LYS A 126 0.87 -1.61 -13.14
C LYS A 126 0.18 -0.85 -14.27
N ASP A 127 -0.16 0.40 -14.01
CA ASP A 127 -0.89 1.22 -14.98
C ASP A 127 0.00 1.58 -16.17
N ALA A 128 1.28 1.84 -15.89
CA ALA A 128 2.23 2.19 -16.94
C ALA A 128 2.36 1.06 -17.96
N LEU A 129 2.35 -0.18 -17.47
CA LEU A 129 2.55 -1.34 -18.33
C LEU A 129 1.26 -1.74 -19.03
N GLU A 130 0.16 -1.72 -18.28
CA GLU A 130 -1.12 -2.17 -18.79
C GLU A 130 -1.74 -1.14 -19.74
N ILE A 131 -1.72 0.12 -19.32
CA ILE A 131 -2.37 1.18 -20.08
C ILE A 131 -1.35 2.03 -20.82
N GLY A 132 -0.38 2.56 -20.08
CA GLY A 132 0.62 3.47 -20.65
C GLY A 132 0.39 4.90 -20.18
N LYS A 133 -0.68 5.12 -19.43
CA LYS A 133 -1.01 6.43 -18.90
C LYS A 133 -0.58 6.55 -17.44
N GLY A 134 -0.05 5.47 -16.89
CA GLY A 134 0.42 5.46 -15.51
C GLY A 134 1.55 6.45 -15.31
N MET B 1 0.86 -8.83 19.22
CA MET B 1 0.34 -9.30 17.95
C MET B 1 0.84 -8.45 16.79
N VAL B 2 0.43 -8.81 15.58
CA VAL B 2 0.83 -8.08 14.39
C VAL B 2 -0.21 -7.00 14.04
N ASN B 3 0.28 -5.82 13.67
CA ASN B 3 -0.59 -4.75 13.19
C ASN B 3 -0.08 -4.16 11.89
N ILE B 4 -0.98 -3.55 11.13
CA ILE B 4 -0.60 -2.88 9.89
C ILE B 4 -0.95 -1.40 9.93
N ASN B 5 0.05 -0.56 9.69
CA ASN B 5 -0.14 0.89 9.76
C ASN B 5 0.04 1.54 8.39
N HIS B 6 -1.01 2.17 7.90
CA HIS B 6 -0.96 2.93 6.65
C HIS B 6 -1.13 4.41 6.89
N ARG B 7 -0.52 5.22 6.04
CA ARG B 7 -0.63 6.68 6.15
C ARG B 7 -0.91 7.31 4.80
N ILE B 8 -1.75 8.35 4.80
CA ILE B 8 -2.08 9.07 3.58
C ILE B 8 -2.61 10.47 3.90
N GLY B 9 -2.10 11.46 3.17
CA GLY B 9 -2.64 12.81 3.25
C GLY B 9 -3.73 13.03 2.20
N ILE B 10 -4.79 13.71 2.60
CA ILE B 10 -5.89 14.02 1.69
C ILE B 10 -6.26 15.50 1.76
N LYS B 11 -6.32 16.15 0.61
CA LYS B 11 -6.67 17.56 0.54
C LYS B 11 -8.18 17.76 0.66
N ALA B 12 -8.73 17.41 1.82
CA ALA B 12 -10.16 17.57 2.07
C ALA B 12 -10.45 17.66 3.57
N SER B 13 -11.58 18.26 3.91
CA SER B 13 -11.92 18.51 5.31
C SER B 13 -12.09 17.19 6.07
N PRO B 14 -11.85 17.24 7.37
CA PRO B 14 -12.06 16.09 8.24
C PRO B 14 -13.54 15.68 8.27
N GLU B 15 -14.40 16.63 7.94
CA GLU B 15 -15.84 16.36 7.83
C GLU B 15 -16.13 15.49 6.62
N LYS B 16 -15.50 15.82 5.49
CA LYS B 16 -15.68 15.05 4.27
C LYS B 16 -15.14 13.64 4.43
N ILE B 17 -13.95 13.53 5.03
CA ILE B 17 -13.32 12.24 5.24
C ILE B 17 -14.08 11.40 6.26
N TYR B 18 -14.42 12.02 7.39
CA TYR B 18 -15.21 11.35 8.42
C TYR B 18 -16.48 10.75 7.84
N GLN B 19 -17.27 11.58 7.17
CA GLN B 19 -18.52 11.13 6.58
C GLN B 19 -18.29 10.02 5.56
N ALA B 20 -17.26 10.18 4.75
CA ALA B 20 -16.94 9.19 3.71
C ALA B 20 -16.68 7.82 4.31
N LEU B 21 -16.28 7.80 5.59
CA LEU B 21 -15.97 6.56 6.27
C LEU B 21 -17.18 6.05 7.06
N THR B 22 -18.02 6.98 7.49
CA THR B 22 -19.01 6.68 8.53
C THR B 22 -20.43 6.77 7.97
N THR B 23 -20.53 6.97 6.66
CA THR B 23 -21.83 6.92 5.98
C THR B 23 -21.82 5.87 4.86
N ASP B 24 -22.97 5.27 4.62
CA ASP B 24 -23.13 4.32 3.53
C ASP B 24 -22.91 4.99 2.17
N ASP B 25 -23.59 6.12 1.96
CA ASP B 25 -23.45 6.87 0.72
C ASP B 25 -22.01 7.29 0.48
N GLY B 26 -21.31 7.63 1.55
CA GLY B 26 -19.91 8.05 1.46
C GLY B 26 -19.00 6.87 1.13
N LEU B 27 -19.23 5.74 1.79
CA LEU B 27 -18.41 4.55 1.58
C LEU B 27 -18.56 4.03 0.16
N LYS B 28 -19.75 4.16 -0.40
CA LYS B 28 -20.06 3.60 -1.70
C LYS B 28 -19.46 4.44 -2.83
N LYS B 29 -18.85 5.56 -2.46
CA LYS B 29 -18.27 6.49 -3.43
C LYS B 29 -16.88 6.03 -3.87
N TRP B 30 -16.14 5.43 -2.92
CA TRP B 30 -14.71 5.23 -3.11
C TRP B 30 -14.34 3.76 -2.91
N TRP B 31 -15.14 3.06 -2.12
CA TRP B 31 -14.81 1.70 -1.69
C TRP B 31 -15.35 0.66 -2.65
N THR B 32 -16.68 0.58 -2.74
CA THR B 32 -17.34 -0.31 -3.68
C THR B 32 -18.79 0.09 -3.91
N ASN B 33 -19.50 -0.73 -4.68
CA ASN B 33 -20.87 -0.40 -5.08
C ASN B 33 -21.85 -0.63 -3.92
N ASP B 34 -21.77 -1.82 -3.33
CA ASP B 34 -22.77 -2.27 -2.37
C ASP B 34 -22.25 -2.19 -0.95
N ILE B 35 -22.62 -1.13 -0.24
CA ILE B 35 -22.35 -1.03 1.19
C ILE B 35 -23.56 -0.51 1.95
N SER B 36 -23.87 -1.15 3.07
CA SER B 36 -25.03 -0.76 3.88
C SER B 36 -24.85 -1.19 5.33
N GLY B 37 -25.25 -0.31 6.25
CA GLY B 37 -25.32 -0.67 7.66
C GLY B 37 -24.63 0.38 8.52
N ALA B 38 -24.00 1.36 7.88
CA ALA B 38 -23.30 2.42 8.58
C ALA B 38 -24.25 3.24 9.44
N GLY B 39 -23.93 3.38 10.72
CA GLY B 39 -24.78 4.11 11.65
C GLY B 39 -24.00 4.57 12.87
N VAL B 40 -24.34 4.03 14.03
CA VAL B 40 -23.72 4.44 15.29
C VAL B 40 -23.12 3.24 16.02
N VAL B 41 -22.58 3.49 17.21
CA VAL B 41 -21.99 2.44 18.03
C VAL B 41 -22.99 1.33 18.28
N GLY B 42 -22.61 0.09 17.94
CA GLY B 42 -23.51 -1.04 18.07
C GLY B 42 -24.03 -1.49 16.70
N SER B 43 -23.94 -0.60 15.72
CA SER B 43 -24.42 -0.89 14.37
C SER B 43 -23.45 -1.81 13.64
N THR B 44 -23.97 -2.60 12.72
CA THR B 44 -23.15 -3.52 11.93
C THR B 44 -23.14 -3.13 10.46
N ILE B 45 -21.94 -2.91 9.92
CA ILE B 45 -21.79 -2.55 8.51
C ILE B 45 -21.56 -3.78 7.65
N LYS B 46 -22.41 -3.98 6.66
CA LYS B 46 -22.25 -5.08 5.72
C LYS B 46 -21.45 -4.64 4.49
N PHE B 47 -20.35 -5.33 4.22
CA PHE B 47 -19.55 -5.06 3.03
C PHE B 47 -19.63 -6.21 2.04
N ARG B 48 -20.03 -5.89 0.82
CA ARG B 48 -20.17 -6.91 -0.23
C ARG B 48 -18.81 -7.44 -0.66
N PHE B 49 -18.68 -8.77 -0.70
CA PHE B 49 -17.46 -9.40 -1.17
C PHE B 49 -17.74 -10.78 -1.74
N ASN B 50 -17.22 -11.03 -2.95
CA ASN B 50 -17.39 -12.32 -3.59
C ASN B 50 -16.58 -13.40 -2.89
N GLY B 51 -17.27 -14.24 -2.12
CA GLY B 51 -16.60 -15.27 -1.33
C GLY B 51 -16.97 -15.15 0.14
N GLY B 52 -17.75 -14.12 0.48
CA GLY B 52 -18.22 -13.94 1.85
C GLY B 52 -18.07 -12.49 2.29
N GLY B 53 -19.13 -11.71 2.14
CA GLY B 53 -19.12 -10.31 2.54
C GLY B 53 -18.84 -10.18 4.03
N PRO B 54 -17.76 -9.49 4.37
CA PRO B 54 -17.35 -9.33 5.76
C PRO B 54 -18.21 -8.30 6.47
N ASP B 55 -18.30 -8.41 7.79
CA ASP B 55 -19.05 -7.46 8.59
C ASP B 55 -18.12 -6.63 9.47
N PHE B 56 -18.44 -5.35 9.62
CA PHE B 56 -17.67 -4.46 10.48
C PHE B 56 -18.56 -3.72 11.45
N LYS B 57 -18.39 -4.00 12.75
CA LYS B 57 -19.23 -3.41 13.78
C LYS B 57 -18.58 -2.18 14.39
N VAL B 58 -19.40 -1.18 14.72
CA VAL B 58 -18.91 0.04 15.34
C VAL B 58 -18.81 -0.11 16.86
N THR B 59 -17.59 0.02 17.38
CA THR B 59 -17.35 -0.18 18.80
C THR B 59 -17.09 1.15 19.50
N LYS B 60 -16.75 2.16 18.72
CA LYS B 60 -16.60 3.51 19.25
C LYS B 60 -16.59 4.55 18.12
N LEU B 61 -17.26 5.66 18.35
CA LEU B 61 -17.46 6.66 17.30
C LEU B 61 -17.28 8.07 17.85
N ILE B 62 -16.19 8.72 17.45
CA ILE B 62 -15.93 10.10 17.83
C ILE B 62 -16.01 11.03 16.63
N PRO B 63 -16.90 12.03 16.72
CA PRO B 63 -17.10 12.97 15.64
C PRO B 63 -15.78 13.60 15.19
N ASN B 64 -15.43 13.37 13.93
CA ASN B 64 -14.28 14.05 13.33
C ASN B 64 -13.04 13.92 14.21
N LYS B 65 -12.66 12.68 14.50
CA LYS B 65 -11.43 12.41 15.26
C LYS B 65 -11.03 10.95 15.15
N THR B 66 -11.74 10.08 15.86
CA THR B 66 -11.35 8.69 15.98
C THR B 66 -12.54 7.76 15.79
N VAL B 67 -12.37 6.76 14.92
CA VAL B 67 -13.40 5.76 14.70
C VAL B 67 -12.84 4.36 14.85
N CYS B 68 -13.51 3.55 15.68
CA CYS B 68 -13.03 2.21 15.99
C CYS B 68 -14.05 1.15 15.56
N TRP B 69 -13.64 0.28 14.64
CA TRP B 69 -14.47 -0.83 14.20
C TRP B 69 -13.92 -2.17 14.69
N GLN B 70 -14.82 -3.13 14.90
CA GLN B 70 -14.42 -4.52 15.09
C GLN B 70 -14.73 -5.35 13.85
N HIS B 71 -13.72 -6.07 13.36
CA HIS B 71 -13.88 -6.90 12.17
C HIS B 71 -14.42 -8.28 12.53
N ALA B 72 -15.46 -8.70 11.83
CA ALA B 72 -15.98 -10.06 11.96
C ALA B 72 -16.53 -10.57 10.64
N GLY B 73 -15.63 -10.92 9.72
CA GLY B 73 -16.02 -11.35 8.39
C GLY B 73 -15.76 -12.84 8.18
N ASN B 74 -15.79 -13.27 6.93
CA ASN B 74 -15.57 -14.67 6.60
C ASN B 74 -14.08 -14.99 6.53
N MET B 75 -13.43 -14.98 7.69
CA MET B 75 -11.99 -15.22 7.76
C MET B 75 -11.66 -16.25 8.84
N PRO B 76 -10.49 -16.86 8.73
CA PRO B 76 -9.99 -17.77 9.76
C PRO B 76 -9.96 -17.09 11.12
N GLU B 77 -10.26 -17.85 12.16
CA GLU B 77 -10.42 -17.28 13.50
C GLU B 77 -9.32 -16.27 13.81
N SER B 78 -8.07 -16.72 13.69
CA SER B 78 -6.94 -15.90 14.11
C SER B 78 -6.64 -14.81 13.09
N TRP B 79 -7.25 -14.91 11.91
CA TRP B 79 -7.19 -13.84 10.92
C TRP B 79 -8.56 -13.19 10.74
N MET B 80 -9.39 -13.28 11.78
CA MET B 80 -10.75 -12.72 11.72
C MET B 80 -10.98 -11.76 12.87
N GLY B 81 -10.58 -12.16 14.07
CA GLY B 81 -10.79 -11.34 15.26
C GLY B 81 -9.82 -10.17 15.30
N THR B 82 -10.02 -9.21 14.40
CA THR B 82 -9.10 -8.08 14.25
C THR B 82 -9.80 -6.76 14.51
N GLU B 83 -9.01 -5.72 14.78
CA GLU B 83 -9.56 -4.42 15.16
C GLU B 83 -9.09 -3.34 14.19
N ILE B 84 -9.98 -2.39 13.91
CA ILE B 84 -9.71 -1.37 12.90
C ILE B 84 -9.87 0.03 13.47
N SER B 85 -8.86 0.87 13.25
CA SER B 85 -8.84 2.21 13.83
C SER B 85 -8.64 3.28 12.75
N PHE B 86 -9.44 4.33 12.81
CA PHE B 86 -9.26 5.48 11.94
C PHE B 86 -8.94 6.73 12.75
N GLN B 87 -7.81 7.36 12.45
CA GLN B 87 -7.38 8.56 13.16
C GLN B 87 -7.16 9.72 12.19
N LEU B 88 -7.87 10.82 12.43
CA LEU B 88 -7.68 12.03 11.63
C LEU B 88 -6.84 13.06 12.39
N GLU B 89 -5.94 13.71 11.66
CA GLU B 89 -5.15 14.79 12.24
C GLU B 89 -5.03 15.97 11.27
N THR B 90 -5.41 17.15 11.74
CA THR B 90 -5.32 18.36 10.93
C THR B 90 -3.88 18.80 10.74
N VAL B 91 -3.49 19.00 9.49
CA VAL B 91 -2.13 19.45 9.18
C VAL B 91 -2.16 20.72 8.34
N GLU B 92 -0.97 21.18 7.94
CA GLU B 92 -0.80 22.53 7.44
C GLU B 92 -1.90 22.90 6.45
N ASN B 93 -1.97 22.17 5.34
CA ASN B 93 -2.79 22.57 4.21
C ASN B 93 -3.69 21.43 3.75
N GLN B 94 -3.90 20.46 4.64
CA GLN B 94 -4.76 19.32 4.33
C GLN B 94 -5.14 18.56 5.59
N THR B 95 -5.83 17.44 5.42
CA THR B 95 -6.14 16.55 6.53
C THR B 95 -5.37 15.24 6.43
N PHE B 96 -4.69 14.87 7.50
CA PHE B 96 -3.87 13.66 7.52
C PHE B 96 -4.68 12.47 8.00
N VAL B 97 -4.63 11.38 7.25
CA VAL B 97 -5.35 10.16 7.62
C VAL B 97 -4.40 9.06 8.04
N ARG B 98 -4.57 8.55 9.26
CA ARG B 98 -3.80 7.42 9.74
C ARG B 98 -4.67 6.20 9.94
N PHE B 99 -4.32 5.10 9.25
CA PHE B 99 -5.09 3.88 9.33
C PHE B 99 -4.32 2.78 10.05
N THR B 100 -4.97 2.15 11.02
CA THR B 100 -4.36 1.03 11.75
C THR B 100 -5.29 -0.17 11.77
N HIS B 101 -4.74 -1.33 11.41
CA HIS B 101 -5.47 -2.59 11.51
C HIS B 101 -4.66 -3.63 12.28
N SER B 102 -5.09 -3.93 13.50
CA SER B 102 -4.24 -4.63 14.45
C SER B 102 -4.89 -5.94 14.89
N ASN B 103 -4.20 -6.67 15.78
CA ASN B 103 -4.70 -7.94 16.28
C ASN B 103 -4.65 -9.02 15.22
N TRP B 104 -3.60 -8.99 14.40
CA TRP B 104 -3.36 -10.05 13.42
C TRP B 104 -2.52 -11.17 14.01
N HIS B 105 -2.73 -12.38 13.51
CA HIS B 105 -2.03 -13.55 14.02
C HIS B 105 -0.53 -13.46 13.73
N GLU B 106 -0.18 -13.53 12.45
CA GLU B 106 1.22 -13.52 12.03
C GLU B 106 1.36 -13.11 10.57
N THR B 107 2.57 -12.75 10.18
CA THR B 107 2.85 -12.36 8.81
C THR B 107 2.73 -13.55 7.86
N THR B 108 1.81 -13.45 6.92
CA THR B 108 1.56 -14.53 5.97
C THR B 108 0.95 -14.01 4.67
N ASP B 109 0.51 -14.92 3.82
CA ASP B 109 -0.05 -14.56 2.52
C ASP B 109 -1.13 -13.49 2.67
N PHE B 110 -2.04 -13.71 3.61
CA PHE B 110 -3.11 -12.76 3.87
C PHE B 110 -2.56 -11.35 4.04
N MET B 111 -1.43 -11.23 4.72
CA MET B 111 -0.92 -9.94 5.14
C MET B 111 -0.26 -9.19 3.98
N ALA B 112 0.52 -9.91 3.19
CA ALA B 112 1.17 -9.34 2.01
C ALA B 112 0.14 -8.76 1.05
N HIS B 113 -1.01 -9.41 0.96
CA HIS B 113 -2.09 -8.94 0.10
C HIS B 113 -2.78 -7.72 0.68
N CYS B 114 -3.15 -7.81 1.96
CA CYS B 114 -3.89 -6.74 2.62
C CYS B 114 -3.09 -5.44 2.61
N ASN B 115 -1.77 -5.56 2.64
CA ASN B 115 -0.89 -4.40 2.61
C ASN B 115 -1.18 -3.52 1.40
N THR B 116 -1.27 -4.14 0.23
CA THR B 116 -1.58 -3.41 -1.00
C THR B 116 -3.04 -2.98 -1.04
N LYS B 117 -3.92 -3.86 -0.57
CA LYS B 117 -5.36 -3.61 -0.66
C LYS B 117 -5.75 -2.35 0.11
N TRP B 118 -5.24 -2.22 1.33
CA TRP B 118 -5.60 -1.10 2.19
C TRP B 118 -5.02 0.21 1.67
N ALA B 119 -3.84 0.12 1.06
CA ALA B 119 -3.19 1.31 0.50
C ALA B 119 -3.99 1.89 -0.65
N VAL B 120 -4.44 1.02 -1.56
CA VAL B 120 -5.18 1.46 -2.73
C VAL B 120 -6.60 1.86 -2.36
N PHE B 121 -7.11 1.30 -1.27
CA PHE B 121 -8.38 1.73 -0.70
C PHE B 121 -8.31 3.17 -0.24
N LEU B 122 -7.21 3.53 0.42
CA LEU B 122 -6.98 4.90 0.85
C LEU B 122 -6.82 5.83 -0.34
N LEU B 123 -6.07 5.39 -1.33
CA LEU B 123 -5.87 6.15 -2.56
C LEU B 123 -7.21 6.45 -3.24
N SER B 124 -8.12 5.49 -3.19
CA SER B 124 -9.47 5.68 -3.69
C SER B 124 -10.22 6.72 -2.87
N LEU B 125 -10.07 6.65 -1.55
CA LEU B 125 -10.63 7.65 -0.66
C LEU B 125 -10.07 9.04 -0.97
N LYS B 126 -8.83 9.08 -1.43
CA LYS B 126 -8.14 10.34 -1.67
C LYS B 126 -8.64 11.00 -2.95
N ASP B 127 -8.69 10.23 -4.03
CA ASP B 127 -9.09 10.76 -5.34
C ASP B 127 -10.57 11.11 -5.36
N ALA B 128 -11.38 10.29 -4.70
CA ALA B 128 -12.82 10.53 -4.63
C ALA B 128 -13.13 11.87 -3.99
N LEU B 129 -12.37 12.21 -2.95
CA LEU B 129 -12.62 13.43 -2.18
C LEU B 129 -12.00 14.64 -2.86
N GLU B 130 -10.78 14.48 -3.36
CA GLU B 130 -10.04 15.58 -3.95
C GLU B 130 -10.57 15.92 -5.34
N ILE B 131 -10.79 14.90 -6.16
CA ILE B 131 -11.19 15.10 -7.54
C ILE B 131 -12.67 14.80 -7.74
N GLY B 132 -13.09 13.60 -7.35
CA GLY B 132 -14.45 13.16 -7.55
C GLY B 132 -14.53 12.07 -8.62
N LYS B 133 -13.39 11.79 -9.25
CA LYS B 133 -13.33 10.77 -10.29
C LYS B 133 -12.76 9.47 -9.75
N GLY B 134 -12.40 9.48 -8.47
CA GLY B 134 -11.86 8.29 -7.81
C GLY B 134 -12.90 7.16 -7.79
N MET A 1 14.14 -10.92 12.43
CA MET A 1 13.71 -9.54 12.24
C MET A 1 12.37 -9.48 11.53
N VAL A 2 11.97 -8.28 11.13
CA VAL A 2 10.70 -8.08 10.45
C VAL A 2 10.89 -7.99 8.94
N ASN A 3 10.03 -8.70 8.20
CA ASN A 3 10.03 -8.60 6.75
C ASN A 3 8.60 -8.56 6.22
N ILE A 4 8.39 -7.77 5.16
CA ILE A 4 7.07 -7.61 4.58
C ILE A 4 6.99 -8.26 3.19
N ASN A 5 6.02 -9.15 3.02
CA ASN A 5 5.77 -9.78 1.72
C ASN A 5 4.50 -9.25 1.09
N HIS A 6 4.54 -9.07 -0.23
CA HIS A 6 3.38 -8.57 -0.96
C HIS A 6 3.34 -9.14 -2.38
N ARG A 7 2.17 -9.66 -2.77
CA ARG A 7 2.02 -10.28 -4.08
C ARG A 7 1.09 -9.45 -4.96
N ILE A 8 1.58 -9.11 -6.15
CA ILE A 8 0.75 -8.42 -7.14
C ILE A 8 0.84 -9.12 -8.50
N GLY A 9 -0.31 -9.49 -9.04
CA GLY A 9 -0.38 -10.08 -10.37
C GLY A 9 -0.38 -9.01 -11.45
N ILE A 10 0.40 -9.25 -12.51
CA ILE A 10 0.48 -8.31 -13.62
C ILE A 10 0.23 -9.01 -14.95
N LYS A 11 -0.60 -8.39 -15.78
CA LYS A 11 -0.92 -8.94 -17.09
C LYS A 11 0.18 -8.65 -18.10
N ALA A 12 1.35 -9.28 -17.89
CA ALA A 12 2.48 -9.09 -18.77
C ALA A 12 3.54 -10.18 -18.56
N SER A 13 4.50 -10.24 -19.47
CA SER A 13 5.54 -11.25 -19.40
C SER A 13 6.56 -10.93 -18.31
N PRO A 14 7.23 -11.96 -17.80
CA PRO A 14 8.29 -11.78 -16.82
C PRO A 14 9.49 -11.07 -17.44
N GLU A 15 9.58 -11.11 -18.76
CA GLU A 15 10.64 -10.42 -19.48
C GLU A 15 10.43 -8.92 -19.47
N LYS A 16 9.18 -8.51 -19.71
CA LYS A 16 8.84 -7.09 -19.68
C LYS A 16 9.00 -6.52 -18.27
N ILE A 17 8.59 -7.28 -17.27
CA ILE A 17 8.66 -6.85 -15.88
C ILE A 17 10.11 -6.75 -15.42
N TYR A 18 10.91 -7.75 -15.77
CA TYR A 18 12.33 -7.76 -15.42
C TYR A 18 13.05 -6.57 -16.04
N GLN A 19 12.85 -6.37 -17.33
CA GLN A 19 13.49 -5.27 -18.05
C GLN A 19 13.05 -3.92 -17.48
N ALA A 20 11.80 -3.84 -17.05
CA ALA A 20 11.27 -2.62 -16.47
C ALA A 20 12.04 -2.22 -15.23
N LEU A 21 12.71 -3.19 -14.61
CA LEU A 21 13.44 -2.95 -13.38
C LEU A 21 14.91 -2.67 -13.66
N THR A 22 15.36 -3.04 -14.87
CA THR A 22 16.77 -2.96 -15.22
C THR A 22 17.02 -1.94 -16.32
N THR A 23 15.97 -1.22 -16.69
CA THR A 23 16.09 -0.12 -17.65
C THR A 23 15.59 1.18 -17.05
N ASP A 24 16.43 2.21 -17.08
CA ASP A 24 16.08 3.50 -16.52
C ASP A 24 14.85 4.09 -17.19
N ASP A 25 14.84 4.08 -18.52
CA ASP A 25 13.73 4.62 -19.29
C ASP A 25 12.45 3.84 -19.05
N GLY A 26 12.60 2.56 -18.69
CA GLY A 26 11.47 1.72 -18.36
C GLY A 26 10.91 2.06 -16.99
N LEU A 27 11.80 2.38 -16.05
CA LEU A 27 11.41 2.82 -14.72
C LEU A 27 10.66 4.16 -14.78
N LYS A 28 11.14 5.05 -15.65
CA LYS A 28 10.61 6.40 -15.70
C LYS A 28 9.11 6.41 -15.95
N LYS A 29 8.63 5.36 -16.62
CA LYS A 29 7.23 5.31 -17.05
C LYS A 29 6.29 5.27 -15.85
N TRP A 30 6.81 4.87 -14.70
CA TRP A 30 6.01 4.74 -13.49
C TRP A 30 6.80 5.17 -12.25
N TRP A 31 7.99 5.70 -12.47
CA TRP A 31 8.74 6.36 -11.41
C TRP A 31 8.81 7.87 -11.63
N THR A 32 9.97 8.34 -12.07
CA THR A 32 10.23 9.77 -12.15
C THR A 32 10.68 10.18 -13.55
N ASN A 33 11.04 11.45 -13.71
CA ASN A 33 11.46 11.96 -15.01
C ASN A 33 12.98 12.02 -15.10
N ASP A 34 13.65 11.54 -14.06
CA ASP A 34 15.11 11.57 -14.02
C ASP A 34 15.67 10.39 -13.24
N ILE A 35 16.08 9.35 -13.98
CA ILE A 35 16.61 8.15 -13.37
C ILE A 35 17.96 7.75 -13.99
N SER A 36 18.91 7.40 -13.14
CA SER A 36 20.25 7.05 -13.59
C SER A 36 20.79 5.84 -12.85
N GLY A 37 21.14 4.80 -13.60
CA GLY A 37 21.75 3.61 -13.02
C GLY A 37 21.29 2.34 -13.74
N ALA A 38 21.08 1.28 -12.97
CA ALA A 38 20.57 0.03 -13.52
C ALA A 38 21.52 -0.54 -14.56
N GLY A 39 22.79 -0.66 -14.19
CA GLY A 39 23.76 -1.38 -15.01
C GLY A 39 23.91 -2.83 -14.56
N VAL A 40 25.15 -3.31 -14.51
CA VAL A 40 25.43 -4.64 -14.00
C VAL A 40 25.50 -4.64 -12.47
N VAL A 41 25.57 -5.84 -11.89
CA VAL A 41 25.64 -5.98 -10.44
C VAL A 41 26.77 -5.13 -9.86
N GLY A 42 26.45 -4.33 -8.85
CA GLY A 42 27.38 -3.34 -8.34
C GLY A 42 26.94 -1.93 -8.70
N SER A 43 26.15 -1.82 -9.76
CA SER A 43 25.62 -0.53 -10.20
C SER A 43 24.53 -0.04 -9.25
N THR A 44 24.46 1.27 -9.07
CA THR A 44 23.47 1.87 -8.16
C THR A 44 22.42 2.65 -8.93
N ILE A 45 21.16 2.41 -8.61
CA ILE A 45 20.06 3.13 -9.24
C ILE A 45 19.66 4.35 -8.41
N LYS A 46 19.70 5.52 -9.04
CA LYS A 46 19.28 6.76 -8.38
C LYS A 46 17.97 7.27 -8.95
N PHE A 47 17.02 7.56 -8.07
CA PHE A 47 15.73 8.11 -8.49
C PHE A 47 15.63 9.58 -8.13
N ARG A 48 14.76 10.30 -8.84
CA ARG A 48 14.56 11.71 -8.59
C ARG A 48 13.73 11.94 -7.33
N PHE A 49 14.09 12.97 -6.57
CA PHE A 49 13.35 13.32 -5.36
C PHE A 49 13.62 14.77 -4.95
N ASN A 50 12.60 15.43 -4.42
CA ASN A 50 12.67 16.86 -4.16
C ASN A 50 13.87 17.20 -3.29
N GLY A 51 14.06 16.41 -2.22
CA GLY A 51 15.20 16.60 -1.33
C GLY A 51 16.44 15.87 -1.87
N GLY A 52 16.65 14.65 -1.39
CA GLY A 52 17.74 13.82 -1.90
C GLY A 52 17.20 12.57 -2.58
N GLY A 53 17.75 12.25 -3.74
CA GLY A 53 17.31 11.09 -4.51
C GLY A 53 17.70 9.79 -3.82
N PRO A 54 16.73 8.90 -3.66
CA PRO A 54 16.96 7.60 -3.03
C PRO A 54 17.80 6.70 -3.93
N ASP A 55 18.65 5.88 -3.31
CA ASP A 55 19.55 5.01 -4.06
C ASP A 55 19.27 3.54 -3.76
N PHE A 56 19.35 2.71 -4.80
CA PHE A 56 19.23 1.27 -4.63
C PHE A 56 20.35 0.54 -5.36
N LYS A 57 21.22 -0.13 -4.60
CA LYS A 57 22.35 -0.84 -5.17
C LYS A 57 21.95 -2.23 -5.64
N VAL A 58 22.40 -2.60 -6.84
CA VAL A 58 22.13 -3.93 -7.38
C VAL A 58 23.10 -4.96 -6.83
N THR A 59 22.56 -5.94 -6.13
CA THR A 59 23.39 -6.90 -5.38
C THR A 59 23.38 -8.26 -6.06
N LYS A 60 22.37 -8.52 -6.88
CA LYS A 60 22.25 -9.79 -7.59
C LYS A 60 21.22 -9.70 -8.70
N LEU A 61 21.53 -10.33 -9.83
CA LEU A 61 20.63 -10.34 -10.98
C LEU A 61 20.51 -11.74 -11.58
N ILE A 62 19.30 -12.29 -11.53
CA ILE A 62 18.99 -13.51 -12.25
C ILE A 62 18.09 -13.23 -13.45
N PRO A 63 18.53 -13.65 -14.63
CA PRO A 63 17.83 -13.31 -15.87
C PRO A 63 16.35 -13.64 -15.78
N ASN A 64 15.52 -12.60 -15.75
CA ASN A 64 14.08 -12.77 -15.87
C ASN A 64 13.53 -13.66 -14.78
N LYS A 65 14.14 -13.59 -13.60
CA LYS A 65 13.66 -14.35 -12.45
C LYS A 65 13.71 -13.50 -11.18
N THR A 66 14.89 -13.03 -10.82
CA THR A 66 15.12 -12.43 -9.52
C THR A 66 15.92 -11.14 -9.64
N VAL A 67 15.45 -10.09 -8.98
CA VAL A 67 16.25 -8.87 -8.82
C VAL A 67 16.41 -8.51 -7.35
N CYS A 68 17.67 -8.33 -6.93
CA CYS A 68 17.96 -8.01 -5.54
C CYS A 68 18.58 -6.62 -5.42
N TRP A 69 17.89 -5.74 -4.69
CA TRP A 69 18.42 -4.41 -4.40
C TRP A 69 18.72 -4.25 -2.92
N GLN A 70 19.67 -3.37 -2.61
CA GLN A 70 19.89 -2.92 -1.24
C GLN A 70 19.76 -1.41 -1.12
N HIS A 71 18.95 -0.97 -0.15
CA HIS A 71 18.66 0.45 0.00
C HIS A 71 19.91 1.24 0.34
N ALA A 72 19.98 2.48 -0.16
CA ALA A 72 21.08 3.38 0.17
C ALA A 72 20.65 4.83 0.02
N GLY A 73 21.46 5.73 0.57
CA GLY A 73 21.18 7.17 0.49
C GLY A 73 21.69 7.90 1.72
N ASN A 74 21.12 9.08 1.97
CA ASN A 74 21.50 9.87 3.14
C ASN A 74 20.53 9.62 4.30
N MET A 75 19.66 8.63 4.14
CA MET A 75 18.71 8.28 5.19
C MET A 75 19.42 7.66 6.39
N PRO A 76 18.76 7.68 7.54
CA PRO A 76 19.29 7.03 8.74
C PRO A 76 19.69 5.59 8.46
N GLU A 77 20.67 5.11 9.22
CA GLU A 77 21.22 3.78 8.98
C GLU A 77 20.15 2.71 9.11
N SER A 78 19.17 2.95 9.97
CA SER A 78 18.07 2.01 10.17
C SER A 78 17.19 1.93 8.93
N TRP A 79 17.19 3.00 8.14
CA TRP A 79 16.42 3.03 6.91
C TRP A 79 17.24 2.51 5.73
N MET A 80 18.55 2.70 5.81
CA MET A 80 19.46 2.24 4.76
C MET A 80 19.67 0.73 4.85
N GLY A 81 19.64 0.20 6.06
CA GLY A 81 19.98 -1.19 6.30
C GLY A 81 18.80 -2.11 6.03
N THR A 82 18.24 -2.02 4.83
CA THR A 82 17.16 -2.91 4.42
C THR A 82 17.40 -3.42 3.00
N GLU A 83 16.84 -4.59 2.71
CA GLU A 83 17.07 -5.24 1.42
C GLU A 83 15.75 -5.56 0.72
N ILE A 84 15.78 -5.56 -0.61
CA ILE A 84 14.56 -5.72 -1.40
C ILE A 84 14.73 -6.80 -2.46
N SER A 85 13.75 -7.68 -2.56
CA SER A 85 13.80 -8.78 -3.52
C SER A 85 12.60 -8.77 -4.45
N PHE A 86 12.85 -8.98 -5.74
CA PHE A 86 11.78 -9.11 -6.72
C PHE A 86 11.77 -10.49 -7.35
N GLN A 87 10.87 -11.35 -6.87
CA GLN A 87 10.76 -12.70 -7.39
C GLN A 87 9.59 -12.84 -8.35
N LEU A 88 9.88 -13.21 -9.59
CA LEU A 88 8.84 -13.41 -10.60
C LEU A 88 8.34 -14.84 -10.62
N GLU A 89 7.03 -15.01 -10.73
CA GLU A 89 6.43 -16.32 -10.86
C GLU A 89 5.56 -16.41 -12.11
N THR A 90 5.98 -17.26 -13.05
CA THR A 90 5.24 -17.42 -14.30
C THR A 90 3.94 -18.18 -14.08
N VAL A 91 2.83 -17.60 -14.53
CA VAL A 91 1.53 -18.25 -14.43
C VAL A 91 0.89 -18.41 -15.79
N GLU A 92 0.12 -19.50 -15.96
CA GLU A 92 -0.50 -19.80 -17.24
C GLU A 92 -1.11 -18.55 -17.87
N ASN A 93 -1.83 -17.79 -17.07
CA ASN A 93 -2.54 -16.62 -17.57
C ASN A 93 -1.68 -15.37 -17.48
N GLN A 94 -1.15 -15.10 -16.29
CA GLN A 94 -0.45 -13.85 -16.02
C GLN A 94 0.95 -14.11 -15.49
N THR A 95 1.62 -13.04 -15.04
CA THR A 95 2.86 -13.18 -14.28
C THR A 95 2.74 -12.52 -12.92
N PHE A 96 3.11 -13.26 -11.88
CA PHE A 96 2.96 -12.79 -10.51
C PHE A 96 4.26 -12.19 -9.98
N VAL A 97 4.16 -11.00 -9.38
CA VAL A 97 5.31 -10.36 -8.78
C VAL A 97 5.31 -10.51 -7.26
N ARG A 98 6.30 -11.23 -6.75
CA ARG A 98 6.47 -11.39 -5.30
C ARG A 98 7.46 -10.37 -4.76
N PHE A 99 6.94 -9.37 -4.05
CA PHE A 99 7.78 -8.33 -3.48
C PHE A 99 8.11 -8.63 -2.02
N THR A 100 9.40 -8.61 -1.71
CA THR A 100 9.86 -8.82 -0.33
C THR A 100 10.79 -7.71 0.11
N HIS A 101 10.44 -7.05 1.20
CA HIS A 101 11.32 -6.05 1.81
C HIS A 101 11.63 -6.42 3.26
N SER A 102 12.86 -6.81 3.52
CA SER A 102 13.22 -7.46 4.78
C SER A 102 14.27 -6.66 5.54
N ASN A 103 14.66 -7.16 6.70
CA ASN A 103 15.66 -6.49 7.54
C ASN A 103 15.08 -5.22 8.16
N TRP A 104 13.83 -5.29 8.59
CA TRP A 104 13.23 -4.21 9.35
C TRP A 104 13.35 -4.45 10.85
N HIS A 105 13.63 -3.40 11.60
CA HIS A 105 13.68 -3.48 13.06
C HIS A 105 12.29 -3.56 13.66
N GLU A 106 11.42 -2.63 13.26
CA GLU A 106 10.05 -2.59 13.76
C GLU A 106 9.09 -2.05 12.71
N THR A 107 7.81 -2.35 12.88
CA THR A 107 6.79 -1.90 11.94
C THR A 107 6.47 -0.42 12.13
N THR A 108 7.38 0.44 11.68
CA THR A 108 7.23 1.88 11.85
C THR A 108 6.48 2.50 10.67
N ASP A 109 6.29 3.80 10.72
CA ASP A 109 5.51 4.51 9.69
C ASP A 109 6.25 4.50 8.36
N PHE A 110 7.55 4.76 8.39
CA PHE A 110 8.38 4.76 7.19
C PHE A 110 8.26 3.43 6.45
N MET A 111 8.26 2.33 7.20
CA MET A 111 8.13 0.99 6.62
C MET A 111 6.84 0.87 5.83
N ALA A 112 5.72 1.21 6.46
CA ALA A 112 4.41 1.04 5.85
C ALA A 112 4.23 1.98 4.67
N HIS A 113 4.73 3.20 4.80
CA HIS A 113 4.59 4.21 3.76
C HIS A 113 5.27 3.75 2.47
N CYS A 114 6.50 3.27 2.59
CA CYS A 114 7.22 2.77 1.43
C CYS A 114 6.57 1.53 0.85
N ASN A 115 6.09 0.65 1.72
CA ASN A 115 5.43 -0.58 1.30
C ASN A 115 4.27 -0.28 0.36
N THR A 116 3.43 0.67 0.73
CA THR A 116 2.25 1.02 -0.05
C THR A 116 2.65 1.76 -1.33
N LYS A 117 3.74 2.51 -1.26
CA LYS A 117 4.30 3.15 -2.44
C LYS A 117 4.78 2.12 -3.45
N TRP A 118 5.37 1.04 -2.96
CA TRP A 118 5.84 -0.04 -3.82
C TRP A 118 4.69 -0.73 -4.54
N ALA A 119 3.57 -0.87 -3.84
CA ALA A 119 2.37 -1.45 -4.43
C ALA A 119 1.80 -0.56 -5.52
N VAL A 120 1.82 0.75 -5.27
CA VAL A 120 1.38 1.71 -6.28
C VAL A 120 2.32 1.72 -7.48
N PHE A 121 3.61 1.56 -7.22
CA PHE A 121 4.60 1.52 -8.28
C PHE A 121 4.35 0.35 -9.22
N LEU A 122 4.09 -0.82 -8.66
CA LEU A 122 3.81 -2.01 -9.46
C LEU A 122 2.47 -1.89 -10.17
N LEU A 123 1.47 -1.38 -9.48
CA LEU A 123 0.20 -1.02 -10.10
C LEU A 123 0.41 -0.20 -11.36
N SER A 124 1.23 0.84 -11.26
CA SER A 124 1.54 1.69 -12.40
C SER A 124 2.27 0.92 -13.48
N LEU A 125 3.18 0.04 -13.06
CA LEU A 125 3.86 -0.86 -13.99
C LEU A 125 2.86 -1.75 -14.72
N LYS A 126 1.77 -2.08 -14.05
CA LYS A 126 0.80 -3.03 -14.60
C LYS A 126 -0.06 -2.38 -15.67
N ASP A 127 -0.51 -1.15 -15.40
CA ASP A 127 -1.28 -0.38 -16.37
C ASP A 127 -0.41 0.06 -17.54
N ALA A 128 0.86 0.34 -17.25
CA ALA A 128 1.82 0.71 -18.29
C ALA A 128 2.06 -0.43 -19.25
N LEU A 129 2.23 -1.64 -18.71
CA LEU A 129 2.53 -2.81 -19.53
C LEU A 129 1.29 -3.29 -20.27
N GLU A 130 0.16 -3.32 -19.57
CA GLU A 130 -1.09 -3.81 -20.16
C GLU A 130 -1.59 -2.86 -21.24
N ILE A 131 -1.72 -1.59 -20.90
CA ILE A 131 -2.29 -0.61 -21.81
C ILE A 131 -1.23 0.37 -22.32
N GLY A 132 -0.53 1.00 -21.38
CA GLY A 132 0.38 2.09 -21.72
C GLY A 132 -0.02 3.37 -21.01
N LYS A 133 -0.77 3.24 -19.93
CA LYS A 133 -1.28 4.39 -19.20
C LYS A 133 -0.15 5.12 -18.47
N GLY A 134 0.87 4.37 -18.07
CA GLY A 134 2.02 4.96 -17.38
C GLY A 134 2.75 5.96 -18.27
N MET B 1 1.81 -8.23 20.07
CA MET B 1 1.49 -8.71 18.73
C MET B 1 1.97 -7.73 17.67
N VAL B 2 1.56 -7.96 16.43
CA VAL B 2 1.96 -7.10 15.32
C VAL B 2 0.86 -6.10 14.98
N ASN B 3 1.25 -4.85 14.78
CA ASN B 3 0.33 -3.82 14.33
C ASN B 3 0.97 -2.92 13.27
N ILE B 4 0.18 -2.51 12.30
CA ILE B 4 0.68 -1.68 11.20
C ILE B 4 0.12 -0.27 11.28
N ASN B 5 1.01 0.71 11.29
CA ASN B 5 0.61 2.11 11.27
C ASN B 5 0.90 2.75 9.92
N HIS B 6 0.00 3.63 9.47
CA HIS B 6 0.16 4.31 8.20
C HIS B 6 -0.46 5.69 8.23
N ARG B 7 0.29 6.69 7.80
CA ARG B 7 -0.18 8.08 7.82
C ARG B 7 -0.39 8.60 6.40
N ILE B 8 -1.58 9.11 6.14
CA ILE B 8 -1.87 9.76 4.87
C ILE B 8 -2.51 11.13 5.08
N GLY B 9 -1.92 12.17 4.51
CA GLY B 9 -2.47 13.51 4.56
C GLY B 9 -3.53 13.71 3.49
N ILE B 10 -4.64 14.34 3.87
CA ILE B 10 -5.73 14.60 2.94
C ILE B 10 -6.11 16.08 2.95
N LYS B 11 -6.28 16.65 1.76
CA LYS B 11 -6.67 18.05 1.64
C LYS B 11 -8.17 18.23 1.85
N ALA B 12 -8.61 18.01 3.08
CA ALA B 12 -10.03 18.15 3.41
C ALA B 12 -10.22 18.21 4.92
N SER B 13 -11.44 18.56 5.34
CA SER B 13 -11.75 18.71 6.76
C SER B 13 -11.91 17.35 7.42
N PRO B 14 -11.68 17.31 8.72
CA PRO B 14 -11.88 16.09 9.51
C PRO B 14 -13.35 15.71 9.56
N GLU B 15 -14.22 16.68 9.30
CA GLU B 15 -15.66 16.44 9.28
C GLU B 15 -16.05 15.67 8.02
N LYS B 16 -15.49 16.07 6.88
CA LYS B 16 -15.73 15.37 5.62
C LYS B 16 -15.19 13.95 5.66
N ILE B 17 -14.00 13.80 6.24
CA ILE B 17 -13.36 12.48 6.32
C ILE B 17 -14.11 11.55 7.26
N TYR B 18 -14.52 12.09 8.41
CA TYR B 18 -15.29 11.32 9.37
C TYR B 18 -16.62 10.84 8.78
N GLN B 19 -17.35 11.76 8.18
CA GLN B 19 -18.64 11.44 7.57
C GLN B 19 -18.47 10.43 6.45
N ALA B 20 -17.36 10.52 5.73
CA ALA B 20 -17.08 9.59 4.63
C ALA B 20 -17.00 8.16 5.14
N LEU B 21 -16.72 8.01 6.43
CA LEU B 21 -16.56 6.69 7.03
C LEU B 21 -17.87 6.21 7.66
N THR B 22 -18.78 7.14 7.88
CA THR B 22 -20.00 6.85 8.62
C THR B 22 -21.23 7.00 7.72
N THR B 23 -21.00 7.26 6.45
CA THR B 23 -22.08 7.30 5.47
C THR B 23 -21.83 6.31 4.34
N ASP B 24 -22.81 5.45 4.08
CA ASP B 24 -22.69 4.42 3.06
C ASP B 24 -22.46 5.05 1.69
N ASP B 25 -23.28 6.05 1.35
CA ASP B 25 -23.18 6.71 0.06
C ASP B 25 -21.86 7.44 -0.09
N GLY B 26 -21.27 7.84 1.04
CA GLY B 26 -19.97 8.48 1.05
C GLY B 26 -18.85 7.46 0.80
N LEU B 27 -19.01 6.28 1.37
CA LEU B 27 -18.07 5.19 1.14
C LEU B 27 -18.08 4.75 -0.32
N LYS B 28 -19.26 4.71 -0.92
CA LYS B 28 -19.43 4.18 -2.27
C LYS B 28 -18.54 4.92 -3.26
N LYS B 29 -18.23 6.17 -2.96
CA LYS B 29 -17.50 7.03 -3.89
C LYS B 29 -16.10 6.50 -4.14
N TRP B 30 -15.60 5.68 -3.21
CA TRP B 30 -14.26 5.15 -3.30
C TRP B 30 -14.19 3.71 -2.80
N TRP B 31 -15.35 3.14 -2.53
CA TRP B 31 -15.46 1.71 -2.27
C TRP B 31 -16.20 0.99 -3.41
N THR B 32 -17.44 0.63 -3.16
CA THR B 32 -18.19 -0.21 -4.08
C THR B 32 -19.52 0.44 -4.46
N ASN B 33 -20.33 -0.28 -5.23
CA ASN B 33 -21.62 0.23 -5.68
C ASN B 33 -22.76 -0.29 -4.82
N ASP B 34 -22.41 -1.02 -3.77
CA ASP B 34 -23.40 -1.62 -2.88
C ASP B 34 -22.88 -1.72 -1.45
N ILE B 35 -23.25 -0.75 -0.63
CA ILE B 35 -22.80 -0.72 0.76
C ILE B 35 -23.97 -0.52 1.72
N SER B 36 -23.99 -1.31 2.79
CA SER B 36 -25.08 -1.26 3.76
C SER B 36 -24.55 -1.33 5.19
N GLY B 37 -24.87 -0.30 5.98
CA GLY B 37 -24.51 -0.29 7.39
C GLY B 37 -24.17 1.11 7.86
N ALA B 38 -23.16 1.23 8.72
CA ALA B 38 -22.70 2.52 9.19
C ALA B 38 -23.79 3.27 9.93
N GLY B 39 -24.41 2.60 10.90
CA GLY B 39 -25.33 3.25 11.82
C GLY B 39 -24.62 3.68 13.11
N VAL B 40 -25.28 3.46 14.24
CA VAL B 40 -24.67 3.72 15.54
C VAL B 40 -23.78 2.58 15.97
N VAL B 41 -23.03 2.79 17.05
CA VAL B 41 -22.13 1.76 17.57
C VAL B 41 -22.87 0.46 17.81
N GLY B 42 -22.32 -0.63 17.28
CA GLY B 42 -23.01 -1.91 17.24
C GLY B 42 -23.44 -2.27 15.82
N SER B 43 -23.59 -1.26 14.98
CA SER B 43 -23.96 -1.48 13.59
C SER B 43 -22.79 -2.05 12.79
N THR B 44 -23.10 -2.89 11.82
CA THR B 44 -22.08 -3.54 11.01
C THR B 44 -22.10 -3.04 9.57
N ILE B 45 -20.94 -2.67 9.06
CA ILE B 45 -20.82 -2.21 7.67
C ILE B 45 -20.47 -3.36 6.74
N LYS B 46 -21.32 -3.57 5.74
CA LYS B 46 -21.07 -4.60 4.74
C LYS B 46 -20.71 -3.99 3.39
N PHE B 47 -19.60 -4.45 2.82
CA PHE B 47 -19.15 -4.00 1.51
C PHE B 47 -19.41 -5.05 0.44
N ARG B 48 -19.50 -4.61 -0.81
CA ARG B 48 -19.72 -5.52 -1.92
C ARG B 48 -18.45 -6.29 -2.27
N PHE B 49 -18.60 -7.55 -2.62
CA PHE B 49 -17.47 -8.39 -3.02
C PHE B 49 -17.93 -9.60 -3.82
N ASN B 50 -17.13 -9.99 -4.81
CA ASN B 50 -17.54 -11.02 -5.76
C ASN B 50 -17.95 -12.29 -5.04
N GLY B 51 -17.15 -12.70 -4.06
CA GLY B 51 -17.46 -13.87 -3.26
C GLY B 51 -18.39 -13.53 -2.11
N GLY B 52 -17.80 -13.28 -0.94
CA GLY B 52 -18.56 -12.83 0.22
C GLY B 52 -18.16 -11.42 0.63
N GLY B 53 -19.14 -10.58 0.91
CA GLY B 53 -18.89 -9.20 1.31
C GLY B 53 -18.25 -9.12 2.69
N PRO B 54 -17.15 -8.38 2.79
CA PRO B 54 -16.46 -8.21 4.07
C PRO B 54 -17.27 -7.33 5.01
N ASP B 55 -17.18 -7.64 6.30
CA ASP B 55 -17.95 -6.93 7.31
C ASP B 55 -17.04 -6.22 8.30
N PHE B 56 -17.43 -5.02 8.71
CA PHE B 56 -16.72 -4.28 9.75
C PHE B 56 -17.68 -3.74 10.79
N LYS B 57 -17.57 -4.24 12.01
CA LYS B 57 -18.46 -3.83 13.10
C LYS B 57 -17.97 -2.56 13.76
N VAL B 58 -18.88 -1.62 14.00
CA VAL B 58 -18.55 -0.38 14.67
C VAL B 58 -18.51 -0.56 16.19
N THR B 59 -17.33 -0.33 16.77
CA THR B 59 -17.11 -0.64 18.17
C THR B 59 -17.02 0.63 19.01
N LYS B 60 -16.74 1.75 18.36
CA LYS B 60 -16.62 3.03 19.05
C LYS B 60 -16.63 4.19 18.06
N LEU B 61 -17.31 5.27 18.43
CA LEU B 61 -17.39 6.45 17.58
C LEU B 61 -17.16 7.72 18.39
N ILE B 62 -16.09 8.44 18.06
CA ILE B 62 -15.88 9.78 18.59
C ILE B 62 -16.09 10.84 17.51
N PRO B 63 -16.97 11.79 17.79
CA PRO B 63 -17.38 12.76 16.79
C PRO B 63 -16.17 13.43 16.14
N ASN B 64 -15.96 13.12 14.87
CA ASN B 64 -14.97 13.84 14.07
C ASN B 64 -13.58 13.73 14.67
N LYS B 65 -13.30 12.59 15.29
CA LYS B 65 -11.98 12.33 15.87
C LYS B 65 -11.53 10.90 15.59
N THR B 66 -12.31 9.94 16.07
CA THR B 66 -11.89 8.55 16.10
C THR B 66 -12.99 7.62 15.60
N VAL B 67 -12.64 6.71 14.71
CA VAL B 67 -13.53 5.62 14.34
C VAL B 67 -12.88 4.27 14.56
N CYS B 68 -13.56 3.40 15.30
CA CYS B 68 -13.02 2.07 15.62
C CYS B 68 -13.88 0.98 14.99
N TRP B 69 -13.27 0.19 14.11
CA TRP B 69 -13.95 -0.96 13.52
C TRP B 69 -13.30 -2.26 13.97
N GLN B 70 -14.09 -3.33 13.98
CA GLN B 70 -13.56 -4.68 14.15
C GLN B 70 -13.94 -5.57 12.97
N HIS B 71 -12.95 -6.25 12.40
CA HIS B 71 -13.16 -7.05 11.20
C HIS B 71 -14.12 -8.20 11.48
N ALA B 72 -14.92 -8.54 10.47
CA ALA B 72 -15.81 -9.71 10.56
C ALA B 72 -16.14 -10.26 9.19
N GLY B 73 -16.68 -11.47 9.16
CA GLY B 73 -17.07 -12.11 7.90
C GLY B 73 -16.93 -13.63 7.99
N ASN B 74 -16.80 -14.26 6.84
CA ASN B 74 -16.62 -15.71 6.78
C ASN B 74 -15.16 -16.09 6.67
N MET B 75 -14.29 -15.09 6.82
CA MET B 75 -12.85 -15.32 6.78
C MET B 75 -12.38 -16.13 7.98
N PRO B 76 -11.20 -16.75 7.85
CA PRO B 76 -10.60 -17.47 8.96
C PRO B 76 -10.52 -16.59 10.21
N GLU B 77 -10.56 -17.24 11.37
CA GLU B 77 -10.61 -16.53 12.65
C GLU B 77 -9.39 -15.62 12.81
N SER B 78 -8.27 -16.04 12.25
CA SER B 78 -7.04 -15.26 12.31
C SER B 78 -7.16 -13.97 11.51
N TRP B 79 -8.03 -13.99 10.51
CA TRP B 79 -8.27 -12.81 9.69
C TRP B 79 -9.38 -11.95 10.28
N MET B 80 -10.32 -12.59 10.96
CA MET B 80 -11.42 -11.88 11.60
C MET B 80 -10.98 -11.17 12.87
N GLY B 81 -10.01 -11.77 13.56
CA GLY B 81 -9.59 -11.29 14.87
C GLY B 81 -8.60 -10.14 14.75
N THR B 82 -8.98 -9.10 14.02
CA THR B 82 -8.17 -7.89 13.91
C THR B 82 -9.02 -6.64 14.06
N GLU B 83 -8.38 -5.55 14.52
CA GLU B 83 -9.10 -4.32 14.81
C GLU B 83 -8.50 -3.15 14.05
N ILE B 84 -9.35 -2.17 13.72
CA ILE B 84 -8.92 -1.05 12.89
C ILE B 84 -9.30 0.28 13.52
N SER B 85 -8.36 1.22 13.53
CA SER B 85 -8.59 2.53 14.14
C SER B 85 -8.33 3.64 13.14
N PHE B 86 -9.22 4.63 13.13
CA PHE B 86 -9.04 5.81 12.29
C PHE B 86 -8.92 7.07 13.15
N GLN B 87 -7.68 7.52 13.35
CA GLN B 87 -7.43 8.71 14.16
C GLN B 87 -7.16 9.93 13.29
N LEU B 88 -8.00 10.96 13.43
CA LEU B 88 -7.83 12.19 12.67
C LEU B 88 -6.96 13.19 13.42
N GLU B 89 -6.06 13.84 12.70
CA GLU B 89 -5.24 14.90 13.28
C GLU B 89 -5.38 16.20 12.48
N THR B 90 -5.95 17.22 13.12
CA THR B 90 -6.15 18.51 12.47
C THR B 90 -4.82 19.24 12.28
N VAL B 91 -4.55 19.66 11.06
CA VAL B 91 -3.33 20.42 10.75
C VAL B 91 -3.67 21.76 10.12
N GLU B 92 -2.85 22.76 10.41
CA GLU B 92 -3.09 24.12 9.92
C GLU B 92 -3.51 24.11 8.45
N ASN B 93 -2.79 23.34 7.64
CA ASN B 93 -3.04 23.32 6.21
C ASN B 93 -4.04 22.24 5.83
N GLN B 94 -3.77 21.01 6.27
CA GLN B 94 -4.54 19.85 5.86
C GLN B 94 -5.10 19.09 7.05
N THR B 95 -5.68 17.92 6.78
CA THR B 95 -6.02 16.98 7.85
C THR B 95 -5.33 15.64 7.63
N PHE B 96 -4.68 15.14 8.69
CA PHE B 96 -3.90 13.91 8.60
C PHE B 96 -4.70 12.72 9.09
N VAL B 97 -4.69 11.64 8.31
CA VAL B 97 -5.36 10.41 8.69
C VAL B 97 -4.36 9.37 9.20
N ARG B 98 -4.46 9.03 10.49
CA ARG B 98 -3.64 7.99 11.07
C ARG B 98 -4.36 6.65 11.08
N PHE B 99 -3.93 5.76 10.19
CA PHE B 99 -4.54 4.43 10.08
C PHE B 99 -3.76 3.40 10.90
N THR B 100 -4.47 2.69 11.76
CA THR B 100 -3.87 1.62 12.56
C THR B 100 -4.64 0.33 12.42
N HIS B 101 -3.97 -0.73 12.00
CA HIS B 101 -4.55 -2.06 11.96
C HIS B 101 -3.74 -3.05 12.79
N SER B 102 -4.30 -3.47 13.92
CA SER B 102 -3.54 -4.16 14.95
C SER B 102 -4.08 -5.56 15.19
N ASN B 103 -3.46 -6.29 16.12
CA ASN B 103 -3.88 -7.64 16.45
C ASN B 103 -3.56 -8.60 15.31
N TRP B 104 -2.39 -8.44 14.70
CA TRP B 104 -1.89 -9.39 13.73
C TRP B 104 -0.96 -10.41 14.38
N HIS B 105 -1.09 -11.67 13.95
CA HIS B 105 -0.20 -12.72 14.42
C HIS B 105 1.18 -12.60 13.77
N GLU B 106 1.20 -12.52 12.45
CA GLU B 106 2.45 -12.41 11.71
C GLU B 106 2.27 -11.59 10.44
N THR B 107 3.37 -11.08 9.91
CA THR B 107 3.34 -10.27 8.69
C THR B 107 3.14 -11.12 7.45
N THR B 108 1.92 -11.61 7.26
CA THR B 108 1.60 -12.49 6.14
C THR B 108 1.16 -11.68 4.92
N ASP B 109 0.86 -12.38 3.84
CA ASP B 109 0.51 -11.74 2.58
C ASP B 109 -0.83 -11.00 2.69
N PHE B 110 -1.81 -11.66 3.31
CA PHE B 110 -3.11 -11.06 3.51
C PHE B 110 -3.01 -9.72 4.23
N MET B 111 -2.15 -9.67 5.24
CA MET B 111 -1.94 -8.44 6.00
C MET B 111 -1.48 -7.31 5.10
N ALA B 112 -0.44 -7.55 4.32
CA ALA B 112 0.16 -6.53 3.48
C ALA B 112 -0.78 -6.12 2.35
N HIS B 113 -1.49 -7.09 1.79
CA HIS B 113 -2.40 -6.83 0.69
C HIS B 113 -3.51 -5.86 1.11
N CYS B 114 -4.12 -6.12 2.25
CA CYS B 114 -5.16 -5.25 2.79
C CYS B 114 -4.61 -3.88 3.14
N ASN B 115 -3.41 -3.87 3.72
CA ASN B 115 -2.77 -2.62 4.12
C ASN B 115 -2.66 -1.66 2.94
N THR B 116 -2.18 -2.17 1.81
CA THR B 116 -1.97 -1.35 0.62
C THR B 116 -3.30 -0.98 -0.02
N LYS B 117 -4.30 -1.84 0.13
CA LYS B 117 -5.65 -1.54 -0.31
C LYS B 117 -6.23 -0.37 0.49
N TRP B 118 -5.95 -0.34 1.78
CA TRP B 118 -6.42 0.73 2.65
C TRP B 118 -5.81 2.06 2.26
N ALA B 119 -4.54 2.04 1.85
CA ALA B 119 -3.86 3.24 1.40
C ALA B 119 -4.46 3.76 0.10
N VAL B 120 -4.80 2.83 -0.80
CA VAL B 120 -5.47 3.19 -2.04
C VAL B 120 -6.87 3.74 -1.78
N PHE B 121 -7.55 3.15 -0.80
CA PHE B 121 -8.88 3.61 -0.42
C PHE B 121 -8.86 5.06 0.04
N LEU B 122 -7.91 5.40 0.89
CA LEU B 122 -7.77 6.77 1.39
C LEU B 122 -7.33 7.72 0.29
N LEU B 123 -6.38 7.27 -0.52
CA LEU B 123 -6.01 8.00 -1.73
C LEU B 123 -7.23 8.40 -2.54
N SER B 124 -8.12 7.42 -2.79
CA SER B 124 -9.35 7.68 -3.52
C SER B 124 -10.25 8.67 -2.77
N LEU B 125 -10.30 8.52 -1.45
CA LEU B 125 -11.02 9.46 -0.60
C LEU B 125 -10.47 10.87 -0.74
N LYS B 126 -9.15 10.95 -1.00
CA LYS B 126 -8.47 12.24 -1.05
C LYS B 126 -8.78 12.99 -2.34
N ASP B 127 -8.74 12.26 -3.46
CA ASP B 127 -9.09 12.83 -4.75
C ASP B 127 -10.59 13.13 -4.84
N ALA B 128 -11.39 12.30 -4.19
CA ALA B 128 -12.83 12.50 -4.15
C ALA B 128 -13.17 13.78 -3.40
N LEU B 129 -12.52 13.99 -2.26
CA LEU B 129 -12.81 15.15 -1.42
C LEU B 129 -12.23 16.43 -2.02
N GLU B 130 -11.01 16.33 -2.51
CA GLU B 130 -10.32 17.50 -3.07
C GLU B 130 -10.97 17.96 -4.37
N ILE B 131 -11.15 17.03 -5.30
CA ILE B 131 -11.67 17.36 -6.62
C ILE B 131 -13.06 16.81 -6.82
N GLY B 132 -13.22 15.50 -6.61
CA GLY B 132 -14.46 14.81 -6.95
C GLY B 132 -14.21 13.69 -7.96
N LYS B 133 -12.96 13.24 -8.04
CA LYS B 133 -12.58 12.24 -9.02
C LYS B 133 -13.17 10.88 -8.69
N GLY B 134 -13.37 10.62 -7.40
CA GLY B 134 -13.96 9.37 -6.94
C GLY B 134 -15.38 9.20 -7.45
N MET A 1 13.17 -8.45 14.44
CA MET A 1 12.94 -7.14 13.86
C MET A 1 11.65 -7.11 13.06
N VAL A 2 11.43 -6.01 12.35
CA VAL A 2 10.23 -5.85 11.53
C VAL A 2 10.56 -5.92 10.05
N ASN A 3 9.70 -6.59 9.29
CA ASN A 3 9.81 -6.61 7.84
C ASN A 3 8.47 -6.36 7.18
N ILE A 4 8.50 -5.97 5.91
CA ILE A 4 7.27 -5.72 5.15
C ILE A 4 7.23 -6.57 3.89
N ASN A 5 6.20 -7.39 3.78
CA ASN A 5 6.05 -8.30 2.64
C ASN A 5 4.67 -8.20 2.02
N HIS A 6 4.62 -7.67 0.80
CA HIS A 6 3.35 -7.53 0.08
C HIS A 6 3.52 -7.86 -1.39
N ARG A 7 2.40 -7.94 -2.11
CA ARG A 7 2.41 -8.39 -3.50
C ARG A 7 1.28 -7.75 -4.28
N ILE A 8 1.42 -7.74 -5.60
CA ILE A 8 0.38 -7.23 -6.48
C ILE A 8 0.38 -7.94 -7.83
N GLY A 9 -0.81 -8.25 -8.34
CA GLY A 9 -0.93 -8.88 -9.65
C GLY A 9 -0.89 -7.85 -10.76
N ILE A 10 -0.13 -8.15 -11.81
CA ILE A 10 -0.01 -7.26 -12.96
C ILE A 10 -0.27 -8.01 -14.26
N LYS A 11 -1.08 -7.41 -15.14
CA LYS A 11 -1.40 -8.01 -16.42
C LYS A 11 -0.26 -7.82 -17.42
N ALA A 12 0.86 -8.47 -17.16
CA ALA A 12 2.02 -8.36 -18.03
C ALA A 12 2.99 -9.52 -17.82
N SER A 13 3.88 -9.74 -18.77
CA SER A 13 4.85 -10.83 -18.69
C SER A 13 5.92 -10.54 -17.65
N PRO A 14 6.53 -11.59 -17.12
CA PRO A 14 7.63 -11.45 -16.19
C PRO A 14 8.85 -10.82 -16.85
N GLU A 15 8.89 -10.90 -18.18
CA GLU A 15 9.96 -10.28 -18.96
C GLU A 15 9.80 -8.76 -19.00
N LYS A 16 8.57 -8.32 -19.22
CA LYS A 16 8.28 -6.89 -19.24
C LYS A 16 8.48 -6.26 -17.87
N ILE A 17 8.06 -6.98 -16.83
CA ILE A 17 8.20 -6.49 -15.47
C ILE A 17 9.66 -6.44 -15.03
N TYR A 18 10.38 -7.51 -15.34
CA TYR A 18 11.81 -7.59 -15.02
C TYR A 18 12.58 -6.44 -15.67
N GLN A 19 12.36 -6.26 -16.96
CA GLN A 19 13.03 -5.19 -17.71
C GLN A 19 12.67 -3.82 -17.13
N ALA A 20 11.42 -3.66 -16.74
CA ALA A 20 10.96 -2.41 -16.15
C ALA A 20 11.72 -2.09 -14.87
N LEU A 21 12.26 -3.13 -14.22
CA LEU A 21 12.97 -2.96 -12.97
C LEU A 21 14.47 -2.83 -13.20
N THR A 22 14.92 -3.22 -14.39
CA THR A 22 16.34 -3.26 -14.70
C THR A 22 16.69 -2.33 -15.85
N THR A 23 15.71 -1.53 -16.27
CA THR A 23 15.94 -0.51 -17.28
C THR A 23 15.54 0.86 -16.77
N ASP A 24 16.45 1.83 -16.92
CA ASP A 24 16.20 3.19 -16.46
C ASP A 24 14.97 3.79 -17.14
N ASP A 25 14.88 3.61 -18.45
CA ASP A 25 13.75 4.13 -19.21
C ASP A 25 12.44 3.49 -18.77
N GLY A 26 12.52 2.24 -18.31
CA GLY A 26 11.34 1.53 -17.83
C GLY A 26 10.93 2.03 -16.46
N LEU A 27 11.91 2.33 -15.61
CA LEU A 27 11.64 2.86 -14.28
C LEU A 27 11.00 4.24 -14.34
N LYS A 28 11.51 5.08 -15.22
CA LYS A 28 11.07 6.47 -15.30
C LYS A 28 9.59 6.56 -15.61
N LYS A 29 9.04 5.50 -16.19
CA LYS A 29 7.64 5.49 -16.59
C LYS A 29 6.71 5.59 -15.38
N TRP A 30 7.22 5.21 -14.22
CA TRP A 30 6.42 5.18 -13.00
C TRP A 30 7.25 5.62 -11.79
N TRP A 31 8.47 6.08 -12.05
CA TRP A 31 9.28 6.72 -11.03
C TRP A 31 9.45 8.21 -11.32
N THR A 32 10.64 8.59 -11.78
CA THR A 32 10.98 9.98 -11.96
C THR A 32 11.41 10.28 -13.40
N ASN A 33 11.80 11.51 -13.66
CA ASN A 33 12.17 11.93 -15.01
C ASN A 33 13.68 11.82 -15.22
N ASP A 34 14.40 11.49 -14.16
CA ASP A 34 15.85 11.40 -14.22
C ASP A 34 16.37 10.21 -13.41
N ILE A 35 16.62 9.10 -14.09
CA ILE A 35 17.15 7.91 -13.45
C ILE A 35 18.40 7.41 -14.17
N SER A 36 19.44 7.08 -13.40
CA SER A 36 20.70 6.65 -13.97
C SER A 36 21.27 5.44 -13.23
N GLY A 37 21.50 4.36 -13.96
CA GLY A 37 22.10 3.17 -13.39
C GLY A 37 21.53 1.90 -14.03
N ALA A 38 21.32 0.87 -13.22
CA ALA A 38 20.72 -0.36 -13.68
C ALA A 38 21.55 -1.01 -14.78
N GLY A 39 22.84 -1.18 -14.52
CA GLY A 39 23.70 -1.96 -15.39
C GLY A 39 23.82 -3.40 -14.90
N VAL A 40 25.03 -3.95 -14.96
CA VAL A 40 25.31 -5.28 -14.42
C VAL A 40 25.37 -5.25 -12.91
N VAL A 41 25.39 -6.42 -12.30
CA VAL A 41 25.49 -6.53 -10.85
C VAL A 41 26.70 -5.77 -10.31
N GLY A 42 26.46 -4.91 -9.33
CA GLY A 42 27.48 -3.96 -8.87
C GLY A 42 27.12 -2.54 -9.24
N SER A 43 26.33 -2.39 -10.29
CA SER A 43 25.85 -1.07 -10.71
C SER A 43 24.85 -0.50 -9.72
N THR A 44 24.88 0.82 -9.54
CA THR A 44 24.00 1.48 -8.59
C THR A 44 22.97 2.34 -9.32
N ILE A 45 21.71 2.19 -8.92
CA ILE A 45 20.62 2.98 -9.51
C ILE A 45 20.36 4.23 -8.69
N LYS A 46 20.43 5.39 -9.34
CA LYS A 46 20.12 6.66 -8.70
C LYS A 46 18.80 7.23 -9.19
N PHE A 47 17.93 7.60 -8.26
CA PHE A 47 16.65 8.21 -8.61
C PHE A 47 16.66 9.71 -8.35
N ARG A 48 15.80 10.43 -9.04
CA ARG A 48 15.68 11.87 -8.86
C ARG A 48 15.02 12.22 -7.54
N PHE A 49 15.50 13.26 -6.88
CA PHE A 49 14.94 13.72 -5.62
C PHE A 49 15.34 15.16 -5.32
N ASN A 50 14.42 15.90 -4.72
CA ASN A 50 14.60 17.34 -4.54
C ASN A 50 15.91 17.65 -3.82
N GLY A 51 16.17 16.90 -2.74
CA GLY A 51 17.41 17.05 -2.00
C GLY A 51 18.52 16.22 -2.63
N GLY A 52 18.72 15.01 -2.11
CA GLY A 52 19.69 14.09 -2.67
C GLY A 52 19.02 12.84 -3.20
N GLY A 53 19.42 12.42 -4.40
CA GLY A 53 18.84 11.24 -5.04
C GLY A 53 19.21 9.97 -4.30
N PRO A 54 18.21 9.14 -4.00
CA PRO A 54 18.43 7.89 -3.30
C PRO A 54 19.13 6.87 -4.18
N ASP A 55 19.98 6.05 -3.57
CA ASP A 55 20.79 5.09 -4.32
C ASP A 55 20.40 3.66 -3.97
N PHE A 56 20.27 2.82 -5.00
CA PHE A 56 19.99 1.40 -4.80
C PHE A 56 20.96 0.53 -5.57
N LYS A 57 21.86 -0.13 -4.85
CA LYS A 57 22.89 -0.96 -5.48
C LYS A 57 22.32 -2.32 -5.89
N VAL A 58 22.64 -2.75 -7.10
CA VAL A 58 22.20 -4.05 -7.59
C VAL A 58 23.15 -5.16 -7.12
N THR A 59 22.63 -6.06 -6.29
CA THR A 59 23.47 -7.03 -5.60
C THR A 59 23.24 -8.43 -6.13
N LYS A 60 22.16 -8.61 -6.87
CA LYS A 60 21.84 -9.90 -7.47
C LYS A 60 20.82 -9.76 -8.59
N LEU A 61 21.07 -10.46 -9.70
CA LEU A 61 20.14 -10.45 -10.82
C LEU A 61 19.89 -11.88 -11.33
N ILE A 62 18.65 -12.33 -11.20
CA ILE A 62 18.23 -13.58 -11.82
C ILE A 62 17.29 -13.31 -12.99
N PRO A 63 17.63 -13.84 -14.16
CA PRO A 63 16.92 -13.53 -15.39
C PRO A 63 15.42 -13.72 -15.22
N ASN A 64 14.68 -12.62 -15.22
CA ASN A 64 13.22 -12.68 -15.27
C ASN A 64 12.65 -13.43 -14.08
N LYS A 65 13.33 -13.33 -12.94
CA LYS A 65 12.86 -13.96 -11.71
C LYS A 65 13.05 -13.04 -10.51
N THR A 66 14.29 -12.60 -10.29
CA THR A 66 14.66 -11.93 -9.06
C THR A 66 15.50 -10.70 -9.33
N VAL A 67 15.13 -9.57 -8.72
CA VAL A 67 16.01 -8.42 -8.64
C VAL A 67 16.23 -8.00 -7.19
N CYS A 68 17.49 -7.90 -6.79
CA CYS A 68 17.83 -7.56 -5.40
C CYS A 68 18.56 -6.23 -5.34
N TRP A 69 17.97 -5.27 -4.63
CA TRP A 69 18.63 -3.99 -4.38
C TRP A 69 19.10 -3.90 -2.93
N GLN A 70 20.16 -3.12 -2.72
CA GLN A 70 20.54 -2.69 -1.37
C GLN A 70 20.54 -1.17 -1.27
N HIS A 71 19.84 -0.65 -0.27
CA HIS A 71 19.65 0.78 -0.11
C HIS A 71 20.99 1.47 0.16
N ALA A 72 21.11 2.71 -0.32
CA ALA A 72 22.27 3.54 0.00
C ALA A 72 21.93 5.03 -0.11
N GLY A 73 22.68 5.85 0.61
CA GLY A 73 22.45 7.29 0.59
C GLY A 73 23.05 7.95 1.83
N ASN A 74 22.56 9.15 2.15
CA ASN A 74 23.02 9.87 3.33
C ASN A 74 22.08 9.63 4.51
N MET A 75 21.12 8.72 4.32
CA MET A 75 20.19 8.37 5.39
C MET A 75 20.92 7.70 6.55
N PRO A 76 20.28 7.71 7.72
CA PRO A 76 20.82 7.03 8.89
C PRO A 76 21.16 5.58 8.57
N GLU A 77 22.13 5.03 9.30
CA GLU A 77 22.62 3.69 9.03
C GLU A 77 21.51 2.65 9.17
N SER A 78 20.54 2.94 10.04
CA SER A 78 19.40 2.06 10.24
C SER A 78 18.54 1.96 8.99
N TRP A 79 18.57 3.01 8.19
CA TRP A 79 17.80 3.04 6.95
C TRP A 79 18.62 2.55 5.77
N MET A 80 19.93 2.77 5.84
CA MET A 80 20.84 2.34 4.78
C MET A 80 21.03 0.83 4.79
N GLY A 81 21.00 0.26 5.98
CA GLY A 81 21.23 -1.18 6.14
C GLY A 81 19.96 -1.97 5.86
N THR A 82 19.34 -1.71 4.70
CA THR A 82 18.13 -2.41 4.31
C THR A 82 18.19 -2.84 2.85
N GLU A 83 17.40 -3.86 2.51
CA GLU A 83 17.45 -4.44 1.18
C GLU A 83 16.04 -4.55 0.58
N ILE A 84 15.97 -4.63 -0.74
CA ILE A 84 14.70 -4.79 -1.44
C ILE A 84 14.73 -5.98 -2.39
N SER A 85 13.72 -6.82 -2.30
CA SER A 85 13.62 -8.00 -3.15
C SER A 85 12.45 -7.90 -4.11
N PHE A 86 12.70 -8.18 -5.38
CA PHE A 86 11.63 -8.24 -6.38
C PHE A 86 11.48 -9.65 -6.92
N GLN A 87 10.57 -10.42 -6.32
CA GLN A 87 10.33 -11.80 -6.72
C GLN A 87 9.13 -11.91 -7.64
N LEU A 88 9.35 -12.40 -8.86
CA LEU A 88 8.27 -12.60 -9.82
C LEU A 88 7.71 -14.00 -9.74
N GLU A 89 6.38 -14.12 -9.76
CA GLU A 89 5.73 -15.41 -9.81
C GLU A 89 4.80 -15.53 -11.01
N THR A 90 5.13 -16.42 -11.94
CA THR A 90 4.39 -16.57 -13.17
C THR A 90 3.01 -17.18 -12.92
N VAL A 91 1.98 -16.56 -13.46
CA VAL A 91 0.63 -17.07 -13.35
C VAL A 91 0.01 -17.30 -14.73
N GLU A 92 -0.84 -18.30 -14.83
CA GLU A 92 -1.44 -18.68 -16.11
C GLU A 92 -1.88 -17.44 -16.89
N ASN A 93 -2.57 -16.53 -16.20
CA ASN A 93 -3.15 -15.36 -16.86
C ASN A 93 -2.24 -14.14 -16.70
N GLN A 94 -1.72 -13.96 -15.49
CA GLN A 94 -1.00 -12.73 -15.15
C GLN A 94 0.39 -13.05 -14.62
N THR A 95 1.08 -12.02 -14.13
CA THR A 95 2.30 -12.21 -13.35
C THR A 95 2.22 -11.48 -12.01
N PHE A 96 2.59 -12.18 -10.94
CA PHE A 96 2.51 -11.62 -9.60
C PHE A 96 3.85 -11.04 -9.16
N VAL A 97 3.81 -9.83 -8.64
CA VAL A 97 5.03 -9.17 -8.14
C VAL A 97 5.08 -9.18 -6.62
N ARG A 98 6.11 -9.83 -6.09
CA ARG A 98 6.31 -9.90 -4.64
C ARG A 98 7.38 -8.92 -4.18
N PHE A 99 6.96 -7.90 -3.43
CA PHE A 99 7.89 -6.90 -2.92
C PHE A 99 8.19 -7.12 -1.44
N THR A 100 9.46 -7.37 -1.15
CA THR A 100 9.89 -7.60 0.23
C THR A 100 10.96 -6.59 0.65
N HIS A 101 10.74 -5.95 1.79
CA HIS A 101 11.75 -5.09 2.39
C HIS A 101 11.83 -5.28 3.90
N SER A 102 13.01 -5.67 4.38
CA SER A 102 13.17 -6.05 5.78
C SER A 102 14.12 -5.10 6.51
N ASN A 103 14.51 -5.47 7.72
CA ASN A 103 15.47 -4.70 8.48
C ASN A 103 14.88 -3.37 8.94
N TRP A 104 13.62 -3.41 9.37
CA TRP A 104 13.00 -2.27 10.03
C TRP A 104 13.22 -2.33 11.54
N HIS A 105 13.75 -1.24 12.09
CA HIS A 105 14.07 -1.18 13.51
C HIS A 105 12.88 -0.70 14.33
N GLU A 106 12.10 0.21 13.75
CA GLU A 106 10.96 0.80 14.45
C GLU A 106 9.87 1.20 13.46
N THR A 107 8.62 0.96 13.86
CA THR A 107 7.48 1.30 13.02
C THR A 107 7.19 2.80 13.06
N THR A 108 8.03 3.57 12.39
CA THR A 108 7.90 5.03 12.37
C THR A 108 7.04 5.48 11.20
N ASP A 109 6.75 6.77 11.14
CA ASP A 109 5.95 7.34 10.05
C ASP A 109 6.69 7.24 8.73
N PHE A 110 8.02 7.23 8.79
CA PHE A 110 8.84 6.99 7.61
C PHE A 110 8.53 5.62 7.01
N MET A 111 8.35 4.62 7.86
CA MET A 111 7.98 3.28 7.43
C MET A 111 6.60 3.28 6.78
N ALA A 112 5.66 3.97 7.42
CA ALA A 112 4.32 4.15 6.86
C ALA A 112 4.39 4.77 5.48
N HIS A 113 5.26 5.77 5.32
CA HIS A 113 5.40 6.46 4.05
C HIS A 113 5.85 5.49 2.95
N CYS A 114 6.85 4.68 3.25
CA CYS A 114 7.39 3.74 2.28
C CYS A 114 6.34 2.74 1.83
N ASN A 115 5.65 2.15 2.80
CA ASN A 115 4.65 1.13 2.50
C ASN A 115 3.56 1.67 1.59
N THR A 116 2.99 2.81 1.96
CA THR A 116 1.95 3.44 1.16
C THR A 116 2.43 3.74 -0.26
N LYS A 117 3.64 4.30 -0.35
CA LYS A 117 4.20 4.71 -1.64
C LYS A 117 4.49 3.49 -2.52
N TRP A 118 4.90 2.40 -1.89
CA TRP A 118 5.27 1.19 -2.63
C TRP A 118 4.08 0.66 -3.43
N ALA A 119 2.92 0.65 -2.81
CA ALA A 119 1.70 0.15 -3.46
C ALA A 119 1.30 1.05 -4.64
N VAL A 120 1.46 2.36 -4.46
CA VAL A 120 1.15 3.31 -5.51
C VAL A 120 2.14 3.19 -6.67
N PHE A 121 3.40 2.96 -6.34
CA PHE A 121 4.44 2.81 -7.35
C PHE A 121 4.15 1.61 -8.25
N LEU A 122 3.82 0.49 -7.63
CA LEU A 122 3.54 -0.74 -8.38
C LEU A 122 2.24 -0.62 -9.17
N LEU A 123 1.25 0.03 -8.58
CA LEU A 123 0.02 0.37 -9.29
C LEU A 123 0.33 1.13 -10.57
N SER A 124 1.24 2.10 -10.48
CA SER A 124 1.68 2.85 -11.65
C SER A 124 2.40 1.95 -12.65
N LEU A 125 3.22 1.04 -12.13
CA LEU A 125 3.87 0.04 -12.96
C LEU A 125 2.85 -0.81 -13.70
N LYS A 126 1.72 -1.07 -13.06
CA LYS A 126 0.70 -1.94 -13.62
C LYS A 126 -0.06 -1.27 -14.75
N ASP A 127 -0.41 -0.01 -14.55
CA ASP A 127 -1.12 0.77 -15.57
C ASP A 127 -0.19 1.09 -16.74
N ALA A 128 1.09 1.28 -16.44
CA ALA A 128 2.09 1.52 -17.49
C ALA A 128 2.25 0.30 -18.39
N LEU A 129 2.35 -0.87 -17.77
CA LEU A 129 2.57 -2.10 -18.51
C LEU A 129 1.31 -2.52 -19.26
N GLU A 130 0.16 -2.42 -18.60
CA GLU A 130 -1.09 -2.87 -19.17
C GLU A 130 -1.55 -1.96 -20.29
N ILE A 131 -1.59 -0.66 -20.02
CA ILE A 131 -2.12 0.30 -20.97
C ILE A 131 -1.00 1.18 -21.54
N GLY A 132 -0.21 1.77 -20.66
CA GLY A 132 0.77 2.77 -21.05
C GLY A 132 0.46 4.13 -20.43
N LYS A 133 -0.27 4.12 -19.32
CA LYS A 133 -0.70 5.35 -18.67
C LYS A 133 0.46 6.04 -17.98
N GLY A 134 1.45 5.24 -17.54
CA GLY A 134 2.63 5.78 -16.90
C GLY A 134 3.39 6.71 -17.82
N MET B 1 2.84 -10.76 18.16
CA MET B 1 2.15 -10.99 16.89
C MET B 1 2.55 -9.94 15.86
N VAL B 2 1.86 -9.95 14.72
CA VAL B 2 2.13 -9.00 13.65
C VAL B 2 1.01 -7.97 13.54
N ASN B 3 1.39 -6.72 13.30
CA ASN B 3 0.42 -5.68 13.01
C ASN B 3 0.85 -4.83 11.82
N ILE B 4 -0.09 -4.12 11.22
CA ILE B 4 0.20 -3.26 10.08
C ILE B 4 -0.24 -1.82 10.35
N ASN B 5 0.71 -0.90 10.30
CA ASN B 5 0.44 0.50 10.59
C ASN B 5 0.98 1.42 9.49
N HIS B 6 0.08 2.04 8.74
CA HIS B 6 0.46 2.95 7.69
C HIS B 6 -0.45 4.17 7.64
N ARG B 7 -0.08 5.16 6.83
CA ARG B 7 -0.79 6.44 6.81
C ARG B 7 -0.71 7.07 5.43
N ILE B 8 -1.63 8.00 5.17
CA ILE B 8 -1.64 8.74 3.91
C ILE B 8 -2.21 10.14 4.11
N GLY B 9 -1.59 11.13 3.47
CA GLY B 9 -2.07 12.50 3.51
C GLY B 9 -3.18 12.73 2.48
N ILE B 10 -4.24 13.39 2.92
CA ILE B 10 -5.36 13.70 2.02
C ILE B 10 -5.70 15.19 2.07
N LYS B 11 -5.90 15.79 0.90
CA LYS B 11 -6.26 17.20 0.83
C LYS B 11 -7.73 17.42 1.12
N ALA B 12 -8.13 17.18 2.37
CA ALA B 12 -9.51 17.35 2.78
C ALA B 12 -9.62 17.49 4.29
N SER B 13 -10.75 18.00 4.76
CA SER B 13 -10.98 18.19 6.19
C SER B 13 -11.20 16.87 6.90
N PRO B 14 -10.91 16.85 8.20
CA PRO B 14 -11.15 15.67 9.02
C PRO B 14 -12.64 15.37 9.13
N GLU B 15 -13.47 16.39 8.87
CA GLU B 15 -14.90 16.22 8.87
C GLU B 15 -15.37 15.46 7.64
N LYS B 16 -14.83 15.82 6.48
CA LYS B 16 -15.15 15.14 5.23
C LYS B 16 -14.67 13.69 5.26
N ILE B 17 -13.48 13.47 5.79
CA ILE B 17 -12.90 12.14 5.86
C ILE B 17 -13.67 11.26 6.86
N TYR B 18 -13.98 11.82 8.03
CA TYR B 18 -14.74 11.11 9.03
C TYR B 18 -16.10 10.67 8.50
N GLN B 19 -16.82 11.61 7.89
CA GLN B 19 -18.12 11.31 7.31
C GLN B 19 -18.03 10.25 6.23
N ALA B 20 -16.96 10.32 5.43
CA ALA B 20 -16.74 9.35 4.37
C ALA B 20 -16.60 7.94 4.94
N LEU B 21 -16.19 7.85 6.21
CA LEU B 21 -15.98 6.56 6.85
C LEU B 21 -17.21 6.12 7.63
N THR B 22 -18.11 7.06 7.89
CA THR B 22 -19.27 6.79 8.71
C THR B 22 -20.57 6.99 7.93
N THR B 23 -20.44 7.21 6.63
CA THR B 23 -21.60 7.31 5.75
C THR B 23 -21.51 6.30 4.61
N ASP B 24 -22.58 5.54 4.42
CA ASP B 24 -22.63 4.52 3.38
C ASP B 24 -22.40 5.13 2.00
N ASP B 25 -23.09 6.23 1.74
CA ASP B 25 -22.95 6.92 0.46
C ASP B 25 -21.54 7.43 0.24
N GLY B 26 -20.86 7.76 1.33
CA GLY B 26 -19.48 8.23 1.26
C GLY B 26 -18.52 7.08 0.98
N LEU B 27 -18.79 5.93 1.58
CA LEU B 27 -17.98 4.74 1.37
C LEU B 27 -18.07 4.26 -0.06
N LYS B 28 -19.28 4.25 -0.60
CA LYS B 28 -19.53 3.68 -1.92
C LYS B 28 -18.71 4.39 -2.99
N LYS B 29 -18.31 5.62 -2.69
CA LYS B 29 -17.58 6.43 -3.66
C LYS B 29 -16.23 5.82 -3.99
N TRP B 30 -15.72 4.99 -3.08
CA TRP B 30 -14.40 4.39 -3.24
C TRP B 30 -14.39 2.95 -2.75
N TRP B 31 -15.56 2.43 -2.40
CA TRP B 31 -15.73 1.01 -2.11
C TRP B 31 -16.57 0.33 -3.19
N THR B 32 -17.82 0.04 -2.85
CA THR B 32 -18.69 -0.74 -3.73
C THR B 32 -19.97 0.00 -4.05
N ASN B 33 -20.86 -0.65 -4.79
CA ASN B 33 -22.10 -0.02 -5.22
C ASN B 33 -23.25 -0.34 -4.27
N ASP B 34 -22.98 -1.20 -3.30
CA ASP B 34 -23.99 -1.64 -2.34
C ASP B 34 -23.42 -1.75 -0.94
N ILE B 35 -23.60 -0.71 -0.13
CA ILE B 35 -23.15 -0.72 1.25
C ILE B 35 -24.28 -0.36 2.20
N SER B 36 -24.40 -1.11 3.28
CA SER B 36 -25.48 -0.92 4.25
C SER B 36 -24.98 -0.99 5.68
N GLY B 37 -25.20 0.08 6.43
CA GLY B 37 -24.83 0.11 7.84
C GLY B 37 -24.37 1.50 8.25
N ALA B 38 -23.35 1.54 9.11
CA ALA B 38 -22.76 2.82 9.52
C ALA B 38 -23.78 3.70 10.24
N GLY B 39 -24.46 3.12 11.23
CA GLY B 39 -25.31 3.89 12.12
C GLY B 39 -24.56 4.28 13.39
N VAL B 40 -25.25 4.21 14.53
CA VAL B 40 -24.62 4.46 15.82
C VAL B 40 -23.74 3.28 16.23
N VAL B 41 -22.95 3.49 17.28
CA VAL B 41 -22.08 2.44 17.79
C VAL B 41 -22.87 1.17 18.11
N GLY B 42 -22.41 0.05 17.58
CA GLY B 42 -23.19 -1.19 17.64
C GLY B 42 -23.68 -1.59 16.26
N SER B 43 -23.82 -0.61 15.37
CA SER B 43 -24.24 -0.87 14.00
C SER B 43 -23.13 -1.55 13.21
N THR B 44 -23.53 -2.44 12.31
CA THR B 44 -22.57 -3.20 11.50
C THR B 44 -22.61 -2.78 10.05
N ILE B 45 -21.43 -2.52 9.48
CA ILE B 45 -21.33 -2.13 8.07
C ILE B 45 -21.10 -3.35 7.19
N LYS B 46 -21.97 -3.54 6.20
CA LYS B 46 -21.82 -4.63 5.24
C LYS B 46 -21.42 -4.09 3.87
N PHE B 47 -20.37 -4.68 3.30
CA PHE B 47 -19.91 -4.29 1.97
C PHE B 47 -20.31 -5.34 0.93
N ARG B 48 -20.39 -4.92 -0.32
CA ARG B 48 -20.72 -5.82 -1.42
C ARG B 48 -19.57 -6.75 -1.74
N PHE B 49 -19.89 -8.00 -2.04
CA PHE B 49 -18.88 -8.99 -2.40
C PHE B 49 -19.50 -10.16 -3.15
N ASN B 50 -18.75 -10.70 -4.11
CA ASN B 50 -19.29 -11.71 -5.02
C ASN B 50 -19.87 -12.89 -4.25
N GLY B 51 -19.12 -13.36 -3.26
CA GLY B 51 -19.58 -14.45 -2.41
C GLY B 51 -20.44 -13.93 -1.27
N GLY B 52 -19.81 -13.71 -0.11
CA GLY B 52 -20.50 -13.12 1.03
C GLY B 52 -19.91 -11.77 1.40
N GLY B 53 -20.77 -10.80 1.65
CA GLY B 53 -20.33 -9.45 2.00
C GLY B 53 -19.67 -9.42 3.37
N PRO B 54 -18.49 -8.81 3.43
CA PRO B 54 -17.75 -8.71 4.68
C PRO B 54 -18.42 -7.74 5.65
N ASP B 55 -18.34 -8.03 6.94
CA ASP B 55 -19.00 -7.24 7.95
C ASP B 55 -17.99 -6.54 8.86
N PHE B 56 -18.25 -5.27 9.14
CA PHE B 56 -17.40 -4.51 10.07
C PHE B 56 -18.25 -3.79 11.11
N LYS B 57 -18.18 -4.28 12.35
CA LYS B 57 -18.97 -3.73 13.44
C LYS B 57 -18.34 -2.45 13.98
N VAL B 58 -19.16 -1.43 14.20
CA VAL B 58 -18.69 -0.18 14.77
C VAL B 58 -18.64 -0.24 16.29
N THR B 59 -17.45 -0.16 16.85
CA THR B 59 -17.25 -0.44 18.27
C THR B 59 -16.91 0.83 19.03
N LYS B 60 -16.54 1.87 18.31
CA LYS B 60 -16.21 3.16 18.91
C LYS B 60 -16.25 4.28 17.88
N LEU B 61 -16.86 5.40 18.27
CA LEU B 61 -16.91 6.58 17.40
C LEU B 61 -16.54 7.84 18.17
N ILE B 62 -15.42 8.45 17.78
CA ILE B 62 -15.06 9.78 18.29
C ILE B 62 -15.21 10.83 17.20
N PRO B 63 -15.99 11.87 17.50
CA PRO B 63 -16.37 12.87 16.51
C PRO B 63 -15.15 13.41 15.77
N ASN B 64 -15.03 13.04 14.49
CA ASN B 64 -14.03 13.65 13.62
C ASN B 64 -12.63 13.40 14.13
N LYS B 65 -12.43 12.25 14.77
CA LYS B 65 -11.11 11.86 15.27
C LYS B 65 -10.83 10.38 15.01
N THR B 66 -11.73 9.53 15.52
CA THR B 66 -11.46 8.10 15.56
C THR B 66 -12.67 7.29 15.10
N VAL B 67 -12.44 6.35 14.19
CA VAL B 67 -13.43 5.32 13.91
C VAL B 67 -12.84 3.92 14.10
N CYS B 68 -13.50 3.11 14.91
CA CYS B 68 -13.01 1.78 15.23
C CYS B 68 -13.96 0.70 14.71
N TRP B 69 -13.45 -0.14 13.82
CA TRP B 69 -14.22 -1.30 13.34
C TRP B 69 -13.70 -2.59 13.94
N GLN B 70 -14.59 -3.57 14.07
CA GLN B 70 -14.18 -4.94 14.34
C GLN B 70 -14.66 -5.88 13.23
N HIS B 71 -13.75 -6.66 12.68
CA HIS B 71 -14.05 -7.52 11.54
C HIS B 71 -15.06 -8.59 11.92
N ALA B 72 -15.89 -8.98 10.96
CA ALA B 72 -16.80 -10.10 11.14
C ALA B 72 -17.17 -10.73 9.80
N GLY B 73 -17.55 -12.00 9.83
CA GLY B 73 -17.94 -12.72 8.62
C GLY B 73 -17.83 -14.23 8.82
N ASN B 74 -17.73 -14.96 7.71
CA ASN B 74 -17.57 -16.41 7.77
C ASN B 74 -16.10 -16.81 7.68
N MET B 75 -15.22 -15.82 7.70
CA MET B 75 -13.79 -16.05 7.67
C MET B 75 -13.33 -16.81 8.91
N PRO B 76 -12.16 -17.45 8.81
CA PRO B 76 -11.57 -18.13 9.95
C PRO B 76 -11.48 -17.21 11.16
N GLU B 77 -11.50 -17.79 12.36
CA GLU B 77 -11.52 -17.02 13.59
C GLU B 77 -10.28 -16.14 13.70
N SER B 78 -9.18 -16.59 13.11
CA SER B 78 -7.94 -15.82 13.12
C SER B 78 -8.07 -14.53 12.34
N TRP B 79 -8.97 -14.53 11.36
CA TRP B 79 -9.21 -13.35 10.54
C TRP B 79 -10.34 -12.50 11.11
N MET B 80 -11.28 -13.15 11.78
CA MET B 80 -12.42 -12.47 12.38
C MET B 80 -11.98 -11.69 13.62
N GLY B 81 -11.02 -12.24 14.35
CA GLY B 81 -10.56 -11.62 15.59
C GLY B 81 -9.56 -10.51 15.31
N THR B 82 -9.94 -9.58 14.45
CA THR B 82 -9.09 -8.45 14.11
C THR B 82 -9.87 -7.15 14.10
N GLU B 83 -9.16 -6.03 14.27
CA GLU B 83 -9.81 -4.72 14.38
C GLU B 83 -9.16 -3.72 13.44
N ILE B 84 -9.90 -2.67 13.11
CA ILE B 84 -9.38 -1.59 12.27
C ILE B 84 -9.56 -0.23 12.93
N SER B 85 -8.49 0.55 12.94
CA SER B 85 -8.52 1.88 13.54
C SER B 85 -8.33 2.96 12.50
N PHE B 86 -9.20 3.97 12.52
CA PHE B 86 -9.04 5.13 11.65
C PHE B 86 -8.76 6.39 12.47
N GLN B 87 -7.47 6.70 12.63
CA GLN B 87 -7.05 7.86 13.40
C GLN B 87 -6.74 9.05 12.50
N LEU B 88 -7.46 10.14 12.69
CA LEU B 88 -7.24 11.35 11.92
C LEU B 88 -6.28 12.30 12.64
N GLU B 89 -5.34 12.87 11.90
CA GLU B 89 -4.43 13.87 12.44
C GLU B 89 -4.49 15.16 11.64
N THR B 90 -4.96 16.23 12.27
CA THR B 90 -5.16 17.50 11.59
C THR B 90 -3.83 18.15 11.27
N VAL B 91 -3.67 18.58 10.01
CA VAL B 91 -2.47 19.29 9.59
C VAL B 91 -2.81 20.65 9.02
N GLU B 92 -1.91 21.62 9.22
CA GLU B 92 -2.15 22.99 8.80
C GLU B 92 -2.78 23.04 7.40
N ASN B 93 -2.21 22.26 6.48
CA ASN B 93 -2.64 22.29 5.09
C ASN B 93 -3.61 21.16 4.78
N GLN B 94 -3.30 19.97 5.28
CA GLN B 94 -4.03 18.77 4.90
C GLN B 94 -4.56 18.05 6.14
N THR B 95 -5.11 16.85 5.93
CA THR B 95 -5.41 15.94 7.02
C THR B 95 -4.79 14.56 6.78
N PHE B 96 -4.14 14.03 7.81
CA PHE B 96 -3.45 12.75 7.69
C PHE B 96 -4.31 11.62 8.20
N VAL B 97 -4.42 10.54 7.42
CA VAL B 97 -5.19 9.38 7.80
C VAL B 97 -4.29 8.23 8.24
N ARG B 98 -4.45 7.82 9.50
CA ARG B 98 -3.66 6.72 10.03
C ARG B 98 -4.47 5.43 10.10
N PHE B 99 -4.10 4.45 9.28
CA PHE B 99 -4.79 3.17 9.24
C PHE B 99 -4.01 2.09 9.97
N THR B 100 -4.61 1.55 11.02
CA THR B 100 -3.98 0.50 11.81
C THR B 100 -4.82 -0.76 11.83
N HIS B 101 -4.21 -1.90 11.53
CA HIS B 101 -4.86 -3.19 11.66
C HIS B 101 -3.91 -4.23 12.25
N SER B 102 -4.29 -4.80 13.38
CA SER B 102 -3.40 -5.69 14.13
C SER B 102 -3.96 -7.10 14.20
N ASN B 103 -3.34 -7.94 15.02
CA ASN B 103 -3.83 -9.29 15.25
C ASN B 103 -3.61 -10.16 14.02
N TRP B 104 -2.45 -10.00 13.38
CA TRP B 104 -2.02 -10.90 12.32
C TRP B 104 -1.23 -12.07 12.88
N HIS B 105 -1.65 -13.29 12.56
CA HIS B 105 -1.02 -14.49 13.07
C HIS B 105 0.15 -14.93 12.20
N GLU B 106 -0.01 -14.73 10.88
CA GLU B 106 1.00 -15.17 9.93
C GLU B 106 1.01 -14.27 8.70
N THR B 107 2.22 -13.97 8.20
CA THR B 107 2.37 -13.12 7.03
C THR B 107 2.04 -13.88 5.75
N THR B 108 0.76 -14.14 5.53
CA THR B 108 0.31 -14.89 4.36
C THR B 108 0.02 -13.95 3.19
N ASP B 109 -0.28 -14.54 2.03
CA ASP B 109 -0.61 -13.76 0.84
C ASP B 109 -1.90 -12.98 1.03
N PHE B 110 -2.79 -13.51 1.86
CA PHE B 110 -3.99 -12.79 2.26
C PHE B 110 -3.66 -11.47 2.92
N MET B 111 -2.64 -11.48 3.77
CA MET B 111 -2.17 -10.26 4.42
C MET B 111 -1.60 -9.28 3.40
N ALA B 112 -0.79 -9.80 2.48
CA ALA B 112 -0.28 -9.00 1.37
C ALA B 112 -1.41 -8.35 0.59
N HIS B 113 -2.47 -9.11 0.34
CA HIS B 113 -3.62 -8.60 -0.40
C HIS B 113 -4.25 -7.41 0.30
N CYS B 114 -4.47 -7.55 1.60
CA CYS B 114 -5.10 -6.49 2.39
C CYS B 114 -4.29 -5.21 2.36
N ASN B 115 -2.99 -5.34 2.61
CA ASN B 115 -2.10 -4.18 2.68
C ASN B 115 -2.11 -3.41 1.38
N THR B 116 -1.90 -4.12 0.27
CA THR B 116 -1.89 -3.50 -1.05
C THR B 116 -3.21 -2.81 -1.34
N LYS B 117 -4.32 -3.48 -1.03
CA LYS B 117 -5.65 -2.96 -1.32
C LYS B 117 -5.95 -1.73 -0.47
N TRP B 118 -5.46 -1.73 0.76
CA TRP B 118 -5.73 -0.64 1.69
C TRP B 118 -5.21 0.68 1.14
N ALA B 119 -4.00 0.67 0.59
CA ALA B 119 -3.38 1.87 0.04
C ALA B 119 -4.16 2.37 -1.16
N VAL B 120 -4.63 1.45 -2.00
CA VAL B 120 -5.41 1.81 -3.17
C VAL B 120 -6.77 2.38 -2.77
N PHE B 121 -7.37 1.79 -1.74
CA PHE B 121 -8.66 2.26 -1.24
C PHE B 121 -8.58 3.70 -0.77
N LEU B 122 -7.55 4.00 0.02
CA LEU B 122 -7.38 5.35 0.56
C LEU B 122 -7.00 6.34 -0.53
N LEU B 123 -6.17 5.89 -1.47
CA LEU B 123 -5.89 6.67 -2.67
C LEU B 123 -7.18 7.09 -3.37
N SER B 124 -8.11 6.15 -3.50
CA SER B 124 -9.41 6.43 -4.10
C SER B 124 -10.20 7.42 -3.24
N LEU B 125 -10.12 7.24 -1.92
CA LEU B 125 -10.72 8.19 -0.99
C LEU B 125 -10.16 9.59 -1.19
N LYS B 126 -8.88 9.66 -1.53
CA LYS B 126 -8.20 10.95 -1.65
C LYS B 126 -8.61 11.69 -2.92
N ASP B 127 -8.70 10.95 -4.02
CA ASP B 127 -9.13 11.52 -5.29
C ASP B 127 -10.61 11.88 -5.26
N ALA B 128 -11.39 11.09 -4.54
CA ALA B 128 -12.82 11.36 -4.38
C ALA B 128 -13.04 12.65 -3.60
N LEU B 129 -12.30 12.82 -2.51
CA LEU B 129 -12.47 13.99 -1.64
C LEU B 129 -11.90 15.24 -2.31
N GLU B 130 -10.74 15.10 -2.92
CA GLU B 130 -10.03 16.24 -3.51
C GLU B 130 -10.76 16.73 -4.77
N ILE B 131 -11.02 15.80 -5.69
CA ILE B 131 -11.60 16.16 -6.98
C ILE B 131 -13.05 15.68 -7.08
N GLY B 132 -13.27 14.40 -6.81
CA GLY B 132 -14.56 13.79 -7.04
C GLY B 132 -14.45 12.67 -8.07
N LYS B 133 -13.25 12.13 -8.23
CA LYS B 133 -13.00 11.11 -9.24
C LYS B 133 -13.64 9.78 -8.85
N GLY B 134 -13.76 9.54 -7.55
CA GLY B 134 -14.38 8.32 -7.04
C GLY B 134 -15.83 8.20 -7.51
N MET A 1 12.44 -9.17 13.04
CA MET A 1 12.38 -7.74 12.72
C MET A 1 11.10 -7.39 11.97
N VAL A 2 11.03 -6.16 11.47
CA VAL A 2 9.87 -5.70 10.73
C VAL A 2 10.13 -5.70 9.23
N ASN A 3 9.16 -6.17 8.47
CA ASN A 3 9.23 -6.09 7.01
C ASN A 3 7.92 -5.58 6.42
N ILE A 4 7.98 -5.15 5.16
CA ILE A 4 6.79 -4.69 4.46
C ILE A 4 6.44 -5.60 3.29
N ASN A 5 5.20 -6.09 3.28
CA ASN A 5 4.76 -7.00 2.22
C ASN A 5 3.62 -6.38 1.42
N HIS A 6 3.83 -6.30 0.11
CA HIS A 6 2.83 -5.72 -0.78
C HIS A 6 2.84 -6.39 -2.15
N ARG A 7 1.67 -6.57 -2.74
CA ARG A 7 1.53 -7.34 -3.96
C ARG A 7 0.74 -6.57 -5.02
N ILE A 8 1.03 -6.84 -6.29
CA ILE A 8 0.25 -6.29 -7.39
C ILE A 8 0.24 -7.24 -8.58
N GLY A 9 -0.96 -7.55 -9.07
CA GLY A 9 -1.10 -8.33 -10.29
C GLY A 9 -1.06 -7.44 -11.52
N ILE A 10 -0.31 -7.87 -12.53
CA ILE A 10 -0.16 -7.10 -13.75
C ILE A 10 -0.42 -7.95 -14.98
N LYS A 11 -1.22 -7.44 -15.91
CA LYS A 11 -1.52 -8.13 -17.15
C LYS A 11 -0.37 -7.99 -18.14
N ALA A 12 0.78 -8.56 -17.80
CA ALA A 12 1.96 -8.48 -18.64
C ALA A 12 2.95 -9.58 -18.30
N SER A 13 3.91 -9.80 -19.19
CA SER A 13 4.92 -10.84 -19.01
C SER A 13 5.90 -10.47 -17.91
N PRO A 14 6.51 -11.48 -17.30
CA PRO A 14 7.55 -11.25 -16.30
C PRO A 14 8.80 -10.64 -16.92
N GLU A 15 8.91 -10.77 -18.24
CA GLU A 15 10.01 -10.14 -18.97
C GLU A 15 9.81 -8.64 -19.09
N LYS A 16 8.58 -8.22 -19.38
CA LYS A 16 8.24 -6.81 -19.44
C LYS A 16 8.37 -6.15 -18.06
N ILE A 17 7.92 -6.85 -17.04
CA ILE A 17 8.02 -6.35 -15.66
C ILE A 17 9.48 -6.24 -15.23
N TYR A 18 10.24 -7.31 -15.45
CA TYR A 18 11.66 -7.32 -15.11
C TYR A 18 12.39 -6.14 -15.75
N GLN A 19 12.25 -6.02 -17.07
CA GLN A 19 12.93 -4.95 -17.81
C GLN A 19 12.51 -3.57 -17.31
N ALA A 20 11.22 -3.41 -17.07
CA ALA A 20 10.68 -2.14 -16.60
C ALA A 20 11.32 -1.72 -15.28
N LEU A 21 11.70 -2.70 -14.48
CA LEU A 21 12.27 -2.43 -13.16
C LEU A 21 13.79 -2.34 -13.22
N THR A 22 14.36 -2.76 -14.34
CA THR A 22 15.81 -2.77 -14.51
C THR A 22 16.24 -1.80 -15.61
N THR A 23 15.27 -1.06 -16.15
CA THR A 23 15.56 -0.02 -17.12
C THR A 23 15.31 1.37 -16.55
N ASP A 24 16.33 2.21 -16.55
CA ASP A 24 16.23 3.54 -15.97
C ASP A 24 15.07 4.32 -16.57
N ASP A 25 14.96 4.30 -17.89
CA ASP A 25 13.92 5.03 -18.60
C ASP A 25 12.54 4.48 -18.27
N GLY A 26 12.50 3.21 -17.87
CA GLY A 26 11.25 2.58 -17.46
C GLY A 26 10.84 3.03 -16.06
N LEU A 27 11.83 3.20 -15.19
CA LEU A 27 11.59 3.67 -13.82
C LEU A 27 11.12 5.11 -13.82
N LYS A 28 11.62 5.90 -14.77
CA LYS A 28 11.29 7.32 -14.84
C LYS A 28 9.78 7.52 -14.93
N LYS A 29 9.07 6.50 -15.40
CA LYS A 29 7.65 6.63 -15.67
C LYS A 29 6.86 6.87 -14.39
N TRP A 30 7.45 6.48 -13.26
CA TRP A 30 6.79 6.64 -11.97
C TRP A 30 7.79 7.04 -10.89
N TRP A 31 9.02 7.34 -11.30
CA TRP A 31 10.01 7.91 -10.40
C TRP A 31 10.33 9.35 -10.77
N THR A 32 11.48 9.56 -11.38
CA THR A 32 12.00 10.91 -11.61
C THR A 32 12.32 11.14 -13.08
N ASN A 33 12.90 12.29 -13.39
CA ASN A 33 13.27 12.61 -14.76
C ASN A 33 14.76 12.40 -14.98
N ASP A 34 15.44 11.86 -13.97
CA ASP A 34 16.88 11.64 -14.04
C ASP A 34 17.30 10.43 -13.23
N ILE A 35 17.41 9.28 -13.89
CA ILE A 35 17.80 8.04 -13.22
C ILE A 35 19.01 7.41 -13.89
N SER A 36 19.98 6.97 -13.09
CA SER A 36 21.21 6.40 -13.61
C SER A 36 21.61 5.15 -12.81
N GLY A 37 21.72 4.03 -13.51
CA GLY A 37 22.21 2.80 -12.90
C GLY A 37 21.50 1.57 -13.48
N ALA A 38 21.22 0.59 -12.63
CA ALA A 38 20.50 -0.60 -13.03
C ALA A 38 21.27 -1.36 -14.11
N GLY A 39 22.55 -1.61 -13.85
CA GLY A 39 23.35 -2.49 -14.70
C GLY A 39 23.38 -3.91 -14.14
N VAL A 40 24.56 -4.53 -14.17
CA VAL A 40 24.74 -5.85 -13.60
C VAL A 40 24.96 -5.77 -12.09
N VAL A 41 24.97 -6.93 -11.44
CA VAL A 41 25.17 -6.99 -9.99
C VAL A 41 26.41 -6.22 -9.57
N GLY A 42 26.25 -5.33 -8.61
CA GLY A 42 27.31 -4.41 -8.21
C GLY A 42 26.98 -2.99 -8.64
N SER A 43 26.16 -2.86 -9.66
CA SER A 43 25.72 -1.55 -10.14
C SER A 43 24.77 -0.88 -9.15
N THR A 44 24.90 0.42 -9.00
CA THR A 44 24.06 1.17 -8.07
C THR A 44 23.08 2.07 -8.81
N ILE A 45 21.82 2.02 -8.39
CA ILE A 45 20.78 2.86 -8.99
C ILE A 45 20.62 4.17 -8.23
N LYS A 46 20.80 5.28 -8.93
CA LYS A 46 20.64 6.60 -8.33
C LYS A 46 19.38 7.29 -8.85
N PHE A 47 18.55 7.75 -7.93
CA PHE A 47 17.35 8.51 -8.29
C PHE A 47 17.53 9.99 -8.00
N ARG A 48 16.79 10.82 -8.72
CA ARG A 48 16.85 12.27 -8.54
C ARG A 48 16.14 12.69 -7.26
N PHE A 49 16.71 13.66 -6.55
CA PHE A 49 16.13 14.18 -5.33
C PHE A 49 16.68 15.56 -4.99
N ASN A 50 15.83 16.42 -4.45
CA ASN A 50 16.18 17.82 -4.25
C ASN A 50 17.45 17.95 -3.42
N GLY A 51 17.54 17.18 -2.34
CA GLY A 51 18.73 17.16 -1.51
C GLY A 51 19.77 16.19 -2.05
N GLY A 52 19.77 14.97 -1.54
CA GLY A 52 20.64 13.92 -2.04
C GLY A 52 19.84 12.76 -2.63
N GLY A 53 20.26 12.28 -3.79
CA GLY A 53 19.56 11.20 -4.47
C GLY A 53 19.76 9.88 -3.74
N PRO A 54 18.66 9.16 -3.53
CA PRO A 54 18.72 7.87 -2.87
C PRO A 54 19.36 6.81 -3.76
N ASP A 55 20.10 5.89 -3.15
CA ASP A 55 20.81 4.87 -3.89
C ASP A 55 20.28 3.48 -3.58
N PHE A 56 20.15 2.65 -4.62
CA PHE A 56 19.80 1.26 -4.44
C PHE A 56 20.78 0.34 -5.16
N LYS A 57 21.60 -0.36 -4.40
CA LYS A 57 22.64 -1.22 -4.97
C LYS A 57 22.08 -2.58 -5.34
N VAL A 58 22.43 -3.05 -6.54
CA VAL A 58 22.00 -4.37 -7.00
C VAL A 58 22.90 -5.47 -6.44
N THR A 59 22.32 -6.37 -5.65
CA THR A 59 23.10 -7.34 -4.90
C THR A 59 22.90 -8.75 -5.46
N LYS A 60 21.83 -8.93 -6.23
CA LYS A 60 21.53 -10.22 -6.84
C LYS A 60 20.55 -10.08 -7.99
N LEU A 61 20.80 -10.79 -9.08
CA LEU A 61 19.91 -10.77 -10.24
C LEU A 61 19.62 -12.18 -10.73
N ILE A 62 18.36 -12.59 -10.62
CA ILE A 62 17.88 -13.79 -11.29
C ILE A 62 17.01 -13.46 -12.48
N PRO A 63 17.37 -13.99 -13.65
CA PRO A 63 16.74 -13.61 -14.91
C PRO A 63 15.22 -13.72 -14.81
N ASN A 64 14.55 -12.57 -14.78
CA ASN A 64 13.09 -12.53 -14.92
C ASN A 64 12.42 -13.33 -13.81
N LYS A 65 13.04 -13.36 -12.63
CA LYS A 65 12.47 -14.04 -11.49
C LYS A 65 12.62 -13.20 -10.22
N THR A 66 13.87 -12.78 -9.95
CA THR A 66 14.19 -12.13 -8.69
C THR A 66 15.14 -10.96 -8.90
N VAL A 67 14.80 -9.81 -8.31
CA VAL A 67 15.74 -8.70 -8.21
C VAL A 67 15.92 -8.26 -6.77
N CYS A 68 17.17 -8.21 -6.32
CA CYS A 68 17.47 -7.86 -4.93
C CYS A 68 18.25 -6.56 -4.84
N TRP A 69 17.66 -5.58 -4.17
CA TRP A 69 18.34 -4.31 -3.94
C TRP A 69 18.72 -4.15 -2.47
N GLN A 70 19.78 -3.39 -2.22
CA GLN A 70 20.10 -2.93 -0.87
C GLN A 70 20.19 -1.40 -0.81
N HIS A 71 19.49 -0.81 0.15
CA HIS A 71 19.39 0.64 0.23
C HIS A 71 20.73 1.27 0.59
N ALA A 72 20.98 2.47 0.07
CA ALA A 72 22.14 3.24 0.44
C ALA A 72 21.93 4.73 0.23
N GLY A 73 22.78 5.55 0.82
CA GLY A 73 22.70 7.00 0.67
C GLY A 73 23.26 7.71 1.89
N ASN A 74 22.84 8.95 2.09
CA ASN A 74 23.25 9.73 3.26
C ASN A 74 22.21 9.67 4.36
N MET A 75 21.21 8.80 4.18
CA MET A 75 20.16 8.62 5.18
C MET A 75 20.72 8.00 6.45
N PRO A 76 19.99 8.15 7.55
CA PRO A 76 20.36 7.51 8.81
C PRO A 76 20.61 6.03 8.61
N GLU A 77 21.48 5.47 9.45
CA GLU A 77 21.91 4.08 9.30
C GLU A 77 20.71 3.13 9.38
N SER A 78 19.72 3.51 10.18
CA SER A 78 18.51 2.70 10.33
C SER A 78 17.70 2.68 9.04
N TRP A 79 17.85 3.73 8.23
CA TRP A 79 17.16 3.81 6.95
C TRP A 79 17.97 3.16 5.85
N MET A 80 19.29 3.18 5.98
CA MET A 80 20.18 2.59 4.99
C MET A 80 20.19 1.08 5.10
N GLY A 81 20.08 0.58 6.33
CA GLY A 81 20.22 -0.86 6.59
C GLY A 81 18.93 -1.60 6.32
N THR A 82 18.41 -1.46 5.11
CA THR A 82 17.23 -2.21 4.69
C THR A 82 17.44 -2.83 3.32
N GLU A 83 16.69 -3.89 3.03
CA GLU A 83 16.83 -4.63 1.78
C GLU A 83 15.49 -4.80 1.08
N ILE A 84 15.53 -4.91 -0.25
CA ILE A 84 14.32 -4.98 -1.05
C ILE A 84 14.37 -6.13 -2.03
N SER A 85 13.26 -6.88 -2.12
CA SER A 85 13.19 -8.03 -3.01
C SER A 85 12.02 -7.90 -3.98
N PHE A 86 12.27 -8.20 -5.25
CA PHE A 86 11.22 -8.24 -6.25
C PHE A 86 11.03 -9.64 -6.81
N GLN A 87 10.00 -10.33 -6.33
CA GLN A 87 9.72 -11.69 -6.76
C GLN A 87 8.59 -11.73 -7.79
N LEU A 88 8.86 -12.35 -8.93
CA LEU A 88 7.85 -12.51 -9.97
C LEU A 88 7.24 -13.90 -9.93
N GLU A 89 5.91 -13.97 -10.03
CA GLU A 89 5.21 -15.25 -10.14
C GLU A 89 4.38 -15.32 -11.42
N THR A 90 4.74 -16.24 -12.30
CA THR A 90 4.02 -16.43 -13.55
C THR A 90 2.64 -17.01 -13.31
N VAL A 91 1.62 -16.34 -13.86
CA VAL A 91 0.25 -16.81 -13.74
C VAL A 91 -0.35 -17.12 -15.12
N GLU A 92 -1.24 -18.09 -15.16
CA GLU A 92 -1.82 -18.55 -16.42
C GLU A 92 -2.15 -17.37 -17.33
N ASN A 93 -2.78 -16.35 -16.76
CA ASN A 93 -3.28 -15.23 -17.54
C ASN A 93 -2.42 -13.99 -17.34
N GLN A 94 -1.90 -13.84 -16.12
CA GLN A 94 -1.19 -12.62 -15.75
C GLN A 94 0.18 -12.93 -15.18
N THR A 95 0.84 -11.89 -14.64
CA THR A 95 2.02 -12.10 -13.79
C THR A 95 1.88 -11.32 -12.49
N PHE A 96 2.18 -11.98 -11.37
CA PHE A 96 2.05 -11.37 -10.06
C PHE A 96 3.40 -10.84 -9.58
N VAL A 97 3.38 -9.64 -9.00
CA VAL A 97 4.59 -9.04 -8.44
C VAL A 97 4.52 -9.00 -6.91
N ARG A 98 5.45 -9.70 -6.27
CA ARG A 98 5.56 -9.67 -4.82
C ARG A 98 6.69 -8.75 -4.36
N PHE A 99 6.32 -7.67 -3.67
CA PHE A 99 7.30 -6.72 -3.18
C PHE A 99 7.56 -6.92 -1.69
N THR A 100 8.83 -7.07 -1.34
CA THR A 100 9.22 -7.20 0.07
C THR A 100 10.31 -6.20 0.42
N HIS A 101 10.03 -5.37 1.42
CA HIS A 101 11.03 -4.47 1.97
C HIS A 101 11.29 -4.74 3.44
N SER A 102 12.42 -5.37 3.73
CA SER A 102 12.62 -6.02 5.03
C SER A 102 13.82 -5.40 5.75
N ASN A 103 14.08 -5.90 6.96
CA ASN A 103 15.18 -5.39 7.77
C ASN A 103 14.87 -4.01 8.31
N TRP A 104 13.63 -3.79 8.72
CA TRP A 104 13.26 -2.61 9.48
C TRP A 104 13.45 -2.81 10.97
N HIS A 105 14.12 -1.85 11.61
CA HIS A 105 14.40 -1.94 13.04
C HIS A 105 13.11 -1.92 13.86
N GLU A 106 12.23 -0.98 13.52
CA GLU A 106 10.96 -0.83 14.24
C GLU A 106 9.91 -0.18 13.36
N THR A 107 8.65 -0.27 13.79
CA THR A 107 7.54 0.31 13.03
C THR A 107 7.51 1.83 13.19
N THR A 108 8.46 2.51 12.57
CA THR A 108 8.55 3.97 12.65
C THR A 108 7.73 4.63 11.54
N ASP A 109 7.78 5.96 11.50
CA ASP A 109 6.99 6.72 10.54
C ASP A 109 7.49 6.50 9.11
N PHE A 110 8.82 6.51 8.95
CA PHE A 110 9.42 6.34 7.63
C PHE A 110 9.08 4.98 7.04
N MET A 111 8.94 3.98 7.91
CA MET A 111 8.59 2.63 7.48
C MET A 111 7.22 2.61 6.80
N ALA A 112 6.22 3.21 7.46
CA ALA A 112 4.88 3.26 6.92
C ALA A 112 4.82 4.10 5.65
N HIS A 113 5.63 5.14 5.61
CA HIS A 113 5.71 6.01 4.43
C HIS A 113 6.15 5.24 3.20
N CYS A 114 7.17 4.41 3.36
CA CYS A 114 7.67 3.58 2.28
C CYS A 114 6.60 2.65 1.76
N ASN A 115 5.85 2.04 2.68
CA ASN A 115 4.74 1.17 2.33
C ASN A 115 3.81 1.85 1.34
N THR A 116 3.44 3.09 1.63
CA THR A 116 2.55 3.86 0.76
C THR A 116 3.21 4.15 -0.57
N LYS A 117 4.45 4.65 -0.53
CA LYS A 117 5.12 5.13 -1.73
C LYS A 117 5.35 3.98 -2.72
N TRP A 118 5.73 2.82 -2.21
CA TRP A 118 6.05 1.68 -3.04
C TRP A 118 4.80 1.05 -3.63
N ALA A 119 3.70 1.13 -2.90
CA ALA A 119 2.40 0.69 -3.39
C ALA A 119 1.97 1.52 -4.61
N VAL A 120 2.19 2.83 -4.53
CA VAL A 120 1.91 3.72 -5.65
C VAL A 120 2.82 3.42 -6.83
N PHE A 121 4.09 3.17 -6.55
CA PHE A 121 5.06 2.85 -7.59
C PHE A 121 4.66 1.58 -8.34
N LEU A 122 4.12 0.61 -7.62
CA LEU A 122 3.69 -0.64 -8.21
C LEU A 122 2.44 -0.46 -9.06
N LEU A 123 1.47 0.28 -8.52
CA LEU A 123 0.27 0.64 -9.27
C LEU A 123 0.63 1.32 -10.58
N SER A 124 1.65 2.16 -10.54
CA SER A 124 2.13 2.84 -11.74
C SER A 124 2.84 1.87 -12.68
N LEU A 125 3.62 0.96 -12.10
CA LEU A 125 4.19 -0.14 -12.86
C LEU A 125 3.13 -0.92 -13.62
N LYS A 126 1.95 -1.06 -13.00
CA LYS A 126 0.87 -1.85 -13.59
C LYS A 126 0.23 -1.11 -14.76
N ASP A 127 -0.14 0.14 -14.53
CA ASP A 127 -0.82 0.94 -15.54
C ASP A 127 0.10 1.21 -16.73
N ALA A 128 1.38 1.40 -16.45
CA ALA A 128 2.36 1.64 -17.49
C ALA A 128 2.49 0.44 -18.43
N LEU A 129 2.54 -0.75 -17.86
CA LEU A 129 2.76 -1.96 -18.62
C LEU A 129 1.48 -2.36 -19.37
N GLU A 130 0.34 -2.19 -18.73
CA GLU A 130 -0.94 -2.63 -19.29
C GLU A 130 -1.44 -1.65 -20.34
N ILE A 131 -1.41 -0.36 -20.01
CA ILE A 131 -1.97 0.66 -20.87
C ILE A 131 -0.89 1.54 -21.48
N GLY A 132 0.01 2.03 -20.62
CA GLY A 132 1.01 3.00 -21.04
C GLY A 132 0.76 4.36 -20.42
N LYS A 133 0.10 4.37 -19.26
CA LYS A 133 -0.24 5.61 -18.58
C LYS A 133 0.98 6.23 -17.90
N GLY A 134 1.95 5.39 -17.57
CA GLY A 134 3.18 5.85 -16.94
C GLY A 134 3.89 6.90 -17.80
N MET B 1 2.73 -9.05 17.87
CA MET B 1 2.06 -9.59 16.70
C MET B 1 2.36 -8.77 15.45
N VAL B 2 1.65 -9.07 14.37
CA VAL B 2 1.83 -8.36 13.11
C VAL B 2 0.72 -7.34 12.89
N ASN B 3 1.10 -6.15 12.43
CA ASN B 3 0.13 -5.13 12.05
C ASN B 3 0.49 -4.50 10.70
N ILE B 4 -0.49 -3.83 10.09
CA ILE B 4 -0.27 -3.14 8.83
C ILE B 4 -0.41 -1.64 8.98
N ASN B 5 0.62 -0.90 8.59
CA ASN B 5 0.61 0.55 8.71
C ASN B 5 0.67 1.22 7.35
N HIS B 6 -0.31 2.06 7.06
CA HIS B 6 -0.37 2.77 5.78
C HIS B 6 -0.99 4.16 5.95
N ARG B 7 -0.46 5.12 5.20
CA ARG B 7 -0.84 6.52 5.37
C ARG B 7 -1.23 7.14 4.03
N ILE B 8 -2.11 8.14 4.09
CA ILE B 8 -2.45 8.93 2.91
C ILE B 8 -2.84 10.35 3.29
N GLY B 9 -2.18 11.32 2.66
CA GLY B 9 -2.55 12.72 2.83
C GLY B 9 -3.67 13.11 1.88
N ILE B 10 -4.67 13.84 2.40
CA ILE B 10 -5.80 14.26 1.60
C ILE B 10 -6.07 15.75 1.76
N LYS B 11 -6.27 16.43 0.63
CA LYS B 11 -6.58 17.86 0.65
C LYS B 11 -8.05 18.09 1.00
N ALA B 12 -8.42 17.74 2.22
CA ALA B 12 -9.80 17.89 2.68
C ALA B 12 -9.88 17.90 4.20
N SER B 13 -11.02 18.33 4.71
CA SER B 13 -11.23 18.41 6.15
C SER B 13 -11.37 17.02 6.77
N PRO B 14 -11.05 16.93 8.06
CA PRO B 14 -11.23 15.68 8.79
C PRO B 14 -12.71 15.35 8.95
N GLU B 15 -13.56 16.35 8.77
CA GLU B 15 -15.01 16.14 8.79
C GLU B 15 -15.48 15.46 7.52
N LYS B 16 -14.95 15.88 6.38
CA LYS B 16 -15.27 15.26 5.11
C LYS B 16 -14.76 13.82 5.06
N ILE B 17 -13.55 13.61 5.56
CA ILE B 17 -12.95 12.28 5.61
C ILE B 17 -13.74 11.36 6.54
N TYR B 18 -14.03 11.85 7.74
CA TYR B 18 -14.80 11.08 8.72
C TYR B 18 -16.13 10.63 8.12
N GLN B 19 -16.89 11.59 7.62
CA GLN B 19 -18.21 11.29 7.05
C GLN B 19 -18.11 10.30 5.90
N ALA B 20 -17.11 10.49 5.05
CA ALA B 20 -16.92 9.63 3.88
C ALA B 20 -16.71 8.18 4.31
N LEU B 21 -16.12 7.99 5.48
CA LEU B 21 -15.79 6.67 5.98
C LEU B 21 -16.91 6.10 6.84
N THR B 22 -17.86 6.96 7.20
CA THR B 22 -18.97 6.56 8.06
C THR B 22 -20.30 6.69 7.33
N THR B 23 -20.24 7.02 6.04
CA THR B 23 -21.42 7.05 5.19
C THR B 23 -21.38 5.94 4.15
N ASP B 24 -22.41 5.09 4.17
CA ASP B 24 -22.47 3.95 3.26
C ASP B 24 -22.31 4.37 1.81
N ASP B 25 -23.05 5.41 1.43
CA ASP B 25 -23.03 5.90 0.05
C ASP B 25 -21.66 6.47 -0.30
N GLY B 26 -20.92 6.91 0.71
CA GLY B 26 -19.57 7.41 0.51
C GLY B 26 -18.58 6.26 0.29
N LEU B 27 -18.80 5.16 1.00
CA LEU B 27 -17.95 3.97 0.85
C LEU B 27 -18.15 3.33 -0.51
N LYS B 28 -19.37 3.41 -1.02
CA LYS B 28 -19.70 2.78 -2.30
C LYS B 28 -18.79 3.28 -3.42
N LYS B 29 -18.22 4.46 -3.22
CA LYS B 29 -17.42 5.11 -4.25
C LYS B 29 -16.18 4.31 -4.59
N TRP B 30 -15.74 3.48 -3.65
CA TRP B 30 -14.54 2.67 -3.83
C TRP B 30 -14.72 1.27 -3.23
N TRP B 31 -15.94 0.97 -2.80
CA TRP B 31 -16.29 -0.38 -2.38
C TRP B 31 -17.26 -1.03 -3.35
N THR B 32 -18.52 -1.12 -2.94
CA THR B 32 -19.50 -1.89 -3.69
C THR B 32 -20.72 -1.04 -4.03
N ASN B 33 -21.74 -1.68 -4.62
CA ASN B 33 -22.97 -0.99 -4.98
C ASN B 33 -24.07 -1.25 -3.96
N ASP B 34 -23.71 -1.92 -2.88
CA ASP B 34 -24.68 -2.27 -1.84
C ASP B 34 -24.02 -2.35 -0.47
N ILE B 35 -24.10 -1.26 0.27
CA ILE B 35 -23.50 -1.20 1.61
C ILE B 35 -24.53 -0.78 2.65
N SER B 36 -24.54 -1.49 3.78
CA SER B 36 -25.51 -1.23 4.84
C SER B 36 -24.85 -1.26 6.21
N GLY B 37 -24.95 -0.15 6.94
CA GLY B 37 -24.46 -0.09 8.31
C GLY B 37 -23.88 1.29 8.63
N ALA B 38 -22.80 1.30 9.40
CA ALA B 38 -22.12 2.55 9.73
C ALA B 38 -23.04 3.49 10.50
N GLY B 39 -23.68 2.98 11.55
CA GLY B 39 -24.44 3.81 12.47
C GLY B 39 -23.60 4.18 13.69
N VAL B 40 -24.22 4.12 14.87
CA VAL B 40 -23.51 4.37 16.11
C VAL B 40 -22.77 3.13 16.58
N VAL B 41 -21.95 3.30 17.61
CA VAL B 41 -21.16 2.19 18.15
C VAL B 41 -22.05 0.98 18.46
N GLY B 42 -21.65 -0.18 17.96
CA GLY B 42 -22.50 -1.37 18.03
C GLY B 42 -23.05 -1.74 16.66
N SER B 43 -23.15 -0.74 15.78
CA SER B 43 -23.62 -0.98 14.41
C SER B 43 -22.59 -1.73 13.60
N THR B 44 -23.06 -2.62 12.74
CA THR B 44 -22.18 -3.44 11.91
C THR B 44 -22.28 -3.03 10.45
N ILE B 45 -21.12 -2.85 9.81
CA ILE B 45 -21.07 -2.50 8.39
C ILE B 45 -20.97 -3.75 7.52
N LYS B 46 -21.93 -3.92 6.62
CA LYS B 46 -21.94 -5.04 5.70
C LYS B 46 -21.63 -4.59 4.28
N PHE B 47 -20.65 -5.23 3.66
CA PHE B 47 -20.31 -4.96 2.27
C PHE B 47 -20.80 -6.07 1.35
N ARG B 48 -21.02 -5.73 0.09
CA ARG B 48 -21.48 -6.70 -0.90
C ARG B 48 -20.35 -7.63 -1.33
N PHE B 49 -20.67 -8.91 -1.50
CA PHE B 49 -19.69 -9.89 -1.94
C PHE B 49 -20.37 -11.13 -2.53
N ASN B 50 -19.76 -11.70 -3.56
CA ASN B 50 -20.39 -12.77 -4.33
C ASN B 50 -20.82 -13.91 -3.42
N GLY B 51 -19.93 -14.32 -2.51
CA GLY B 51 -20.24 -15.37 -1.55
C GLY B 51 -20.95 -14.78 -0.33
N GLY B 52 -20.17 -14.49 0.71
CA GLY B 52 -20.71 -13.83 1.90
C GLY B 52 -20.09 -12.46 2.11
N GLY B 53 -20.93 -11.48 2.42
CA GLY B 53 -20.47 -10.11 2.62
C GLY B 53 -19.68 -9.98 3.92
N PRO B 54 -18.52 -9.34 3.83
CA PRO B 54 -17.67 -9.12 4.99
C PRO B 54 -18.29 -8.10 5.93
N ASP B 55 -18.10 -8.31 7.24
CA ASP B 55 -18.69 -7.43 8.24
C ASP B 55 -17.61 -6.68 9.02
N PHE B 56 -17.85 -5.41 9.29
CA PHE B 56 -16.99 -4.61 10.16
C PHE B 56 -17.78 -3.93 11.25
N LYS B 57 -17.64 -4.40 12.48
CA LYS B 57 -18.39 -3.87 13.61
C LYS B 57 -17.74 -2.62 14.18
N VAL B 58 -18.55 -1.60 14.44
CA VAL B 58 -18.06 -0.36 15.03
C VAL B 58 -17.94 -0.49 16.54
N THR B 59 -16.72 -0.36 17.05
CA THR B 59 -16.44 -0.65 18.45
C THR B 59 -16.13 0.63 19.23
N LYS B 60 -15.80 1.69 18.50
CA LYS B 60 -15.50 2.99 19.12
C LYS B 60 -15.57 4.11 18.10
N LEU B 61 -16.17 5.23 18.51
CA LEU B 61 -16.28 6.40 17.65
C LEU B 61 -15.87 7.67 18.38
N ILE B 62 -14.77 8.28 17.93
CA ILE B 62 -14.42 9.62 18.37
C ILE B 62 -14.66 10.64 17.27
N PRO B 63 -15.44 11.67 17.58
CA PRO B 63 -15.91 12.62 16.58
C PRO B 63 -14.76 13.16 15.76
N ASN B 64 -14.69 12.74 14.49
CA ASN B 64 -13.78 13.35 13.53
C ASN B 64 -12.33 13.23 13.99
N LYS B 65 -12.03 12.14 14.69
CA LYS B 65 -10.67 11.88 15.15
C LYS B 65 -10.30 10.41 14.96
N THR B 66 -11.15 9.53 15.47
CA THR B 66 -10.84 8.10 15.52
C THR B 66 -12.06 7.25 15.18
N VAL B 67 -11.87 6.30 14.28
CA VAL B 67 -12.87 5.26 14.05
C VAL B 67 -12.27 3.87 14.21
N CYS B 68 -12.87 3.05 15.06
CA CYS B 68 -12.34 1.72 15.36
C CYS B 68 -13.31 0.64 14.90
N TRP B 69 -12.85 -0.21 13.98
CA TRP B 69 -13.64 -1.34 13.51
C TRP B 69 -13.06 -2.65 14.00
N GLN B 70 -13.91 -3.66 14.16
CA GLN B 70 -13.47 -5.03 14.36
C GLN B 70 -14.06 -5.96 13.32
N HIS B 71 -13.19 -6.75 12.69
CA HIS B 71 -13.60 -7.59 11.56
C HIS B 71 -14.53 -8.71 12.02
N ALA B 72 -15.46 -9.08 11.15
CA ALA B 72 -16.33 -10.23 11.41
C ALA B 72 -16.85 -10.82 10.10
N GLY B 73 -17.39 -12.03 10.18
CA GLY B 73 -17.95 -12.70 9.02
C GLY B 73 -17.85 -14.22 9.15
N ASN B 74 -17.88 -14.91 8.02
CA ASN B 74 -17.73 -16.36 8.00
C ASN B 74 -16.30 -16.77 7.69
N MET B 75 -15.40 -15.78 7.66
CA MET B 75 -13.99 -16.04 7.41
C MET B 75 -13.36 -16.84 8.55
N PRO B 76 -12.24 -17.47 8.27
CA PRO B 76 -11.47 -18.19 9.29
C PRO B 76 -11.23 -17.29 10.51
N GLU B 77 -11.12 -17.91 11.67
CA GLU B 77 -10.99 -17.17 12.92
C GLU B 77 -9.78 -16.27 12.91
N SER B 78 -8.72 -16.71 12.22
CA SER B 78 -7.50 -15.92 12.11
C SER B 78 -7.71 -14.66 11.29
N TRP B 79 -8.70 -14.71 10.40
CA TRP B 79 -9.05 -13.55 9.58
C TRP B 79 -10.05 -12.66 10.28
N MET B 80 -10.90 -13.26 11.12
CA MET B 80 -11.92 -12.52 11.84
C MET B 80 -11.30 -11.75 13.01
N GLY B 81 -10.29 -12.33 13.63
CA GLY B 81 -9.70 -11.78 14.85
C GLY B 81 -8.69 -10.69 14.53
N THR B 82 -9.14 -9.68 13.78
CA THR B 82 -8.30 -8.51 13.51
C THR B 82 -9.07 -7.21 13.75
N GLU B 83 -8.33 -6.13 13.99
CA GLU B 83 -8.94 -4.85 14.30
C GLU B 83 -8.38 -3.74 13.42
N ILE B 84 -9.18 -2.71 13.19
CA ILE B 84 -8.81 -1.64 12.27
C ILE B 84 -9.03 -0.27 12.90
N SER B 85 -8.05 0.61 12.75
CA SER B 85 -8.12 1.95 13.32
C SER B 85 -7.96 3.02 12.26
N PHE B 86 -8.81 4.04 12.32
CA PHE B 86 -8.68 5.19 11.43
C PHE B 86 -8.38 6.46 12.21
N GLN B 87 -7.11 6.86 12.20
CA GLN B 87 -6.69 8.05 12.93
C GLN B 87 -6.53 9.25 12.00
N LEU B 88 -7.19 10.34 12.32
CA LEU B 88 -7.07 11.57 11.55
C LEU B 88 -6.11 12.56 12.22
N GLU B 89 -5.24 13.15 11.41
CA GLU B 89 -4.34 14.20 11.91
C GLU B 89 -4.52 15.50 11.12
N THR B 90 -4.99 16.54 11.79
CA THR B 90 -5.20 17.84 11.16
C THR B 90 -3.87 18.48 10.79
N VAL B 91 -3.75 18.90 9.54
CA VAL B 91 -2.54 19.57 9.07
C VAL B 91 -2.87 20.97 8.56
N GLU B 92 -1.92 21.88 8.73
CA GLU B 92 -2.13 23.28 8.39
C GLU B 92 -2.88 23.43 7.07
N ASN B 93 -2.46 22.66 6.07
CA ASN B 93 -3.01 22.78 4.73
C ASN B 93 -3.94 21.62 4.39
N GLN B 94 -3.61 20.44 4.92
CA GLN B 94 -4.31 19.22 4.54
C GLN B 94 -4.80 18.47 5.77
N THR B 95 -5.30 17.25 5.55
CA THR B 95 -5.52 16.31 6.64
C THR B 95 -4.92 14.95 6.33
N PHE B 96 -4.18 14.39 7.29
CA PHE B 96 -3.51 13.11 7.10
C PHE B 96 -4.34 11.97 7.66
N VAL B 97 -4.41 10.87 6.91
CA VAL B 97 -5.12 9.67 7.36
C VAL B 97 -4.15 8.55 7.68
N ARG B 98 -4.14 8.13 8.94
CA ARG B 98 -3.33 6.99 9.37
C ARG B 98 -4.17 5.73 9.50
N PHE B 99 -3.88 4.74 8.65
CA PHE B 99 -4.60 3.48 8.67
C PHE B 99 -3.79 2.39 9.37
N THR B 100 -4.40 1.76 10.36
CA THR B 100 -3.76 0.65 11.06
C THR B 100 -4.66 -0.58 11.08
N HIS B 101 -4.16 -1.69 10.55
CA HIS B 101 -4.84 -2.97 10.64
C HIS B 101 -4.00 -4.00 11.39
N SER B 102 -4.39 -4.27 12.62
CA SER B 102 -3.50 -4.95 13.57
C SER B 102 -4.10 -6.26 14.04
N ASN B 103 -3.35 -6.98 14.89
CA ASN B 103 -3.80 -8.26 15.41
C ASN B 103 -3.76 -9.34 14.32
N TRP B 104 -2.71 -9.30 13.51
CA TRP B 104 -2.43 -10.40 12.58
C TRP B 104 -1.57 -11.46 13.25
N HIS B 105 -1.99 -12.72 13.12
CA HIS B 105 -1.26 -13.83 13.72
C HIS B 105 0.13 -13.97 13.12
N GLU B 106 0.20 -13.94 11.79
CA GLU B 106 1.47 -14.09 11.09
C GLU B 106 1.43 -13.43 9.72
N THR B 107 2.59 -13.23 9.12
CA THR B 107 2.68 -12.60 7.81
C THR B 107 2.27 -13.55 6.70
N THR B 108 0.96 -13.82 6.63
CA THR B 108 0.42 -14.73 5.62
C THR B 108 0.06 -13.99 4.34
N ASP B 109 -0.48 -14.72 3.37
CA ASP B 109 -0.80 -14.15 2.07
C ASP B 109 -1.95 -13.15 2.18
N PHE B 110 -2.98 -13.51 2.94
CA PHE B 110 -4.15 -12.67 3.10
C PHE B 110 -3.78 -11.33 3.74
N MET B 111 -2.79 -11.36 4.63
CA MET B 111 -2.31 -10.16 5.29
C MET B 111 -1.78 -9.15 4.28
N ALA B 112 -0.90 -9.60 3.41
CA ALA B 112 -0.30 -8.75 2.39
C ALA B 112 -1.37 -8.25 1.40
N HIS B 113 -2.34 -9.11 1.12
CA HIS B 113 -3.42 -8.76 0.22
C HIS B 113 -4.21 -7.56 0.74
N CYS B 114 -4.53 -7.60 2.04
CA CYS B 114 -5.25 -6.50 2.67
C CYS B 114 -4.47 -5.19 2.58
N ASN B 115 -3.16 -5.27 2.79
CA ASN B 115 -2.29 -4.11 2.67
C ASN B 115 -2.50 -3.42 1.33
N THR B 116 -2.51 -4.21 0.26
CA THR B 116 -2.71 -3.67 -1.09
C THR B 116 -4.10 -3.08 -1.24
N LYS B 117 -5.12 -3.83 -0.84
CA LYS B 117 -6.50 -3.46 -1.08
C LYS B 117 -6.86 -2.17 -0.35
N TRP B 118 -6.37 -2.04 0.88
CA TRP B 118 -6.71 -0.89 1.71
C TRP B 118 -5.97 0.36 1.24
N ALA B 119 -4.77 0.17 0.70
CA ALA B 119 -4.02 1.25 0.09
C ALA B 119 -4.77 1.85 -1.10
N VAL B 120 -5.36 0.98 -1.91
CA VAL B 120 -6.18 1.40 -3.04
C VAL B 120 -7.44 2.12 -2.57
N PHE B 121 -8.06 1.58 -1.52
CA PHE B 121 -9.26 2.18 -0.96
C PHE B 121 -8.99 3.60 -0.46
N LEU B 122 -7.80 3.80 0.11
CA LEU B 122 -7.42 5.11 0.64
C LEU B 122 -7.13 6.08 -0.50
N LEU B 123 -6.39 5.63 -1.50
CA LEU B 123 -6.15 6.41 -2.70
C LEU B 123 -7.45 6.88 -3.33
N SER B 124 -8.46 6.01 -3.32
CA SER B 124 -9.77 6.35 -3.83
C SER B 124 -10.50 7.32 -2.92
N LEU B 125 -10.35 7.13 -1.62
CA LEU B 125 -10.82 8.10 -0.64
C LEU B 125 -10.27 9.49 -0.92
N LYS B 126 -9.01 9.54 -1.36
CA LYS B 126 -8.33 10.81 -1.61
C LYS B 126 -8.88 11.49 -2.86
N ASP B 127 -8.93 10.75 -3.96
CA ASP B 127 -9.38 11.30 -5.23
C ASP B 127 -10.85 11.70 -5.18
N ALA B 128 -11.64 10.92 -4.45
CA ALA B 128 -13.06 11.20 -4.30
C ALA B 128 -13.29 12.52 -3.58
N LEU B 129 -12.54 12.74 -2.50
CA LEU B 129 -12.72 13.93 -1.67
C LEU B 129 -12.15 15.16 -2.35
N GLU B 130 -11.02 15.01 -3.02
CA GLU B 130 -10.31 16.13 -3.63
C GLU B 130 -10.97 16.54 -4.94
N ILE B 131 -11.25 15.56 -5.79
CA ILE B 131 -11.77 15.84 -7.13
C ILE B 131 -13.22 15.39 -7.26
N GLY B 132 -13.49 14.15 -6.85
CA GLY B 132 -14.81 13.55 -7.06
C GLY B 132 -14.74 12.42 -8.07
N LYS B 133 -13.57 11.79 -8.17
CA LYS B 133 -13.36 10.72 -9.13
C LYS B 133 -14.01 9.42 -8.66
N GLY B 134 -14.19 9.30 -7.34
CA GLY B 134 -14.82 8.11 -6.76
C GLY B 134 -16.22 7.91 -7.32
N MET A 1 13.35 -8.30 14.25
CA MET A 1 13.00 -6.96 13.77
C MET A 1 11.70 -6.98 12.97
N VAL A 2 11.40 -5.85 12.33
CA VAL A 2 10.18 -5.75 11.52
C VAL A 2 10.51 -5.85 10.04
N ASN A 3 9.66 -6.56 9.30
CA ASN A 3 9.78 -6.62 7.85
C ASN A 3 8.44 -6.40 7.17
N ILE A 4 8.48 -6.03 5.90
CA ILE A 4 7.26 -5.82 5.11
C ILE A 4 7.25 -6.69 3.86
N ASN A 5 6.20 -7.47 3.70
CA ASN A 5 6.09 -8.39 2.56
C ASN A 5 4.71 -8.30 1.92
N HIS A 6 4.66 -7.72 0.73
CA HIS A 6 3.41 -7.57 0.00
C HIS A 6 3.58 -7.90 -1.48
N ARG A 7 2.46 -7.91 -2.21
CA ARG A 7 2.48 -8.32 -3.61
C ARG A 7 1.37 -7.62 -4.39
N ILE A 8 1.62 -7.39 -5.68
CA ILE A 8 0.60 -6.84 -6.56
C ILE A 8 0.62 -7.54 -7.92
N GLY A 9 -0.56 -7.90 -8.42
CA GLY A 9 -0.67 -8.56 -9.71
C GLY A 9 -0.63 -7.55 -10.85
N ILE A 10 0.13 -7.88 -11.89
CA ILE A 10 0.26 -7.00 -13.05
C ILE A 10 -0.05 -7.75 -14.34
N LYS A 11 -0.84 -7.13 -15.21
CA LYS A 11 -1.21 -7.73 -16.48
C LYS A 11 -0.08 -7.59 -17.50
N ALA A 12 1.02 -8.29 -17.26
CA ALA A 12 2.17 -8.24 -18.14
C ALA A 12 3.12 -9.40 -17.89
N SER A 13 4.02 -9.64 -18.83
CA SER A 13 4.97 -10.74 -18.72
C SER A 13 6.03 -10.45 -17.67
N PRO A 14 6.62 -11.51 -17.12
CA PRO A 14 7.72 -11.38 -16.18
C PRO A 14 8.96 -10.82 -16.86
N GLU A 15 9.01 -10.93 -18.18
CA GLU A 15 10.10 -10.36 -18.96
C GLU A 15 10.00 -8.85 -19.03
N LYS A 16 8.78 -8.35 -19.28
CA LYS A 16 8.54 -6.92 -19.32
C LYS A 16 8.77 -6.28 -17.95
N ILE A 17 8.32 -6.97 -16.90
CA ILE A 17 8.46 -6.47 -15.55
C ILE A 17 9.92 -6.47 -15.11
N TYR A 18 10.62 -7.56 -15.40
CA TYR A 18 12.04 -7.68 -15.07
C TYR A 18 12.84 -6.57 -15.74
N GLN A 19 12.64 -6.39 -17.03
CA GLN A 19 13.34 -5.35 -17.79
C GLN A 19 13.02 -3.96 -17.24
N ALA A 20 11.77 -3.77 -16.84
CA ALA A 20 11.34 -2.50 -16.26
C ALA A 20 12.12 -2.18 -14.98
N LEU A 21 12.65 -3.22 -14.35
CA LEU A 21 13.38 -3.06 -13.10
C LEU A 21 14.88 -2.92 -13.36
N THR A 22 15.31 -3.38 -14.53
CA THR A 22 16.74 -3.45 -14.84
C THR A 22 17.09 -2.51 -15.99
N THR A 23 16.11 -1.74 -16.44
CA THR A 23 16.35 -0.72 -17.47
C THR A 23 15.95 0.65 -16.97
N ASP A 24 16.90 1.59 -17.04
CA ASP A 24 16.66 2.96 -16.58
C ASP A 24 15.45 3.56 -17.26
N ASP A 25 15.36 3.39 -18.57
CA ASP A 25 14.25 3.92 -19.36
C ASP A 25 12.93 3.30 -18.93
N GLY A 26 12.99 2.07 -18.45
CA GLY A 26 11.79 1.36 -17.98
C GLY A 26 11.36 1.87 -16.61
N LEU A 27 12.35 2.16 -15.76
CA LEU A 27 12.08 2.69 -14.43
C LEU A 27 11.43 4.07 -14.51
N LYS A 28 11.95 4.91 -15.39
CA LYS A 28 11.52 6.31 -15.45
C LYS A 28 10.04 6.42 -15.78
N LYS A 29 9.49 5.37 -16.36
CA LYS A 29 8.09 5.37 -16.78
C LYS A 29 7.16 5.46 -15.58
N TRP A 30 7.67 5.05 -14.42
CA TRP A 30 6.86 5.01 -13.20
C TRP A 30 7.67 5.43 -11.99
N TRP A 31 8.90 5.89 -12.23
CA TRP A 31 9.70 6.53 -11.19
C TRP A 31 9.87 8.01 -11.46
N THR A 32 11.07 8.39 -11.92
CA THR A 32 11.41 9.80 -12.08
C THR A 32 11.87 10.10 -13.50
N ASN A 33 12.27 11.34 -13.74
CA ASN A 33 12.65 11.77 -15.08
C ASN A 33 14.16 11.73 -15.26
N ASP A 34 14.87 11.27 -14.23
CA ASP A 34 16.32 11.21 -14.26
C ASP A 34 16.83 10.01 -13.46
N ILE A 35 17.08 8.91 -14.16
CA ILE A 35 17.60 7.70 -13.53
C ILE A 35 18.84 7.19 -14.24
N SER A 36 19.86 6.82 -13.46
CA SER A 36 21.12 6.38 -14.01
C SER A 36 21.66 5.17 -13.25
N GLY A 37 21.90 4.08 -13.98
CA GLY A 37 22.49 2.88 -13.39
C GLY A 37 21.92 1.63 -14.03
N ALA A 38 21.69 0.60 -13.22
CA ALA A 38 21.05 -0.62 -13.68
C ALA A 38 21.89 -1.30 -14.76
N GLY A 39 23.17 -1.50 -14.46
CA GLY A 39 24.04 -2.32 -15.31
C GLY A 39 24.11 -3.75 -14.80
N VAL A 40 25.30 -4.33 -14.85
CA VAL A 40 25.52 -5.66 -14.29
C VAL A 40 25.57 -5.62 -12.76
N VAL A 41 25.55 -6.79 -12.14
CA VAL A 41 25.63 -6.88 -10.69
C VAL A 41 26.84 -6.14 -10.15
N GLY A 42 26.61 -5.27 -9.18
CA GLY A 42 27.63 -4.35 -8.70
C GLY A 42 27.30 -2.92 -9.09
N SER A 43 26.54 -2.76 -10.16
CA SER A 43 26.12 -1.43 -10.61
C SER A 43 25.10 -0.83 -9.65
N THR A 44 25.17 0.48 -9.48
CA THR A 44 24.28 1.19 -8.55
C THR A 44 23.28 2.05 -9.31
N ILE A 45 22.01 1.94 -8.92
CA ILE A 45 20.96 2.75 -9.52
C ILE A 45 20.69 4.00 -8.72
N LYS A 46 20.77 5.16 -9.37
CA LYS A 46 20.46 6.43 -8.73
C LYS A 46 19.15 7.00 -9.24
N PHE A 47 18.27 7.37 -8.32
CA PHE A 47 16.99 7.99 -8.67
C PHE A 47 17.01 9.48 -8.40
N ARG A 48 16.13 10.21 -9.09
CA ARG A 48 16.02 11.65 -8.90
C ARG A 48 15.34 11.98 -7.58
N PHE A 49 15.82 13.03 -6.91
CA PHE A 49 15.23 13.48 -5.66
C PHE A 49 15.62 14.92 -5.35
N ASN A 50 14.69 15.66 -4.76
CA ASN A 50 14.87 17.10 -4.57
C ASN A 50 16.16 17.41 -3.84
N GLY A 51 16.42 16.65 -2.77
CA GLY A 51 17.66 16.80 -2.01
C GLY A 51 18.79 15.98 -2.63
N GLY A 52 18.98 14.78 -2.12
CA GLY A 52 19.96 13.85 -2.68
C GLY A 52 19.28 12.60 -3.23
N GLY A 53 19.69 12.19 -4.42
CA GLY A 53 19.11 11.01 -5.07
C GLY A 53 19.48 9.74 -4.31
N PRO A 54 18.47 8.92 -4.04
CA PRO A 54 18.69 7.65 -3.34
C PRO A 54 19.41 6.65 -4.22
N ASP A 55 20.25 5.81 -3.60
CA ASP A 55 21.06 4.85 -4.34
C ASP A 55 20.66 3.42 -3.99
N PHE A 56 20.52 2.59 -5.01
CA PHE A 56 20.21 1.17 -4.81
C PHE A 56 21.19 0.29 -5.58
N LYS A 57 22.05 -0.40 -4.85
CA LYS A 57 23.07 -1.25 -5.47
C LYS A 57 22.49 -2.60 -5.87
N VAL A 58 22.81 -3.05 -7.07
CA VAL A 58 22.36 -4.35 -7.55
C VAL A 58 23.26 -5.46 -7.03
N THR A 59 22.69 -6.35 -6.22
CA THR A 59 23.46 -7.33 -5.48
C THR A 59 23.29 -8.73 -6.07
N LYS A 60 22.22 -8.91 -6.84
CA LYS A 60 21.93 -10.20 -7.45
C LYS A 60 20.89 -10.06 -8.56
N LEU A 61 21.13 -10.76 -9.66
CA LEU A 61 20.20 -10.75 -10.78
C LEU A 61 19.92 -12.15 -11.29
N ILE A 62 18.68 -12.60 -11.16
CA ILE A 62 18.22 -13.83 -11.80
C ILE A 62 17.31 -13.54 -12.97
N PRO A 63 17.65 -14.06 -14.14
CA PRO A 63 16.95 -13.72 -15.38
C PRO A 63 15.44 -13.88 -15.22
N ASN A 64 14.73 -12.77 -15.20
CA ASN A 64 13.27 -12.79 -15.28
C ASN A 64 12.68 -13.54 -14.10
N LYS A 65 13.33 -13.46 -12.96
CA LYS A 65 12.83 -14.10 -11.74
C LYS A 65 13.03 -13.20 -10.53
N THR A 66 14.27 -12.77 -10.31
CA THR A 66 14.65 -12.13 -9.06
C THR A 66 15.54 -10.92 -9.31
N VAL A 67 15.20 -9.80 -8.68
CA VAL A 67 16.10 -8.65 -8.60
C VAL A 67 16.32 -8.25 -7.15
N CYS A 68 17.59 -8.15 -6.76
CA CYS A 68 17.93 -7.79 -5.39
C CYS A 68 18.67 -6.46 -5.34
N TRP A 69 18.08 -5.50 -4.63
CA TRP A 69 18.75 -4.22 -4.39
C TRP A 69 19.20 -4.10 -2.94
N GLN A 70 20.26 -3.33 -2.71
CA GLN A 70 20.63 -2.90 -1.38
C GLN A 70 20.66 -1.38 -1.27
N HIS A 71 19.96 -0.84 -0.27
CA HIS A 71 19.79 0.60 -0.13
C HIS A 71 21.13 1.28 0.14
N ALA A 72 21.27 2.52 -0.32
CA ALA A 72 22.43 3.34 0.01
C ALA A 72 22.09 4.82 -0.10
N GLY A 73 22.84 5.65 0.64
CA GLY A 73 22.62 7.08 0.63
C GLY A 73 23.21 7.74 1.88
N ASN A 74 22.72 8.93 2.20
CA ASN A 74 23.15 9.64 3.39
C ASN A 74 22.19 9.41 4.55
N MET A 75 21.23 8.51 4.34
CA MET A 75 20.27 8.16 5.39
C MET A 75 20.96 7.51 6.57
N PRO A 76 20.29 7.52 7.72
CA PRO A 76 20.79 6.84 8.92
C PRO A 76 21.16 5.39 8.60
N GLU A 77 22.10 4.86 9.36
CA GLU A 77 22.63 3.53 9.10
C GLU A 77 21.54 2.48 9.18
N SER A 78 20.53 2.73 10.01
CA SER A 78 19.41 1.81 10.18
C SER A 78 18.58 1.73 8.90
N TRP A 79 18.61 2.80 8.12
CA TRP A 79 17.87 2.86 6.86
C TRP A 79 18.73 2.38 5.69
N MET A 80 20.04 2.61 5.80
CA MET A 80 20.98 2.18 4.77
C MET A 80 21.16 0.67 4.79
N GLY A 81 21.13 0.08 5.98
CA GLY A 81 21.35 -1.35 6.13
C GLY A 81 20.06 -2.13 5.85
N THR A 82 19.46 -1.88 4.70
CA THR A 82 18.25 -2.57 4.31
C THR A 82 18.31 -3.02 2.86
N GLU A 83 17.51 -4.03 2.52
CA GLU A 83 17.54 -4.63 1.19
C GLU A 83 16.15 -4.73 0.59
N ILE A 84 16.08 -4.81 -0.73
CA ILE A 84 14.81 -4.96 -1.43
C ILE A 84 14.83 -6.15 -2.37
N SER A 85 13.81 -7.00 -2.27
CA SER A 85 13.71 -8.18 -3.12
C SER A 85 12.53 -8.07 -4.08
N PHE A 86 12.79 -8.34 -5.36
CA PHE A 86 11.72 -8.39 -6.35
C PHE A 86 11.54 -9.80 -6.89
N GLN A 87 10.59 -10.54 -6.31
CA GLN A 87 10.32 -11.90 -6.72
C GLN A 87 9.12 -11.97 -7.65
N LEU A 88 9.33 -12.46 -8.87
CA LEU A 88 8.26 -12.62 -9.84
C LEU A 88 7.65 -14.01 -9.77
N GLU A 89 6.32 -14.07 -9.79
CA GLU A 89 5.61 -15.35 -9.85
C GLU A 89 4.70 -15.42 -11.06
N THR A 90 5.00 -16.32 -11.98
CA THR A 90 4.24 -16.46 -13.22
C THR A 90 2.86 -17.02 -12.94
N VAL A 91 1.84 -16.36 -13.48
CA VAL A 91 0.46 -16.83 -13.36
C VAL A 91 -0.16 -17.04 -14.73
N GLU A 92 -1.04 -18.04 -14.83
CA GLU A 92 -1.66 -18.40 -16.11
C GLU A 92 -2.07 -17.16 -16.88
N ASN A 93 -2.70 -16.21 -16.21
CA ASN A 93 -3.23 -15.02 -16.85
C ASN A 93 -2.28 -13.84 -16.72
N GLN A 94 -1.74 -13.66 -15.52
CA GLN A 94 -0.98 -12.46 -15.19
C GLN A 94 0.41 -12.81 -14.66
N THR A 95 1.11 -11.80 -14.17
CA THR A 95 2.34 -12.02 -13.40
C THR A 95 2.30 -11.26 -12.09
N PHE A 96 2.65 -11.96 -11.01
CA PHE A 96 2.57 -11.37 -9.67
C PHE A 96 3.93 -10.86 -9.21
N VAL A 97 3.95 -9.63 -8.70
CA VAL A 97 5.18 -9.03 -8.20
C VAL A 97 5.23 -9.05 -6.68
N ARG A 98 6.18 -9.79 -6.13
CA ARG A 98 6.34 -9.88 -4.69
C ARG A 98 7.43 -8.95 -4.18
N PHE A 99 7.03 -7.93 -3.44
CA PHE A 99 7.97 -6.94 -2.92
C PHE A 99 8.27 -7.18 -1.45
N THR A 100 9.53 -7.48 -1.15
CA THR A 100 9.93 -7.72 0.23
C THR A 100 11.02 -6.73 0.67
N HIS A 101 10.81 -6.10 1.81
CA HIS A 101 11.82 -5.24 2.41
C HIS A 101 11.85 -5.38 3.92
N SER A 102 13.02 -5.75 4.45
CA SER A 102 13.14 -6.08 5.87
C SER A 102 14.07 -5.11 6.58
N ASN A 103 14.42 -5.44 7.83
CA ASN A 103 15.37 -4.65 8.59
C ASN A 103 14.76 -3.30 8.98
N TRP A 104 13.49 -3.31 9.36
CA TRP A 104 12.86 -2.14 9.96
C TRP A 104 13.04 -2.14 11.47
N HIS A 105 13.52 -1.01 12.00
CA HIS A 105 13.74 -0.89 13.44
C HIS A 105 12.42 -0.72 14.19
N GLU A 106 11.63 0.26 13.77
CA GLU A 106 10.36 0.55 14.42
C GLU A 106 9.31 1.01 13.42
N THR A 107 8.04 0.88 13.79
CA THR A 107 6.94 1.26 12.92
C THR A 107 6.72 2.77 12.93
N THR A 108 7.65 3.51 12.33
CA THR A 108 7.57 4.95 12.29
C THR A 108 6.82 5.43 11.04
N ASP A 109 6.70 6.74 10.90
CA ASP A 109 5.92 7.32 9.80
C ASP A 109 6.65 7.19 8.47
N PHE A 110 7.98 7.24 8.52
CA PHE A 110 8.81 6.99 7.36
C PHE A 110 8.52 5.61 6.77
N MET A 111 8.35 4.62 7.64
CA MET A 111 7.98 3.28 7.22
C MET A 111 6.62 3.27 6.55
N ALA A 112 5.65 3.93 7.18
CA ALA A 112 4.33 4.08 6.60
C ALA A 112 4.39 4.68 5.20
N HIS A 113 5.23 5.70 5.04
CA HIS A 113 5.38 6.37 3.75
C HIS A 113 5.84 5.39 2.68
N CYS A 114 6.87 4.61 3.00
CA CYS A 114 7.45 3.68 2.03
C CYS A 114 6.44 2.63 1.60
N ASN A 115 5.70 2.11 2.57
CA ASN A 115 4.72 1.05 2.31
C ASN A 115 3.69 1.50 1.28
N THR A 116 3.09 2.66 1.51
CA THR A 116 2.06 3.18 0.62
C THR A 116 2.65 3.56 -0.74
N LYS A 117 3.88 4.04 -0.73
CA LYS A 117 4.57 4.42 -1.95
C LYS A 117 4.87 3.21 -2.82
N TRP A 118 5.22 2.09 -2.18
CA TRP A 118 5.55 0.87 -2.88
C TRP A 118 4.36 0.36 -3.69
N ALA A 119 3.18 0.45 -3.11
CA ALA A 119 1.95 0.04 -3.79
C ALA A 119 1.68 0.93 -5.00
N VAL A 120 1.85 2.24 -4.82
CA VAL A 120 1.65 3.19 -5.90
C VAL A 120 2.65 2.96 -7.03
N PHE A 121 3.89 2.64 -6.67
CA PHE A 121 4.94 2.40 -7.64
C PHE A 121 4.56 1.26 -8.59
N LEU A 122 4.08 0.17 -8.02
CA LEU A 122 3.72 -1.01 -8.80
C LEU A 122 2.46 -0.76 -9.63
N LEU A 123 1.50 -0.06 -9.04
CA LEU A 123 0.31 0.37 -9.76
C LEU A 123 0.67 1.19 -10.98
N SER A 124 1.66 2.06 -10.84
CA SER A 124 2.16 2.86 -11.96
C SER A 124 2.86 1.97 -12.99
N LEU A 125 3.62 0.99 -12.50
CA LEU A 125 4.23 -0.01 -13.36
C LEU A 125 3.17 -0.80 -14.12
N LYS A 126 2.01 -0.99 -13.48
CA LYS A 126 0.96 -1.82 -14.05
C LYS A 126 0.22 -1.10 -15.16
N ASP A 127 -0.07 0.19 -14.94
CA ASP A 127 -0.72 1.00 -15.96
C ASP A 127 0.22 1.29 -17.12
N ALA A 128 1.51 1.43 -16.82
CA ALA A 128 2.51 1.63 -17.84
C ALA A 128 2.62 0.41 -18.76
N LEU A 129 2.69 -0.77 -18.16
CA LEU A 129 2.86 -2.01 -18.92
C LEU A 129 1.59 -2.38 -19.66
N GLU A 130 0.45 -2.25 -18.98
CA GLU A 130 -0.83 -2.65 -19.55
C GLU A 130 -1.26 -1.72 -20.67
N ILE A 131 -1.25 -0.42 -20.39
CA ILE A 131 -1.75 0.56 -21.34
C ILE A 131 -0.62 1.40 -21.92
N GLY A 132 0.21 1.96 -21.04
CA GLY A 132 1.21 2.93 -21.45
C GLY A 132 0.96 4.30 -20.82
N LYS A 133 0.23 4.30 -19.71
CA LYS A 133 -0.14 5.55 -19.05
C LYS A 133 1.05 6.18 -18.35
N GLY A 134 2.00 5.34 -17.93
CA GLY A 134 3.20 5.82 -17.26
C GLY A 134 4.00 6.75 -18.18
N MET B 1 2.53 -10.77 18.10
CA MET B 1 1.99 -11.04 16.78
C MET B 1 2.40 -9.96 15.77
N VAL B 2 1.82 -10.01 14.59
CA VAL B 2 2.12 -9.02 13.55
C VAL B 2 1.01 -7.98 13.44
N ASN B 3 1.41 -6.73 13.25
CA ASN B 3 0.44 -5.66 12.99
C ASN B 3 0.89 -4.79 11.83
N ILE B 4 -0.07 -4.07 11.24
CA ILE B 4 0.23 -3.17 10.14
C ILE B 4 -0.23 -1.75 10.45
N ASN B 5 0.69 -0.80 10.35
CA ASN B 5 0.39 0.59 10.65
C ASN B 5 0.93 1.52 9.56
N HIS B 6 0.01 2.11 8.80
CA HIS B 6 0.38 3.02 7.73
C HIS B 6 -0.53 4.24 7.68
N ARG B 7 -0.20 5.19 6.83
CA ARG B 7 -0.93 6.46 6.76
C ARG B 7 -0.90 7.04 5.36
N ILE B 8 -1.95 7.78 5.00
CA ILE B 8 -1.98 8.50 3.74
C ILE B 8 -2.58 9.89 3.92
N GLY B 9 -1.94 10.89 3.34
CA GLY B 9 -2.42 12.27 3.42
C GLY B 9 -3.52 12.53 2.40
N ILE B 10 -4.57 13.21 2.85
CA ILE B 10 -5.69 13.53 1.97
C ILE B 10 -6.00 15.03 2.01
N LYS B 11 -6.22 15.60 0.82
CA LYS B 11 -6.53 17.02 0.72
C LYS B 11 -7.99 17.29 1.05
N ALA B 12 -8.35 17.09 2.30
CA ALA B 12 -9.73 17.31 2.75
C ALA B 12 -9.80 17.43 4.27
N SER B 13 -10.93 17.93 4.77
CA SER B 13 -11.12 18.12 6.19
C SER B 13 -11.33 16.80 6.91
N PRO B 14 -11.01 16.77 8.20
CA PRO B 14 -11.24 15.59 9.02
C PRO B 14 -12.73 15.33 9.20
N GLU B 15 -13.54 16.36 8.97
CA GLU B 15 -14.98 16.23 9.02
C GLU B 15 -15.51 15.46 7.81
N LYS B 16 -15.00 15.81 6.63
CA LYS B 16 -15.37 15.12 5.40
C LYS B 16 -14.91 13.66 5.43
N ILE B 17 -13.71 13.43 5.93
CA ILE B 17 -13.14 12.09 6.00
C ILE B 17 -13.90 11.23 7.02
N TYR B 18 -14.16 11.80 8.19
CA TYR B 18 -14.91 11.11 9.23
C TYR B 18 -16.28 10.70 8.74
N GLN B 19 -17.00 11.63 8.13
CA GLN B 19 -18.33 11.35 7.61
C GLN B 19 -18.28 10.29 6.52
N ALA B 20 -17.23 10.33 5.71
CA ALA B 20 -17.04 9.34 4.65
C ALA B 20 -16.90 7.94 5.22
N LEU B 21 -16.50 7.86 6.49
CA LEU B 21 -16.31 6.56 7.16
C LEU B 21 -17.56 6.14 7.90
N THR B 22 -18.42 7.11 8.21
CA THR B 22 -19.57 6.85 9.06
C THR B 22 -20.88 7.06 8.29
N THR B 23 -20.76 7.32 6.99
CA THR B 23 -21.92 7.42 6.12
C THR B 23 -21.84 6.41 4.98
N ASP B 24 -22.88 5.60 4.84
CA ASP B 24 -22.92 4.57 3.80
C ASP B 24 -22.73 5.18 2.42
N ASP B 25 -23.41 6.29 2.17
CA ASP B 25 -23.32 6.97 0.88
C ASP B 25 -21.91 7.48 0.63
N GLY B 26 -21.20 7.80 1.71
CA GLY B 26 -19.83 8.27 1.62
C GLY B 26 -18.87 7.14 1.33
N LEU B 27 -19.13 5.98 1.94
CA LEU B 27 -18.31 4.79 1.73
C LEU B 27 -18.40 4.32 0.29
N LYS B 28 -19.63 4.30 -0.25
CA LYS B 28 -19.88 3.72 -1.56
C LYS B 28 -19.09 4.43 -2.65
N LYS B 29 -18.69 5.67 -2.36
CA LYS B 29 -17.97 6.49 -3.34
C LYS B 29 -16.60 5.88 -3.66
N TRP B 30 -16.09 5.06 -2.74
CA TRP B 30 -14.77 4.48 -2.90
C TRP B 30 -14.73 3.04 -2.40
N TRP B 31 -15.91 2.53 -2.04
CA TRP B 31 -16.05 1.10 -1.74
C TRP B 31 -16.88 0.40 -2.82
N THR B 32 -18.13 0.09 -2.48
CA THR B 32 -18.99 -0.71 -3.35
C THR B 32 -20.29 0.02 -3.65
N ASN B 33 -21.17 -0.65 -4.40
CA ASN B 33 -22.43 -0.04 -4.82
C ASN B 33 -23.57 -0.44 -3.90
N ASP B 34 -23.26 -1.20 -2.87
CA ASP B 34 -24.27 -1.67 -1.92
C ASP B 34 -23.69 -1.78 -0.51
N ILE B 35 -23.90 -0.73 0.28
CA ILE B 35 -23.42 -0.70 1.66
C ILE B 35 -24.54 -0.35 2.62
N SER B 36 -24.64 -1.09 3.72
CA SER B 36 -25.71 -0.89 4.69
C SER B 36 -25.17 -0.96 6.12
N GLY B 37 -25.38 0.10 6.89
CA GLY B 37 -24.98 0.12 8.29
C GLY B 37 -24.53 1.52 8.71
N ALA B 38 -23.49 1.57 9.53
CA ALA B 38 -22.90 2.84 9.93
C ALA B 38 -23.89 3.71 10.67
N GLY B 39 -24.54 3.14 11.69
CA GLY B 39 -25.36 3.91 12.61
C GLY B 39 -24.58 4.31 13.85
N VAL B 40 -25.23 4.25 15.00
CA VAL B 40 -24.55 4.49 16.28
C VAL B 40 -23.66 3.32 16.66
N VAL B 41 -22.84 3.53 17.69
CA VAL B 41 -21.95 2.48 18.18
C VAL B 41 -22.74 1.22 18.52
N GLY B 42 -22.28 0.09 17.97
CA GLY B 42 -23.04 -1.16 18.06
C GLY B 42 -23.58 -1.56 16.69
N SER B 43 -23.77 -0.58 15.82
CA SER B 43 -24.22 -0.83 14.46
C SER B 43 -23.15 -1.52 13.63
N THR B 44 -23.57 -2.41 12.74
CA THR B 44 -22.63 -3.17 11.91
C THR B 44 -22.71 -2.73 10.46
N ILE B 45 -21.55 -2.50 9.85
CA ILE B 45 -21.48 -2.11 8.45
C ILE B 45 -21.25 -3.33 7.56
N LYS B 46 -22.14 -3.51 6.58
CA LYS B 46 -21.99 -4.59 5.61
C LYS B 46 -21.61 -4.06 4.25
N PHE B 47 -20.56 -4.63 3.67
CA PHE B 47 -20.11 -4.25 2.33
C PHE B 47 -20.49 -5.30 1.31
N ARG B 48 -20.58 -4.88 0.04
CA ARG B 48 -20.91 -5.79 -1.05
C ARG B 48 -19.74 -6.71 -1.38
N PHE B 49 -20.04 -7.97 -1.68
CA PHE B 49 -19.02 -8.93 -2.05
C PHE B 49 -19.63 -10.12 -2.81
N ASN B 50 -18.88 -10.63 -3.78
CA ASN B 50 -19.42 -11.64 -4.69
C ASN B 50 -19.97 -12.83 -3.92
N GLY B 51 -19.22 -13.30 -2.93
CA GLY B 51 -19.66 -14.39 -2.08
C GLY B 51 -20.53 -13.89 -0.94
N GLY B 52 -19.91 -13.66 0.22
CA GLY B 52 -20.60 -13.07 1.36
C GLY B 52 -20.02 -11.72 1.74
N GLY B 53 -20.89 -10.75 1.98
CA GLY B 53 -20.46 -9.39 2.33
C GLY B 53 -19.78 -9.37 3.70
N PRO B 54 -18.61 -8.74 3.76
CA PRO B 54 -17.88 -8.64 5.01
C PRO B 54 -18.55 -7.68 5.98
N ASP B 55 -18.45 -7.98 7.26
CA ASP B 55 -19.11 -7.18 8.29
C ASP B 55 -18.11 -6.49 9.19
N PHE B 56 -18.33 -5.20 9.46
CA PHE B 56 -17.48 -4.45 10.37
C PHE B 56 -18.31 -3.73 11.43
N LYS B 57 -18.22 -4.21 12.66
CA LYS B 57 -18.99 -3.64 13.77
C LYS B 57 -18.34 -2.38 14.31
N VAL B 58 -19.15 -1.35 14.53
CA VAL B 58 -18.66 -0.09 15.10
C VAL B 58 -18.56 -0.19 16.61
N THR B 59 -17.33 -0.08 17.13
CA THR B 59 -17.06 -0.35 18.52
C THR B 59 -16.80 0.93 19.30
N LYS B 60 -16.46 1.99 18.57
CA LYS B 60 -16.16 3.27 19.19
C LYS B 60 -16.18 4.40 18.17
N LEU B 61 -16.76 5.53 18.54
CA LEU B 61 -16.82 6.69 17.66
C LEU B 61 -16.43 7.97 18.41
N ILE B 62 -15.32 8.57 18.00
CA ILE B 62 -14.95 9.91 18.47
C ILE B 62 -15.14 10.94 17.37
N PRO B 63 -15.91 11.97 17.68
CA PRO B 63 -16.32 12.95 16.67
C PRO B 63 -15.11 13.49 15.91
N ASN B 64 -15.00 13.09 14.63
CA ASN B 64 -14.03 13.70 13.73
C ASN B 64 -12.61 13.47 14.22
N LYS B 65 -12.39 12.33 14.87
CA LYS B 65 -11.05 11.97 15.35
C LYS B 65 -10.77 10.50 15.12
N THR B 66 -11.66 9.64 15.63
CA THR B 66 -11.39 8.21 15.71
C THR B 66 -12.60 7.39 15.29
N VAL B 67 -12.38 6.42 14.41
CA VAL B 67 -13.37 5.40 14.15
C VAL B 67 -12.79 4.00 14.36
N CYS B 68 -13.45 3.19 15.17
CA CYS B 68 -12.98 1.85 15.47
C CYS B 68 -13.95 0.80 14.95
N TRP B 69 -13.46 -0.06 14.06
CA TRP B 69 -14.23 -1.20 13.58
C TRP B 69 -13.69 -2.51 14.15
N GLN B 70 -14.58 -3.50 14.29
CA GLN B 70 -14.17 -4.87 14.54
C GLN B 70 -14.68 -5.80 13.46
N HIS B 71 -13.77 -6.59 12.90
CA HIS B 71 -14.10 -7.45 11.76
C HIS B 71 -15.10 -8.52 12.15
N ALA B 72 -15.93 -8.93 11.19
CA ALA B 72 -16.83 -10.05 11.39
C ALA B 72 -17.20 -10.69 10.05
N GLY B 73 -17.57 -11.97 10.09
CA GLY B 73 -17.94 -12.69 8.89
C GLY B 73 -17.82 -14.21 9.09
N ASN B 74 -17.72 -14.93 7.99
CA ASN B 74 -17.53 -16.38 8.04
C ASN B 74 -16.06 -16.76 7.92
N MET B 75 -15.21 -15.74 7.93
CA MET B 75 -13.76 -15.97 7.87
C MET B 75 -13.27 -16.74 9.09
N PRO B 76 -12.10 -17.35 8.97
CA PRO B 76 -11.47 -18.04 10.08
C PRO B 76 -11.39 -17.13 11.31
N GLU B 77 -11.37 -17.73 12.49
CA GLU B 77 -11.42 -16.98 13.74
C GLU B 77 -10.23 -16.04 13.86
N SER B 78 -9.10 -16.45 13.27
CA SER B 78 -7.89 -15.64 13.30
C SER B 78 -8.07 -14.36 12.50
N TRP B 79 -8.97 -14.38 11.53
CA TRP B 79 -9.25 -13.21 10.71
C TRP B 79 -10.40 -12.40 11.28
N MET B 80 -11.31 -13.08 11.96
CA MET B 80 -12.46 -12.42 12.58
C MET B 80 -12.03 -11.64 13.83
N GLY B 81 -11.05 -12.17 14.55
CA GLY B 81 -10.59 -11.57 15.79
C GLY B 81 -9.59 -10.46 15.51
N THR B 82 -9.97 -9.52 14.64
CA THR B 82 -9.11 -8.39 14.30
C THR B 82 -9.88 -7.09 14.30
N GLU B 83 -9.18 -5.98 14.46
CA GLU B 83 -9.80 -4.67 14.58
C GLU B 83 -9.16 -3.66 13.64
N ILE B 84 -9.91 -2.61 13.32
CA ILE B 84 -9.39 -1.55 12.46
C ILE B 84 -9.55 -0.18 13.12
N SER B 85 -8.47 0.60 13.14
CA SER B 85 -8.50 1.92 13.73
C SER B 85 -8.31 3.01 12.67
N PHE B 86 -9.17 4.01 12.70
CA PHE B 86 -9.04 5.17 11.83
C PHE B 86 -8.73 6.43 12.62
N GLN B 87 -7.45 6.75 12.73
CA GLN B 87 -7.01 7.93 13.48
C GLN B 87 -6.73 9.10 12.54
N LEU B 88 -7.44 10.19 12.72
CA LEU B 88 -7.24 11.39 11.91
C LEU B 88 -6.26 12.34 12.59
N GLU B 89 -5.33 12.89 11.81
CA GLU B 89 -4.41 13.90 12.30
C GLU B 89 -4.50 15.17 11.47
N THR B 90 -4.95 16.25 12.11
CA THR B 90 -5.13 17.52 11.41
C THR B 90 -3.79 18.15 11.04
N VAL B 91 -3.66 18.54 9.79
CA VAL B 91 -2.46 19.22 9.32
C VAL B 91 -2.78 20.58 8.72
N GLU B 92 -1.87 21.54 8.89
CA GLU B 92 -2.10 22.91 8.45
C GLU B 92 -2.74 22.93 7.07
N ASN B 93 -2.22 22.13 6.16
CA ASN B 93 -2.68 22.13 4.78
C ASN B 93 -3.70 21.02 4.53
N GLN B 94 -3.40 19.84 5.05
CA GLN B 94 -4.17 18.64 4.70
C GLN B 94 -4.68 17.94 5.95
N THR B 95 -5.24 16.76 5.77
CA THR B 95 -5.54 15.86 6.89
C THR B 95 -4.97 14.46 6.65
N PHE B 96 -4.29 13.92 7.65
CA PHE B 96 -3.63 12.64 7.52
C PHE B 96 -4.48 11.51 8.09
N VAL B 97 -4.62 10.43 7.33
CA VAL B 97 -5.39 9.28 7.78
C VAL B 97 -4.48 8.14 8.21
N ARG B 98 -4.52 7.80 9.49
CA ARG B 98 -3.71 6.72 10.04
C ARG B 98 -4.50 5.43 10.15
N PHE B 99 -4.14 4.45 9.33
CA PHE B 99 -4.84 3.16 9.32
C PHE B 99 -4.04 2.10 10.06
N THR B 100 -4.62 1.59 11.14
CA THR B 100 -3.96 0.55 11.93
C THR B 100 -4.81 -0.72 11.98
N HIS B 101 -4.19 -1.85 11.68
CA HIS B 101 -4.85 -3.14 11.82
C HIS B 101 -3.87 -4.20 12.33
N SER B 102 -4.22 -4.81 13.46
CA SER B 102 -3.30 -5.72 14.16
C SER B 102 -3.87 -7.13 14.20
N ASN B 103 -3.23 -8.00 14.98
CA ASN B 103 -3.70 -9.36 15.17
C ASN B 103 -3.54 -10.19 13.90
N TRP B 104 -2.41 -10.00 13.22
CA TRP B 104 -2.02 -10.87 12.12
C TRP B 104 -1.21 -12.06 12.62
N HIS B 105 -1.62 -13.26 12.22
CA HIS B 105 -0.94 -14.48 12.64
C HIS B 105 0.38 -14.65 11.89
N GLU B 106 0.32 -14.60 10.57
CA GLU B 106 1.50 -14.79 9.74
C GLU B 106 1.44 -13.93 8.49
N THR B 107 2.60 -13.66 7.89
CA THR B 107 2.68 -12.82 6.70
C THR B 107 2.29 -13.60 5.45
N THR B 108 1.02 -13.90 5.33
CA THR B 108 0.51 -14.66 4.19
C THR B 108 0.10 -13.73 3.05
N ASP B 109 -0.39 -14.32 1.96
CA ASP B 109 -0.73 -13.55 0.77
C ASP B 109 -2.02 -12.76 0.98
N PHE B 110 -2.93 -13.31 1.77
CA PHE B 110 -4.13 -12.60 2.16
C PHE B 110 -3.79 -11.28 2.86
N MET B 111 -2.78 -11.31 3.71
CA MET B 111 -2.30 -10.11 4.37
C MET B 111 -1.75 -9.11 3.37
N ALA B 112 -0.93 -9.60 2.43
CA ALA B 112 -0.42 -8.76 1.35
C ALA B 112 -1.54 -8.09 0.59
N HIS B 113 -2.60 -8.85 0.31
CA HIS B 113 -3.75 -8.33 -0.42
C HIS B 113 -4.38 -7.15 0.31
N CYS B 114 -4.61 -7.32 1.60
CA CYS B 114 -5.28 -6.29 2.39
C CYS B 114 -4.44 -5.01 2.45
N ASN B 115 -3.14 -5.17 2.63
CA ASN B 115 -2.24 -4.03 2.73
C ASN B 115 -2.33 -3.14 1.50
N THR B 116 -2.19 -3.74 0.33
CA THR B 116 -2.21 -3.00 -0.93
C THR B 116 -3.60 -2.43 -1.20
N LYS B 117 -4.63 -3.15 -0.79
CA LYS B 117 -6.00 -2.71 -0.96
C LYS B 117 -6.31 -1.49 -0.10
N TRP B 118 -5.74 -1.47 1.10
CA TRP B 118 -5.96 -0.38 2.04
C TRP B 118 -5.45 0.94 1.47
N ALA B 119 -4.30 0.90 0.83
CA ALA B 119 -3.73 2.08 0.19
C ALA B 119 -4.60 2.57 -0.95
N VAL B 120 -5.09 1.64 -1.77
CA VAL B 120 -5.97 1.98 -2.88
C VAL B 120 -7.28 2.58 -2.38
N PHE B 121 -7.80 2.04 -1.28
CA PHE B 121 -9.04 2.52 -0.70
C PHE B 121 -8.94 4.00 -0.34
N LEU B 122 -7.85 4.37 0.32
CA LEU B 122 -7.66 5.75 0.77
C LEU B 122 -7.39 6.68 -0.41
N LEU B 123 -6.61 6.19 -1.37
CA LEU B 123 -6.38 6.92 -2.61
C LEU B 123 -7.69 7.24 -3.32
N SER B 124 -8.61 6.28 -3.32
CA SER B 124 -9.94 6.48 -3.88
C SER B 124 -10.73 7.49 -3.06
N LEU B 125 -10.61 7.39 -1.74
CA LEU B 125 -11.21 8.37 -0.84
C LEU B 125 -10.64 9.77 -1.11
N LYS B 126 -9.38 9.82 -1.52
CA LYS B 126 -8.69 11.10 -1.69
C LYS B 126 -9.13 11.79 -2.98
N ASP B 127 -9.25 11.02 -4.04
CA ASP B 127 -9.73 11.54 -5.33
C ASP B 127 -11.21 11.90 -5.26
N ALA B 128 -11.97 11.13 -4.49
CA ALA B 128 -13.37 11.41 -4.28
C ALA B 128 -13.58 12.73 -3.55
N LEU B 129 -12.81 12.93 -2.48
CA LEU B 129 -12.96 14.12 -1.65
C LEU B 129 -12.39 15.35 -2.34
N GLU B 130 -11.23 15.19 -2.97
CA GLU B 130 -10.54 16.30 -3.61
C GLU B 130 -11.28 16.77 -4.86
N ILE B 131 -11.58 15.83 -5.74
CA ILE B 131 -12.18 16.15 -7.04
C ILE B 131 -13.63 15.70 -7.10
N GLY B 132 -13.87 14.43 -6.79
CA GLY B 132 -15.18 13.83 -6.98
C GLY B 132 -15.10 12.68 -7.99
N LYS B 133 -13.91 12.12 -8.16
CA LYS B 133 -13.70 11.07 -9.14
C LYS B 133 -14.32 9.76 -8.70
N GLY B 134 -14.42 9.57 -7.39
CA GLY B 134 -15.02 8.36 -6.82
C GLY B 134 -16.48 8.23 -7.25
N MET A 1 12.29 -9.23 13.18
CA MET A 1 12.30 -7.81 12.84
C MET A 1 11.05 -7.41 12.06
N VAL A 2 11.04 -6.19 11.54
CA VAL A 2 9.90 -5.69 10.78
C VAL A 2 10.20 -5.70 9.28
N ASN A 3 9.21 -6.14 8.50
CA ASN A 3 9.31 -6.05 7.04
C ASN A 3 8.02 -5.51 6.44
N ILE A 4 8.11 -5.03 5.20
CA ILE A 4 6.93 -4.56 4.48
C ILE A 4 6.58 -5.49 3.33
N ASN A 5 5.35 -5.98 3.33
CA ASN A 5 4.91 -6.95 2.33
C ASN A 5 3.75 -6.40 1.51
N HIS A 6 3.98 -6.19 0.22
CA HIS A 6 2.96 -5.65 -0.67
C HIS A 6 2.95 -6.38 -2.01
N ARG A 7 1.76 -6.56 -2.57
CA ARG A 7 1.60 -7.36 -3.78
C ARG A 7 0.85 -6.58 -4.86
N ILE A 8 1.15 -6.88 -6.11
CA ILE A 8 0.44 -6.30 -7.24
C ILE A 8 0.42 -7.25 -8.43
N GLY A 9 -0.78 -7.54 -8.93
CA GLY A 9 -0.93 -8.32 -10.16
C GLY A 9 -0.86 -7.42 -11.39
N ILE A 10 -0.11 -7.86 -12.39
CA ILE A 10 0.06 -7.09 -13.61
C ILE A 10 -0.20 -7.96 -14.84
N LYS A 11 -1.00 -7.43 -15.77
CA LYS A 11 -1.29 -8.13 -17.01
C LYS A 11 -0.14 -7.99 -18.00
N ALA A 12 1.00 -8.56 -17.65
CA ALA A 12 2.19 -8.48 -18.51
C ALA A 12 3.15 -9.62 -18.20
N SER A 13 4.10 -9.84 -19.11
CA SER A 13 5.06 -10.93 -18.97
C SER A 13 6.08 -10.63 -17.88
N PRO A 14 6.64 -11.69 -17.30
CA PRO A 14 7.70 -11.55 -16.31
C PRO A 14 8.94 -10.91 -16.92
N GLU A 15 9.08 -11.03 -18.24
CA GLU A 15 10.17 -10.39 -18.97
C GLU A 15 10.00 -8.88 -18.99
N LYS A 16 8.78 -8.42 -19.26
CA LYS A 16 8.49 -7.00 -19.27
C LYS A 16 8.66 -6.38 -17.88
N ILE A 17 8.20 -7.09 -16.87
CA ILE A 17 8.30 -6.63 -15.50
C ILE A 17 9.75 -6.56 -15.04
N TYR A 18 10.50 -7.63 -15.31
CA TYR A 18 11.91 -7.67 -14.97
C TYR A 18 12.68 -6.54 -15.63
N GLN A 19 12.53 -6.41 -16.94
CA GLN A 19 13.24 -5.39 -17.71
C GLN A 19 12.85 -3.99 -17.24
N ALA A 20 11.59 -3.83 -16.83
CA ALA A 20 11.11 -2.55 -16.34
C ALA A 20 11.93 -2.07 -15.16
N LEU A 21 12.49 -3.01 -14.40
CA LEU A 21 13.23 -2.68 -13.19
C LEU A 21 14.71 -2.48 -13.47
N THR A 22 15.12 -2.85 -14.68
CA THR A 22 16.54 -2.84 -15.04
C THR A 22 16.83 -1.81 -16.13
N THR A 23 15.81 -1.03 -16.47
CA THR A 23 15.97 0.04 -17.46
C THR A 23 15.67 1.40 -16.84
N ASP A 24 16.63 2.31 -16.94
CA ASP A 24 16.49 3.63 -16.33
C ASP A 24 15.33 4.40 -16.94
N ASP A 25 15.27 4.43 -18.26
CA ASP A 25 14.24 5.17 -18.97
C ASP A 25 12.85 4.57 -18.70
N GLY A 26 12.82 3.29 -18.37
CA GLY A 26 11.58 2.62 -18.00
C GLY A 26 11.13 3.04 -16.61
N LEU A 27 12.08 3.13 -15.68
CA LEU A 27 11.79 3.55 -14.32
C LEU A 27 11.26 4.97 -14.27
N LYS A 28 11.76 5.81 -15.18
CA LYS A 28 11.39 7.22 -15.20
C LYS A 28 9.88 7.39 -15.31
N LYS A 29 9.22 6.39 -15.87
CA LYS A 29 7.79 6.48 -16.16
C LYS A 29 6.96 6.56 -14.88
N TRP A 30 7.56 6.13 -13.78
CA TRP A 30 6.87 6.13 -12.50
C TRP A 30 7.80 6.55 -11.36
N TRP A 31 9.03 6.93 -11.73
CA TRP A 31 9.96 7.51 -10.77
C TRP A 31 10.21 8.98 -11.09
N THR A 32 11.38 9.27 -11.64
CA THR A 32 11.83 10.65 -11.81
C THR A 32 12.24 10.92 -13.25
N ASN A 33 12.74 12.13 -13.51
CA ASN A 33 13.13 12.53 -14.85
C ASN A 33 14.62 12.29 -15.08
N ASP A 34 15.32 11.94 -14.02
CA ASP A 34 16.77 11.71 -14.10
C ASP A 34 17.18 10.47 -13.32
N ILE A 35 17.38 9.37 -14.02
CA ILE A 35 17.79 8.12 -13.40
C ILE A 35 19.04 7.54 -14.06
N SER A 36 19.99 7.10 -13.24
CA SER A 36 21.24 6.58 -13.74
C SER A 36 21.67 5.32 -12.98
N GLY A 37 21.84 4.22 -13.71
CA GLY A 37 22.34 2.99 -13.11
C GLY A 37 21.70 1.77 -13.76
N ALA A 38 21.40 0.76 -12.94
CA ALA A 38 20.72 -0.44 -13.42
C ALA A 38 21.55 -1.16 -14.48
N GLY A 39 22.82 -1.41 -14.17
CA GLY A 39 23.66 -2.26 -15.00
C GLY A 39 23.66 -3.69 -14.49
N VAL A 40 24.83 -4.32 -14.50
CA VAL A 40 24.99 -5.66 -13.95
C VAL A 40 25.11 -5.62 -12.43
N VAL A 41 25.06 -6.79 -11.80
CA VAL A 41 25.19 -6.89 -10.35
C VAL A 41 26.44 -6.17 -9.85
N GLY A 42 26.25 -5.29 -8.88
CA GLY A 42 27.32 -4.40 -8.43
C GLY A 42 27.02 -2.95 -8.83
N SER A 43 26.21 -2.78 -9.87
CA SER A 43 25.81 -1.45 -10.31
C SER A 43 24.81 -0.83 -9.36
N THR A 44 24.88 0.49 -9.21
CA THR A 44 24.01 1.21 -8.29
C THR A 44 23.03 2.10 -9.04
N ILE A 45 21.77 2.04 -8.65
CA ILE A 45 20.74 2.87 -9.27
C ILE A 45 20.51 4.15 -8.48
N LYS A 46 20.69 5.30 -9.14
CA LYS A 46 20.49 6.59 -8.51
C LYS A 46 19.24 7.28 -9.05
N PHE A 47 18.37 7.69 -8.15
CA PHE A 47 17.16 8.42 -8.53
C PHE A 47 17.29 9.91 -8.21
N ARG A 48 16.51 10.73 -8.91
CA ARG A 48 16.53 12.17 -8.70
C ARG A 48 15.81 12.54 -7.41
N PHE A 49 16.35 13.52 -6.70
CA PHE A 49 15.72 14.01 -5.48
C PHE A 49 16.23 15.41 -5.11
N ASN A 50 15.34 16.22 -4.56
CA ASN A 50 15.64 17.63 -4.32
C ASN A 50 16.90 17.80 -3.50
N GLY A 51 17.02 17.00 -2.43
CA GLY A 51 18.21 17.01 -1.60
C GLY A 51 19.28 16.09 -2.15
N GLY A 52 19.32 14.86 -1.66
CA GLY A 52 20.23 13.85 -2.18
C GLY A 52 19.47 12.68 -2.79
N GLY A 53 19.92 12.24 -3.96
CA GLY A 53 19.27 11.15 -4.67
C GLY A 53 19.49 9.82 -3.97
N PRO A 54 18.40 9.07 -3.78
CA PRO A 54 18.48 7.77 -3.11
C PRO A 54 19.17 6.74 -4.00
N ASP A 55 19.94 5.86 -3.37
CA ASP A 55 20.70 4.86 -4.11
C ASP A 55 20.21 3.45 -3.81
N PHE A 56 20.06 2.64 -4.86
CA PHE A 56 19.72 1.24 -4.71
C PHE A 56 20.73 0.35 -5.42
N LYS A 57 21.57 -0.34 -4.64
CA LYS A 57 22.62 -1.17 -5.21
C LYS A 57 22.07 -2.55 -5.59
N VAL A 58 22.42 -3.00 -6.80
CA VAL A 58 22.01 -4.32 -7.27
C VAL A 58 22.91 -5.42 -6.72
N THR A 59 22.32 -6.31 -5.93
CA THR A 59 23.11 -7.29 -5.19
C THR A 59 22.89 -8.70 -5.74
N LYS A 60 21.80 -8.87 -6.49
CA LYS A 60 21.48 -10.16 -7.09
C LYS A 60 20.47 -10.01 -8.21
N LEU A 61 20.70 -10.73 -9.31
CA LEU A 61 19.77 -10.72 -10.44
C LEU A 61 19.50 -12.12 -10.94
N ILE A 62 18.24 -12.55 -10.82
CA ILE A 62 17.80 -13.80 -11.45
C ILE A 62 16.86 -13.52 -12.61
N PRO A 63 17.18 -14.05 -13.78
CA PRO A 63 16.47 -13.73 -15.01
C PRO A 63 14.96 -13.90 -14.84
N ASN A 64 14.25 -12.79 -14.80
CA ASN A 64 12.79 -12.82 -14.90
C ASN A 64 12.18 -13.51 -13.69
N LYS A 65 12.90 -13.52 -12.59
CA LYS A 65 12.42 -14.15 -11.35
C LYS A 65 12.62 -13.25 -10.15
N THR A 66 13.85 -12.77 -9.99
CA THR A 66 14.24 -12.07 -8.76
C THR A 66 15.09 -10.84 -9.08
N VAL A 67 14.73 -9.72 -8.46
CA VAL A 67 15.62 -8.56 -8.41
C VAL A 67 15.85 -8.11 -6.97
N CYS A 68 17.12 -8.08 -6.56
CA CYS A 68 17.47 -7.76 -5.18
C CYS A 68 18.25 -6.46 -5.10
N TRP A 69 17.67 -5.46 -4.44
CA TRP A 69 18.36 -4.20 -4.19
C TRP A 69 18.74 -4.06 -2.72
N GLN A 70 19.82 -3.31 -2.46
CA GLN A 70 20.12 -2.86 -1.11
C GLN A 70 20.16 -1.34 -1.04
N HIS A 71 19.45 -0.78 -0.07
CA HIS A 71 19.31 0.66 0.04
C HIS A 71 20.64 1.32 0.40
N ALA A 72 20.84 2.52 -0.12
CA ALA A 72 22.01 3.33 0.24
C ALA A 72 21.74 4.81 0.04
N GLY A 73 22.58 5.64 0.64
CA GLY A 73 22.45 7.09 0.52
C GLY A 73 23.07 7.81 1.71
N ASN A 74 22.63 9.05 1.94
CA ASN A 74 23.09 9.81 3.09
C ASN A 74 22.12 9.70 4.25
N MET A 75 21.13 8.82 4.11
CA MET A 75 20.14 8.59 5.15
C MET A 75 20.77 7.93 6.38
N PRO A 76 20.10 8.05 7.52
CA PRO A 76 20.53 7.38 8.73
C PRO A 76 20.75 5.88 8.48
N GLU A 77 21.66 5.29 9.25
CA GLU A 77 22.02 3.89 9.07
C GLU A 77 20.81 2.99 9.27
N SER A 78 19.88 3.42 10.11
CA SER A 78 18.67 2.65 10.38
C SER A 78 17.78 2.55 9.14
N TRP A 79 18.00 3.46 8.21
CA TRP A 79 17.24 3.46 6.95
C TRP A 79 18.05 2.81 5.84
N MET A 80 19.36 3.06 5.83
CA MET A 80 20.23 2.50 4.82
C MET A 80 20.30 0.98 4.93
N GLY A 81 20.25 0.48 6.16
CA GLY A 81 20.40 -0.94 6.41
C GLY A 81 19.08 -1.68 6.20
N THR A 82 18.51 -1.52 5.01
CA THR A 82 17.29 -2.24 4.65
C THR A 82 17.42 -2.89 3.28
N GLU A 83 16.69 -3.98 3.07
CA GLU A 83 16.83 -4.77 1.86
C GLU A 83 15.53 -4.79 1.05
N ILE A 84 15.67 -4.81 -0.27
CA ILE A 84 14.51 -4.72 -1.16
C ILE A 84 14.49 -5.87 -2.16
N SER A 85 13.39 -6.61 -2.19
CA SER A 85 13.28 -7.79 -3.02
C SER A 85 12.09 -7.69 -3.96
N PHE A 86 12.30 -8.06 -5.22
CA PHE A 86 11.21 -8.17 -6.19
C PHE A 86 11.04 -9.60 -6.68
N GLN A 87 10.00 -10.26 -6.20
CA GLN A 87 9.72 -11.64 -6.60
C GLN A 87 8.63 -11.70 -7.66
N LEU A 88 8.96 -12.31 -8.79
CA LEU A 88 7.99 -12.50 -9.86
C LEU A 88 7.38 -13.90 -9.82
N GLU A 89 6.06 -13.97 -9.96
CA GLU A 89 5.37 -15.24 -10.04
C GLU A 89 4.52 -15.32 -11.30
N THR A 90 4.89 -16.24 -12.19
CA THR A 90 4.17 -16.43 -13.45
C THR A 90 2.78 -17.01 -13.21
N VAL A 91 1.78 -16.37 -13.79
CA VAL A 91 0.40 -16.85 -13.68
C VAL A 91 -0.19 -17.16 -15.06
N GLU A 92 -1.09 -18.15 -15.09
CA GLU A 92 -1.65 -18.61 -16.36
C GLU A 92 -1.97 -17.44 -17.28
N ASN A 93 -2.61 -16.41 -16.72
CA ASN A 93 -3.10 -15.30 -17.52
C ASN A 93 -2.24 -14.06 -17.31
N GLN A 94 -1.75 -13.88 -16.09
CA GLN A 94 -1.04 -12.66 -15.71
C GLN A 94 0.33 -12.98 -15.13
N THR A 95 0.98 -11.95 -14.59
CA THR A 95 2.15 -12.16 -13.73
C THR A 95 2.02 -11.37 -12.44
N PHE A 96 2.30 -12.02 -11.32
CA PHE A 96 2.17 -11.39 -10.00
C PHE A 96 3.52 -10.89 -9.51
N VAL A 97 3.51 -9.72 -8.88
CA VAL A 97 4.72 -9.17 -8.28
C VAL A 97 4.61 -9.09 -6.77
N ARG A 98 5.48 -9.82 -6.08
CA ARG A 98 5.56 -9.75 -4.62
C ARG A 98 6.71 -8.85 -4.17
N PHE A 99 6.38 -7.74 -3.51
CA PHE A 99 7.38 -6.79 -3.07
C PHE A 99 7.67 -6.95 -1.59
N THR A 100 8.96 -7.08 -1.26
CA THR A 100 9.38 -7.20 0.14
C THR A 100 10.45 -6.17 0.47
N HIS A 101 10.15 -5.30 1.43
CA HIS A 101 11.15 -4.38 1.96
C HIS A 101 11.39 -4.62 3.44
N SER A 102 12.51 -5.27 3.75
CA SER A 102 12.68 -5.93 5.04
C SER A 102 13.89 -5.38 5.78
N ASN A 103 14.16 -5.90 6.97
CA ASN A 103 15.28 -5.46 7.78
C ASN A 103 15.00 -4.10 8.41
N TRP A 104 13.74 -3.86 8.76
CA TRP A 104 13.38 -2.68 9.53
C TRP A 104 13.54 -2.90 11.03
N HIS A 105 14.19 -1.96 11.69
CA HIS A 105 14.43 -2.06 13.14
C HIS A 105 13.12 -2.03 13.92
N GLU A 106 12.25 -1.09 13.58
CA GLU A 106 10.98 -0.94 14.27
C GLU A 106 9.94 -0.27 13.38
N THR A 107 8.68 -0.35 13.78
CA THR A 107 7.59 0.24 13.02
C THR A 107 7.56 1.76 13.18
N THR A 108 8.52 2.43 12.55
CA THR A 108 8.63 3.88 12.65
C THR A 108 7.84 4.57 11.55
N ASP A 109 7.90 5.89 11.52
CA ASP A 109 7.12 6.67 10.56
C ASP A 109 7.60 6.44 9.14
N PHE A 110 8.92 6.42 8.96
CA PHE A 110 9.51 6.24 7.63
C PHE A 110 9.15 4.88 7.05
N MET A 111 8.99 3.89 7.92
CA MET A 111 8.60 2.55 7.50
C MET A 111 7.23 2.57 6.82
N ALA A 112 6.26 3.19 7.48
CA ALA A 112 4.91 3.28 6.93
C ALA A 112 4.89 4.11 5.65
N HIS A 113 5.72 5.14 5.61
CA HIS A 113 5.84 6.00 4.43
C HIS A 113 6.27 5.20 3.21
N CYS A 114 7.28 4.36 3.40
CA CYS A 114 7.75 3.48 2.33
C CYS A 114 6.65 2.56 1.84
N ASN A 115 5.91 1.98 2.78
CA ASN A 115 4.79 1.10 2.44
C ASN A 115 3.84 1.78 1.46
N THR A 116 3.48 3.03 1.75
CA THR A 116 2.59 3.78 0.88
C THR A 116 3.25 4.07 -0.46
N LYS A 117 4.48 4.59 -0.43
CA LYS A 117 5.14 5.08 -1.62
C LYS A 117 5.39 3.95 -2.61
N TRP A 118 5.78 2.78 -2.09
CA TRP A 118 6.11 1.64 -2.93
C TRP A 118 4.86 1.03 -3.55
N ALA A 119 3.75 1.11 -2.82
CA ALA A 119 2.46 0.68 -3.34
C ALA A 119 2.05 1.52 -4.55
N VAL A 120 2.26 2.84 -4.45
CA VAL A 120 1.99 3.74 -5.55
C VAL A 120 2.91 3.47 -6.73
N PHE A 121 4.17 3.21 -6.43
CA PHE A 121 5.16 2.89 -7.46
C PHE A 121 4.76 1.66 -8.24
N LEU A 122 4.24 0.66 -7.54
CA LEU A 122 3.83 -0.59 -8.17
C LEU A 122 2.57 -0.39 -9.02
N LEU A 123 1.60 0.34 -8.48
CA LEU A 123 0.41 0.69 -9.22
C LEU A 123 0.76 1.39 -10.53
N SER A 124 1.74 2.28 -10.47
CA SER A 124 2.21 2.98 -11.66
C SER A 124 2.93 2.04 -12.61
N LEU A 125 3.73 1.13 -12.04
CA LEU A 125 4.34 0.06 -12.82
C LEU A 125 3.29 -0.74 -13.58
N LYS A 126 2.14 -0.94 -12.94
CA LYS A 126 1.08 -1.77 -13.51
C LYS A 126 0.42 -1.07 -14.70
N ASP A 127 0.03 0.18 -14.50
CA ASP A 127 -0.64 0.95 -15.53
C ASP A 127 0.29 1.20 -16.72
N ALA A 128 1.57 1.38 -16.43
CA ALA A 128 2.57 1.60 -17.47
C ALA A 128 2.73 0.37 -18.35
N LEU A 129 2.85 -0.80 -17.72
CA LEU A 129 3.07 -2.04 -18.44
C LEU A 129 1.83 -2.46 -19.21
N GLU A 130 0.67 -2.27 -18.60
CA GLU A 130 -0.59 -2.73 -19.19
C GLU A 130 -1.06 -1.79 -20.28
N ILE A 131 -1.07 -0.50 -19.99
CA ILE A 131 -1.63 0.49 -20.90
C ILE A 131 -0.52 1.38 -21.49
N GLY A 132 0.33 1.90 -20.62
CA GLY A 132 1.33 2.88 -21.03
C GLY A 132 1.04 4.25 -20.44
N LYS A 133 0.30 4.27 -19.34
CA LYS A 133 -0.10 5.52 -18.71
C LYS A 133 1.09 6.19 -18.03
N GLY A 134 2.07 5.39 -17.62
CA GLY A 134 3.27 5.91 -16.97
C GLY A 134 3.98 6.91 -17.87
N MET B 1 2.94 -9.06 17.85
CA MET B 1 2.22 -9.62 16.72
C MET B 1 2.46 -8.80 15.46
N VAL B 2 1.70 -9.10 14.41
CA VAL B 2 1.83 -8.40 13.14
C VAL B 2 0.72 -7.40 12.94
N ASN B 3 1.07 -6.22 12.45
CA ASN B 3 0.07 -5.21 12.07
C ASN B 3 0.40 -4.61 10.71
N ILE B 4 -0.60 -3.98 10.09
CA ILE B 4 -0.40 -3.29 8.83
C ILE B 4 -0.53 -1.78 9.01
N ASN B 5 0.51 -1.05 8.62
CA ASN B 5 0.54 0.40 8.79
C ASN B 5 0.66 1.11 7.45
N HIS B 6 -0.39 1.87 7.11
CA HIS B 6 -0.42 2.60 5.84
C HIS B 6 -0.97 4.01 6.04
N ARG B 7 -0.43 4.96 5.29
CA ARG B 7 -0.76 6.36 5.47
C ARG B 7 -1.20 6.99 4.15
N ILE B 8 -2.08 7.99 4.23
CA ILE B 8 -2.48 8.75 3.07
C ILE B 8 -2.86 10.18 3.46
N GLY B 9 -2.23 11.15 2.80
CA GLY B 9 -2.60 12.55 2.97
C GLY B 9 -3.73 12.94 2.02
N ILE B 10 -4.71 13.65 2.55
CA ILE B 10 -5.87 14.07 1.77
C ILE B 10 -6.14 15.56 1.93
N LYS B 11 -6.35 16.25 0.81
CA LYS B 11 -6.66 17.67 0.83
C LYS B 11 -8.12 17.91 1.17
N ALA B 12 -8.50 17.54 2.40
CA ALA B 12 -9.87 17.71 2.85
C ALA B 12 -9.95 17.77 4.37
N SER B 13 -11.09 18.23 4.89
CA SER B 13 -11.27 18.39 6.32
C SER B 13 -11.41 17.04 7.00
N PRO B 14 -11.07 17.00 8.29
CA PRO B 14 -11.25 15.79 9.10
C PRO B 14 -12.72 15.44 9.24
N GLU B 15 -13.58 16.44 9.06
CA GLU B 15 -15.02 16.22 9.08
C GLU B 15 -15.48 15.44 7.85
N LYS B 16 -14.96 15.83 6.69
CA LYS B 16 -15.28 15.15 5.45
C LYS B 16 -14.77 13.71 5.45
N ILE B 17 -13.56 13.52 5.96
CA ILE B 17 -12.94 12.20 6.03
C ILE B 17 -13.69 11.30 7.00
N TYR B 18 -14.00 11.83 8.18
CA TYR B 18 -14.76 11.09 9.18
C TYR B 18 -16.12 10.66 8.64
N GLN B 19 -16.86 11.62 8.10
CA GLN B 19 -18.20 11.34 7.59
C GLN B 19 -18.15 10.36 6.43
N ALA B 20 -17.09 10.43 5.65
CA ALA B 20 -16.90 9.51 4.52
C ALA B 20 -16.93 8.06 4.98
N LEU B 21 -16.51 7.83 6.22
CA LEU B 21 -16.38 6.48 6.75
C LEU B 21 -17.67 6.04 7.44
N THR B 22 -18.58 6.99 7.66
CA THR B 22 -19.78 6.73 8.43
C THR B 22 -21.03 6.86 7.57
N THR B 23 -20.82 7.05 6.27
CA THR B 23 -21.93 7.11 5.32
C THR B 23 -21.83 6.00 4.28
N ASP B 24 -22.89 5.21 4.17
CA ASP B 24 -22.91 4.07 3.26
C ASP B 24 -22.75 4.51 1.81
N ASP B 25 -23.54 5.50 1.41
CA ASP B 25 -23.52 5.98 0.04
C ASP B 25 -22.18 6.62 -0.30
N GLY B 26 -21.48 7.10 0.72
CA GLY B 26 -20.15 7.66 0.55
C GLY B 26 -19.12 6.56 0.32
N LEU B 27 -19.25 5.47 1.08
CA LEU B 27 -18.35 4.33 0.95
C LEU B 27 -18.47 3.69 -0.42
N LYS B 28 -19.69 3.71 -0.97
CA LYS B 28 -19.96 3.07 -2.25
C LYS B 28 -19.04 3.60 -3.34
N LYS B 29 -18.55 4.82 -3.16
CA LYS B 29 -17.78 5.51 -4.19
C LYS B 29 -16.45 4.81 -4.43
N TRP B 30 -16.01 4.02 -3.45
CA TRP B 30 -14.74 3.32 -3.54
C TRP B 30 -14.85 1.91 -2.98
N TRP B 31 -16.06 1.52 -2.60
CA TRP B 31 -16.34 0.14 -2.22
C TRP B 31 -17.23 -0.55 -3.23
N THR B 32 -18.50 -0.72 -2.87
CA THR B 32 -19.42 -1.54 -3.64
C THR B 32 -20.69 -0.77 -3.98
N ASN B 33 -21.63 -1.45 -4.63
CA ASN B 33 -22.88 -0.82 -5.03
C ASN B 33 -23.98 -1.04 -3.99
N ASP B 34 -23.69 -1.89 -3.02
CA ASP B 34 -24.66 -2.23 -1.98
C ASP B 34 -24.01 -2.27 -0.60
N ILE B 35 -24.19 -1.20 0.16
CA ILE B 35 -23.63 -1.11 1.50
C ILE B 35 -24.70 -0.75 2.52
N SER B 36 -24.69 -1.45 3.65
CA SER B 36 -25.69 -1.24 4.69
C SER B 36 -25.06 -1.26 6.08
N GLY B 37 -25.23 -0.17 6.81
CA GLY B 37 -24.76 -0.09 8.19
C GLY B 37 -24.26 1.32 8.53
N ALA B 38 -23.19 1.38 9.30
CA ALA B 38 -22.57 2.65 9.66
C ALA B 38 -23.54 3.55 10.43
N GLY B 39 -24.13 2.99 11.47
CA GLY B 39 -24.92 3.78 12.42
C GLY B 39 -24.09 4.21 13.61
N VAL B 40 -24.68 4.15 14.79
CA VAL B 40 -23.97 4.43 16.03
C VAL B 40 -23.12 3.23 16.47
N VAL B 41 -22.29 3.45 17.48
CA VAL B 41 -21.43 2.39 18.00
C VAL B 41 -22.26 1.15 18.37
N GLY B 42 -21.85 0.00 17.85
CA GLY B 42 -22.64 -1.22 17.96
C GLY B 42 -23.20 -1.63 16.61
N SER B 43 -23.35 -0.66 15.71
CA SER B 43 -23.83 -0.93 14.36
C SER B 43 -22.77 -1.63 13.52
N THR B 44 -23.20 -2.51 12.63
CA THR B 44 -22.28 -3.27 11.79
C THR B 44 -22.40 -2.86 10.33
N ILE B 45 -21.25 -2.66 9.69
CA ILE B 45 -21.21 -2.29 8.28
C ILE B 45 -21.04 -3.52 7.40
N LYS B 46 -22.00 -3.74 6.50
CA LYS B 46 -21.93 -4.85 5.57
C LYS B 46 -21.64 -4.39 4.15
N PHE B 47 -20.63 -4.98 3.53
CA PHE B 47 -20.29 -4.66 2.15
C PHE B 47 -20.73 -5.79 1.21
N ARG B 48 -20.93 -5.45 -0.06
CA ARG B 48 -21.33 -6.42 -1.07
C ARG B 48 -20.16 -7.31 -1.46
N PHE B 49 -20.45 -8.60 -1.66
CA PHE B 49 -19.44 -9.56 -2.10
C PHE B 49 -20.07 -10.78 -2.73
N ASN B 50 -19.41 -11.33 -3.74
CA ASN B 50 -20.00 -12.41 -4.54
C ASN B 50 -20.42 -13.57 -3.66
N GLY B 51 -19.55 -13.96 -2.74
CA GLY B 51 -19.87 -15.02 -1.78
C GLY B 51 -20.62 -14.48 -0.58
N GLY B 52 -19.89 -14.17 0.48
CA GLY B 52 -20.48 -13.55 1.67
C GLY B 52 -19.90 -12.16 1.91
N GLY B 53 -20.79 -11.20 2.20
CA GLY B 53 -20.37 -9.83 2.42
C GLY B 53 -19.60 -9.69 3.73
N PRO B 54 -18.45 -9.01 3.67
CA PRO B 54 -17.63 -8.80 4.85
C PRO B 54 -18.28 -7.80 5.80
N ASP B 55 -18.11 -8.05 7.10
CA ASP B 55 -18.73 -7.22 8.12
C ASP B 55 -17.69 -6.48 8.94
N PHE B 56 -17.93 -5.19 9.17
CA PHE B 56 -17.09 -4.39 10.06
C PHE B 56 -17.92 -3.72 11.15
N LYS B 57 -17.78 -4.22 12.38
CA LYS B 57 -18.54 -3.71 13.50
C LYS B 57 -17.90 -2.46 14.09
N VAL B 58 -18.73 -1.44 14.33
CA VAL B 58 -18.24 -0.19 14.92
C VAL B 58 -18.13 -0.31 16.44
N THR B 59 -16.92 -0.18 16.95
CA THR B 59 -16.65 -0.46 18.35
C THR B 59 -16.31 0.81 19.11
N LYS B 60 -15.97 1.86 18.38
CA LYS B 60 -15.65 3.16 18.99
C LYS B 60 -15.69 4.27 17.95
N LEU B 61 -16.26 5.41 18.34
CA LEU B 61 -16.32 6.58 17.47
C LEU B 61 -15.92 7.84 18.21
N ILE B 62 -14.82 8.45 17.79
CA ILE B 62 -14.45 9.78 18.27
C ILE B 62 -14.61 10.83 17.18
N PRO B 63 -15.37 11.88 17.48
CA PRO B 63 -15.75 12.86 16.48
C PRO B 63 -14.54 13.38 15.72
N ASN B 64 -14.41 12.99 14.46
CA ASN B 64 -13.45 13.60 13.55
C ASN B 64 -12.02 13.33 14.00
N LYS B 65 -11.84 12.24 14.74
CA LYS B 65 -10.52 11.86 15.24
C LYS B 65 -10.24 10.39 15.01
N THR B 66 -11.17 9.55 15.45
CA THR B 66 -10.94 8.11 15.48
C THR B 66 -12.17 7.33 15.02
N VAL B 67 -11.95 6.38 14.12
CA VAL B 67 -12.96 5.36 13.84
C VAL B 67 -12.40 3.96 14.01
N CYS B 68 -13.04 3.18 14.88
CA CYS B 68 -12.54 1.85 15.21
C CYS B 68 -13.52 0.77 14.75
N TRP B 69 -13.06 -0.07 13.83
CA TRP B 69 -13.85 -1.22 13.38
C TRP B 69 -13.26 -2.52 13.89
N GLN B 70 -14.12 -3.52 14.07
CA GLN B 70 -13.66 -4.89 14.28
C GLN B 70 -14.20 -5.82 13.19
N HIS B 71 -13.30 -6.60 12.59
CA HIS B 71 -13.67 -7.44 11.46
C HIS B 71 -14.61 -8.56 11.87
N ALA B 72 -15.51 -8.93 10.97
CA ALA B 72 -16.39 -10.07 11.20
C ALA B 72 -16.89 -10.66 9.89
N GLY B 73 -17.39 -11.88 9.94
CA GLY B 73 -17.90 -12.55 8.75
C GLY B 73 -17.85 -14.07 8.91
N ASN B 74 -17.87 -14.78 7.78
CA ASN B 74 -17.75 -16.23 7.79
C ASN B 74 -16.31 -16.67 7.58
N MET B 75 -15.39 -15.70 7.59
CA MET B 75 -13.97 -15.99 7.41
C MET B 75 -13.41 -16.76 8.61
N PRO B 76 -12.28 -17.43 8.40
CA PRO B 76 -11.59 -18.10 9.49
C PRO B 76 -11.35 -17.17 10.66
N GLU B 77 -11.30 -17.74 11.86
CA GLU B 77 -11.15 -16.94 13.08
C GLU B 77 -9.85 -16.14 13.05
N SER B 78 -8.84 -16.67 12.36
CA SER B 78 -7.55 -16.00 12.27
C SER B 78 -7.66 -14.70 11.47
N TRP B 79 -8.72 -14.60 10.68
CA TRP B 79 -8.98 -13.39 9.89
C TRP B 79 -9.98 -12.48 10.58
N MET B 80 -10.99 -13.10 11.20
CA MET B 80 -12.03 -12.35 11.90
C MET B 80 -11.45 -11.60 13.10
N GLY B 81 -10.47 -12.22 13.76
CA GLY B 81 -9.90 -11.66 14.97
C GLY B 81 -8.85 -10.60 14.66
N THR B 82 -9.24 -9.60 13.87
CA THR B 82 -8.36 -8.49 13.55
C THR B 82 -9.07 -7.15 13.76
N GLU B 83 -8.28 -6.12 14.06
CA GLU B 83 -8.84 -4.82 14.43
C GLU B 83 -8.43 -3.75 13.44
N ILE B 84 -9.32 -2.80 13.18
CA ILE B 84 -9.10 -1.78 12.17
C ILE B 84 -9.29 -0.37 12.75
N SER B 85 -8.28 0.46 12.62
CA SER B 85 -8.29 1.79 13.21
C SER B 85 -8.06 2.87 12.16
N PHE B 86 -8.86 3.93 12.23
CA PHE B 86 -8.66 5.10 11.38
C PHE B 86 -8.32 6.33 12.22
N GLN B 87 -7.06 6.73 12.19
CA GLN B 87 -6.61 7.90 12.94
C GLN B 87 -6.48 9.12 12.03
N LEU B 88 -7.18 10.18 12.39
CA LEU B 88 -7.11 11.44 11.66
C LEU B 88 -6.15 12.42 12.32
N GLU B 89 -5.28 13.04 11.53
CA GLU B 89 -4.39 14.07 12.02
C GLU B 89 -4.56 15.37 11.23
N THR B 90 -5.02 16.41 11.92
CA THR B 90 -5.23 17.71 11.29
C THR B 90 -3.91 18.35 10.92
N VAL B 91 -3.79 18.80 9.67
CA VAL B 91 -2.60 19.48 9.20
C VAL B 91 -2.92 20.89 8.72
N GLU B 92 -1.97 21.80 8.88
CA GLU B 92 -2.18 23.21 8.55
C GLU B 92 -2.96 23.35 7.24
N ASN B 93 -2.54 22.60 6.23
CA ASN B 93 -3.10 22.74 4.89
C ASN B 93 -4.02 21.57 4.56
N GLN B 94 -3.67 20.39 5.05
CA GLN B 94 -4.37 19.16 4.68
C GLN B 94 -4.85 18.41 5.91
N THR B 95 -5.35 17.20 5.70
CA THR B 95 -5.55 16.25 6.79
C THR B 95 -4.96 14.89 6.46
N PHE B 96 -4.22 14.33 7.41
CA PHE B 96 -3.56 13.04 7.20
C PHE B 96 -4.36 11.91 7.80
N VAL B 97 -4.39 10.78 7.09
CA VAL B 97 -5.08 9.58 7.58
C VAL B 97 -4.08 8.46 7.84
N ARG B 98 -4.00 8.04 9.11
CA ARG B 98 -3.18 6.89 9.47
C ARG B 98 -4.03 5.64 9.64
N PHE B 99 -3.79 4.65 8.78
CA PHE B 99 -4.56 3.41 8.80
C PHE B 99 -3.79 2.29 9.49
N THR B 100 -4.43 1.65 10.47
CA THR B 100 -3.83 0.53 11.17
C THR B 100 -4.74 -0.68 11.16
N HIS B 101 -4.27 -1.77 10.57
CA HIS B 101 -4.96 -3.05 10.64
C HIS B 101 -4.13 -4.10 11.37
N SER B 102 -4.47 -4.37 12.61
CA SER B 102 -3.56 -5.03 13.54
C SER B 102 -4.15 -6.33 14.08
N ASN B 103 -3.39 -7.00 14.94
CA ASN B 103 -3.84 -8.27 15.51
C ASN B 103 -3.76 -9.39 14.49
N TRP B 104 -2.74 -9.34 13.64
CA TRP B 104 -2.45 -10.44 12.73
C TRP B 104 -1.57 -11.49 13.39
N HIS B 105 -1.94 -12.75 13.26
CA HIS B 105 -1.18 -13.85 13.85
C HIS B 105 0.20 -13.95 13.23
N GLU B 106 0.25 -13.92 11.91
CA GLU B 106 1.51 -14.07 11.18
C GLU B 106 1.44 -13.40 9.82
N THR B 107 2.60 -13.19 9.20
CA THR B 107 2.67 -12.56 7.88
C THR B 107 2.23 -13.52 6.79
N THR B 108 0.94 -13.79 6.72
CA THR B 108 0.39 -14.71 5.74
C THR B 108 0.01 -13.99 4.45
N ASP B 109 -0.53 -14.74 3.50
CA ASP B 109 -0.86 -14.19 2.19
C ASP B 109 -1.99 -13.18 2.29
N PHE B 110 -3.02 -13.50 3.07
CA PHE B 110 -4.18 -12.64 3.23
C PHE B 110 -3.80 -11.31 3.87
N MET B 111 -2.78 -11.34 4.73
CA MET B 111 -2.28 -10.14 5.37
C MET B 111 -1.76 -9.14 4.34
N ALA B 112 -0.90 -9.62 3.44
CA ALA B 112 -0.33 -8.77 2.40
C ALA B 112 -1.41 -8.29 1.43
N HIS B 113 -2.39 -9.14 1.18
CA HIS B 113 -3.50 -8.80 0.30
C HIS B 113 -4.28 -7.59 0.85
N CYS B 114 -4.56 -7.62 2.15
CA CYS B 114 -5.23 -6.51 2.80
C CYS B 114 -4.43 -5.22 2.69
N ASN B 115 -3.12 -5.33 2.90
CA ASN B 115 -2.23 -4.19 2.78
C ASN B 115 -2.42 -3.48 1.44
N THR B 116 -2.45 -4.27 0.37
CA THR B 116 -2.64 -3.73 -0.97
C THR B 116 -4.03 -3.14 -1.14
N LYS B 117 -5.04 -3.90 -0.75
CA LYS B 117 -6.43 -3.52 -1.01
C LYS B 117 -6.81 -2.25 -0.27
N TRP B 118 -6.34 -2.12 0.97
CA TRP B 118 -6.67 -0.97 1.80
C TRP B 118 -5.95 0.28 1.32
N ALA B 119 -4.76 0.10 0.77
CA ALA B 119 -4.03 1.20 0.14
C ALA B 119 -4.79 1.77 -1.04
N VAL B 120 -5.36 0.88 -1.86
CA VAL B 120 -6.18 1.29 -2.98
C VAL B 120 -7.45 1.98 -2.52
N PHE B 121 -8.05 1.45 -1.47
CA PHE B 121 -9.26 2.02 -0.89
C PHE B 121 -9.02 3.45 -0.42
N LEU B 122 -7.86 3.68 0.18
CA LEU B 122 -7.49 5.01 0.69
C LEU B 122 -7.23 5.97 -0.45
N LEU B 123 -6.48 5.52 -1.45
CA LEU B 123 -6.23 6.31 -2.65
C LEU B 123 -7.55 6.75 -3.29
N SER B 124 -8.51 5.85 -3.33
CA SER B 124 -9.84 6.17 -3.88
C SER B 124 -10.58 7.14 -2.97
N LEU B 125 -10.45 6.94 -1.66
CA LEU B 125 -10.97 7.90 -0.69
C LEU B 125 -10.40 9.29 -0.94
N LYS B 126 -9.14 9.36 -1.33
CA LYS B 126 -8.46 10.63 -1.52
C LYS B 126 -8.98 11.36 -2.75
N ASP B 127 -9.04 10.65 -3.87
CA ASP B 127 -9.50 11.23 -5.13
C ASP B 127 -10.97 11.63 -5.04
N ALA B 128 -11.75 10.84 -4.31
CA ALA B 128 -13.17 11.13 -4.13
C ALA B 128 -13.37 12.42 -3.34
N LEU B 129 -12.64 12.56 -2.25
CA LEU B 129 -12.79 13.71 -1.37
C LEU B 129 -12.25 14.98 -2.02
N GLU B 130 -11.13 14.85 -2.73
CA GLU B 130 -10.46 15.99 -3.31
C GLU B 130 -11.15 16.46 -4.59
N ILE B 131 -11.43 15.50 -5.48
CA ILE B 131 -11.97 15.82 -6.79
C ILE B 131 -13.42 15.36 -6.92
N GLY B 132 -13.67 14.11 -6.55
CA GLY B 132 -14.97 13.50 -6.76
C GLY B 132 -14.91 12.41 -7.81
N LYS B 133 -13.72 11.84 -8.01
CA LYS B 133 -13.50 10.81 -9.01
C LYS B 133 -14.16 9.50 -8.60
N GLY B 134 -14.30 9.29 -7.29
CA GLY B 134 -14.92 8.08 -6.77
C GLY B 134 -16.34 7.92 -7.30
N MET A 1 13.97 -8.42 13.30
CA MET A 1 13.88 -7.21 12.48
C MET A 1 12.49 -7.04 11.89
N VAL A 2 12.26 -5.89 11.27
CA VAL A 2 10.98 -5.63 10.61
C VAL A 2 11.13 -5.65 9.10
N ASN A 3 10.16 -6.25 8.42
CA ASN A 3 10.12 -6.25 6.96
C ASN A 3 8.77 -5.79 6.44
N ILE A 4 8.74 -5.34 5.20
CA ILE A 4 7.49 -4.94 4.55
C ILE A 4 7.16 -5.86 3.38
N ASN A 5 5.97 -6.44 3.41
CA ASN A 5 5.54 -7.37 2.38
C ASN A 5 4.34 -6.84 1.61
N HIS A 6 4.55 -6.57 0.32
CA HIS A 6 3.50 -6.03 -0.53
C HIS A 6 3.40 -6.78 -1.84
N ARG A 7 2.18 -6.97 -2.33
CA ARG A 7 1.95 -7.80 -3.52
C ARG A 7 1.08 -7.06 -4.52
N ILE A 8 1.28 -7.37 -5.80
CA ILE A 8 0.46 -6.78 -6.87
C ILE A 8 0.49 -7.64 -8.12
N GLY A 9 -0.69 -7.89 -8.69
CA GLY A 9 -0.79 -8.53 -10.00
C GLY A 9 -0.71 -7.51 -11.12
N ILE A 10 0.07 -7.83 -12.15
CA ILE A 10 0.22 -6.95 -13.30
C ILE A 10 -0.03 -7.70 -14.61
N LYS A 11 -0.87 -7.13 -15.46
CA LYS A 11 -1.19 -7.74 -16.75
C LYS A 11 -0.09 -7.48 -17.76
N ALA A 12 1.08 -8.07 -17.51
CA ALA A 12 2.21 -7.93 -18.42
C ALA A 12 3.24 -9.04 -18.20
N SER A 13 4.03 -9.31 -19.23
CA SER A 13 5.01 -10.40 -19.19
C SER A 13 6.08 -10.13 -18.13
N PRO A 14 6.68 -11.20 -17.62
CA PRO A 14 7.79 -11.08 -16.69
C PRO A 14 8.99 -10.38 -17.32
N GLU A 15 9.06 -10.44 -18.65
CA GLU A 15 10.09 -9.74 -19.39
C GLU A 15 9.88 -8.23 -19.35
N LYS A 16 8.63 -7.81 -19.54
CA LYS A 16 8.29 -6.40 -19.50
C LYS A 16 8.53 -5.81 -18.11
N ILE A 17 8.12 -6.55 -17.08
CA ILE A 17 8.30 -6.12 -15.71
C ILE A 17 9.78 -6.09 -15.33
N TYR A 18 10.48 -7.18 -15.64
CA TYR A 18 11.92 -7.26 -15.37
C TYR A 18 12.66 -6.06 -15.96
N GLN A 19 12.46 -5.83 -17.26
CA GLN A 19 13.11 -4.72 -17.94
C GLN A 19 12.75 -3.39 -17.31
N ALA A 20 11.46 -3.21 -17.01
CA ALA A 20 10.98 -1.98 -16.40
C ALA A 20 11.71 -1.68 -15.11
N LEU A 21 12.15 -2.72 -14.42
CA LEU A 21 12.83 -2.56 -13.13
C LEU A 21 14.32 -2.39 -13.32
N THR A 22 14.85 -2.93 -14.42
CA THR A 22 16.29 -3.13 -14.55
C THR A 22 16.85 -2.28 -15.69
N THR A 23 16.00 -1.41 -16.24
CA THR A 23 16.46 -0.43 -17.23
C THR A 23 16.11 0.99 -16.78
N ASP A 24 16.97 1.94 -17.14
CA ASP A 24 16.72 3.34 -16.84
C ASP A 24 15.50 3.86 -17.60
N ASP A 25 15.44 3.58 -18.89
CA ASP A 25 14.33 4.02 -19.72
C ASP A 25 13.00 3.47 -19.20
N GLY A 26 13.04 2.25 -18.67
CA GLY A 26 11.84 1.62 -18.13
C GLY A 26 11.42 2.27 -16.82
N LEU A 27 12.39 2.49 -15.94
CA LEU A 27 12.11 3.04 -14.62
C LEU A 27 11.53 4.45 -14.71
N LYS A 28 12.05 5.23 -15.66
CA LYS A 28 11.70 6.65 -15.77
C LYS A 28 10.24 6.81 -16.15
N LYS A 29 9.65 5.75 -16.69
CA LYS A 29 8.29 5.81 -17.23
C LYS A 29 7.27 6.02 -16.12
N TRP A 30 7.54 5.43 -14.96
CA TRP A 30 6.52 5.26 -13.94
C TRP A 30 7.02 5.72 -12.57
N TRP A 31 8.34 5.86 -12.45
CA TRP A 31 8.96 6.25 -11.19
C TRP A 31 9.15 7.76 -11.11
N THR A 32 10.04 8.28 -11.96
CA THR A 32 10.30 9.71 -11.99
C THR A 32 10.96 10.12 -13.30
N ASN A 33 11.33 11.39 -13.41
CA ASN A 33 11.85 11.94 -14.66
C ASN A 33 13.29 11.52 -14.89
N ASP A 34 14.13 11.70 -13.87
CA ASP A 34 15.56 11.52 -14.01
C ASP A 34 16.03 10.27 -13.26
N ILE A 35 16.32 9.21 -14.01
CA ILE A 35 16.92 8.01 -13.43
C ILE A 35 18.08 7.52 -14.27
N SER A 36 19.17 7.13 -13.60
CA SER A 36 20.36 6.64 -14.28
C SER A 36 21.15 5.69 -13.40
N GLY A 37 21.67 4.63 -14.01
CA GLY A 37 22.64 3.77 -13.33
C GLY A 37 22.27 2.30 -13.49
N ALA A 38 21.08 2.05 -14.02
CA ALA A 38 20.59 0.68 -14.20
C ALA A 38 21.54 -0.12 -15.09
N GLY A 39 22.02 -1.23 -14.56
CA GLY A 39 22.98 -2.07 -15.28
C GLY A 39 22.99 -3.50 -14.73
N VAL A 40 24.12 -3.89 -14.17
CA VAL A 40 24.29 -5.26 -13.67
C VAL A 40 24.69 -5.27 -12.21
N VAL A 41 24.95 -6.46 -11.68
CA VAL A 41 25.39 -6.61 -10.29
C VAL A 41 26.65 -5.80 -10.02
N GLY A 42 26.58 -4.92 -9.01
CA GLY A 42 27.68 -4.02 -8.71
C GLY A 42 27.34 -2.60 -9.13
N SER A 43 26.38 -2.46 -10.03
CA SER A 43 25.97 -1.15 -10.52
C SER A 43 25.14 -0.41 -9.49
N THR A 44 25.17 0.92 -9.56
CA THR A 44 24.41 1.75 -8.63
C THR A 44 23.36 2.58 -9.36
N ILE A 45 22.10 2.42 -8.96
CA ILE A 45 21.00 3.15 -9.58
C ILE A 45 20.62 4.37 -8.76
N LYS A 46 20.63 5.54 -9.39
CA LYS A 46 20.27 6.78 -8.72
C LYS A 46 18.87 7.25 -9.14
N PHE A 47 18.05 7.59 -8.15
CA PHE A 47 16.72 8.12 -8.42
C PHE A 47 16.66 9.63 -8.18
N ARG A 48 15.76 10.30 -8.88
CA ARG A 48 15.55 11.72 -8.69
C ARG A 48 14.91 12.02 -7.34
N PHE A 49 15.51 12.95 -6.60
CA PHE A 49 14.90 13.44 -5.37
C PHE A 49 15.45 14.81 -5.00
N ASN A 50 14.56 15.77 -4.81
CA ASN A 50 14.95 17.12 -4.39
C ASN A 50 15.43 17.12 -2.95
N GLY A 51 16.74 17.12 -2.76
CA GLY A 51 17.31 17.06 -1.42
C GLY A 51 18.38 15.96 -1.32
N GLY A 52 18.51 15.18 -2.39
CA GLY A 52 19.52 14.14 -2.44
C GLY A 52 18.94 12.84 -2.99
N GLY A 53 19.10 12.63 -4.29
CA GLY A 53 18.65 11.39 -4.93
C GLY A 53 19.21 10.17 -4.22
N PRO A 54 18.34 9.23 -3.90
CA PRO A 54 18.74 8.01 -3.21
C PRO A 54 19.46 7.04 -4.15
N ASP A 55 20.29 6.19 -3.58
CA ASP A 55 21.10 5.26 -4.37
C ASP A 55 20.78 3.81 -4.00
N PHE A 56 20.58 2.98 -5.01
CA PHE A 56 20.31 1.56 -4.80
C PHE A 56 21.25 0.68 -5.61
N LYS A 57 22.02 -0.15 -4.91
CA LYS A 57 23.02 -0.98 -5.57
C LYS A 57 22.46 -2.37 -5.88
N VAL A 58 22.89 -2.94 -7.00
CA VAL A 58 22.46 -4.28 -7.39
C VAL A 58 23.37 -5.34 -6.78
N THR A 59 22.78 -6.22 -5.98
CA THR A 59 23.54 -7.24 -5.27
C THR A 59 23.32 -8.62 -5.88
N LYS A 60 22.24 -8.76 -6.64
CA LYS A 60 21.98 -10.00 -7.37
C LYS A 60 20.92 -9.78 -8.45
N LEU A 61 21.15 -10.38 -9.61
CA LEU A 61 20.30 -10.13 -10.78
C LEU A 61 19.99 -11.42 -11.52
N ILE A 62 18.74 -11.88 -11.41
CA ILE A 62 18.30 -13.07 -12.11
C ILE A 62 17.22 -12.74 -13.14
N PRO A 63 17.54 -12.95 -14.41
CA PRO A 63 16.62 -12.64 -15.50
C PRO A 63 15.27 -13.30 -15.27
N ASN A 64 14.22 -12.49 -15.21
CA ASN A 64 12.86 -12.99 -15.17
C ASN A 64 12.64 -13.95 -14.01
N LYS A 65 13.02 -13.52 -12.80
CA LYS A 65 12.79 -14.29 -11.60
C LYS A 65 12.96 -13.45 -10.35
N THR A 66 14.21 -13.15 -10.00
CA THR A 66 14.52 -12.51 -8.73
C THR A 66 15.53 -11.39 -8.92
N VAL A 67 15.21 -10.21 -8.38
CA VAL A 67 16.14 -9.09 -8.38
C VAL A 67 16.34 -8.54 -6.98
N CYS A 68 17.59 -8.44 -6.56
CA CYS A 68 17.92 -8.04 -5.20
C CYS A 68 18.73 -6.76 -5.18
N TRP A 69 18.19 -5.73 -4.54
CA TRP A 69 18.91 -4.47 -4.37
C TRP A 69 19.29 -4.24 -2.92
N GLN A 70 20.36 -3.49 -2.70
CA GLN A 70 20.70 -2.99 -1.37
C GLN A 70 20.76 -1.47 -1.35
N HIS A 71 20.05 -0.86 -0.42
CA HIS A 71 19.98 0.59 -0.33
C HIS A 71 21.25 1.18 0.26
N ALA A 72 21.74 2.26 -0.33
CA ALA A 72 22.89 2.97 0.19
C ALA A 72 22.76 4.48 -0.03
N GLY A 73 21.91 5.12 0.75
CA GLY A 73 21.66 6.55 0.60
C GLY A 73 22.04 7.30 1.88
N ASN A 74 21.66 8.58 1.94
CA ASN A 74 21.98 9.41 3.10
C ASN A 74 20.93 9.25 4.19
N MET A 75 20.91 8.08 4.82
CA MET A 75 19.96 7.79 5.88
C MET A 75 20.65 7.25 7.12
N PRO A 76 19.97 7.36 8.26
CA PRO A 76 20.47 6.79 9.51
C PRO A 76 20.78 5.31 9.35
N GLU A 77 21.89 4.86 9.95
CA GLU A 77 22.38 3.51 9.71
C GLU A 77 21.28 2.47 9.86
N SER A 78 20.54 2.56 10.96
CA SER A 78 19.53 1.56 11.28
C SER A 78 18.34 1.65 10.34
N TRP A 79 18.20 2.79 9.67
CA TRP A 79 17.18 2.97 8.65
C TRP A 79 17.81 3.18 7.28
N MET A 80 19.01 2.65 7.09
CA MET A 80 19.73 2.78 5.83
C MET A 80 20.10 1.42 5.26
N GLY A 81 20.61 0.54 6.12
CA GLY A 81 21.01 -0.80 5.71
C GLY A 81 19.80 -1.69 5.50
N THR A 82 19.00 -1.37 4.50
CA THR A 82 17.81 -2.15 4.18
C THR A 82 17.96 -2.88 2.86
N GLU A 83 17.22 -3.98 2.69
CA GLU A 83 17.37 -4.83 1.52
C GLU A 83 16.06 -4.95 0.75
N ILE A 84 16.15 -5.00 -0.57
CA ILE A 84 14.96 -4.95 -1.42
C ILE A 84 14.94 -6.14 -2.38
N SER A 85 13.81 -6.83 -2.43
CA SER A 85 13.68 -8.03 -3.24
C SER A 85 12.48 -7.94 -4.17
N PHE A 86 12.69 -8.32 -5.43
CA PHE A 86 11.59 -8.42 -6.39
C PHE A 86 11.44 -9.85 -6.89
N GLN A 87 10.28 -10.44 -6.63
CA GLN A 87 10.00 -11.82 -7.03
C GLN A 87 8.85 -11.88 -8.02
N LEU A 88 9.10 -12.49 -9.17
CA LEU A 88 8.06 -12.69 -10.18
C LEU A 88 7.50 -14.11 -10.11
N GLU A 89 6.18 -14.22 -10.15
CA GLU A 89 5.52 -15.52 -10.20
C GLU A 89 4.47 -15.56 -11.30
N THR A 90 4.66 -16.45 -12.28
CA THR A 90 3.73 -16.58 -13.38
C THR A 90 2.41 -17.19 -12.92
N VAL A 91 1.31 -16.50 -13.23
CA VAL A 91 -0.02 -16.98 -12.87
C VAL A 91 -0.92 -17.08 -14.09
N GLU A 92 -2.17 -17.44 -13.88
CA GLU A 92 -3.04 -17.91 -14.95
C GLU A 92 -2.92 -17.02 -16.18
N ASN A 93 -3.27 -15.75 -16.03
CA ASN A 93 -3.44 -14.86 -17.17
C ASN A 93 -2.70 -13.55 -16.95
N GLN A 94 -1.69 -13.57 -16.08
CA GLN A 94 -0.87 -12.40 -15.82
C GLN A 94 0.41 -12.78 -15.07
N THR A 95 1.18 -11.77 -14.69
CA THR A 95 2.37 -11.98 -13.88
C THR A 95 2.19 -11.40 -12.48
N PHE A 96 2.40 -12.23 -11.46
CA PHE A 96 2.21 -11.80 -10.08
C PHE A 96 3.51 -11.30 -9.48
N VAL A 97 3.47 -10.10 -8.93
CA VAL A 97 4.67 -9.46 -8.38
C VAL A 97 4.65 -9.47 -6.85
N ARG A 98 5.62 -10.18 -6.27
CA ARG A 98 5.79 -10.16 -4.82
C ARG A 98 6.97 -9.28 -4.42
N PHE A 99 6.69 -8.25 -3.63
CA PHE A 99 7.72 -7.29 -3.23
C PHE A 99 8.04 -7.41 -1.75
N THR A 100 9.33 -7.45 -1.43
CA THR A 100 9.77 -7.50 -0.04
C THR A 100 10.85 -6.45 0.23
N HIS A 101 10.65 -5.68 1.30
CA HIS A 101 11.67 -4.73 1.74
C HIS A 101 11.96 -4.91 3.23
N SER A 102 13.12 -5.48 3.53
CA SER A 102 13.38 -6.02 4.86
C SER A 102 14.56 -5.32 5.52
N ASN A 103 14.88 -5.75 6.74
CA ASN A 103 15.99 -5.16 7.49
C ASN A 103 15.65 -3.74 7.94
N TRP A 104 14.41 -3.54 8.37
CA TRP A 104 14.00 -2.29 8.98
C TRP A 104 14.22 -2.33 10.49
N HIS A 105 14.65 -1.20 11.05
CA HIS A 105 14.92 -1.11 12.48
C HIS A 105 13.69 -1.47 13.30
N GLU A 106 12.62 -0.70 13.12
CA GLU A 106 11.41 -0.88 13.90
C GLU A 106 10.18 -0.35 13.16
N THR A 107 9.01 -0.70 13.65
CA THR A 107 7.76 -0.26 13.03
C THR A 107 7.47 1.20 13.34
N THR A 108 8.20 2.09 12.67
CA THR A 108 8.08 3.52 12.93
C THR A 108 7.80 4.28 11.64
N ASP A 109 7.93 5.60 11.71
CA ASP A 109 7.54 6.47 10.60
C ASP A 109 8.14 5.97 9.28
N PHE A 110 9.42 5.61 9.32
CA PHE A 110 10.10 5.12 8.13
C PHE A 110 9.38 3.93 7.52
N MET A 111 8.97 3.00 8.37
CA MET A 111 8.36 1.76 7.92
C MET A 111 7.04 2.01 7.21
N ALA A 112 6.14 2.73 7.89
CA ALA A 112 4.79 2.94 7.38
C ALA A 112 4.82 3.78 6.10
N HIS A 113 5.69 4.78 6.07
CA HIS A 113 5.76 5.70 4.95
C HIS A 113 6.23 4.99 3.68
N CYS A 114 7.28 4.19 3.82
CA CYS A 114 7.80 3.41 2.70
C CYS A 114 6.76 2.41 2.21
N ASN A 115 6.05 1.79 3.13
CA ASN A 115 4.97 0.86 2.79
C ASN A 115 3.95 1.52 1.87
N THR A 116 3.56 2.75 2.21
CA THR A 116 2.64 3.51 1.38
C THR A 116 3.24 3.84 0.02
N LYS A 117 4.48 4.33 0.04
CA LYS A 117 5.12 4.82 -1.17
C LYS A 117 5.31 3.69 -2.19
N TRP A 118 5.69 2.51 -1.68
CA TRP A 118 5.99 1.38 -2.56
C TRP A 118 4.71 0.80 -3.16
N ALA A 119 3.62 0.91 -2.44
CA ALA A 119 2.30 0.53 -2.96
C ALA A 119 1.92 1.39 -4.16
N VAL A 120 2.14 2.69 -4.03
CA VAL A 120 1.88 3.62 -5.12
C VAL A 120 2.82 3.37 -6.30
N PHE A 121 4.08 3.10 -5.98
CA PHE A 121 5.09 2.82 -7.00
C PHE A 121 4.67 1.63 -7.87
N LEU A 122 4.25 0.55 -7.21
CA LEU A 122 3.87 -0.67 -7.91
C LEU A 122 2.61 -0.47 -8.74
N LEU A 123 1.64 0.22 -8.16
CA LEU A 123 0.43 0.59 -8.89
C LEU A 123 0.75 1.37 -10.15
N SER A 124 1.75 2.25 -10.07
CA SER A 124 2.22 2.99 -11.23
C SER A 124 2.86 2.07 -12.25
N LEU A 125 3.64 1.11 -11.77
CA LEU A 125 4.22 0.09 -12.63
C LEU A 125 3.13 -0.71 -13.34
N LYS A 126 2.01 -0.92 -12.66
CA LYS A 126 0.93 -1.75 -13.19
C LYS A 126 0.21 -1.04 -14.32
N ASP A 127 -0.14 0.23 -14.11
CA ASP A 127 -0.85 1.01 -15.11
C ASP A 127 0.04 1.31 -16.31
N ALA A 128 1.32 1.55 -16.04
CA ALA A 128 2.29 1.84 -17.09
C ALA A 128 2.42 0.67 -18.06
N LEU A 129 2.51 -0.54 -17.51
CA LEU A 129 2.69 -1.73 -18.32
C LEU A 129 1.38 -2.18 -18.96
N GLU A 130 0.30 -2.09 -18.19
CA GLU A 130 -1.01 -2.57 -18.64
C GLU A 130 -1.57 -1.67 -19.73
N ILE A 131 -1.61 -0.37 -19.45
CA ILE A 131 -2.21 0.59 -20.38
C ILE A 131 -1.14 1.46 -21.02
N GLY A 132 -0.35 2.14 -20.19
CA GLY A 132 0.68 3.04 -20.68
C GLY A 132 0.21 4.49 -20.59
N LYS A 133 -1.03 4.68 -20.19
CA LYS A 133 -1.61 6.02 -20.07
C LYS A 133 -1.68 6.47 -18.61
N GLY A 134 -1.24 5.59 -17.71
CA GLY A 134 -1.26 5.89 -16.29
C GLY A 134 -0.40 7.10 -15.98
N MET B 1 1.56 -10.23 18.32
CA MET B 1 0.67 -10.27 17.17
C MET B 1 1.21 -9.41 16.03
N VAL B 2 0.57 -9.51 14.87
CA VAL B 2 0.95 -8.71 13.71
C VAL B 2 -0.08 -7.63 13.42
N ASN B 3 0.40 -6.43 13.10
CA ASN B 3 -0.47 -5.34 12.69
C ASN B 3 -0.01 -4.72 11.38
N ILE B 4 -0.93 -4.04 10.71
CA ILE B 4 -0.61 -3.33 9.48
C ILE B 4 -0.77 -1.83 9.66
N ASN B 5 0.30 -1.09 9.36
CA ASN B 5 0.30 0.36 9.51
C ASN B 5 0.45 1.07 8.17
N HIS B 6 -0.58 1.80 7.78
CA HIS B 6 -0.57 2.51 6.50
C HIS B 6 -1.04 3.95 6.66
N ARG B 7 -0.42 4.86 5.93
CA ARG B 7 -0.69 6.29 6.08
C ARG B 7 -0.97 6.94 4.73
N ILE B 8 -1.78 7.99 4.75
CA ILE B 8 -2.09 8.74 3.54
C ILE B 8 -2.57 10.15 3.87
N GLY B 9 -2.02 11.13 3.17
CA GLY B 9 -2.52 12.50 3.25
C GLY B 9 -3.65 12.74 2.25
N ILE B 10 -4.70 13.40 2.70
CA ILE B 10 -5.84 13.70 1.85
C ILE B 10 -6.21 15.18 1.91
N LYS B 11 -6.35 15.80 0.75
CA LYS B 11 -6.70 17.21 0.66
C LYS B 11 -8.18 17.43 0.90
N ALA B 12 -8.63 17.14 2.12
CA ALA B 12 -10.04 17.33 2.48
C ALA B 12 -10.21 17.41 3.99
N SER B 13 -11.30 18.04 4.42
CA SER B 13 -11.55 18.26 5.83
C SER B 13 -11.74 16.94 6.57
N PRO B 14 -11.47 16.95 7.87
CA PRO B 14 -11.70 15.77 8.71
C PRO B 14 -13.19 15.43 8.76
N GLU B 15 -14.03 16.42 8.51
CA GLU B 15 -15.47 16.19 8.44
C GLU B 15 -15.84 15.39 7.20
N LYS B 16 -15.24 15.75 6.06
CA LYS B 16 -15.49 15.05 4.81
C LYS B 16 -15.01 13.60 4.89
N ILE B 17 -13.83 13.41 5.45
CA ILE B 17 -13.26 12.07 5.60
C ILE B 17 -14.07 11.24 6.59
N TYR B 18 -14.36 11.82 7.75
CA TYR B 18 -15.16 11.16 8.76
C TYR B 18 -16.47 10.65 8.17
N GLN B 19 -17.22 11.55 7.55
CA GLN B 19 -18.50 11.20 6.96
C GLN B 19 -18.34 10.11 5.90
N ALA B 20 -17.32 10.26 5.05
CA ALA B 20 -17.06 9.30 4.00
C ALA B 20 -16.88 7.89 4.56
N LEU B 21 -16.39 7.81 5.78
CA LEU B 21 -16.12 6.52 6.42
C LEU B 21 -17.34 6.02 7.17
N THR B 22 -18.18 6.94 7.61
CA THR B 22 -19.20 6.63 8.61
C THR B 22 -20.60 6.78 8.03
N THR B 23 -20.67 7.02 6.72
CA THR B 23 -21.95 7.04 6.01
C THR B 23 -21.95 6.03 4.87
N ASP B 24 -23.12 5.46 4.61
CA ASP B 24 -23.27 4.53 3.47
C ASP B 24 -23.07 5.24 2.15
N ASP B 25 -23.73 6.39 1.99
CA ASP B 25 -23.63 7.16 0.75
C ASP B 25 -22.19 7.57 0.48
N GLY B 26 -21.44 7.85 1.54
CA GLY B 26 -20.04 8.23 1.41
C GLY B 26 -19.18 7.06 1.01
N LEU B 27 -19.39 5.92 1.67
CA LEU B 27 -18.57 4.73 1.43
C LEU B 27 -18.75 4.22 0.01
N LYS B 28 -19.98 4.29 -0.49
CA LYS B 28 -20.31 3.71 -1.79
C LYS B 28 -19.59 4.44 -2.92
N LYS B 29 -19.13 5.65 -2.63
CA LYS B 29 -18.54 6.51 -3.66
C LYS B 29 -17.22 5.94 -4.16
N TRP B 30 -16.47 5.31 -3.25
CA TRP B 30 -15.06 5.00 -3.50
C TRP B 30 -14.75 3.56 -3.16
N TRP B 31 -15.64 2.91 -2.42
CA TRP B 31 -15.43 1.53 -2.01
C TRP B 31 -16.06 0.55 -2.98
N THR B 32 -17.40 0.56 -3.05
CA THR B 32 -18.13 -0.31 -3.95
C THR B 32 -19.54 0.19 -4.19
N ASN B 33 -20.32 -0.58 -4.93
CA ASN B 33 -21.66 -0.15 -5.34
C ASN B 33 -22.65 -0.27 -4.19
N ASP B 34 -22.67 -1.43 -3.56
CA ASP B 34 -23.69 -1.75 -2.57
C ASP B 34 -23.10 -1.77 -1.16
N ILE B 35 -23.39 -0.73 -0.38
CA ILE B 35 -23.00 -0.70 1.02
C ILE B 35 -24.16 -0.23 1.89
N SER B 36 -24.34 -0.89 3.03
CA SER B 36 -25.43 -0.55 3.94
C SER B 36 -25.08 -0.95 5.37
N GLY B 37 -25.44 -0.10 6.32
CA GLY B 37 -25.38 -0.47 7.73
C GLY B 37 -24.69 0.61 8.56
N ALA B 38 -24.09 1.58 7.87
CA ALA B 38 -23.37 2.66 8.54
C ALA B 38 -24.29 3.43 9.48
N GLY B 39 -23.89 3.48 10.75
CA GLY B 39 -24.70 4.14 11.78
C GLY B 39 -23.85 4.53 12.98
N VAL B 40 -24.13 3.91 14.12
CA VAL B 40 -23.46 4.26 15.37
C VAL B 40 -22.83 3.02 16.01
N VAL B 41 -22.24 3.21 17.18
CA VAL B 41 -21.65 2.11 17.92
C VAL B 41 -22.64 1.00 18.17
N GLY B 42 -22.29 -0.22 17.74
CA GLY B 42 -23.20 -1.35 17.83
C GLY B 42 -23.75 -1.72 16.46
N SER B 43 -23.68 -0.78 15.52
CA SER B 43 -24.17 -1.00 14.17
C SER B 43 -23.23 -1.88 13.37
N THR B 44 -23.77 -2.59 12.39
CA THR B 44 -22.98 -3.48 11.54
C THR B 44 -23.00 -3.01 10.10
N ILE B 45 -21.82 -2.76 9.53
CA ILE B 45 -21.70 -2.32 8.15
C ILE B 45 -21.37 -3.47 7.22
N LYS B 46 -22.18 -3.67 6.20
CA LYS B 46 -21.97 -4.73 5.23
C LYS B 46 -21.44 -4.17 3.92
N PHE B 47 -20.38 -4.79 3.41
CA PHE B 47 -19.81 -4.41 2.12
C PHE B 47 -20.17 -5.41 1.04
N ARG B 48 -20.22 -4.94 -0.21
CA ARG B 48 -20.48 -5.80 -1.35
C ARG B 48 -19.30 -6.74 -1.60
N PHE B 49 -19.59 -8.03 -1.74
CA PHE B 49 -18.59 -9.00 -2.16
C PHE B 49 -19.24 -10.25 -2.74
N ASN B 50 -18.86 -10.60 -3.96
CA ASN B 50 -19.36 -11.81 -4.60
C ASN B 50 -18.80 -13.06 -3.94
N GLY B 51 -19.60 -13.68 -3.07
CA GLY B 51 -19.16 -14.84 -2.33
C GLY B 51 -19.44 -14.70 -0.84
N GLY B 52 -19.91 -13.51 -0.45
CA GLY B 52 -20.26 -13.25 0.94
C GLY B 52 -19.72 -11.90 1.40
N GLY B 53 -20.56 -10.87 1.31
CA GLY B 53 -20.19 -9.54 1.78
C GLY B 53 -19.71 -9.58 3.22
N PRO B 54 -18.55 -8.97 3.46
CA PRO B 54 -17.95 -8.95 4.80
C PRO B 54 -18.68 -7.97 5.71
N ASP B 55 -18.60 -8.22 7.01
CA ASP B 55 -19.30 -7.40 8.00
C ASP B 55 -18.34 -6.74 8.97
N PHE B 56 -18.52 -5.45 9.22
CA PHE B 56 -17.68 -4.72 10.15
C PHE B 56 -18.52 -3.96 11.17
N LYS B 57 -18.33 -4.30 12.44
CA LYS B 57 -19.11 -3.69 13.52
C LYS B 57 -18.42 -2.48 14.11
N VAL B 58 -19.20 -1.49 14.51
CA VAL B 58 -18.65 -0.29 15.13
C VAL B 58 -18.52 -0.47 16.65
N THR B 59 -17.30 -0.35 17.14
CA THR B 59 -17.02 -0.59 18.56
C THR B 59 -16.74 0.71 19.28
N LYS B 60 -16.41 1.75 18.53
CA LYS B 60 -16.23 3.09 19.09
C LYS B 60 -16.23 4.15 17.99
N LEU B 61 -16.89 5.28 18.27
CA LEU B 61 -17.11 6.31 17.27
C LEU B 61 -16.88 7.69 17.84
N ILE B 62 -15.78 8.32 17.44
CA ILE B 62 -15.47 9.68 17.87
C ILE B 62 -15.48 10.65 16.69
N PRO B 63 -16.41 11.58 16.72
CA PRO B 63 -16.55 12.56 15.63
C PRO B 63 -15.23 13.26 15.35
N ASN B 64 -14.75 13.13 14.11
CA ASN B 64 -13.59 13.88 13.65
C ASN B 64 -12.38 13.64 14.54
N LYS B 65 -12.07 12.37 14.76
CA LYS B 65 -10.87 12.00 15.51
C LYS B 65 -10.52 10.52 15.30
N THR B 66 -11.29 9.65 15.95
CA THR B 66 -10.95 8.23 16.01
C THR B 66 -12.18 7.37 15.74
N VAL B 67 -12.05 6.43 14.80
CA VAL B 67 -13.11 5.46 14.54
C VAL B 67 -12.58 4.03 14.63
N CYS B 68 -13.24 3.22 15.43
CA CYS B 68 -12.77 1.86 15.69
C CYS B 68 -13.79 0.83 15.25
N TRP B 69 -13.39 -0.03 14.31
CA TRP B 69 -14.25 -1.12 13.86
C TRP B 69 -13.69 -2.48 14.30
N GLN B 70 -14.59 -3.45 14.47
CA GLN B 70 -14.17 -4.84 14.66
C GLN B 70 -14.77 -5.73 13.57
N HIS B 71 -13.91 -6.51 12.92
CA HIS B 71 -14.34 -7.36 11.82
C HIS B 71 -15.07 -8.60 12.33
N ALA B 72 -16.17 -8.94 11.67
CA ALA B 72 -16.91 -10.16 11.99
C ALA B 72 -17.51 -10.78 10.73
N GLY B 73 -16.66 -11.41 9.93
CA GLY B 73 -17.10 -12.02 8.68
C GLY B 73 -16.86 -13.52 8.69
N ASN B 74 -17.02 -14.15 7.53
CA ASN B 74 -16.83 -15.59 7.40
C ASN B 74 -15.36 -15.93 7.15
N MET B 75 -14.53 -15.74 8.17
CA MET B 75 -13.11 -16.02 8.07
C MET B 75 -12.63 -16.88 9.22
N PRO B 76 -11.48 -17.55 9.02
CA PRO B 76 -10.86 -18.33 10.07
C PRO B 76 -10.63 -17.49 11.33
N GLU B 77 -10.87 -18.09 12.48
CA GLU B 77 -10.87 -17.34 13.74
C GLU B 77 -9.63 -16.46 13.87
N SER B 78 -8.47 -17.05 13.63
CA SER B 78 -7.21 -16.37 13.83
C SER B 78 -6.99 -15.28 12.79
N TRP B 79 -7.72 -15.39 11.68
CA TRP B 79 -7.70 -14.34 10.65
C TRP B 79 -9.07 -13.68 10.53
N MET B 80 -9.83 -13.68 11.63
CA MET B 80 -11.15 -13.07 11.64
C MET B 80 -11.26 -12.02 12.74
N GLY B 81 -10.77 -12.36 13.92
CA GLY B 81 -10.82 -11.44 15.06
C GLY B 81 -9.78 -10.34 14.92
N THR B 82 -9.96 -9.48 13.93
CA THR B 82 -9.04 -8.38 13.69
C THR B 82 -9.70 -7.04 13.98
N GLU B 83 -8.89 -6.03 14.28
CA GLU B 83 -9.40 -4.73 14.71
C GLU B 83 -8.91 -3.62 13.79
N ILE B 84 -9.78 -2.65 13.54
CA ILE B 84 -9.50 -1.61 12.55
C ILE B 84 -9.64 -0.22 13.17
N SER B 85 -8.64 0.61 12.97
CA SER B 85 -8.60 1.94 13.58
C SER B 85 -8.38 3.02 12.53
N PHE B 86 -9.17 4.09 12.60
CA PHE B 86 -8.95 5.26 11.75
C PHE B 86 -8.64 6.49 12.59
N GLN B 87 -7.45 7.04 12.38
CA GLN B 87 -7.01 8.22 13.12
C GLN B 87 -6.80 9.41 12.21
N LEU B 88 -7.45 10.52 12.51
CA LEU B 88 -7.28 11.76 11.76
C LEU B 88 -6.33 12.71 12.49
N GLU B 89 -5.39 13.28 11.74
CA GLU B 89 -4.50 14.29 12.28
C GLU B 89 -4.42 15.52 11.37
N THR B 90 -4.84 16.66 11.90
CA THR B 90 -4.83 17.91 11.14
C THR B 90 -3.40 18.37 10.89
N VAL B 91 -3.08 18.63 9.63
CA VAL B 91 -1.76 19.12 9.25
C VAL B 91 -1.85 20.40 8.45
N GLU B 92 -0.70 20.90 8.00
CA GLU B 92 -0.59 22.28 7.54
C GLU B 92 -1.77 22.65 6.64
N ASN B 93 -1.88 21.95 5.51
CA ASN B 93 -2.79 22.35 4.45
C ASN B 93 -3.67 21.19 4.00
N GLN B 94 -3.81 20.19 4.86
CA GLN B 94 -4.65 19.04 4.57
C GLN B 94 -4.95 18.23 5.82
N THR B 95 -5.61 17.10 5.66
CA THR B 95 -5.85 16.18 6.76
C THR B 95 -5.09 14.87 6.57
N PHE B 96 -4.29 14.51 7.58
CA PHE B 96 -3.47 13.32 7.51
C PHE B 96 -4.18 12.11 8.10
N VAL B 97 -4.26 11.03 7.32
CA VAL B 97 -4.98 9.84 7.73
C VAL B 97 -4.03 8.73 8.13
N ARG B 98 -4.08 8.33 9.40
CA ARG B 98 -3.31 7.18 9.87
C ARG B 98 -4.21 5.96 10.06
N PHE B 99 -3.90 4.90 9.33
CA PHE B 99 -4.72 3.69 9.35
C PHE B 99 -3.98 2.54 10.02
N THR B 100 -4.67 1.85 10.93
CA THR B 100 -4.10 0.70 11.59
C THR B 100 -5.06 -0.49 11.55
N HIS B 101 -4.55 -1.64 11.13
CA HIS B 101 -5.32 -2.88 11.17
C HIS B 101 -4.55 -3.99 11.87
N SER B 102 -4.96 -4.33 13.09
CA SER B 102 -4.12 -5.09 14.00
C SER B 102 -4.79 -6.40 14.38
N ASN B 103 -4.10 -7.18 15.21
CA ASN B 103 -4.62 -8.48 15.65
C ASN B 103 -4.63 -9.49 14.51
N TRP B 104 -3.57 -9.46 13.71
CA TRP B 104 -3.36 -10.48 12.69
C TRP B 104 -2.57 -11.65 13.24
N HIS B 105 -2.94 -12.87 12.81
CA HIS B 105 -2.28 -14.08 13.28
C HIS B 105 -0.78 -14.03 12.99
N GLU B 106 -0.43 -13.94 11.72
CA GLU B 106 0.97 -13.98 11.30
C GLU B 106 1.16 -13.28 9.97
N THR B 107 2.42 -13.01 9.63
CA THR B 107 2.75 -12.35 8.37
C THR B 107 2.60 -13.30 7.19
N THR B 108 1.36 -13.57 6.80
CA THR B 108 1.08 -14.52 5.74
C THR B 108 0.20 -13.90 4.66
N ASP B 109 -0.33 -14.74 3.78
CA ASP B 109 -1.06 -14.25 2.61
C ASP B 109 -2.11 -13.21 3.01
N PHE B 110 -2.85 -13.50 4.06
CA PHE B 110 -3.89 -12.59 4.55
C PHE B 110 -3.32 -11.21 4.83
N MET B 111 -2.16 -11.17 5.48
CA MET B 111 -1.57 -9.91 5.91
C MET B 111 -1.17 -9.05 4.72
N ALA B 112 -0.39 -9.63 3.82
CA ALA B 112 0.16 -8.88 2.69
C ALA B 112 -0.96 -8.41 1.75
N HIS B 113 -1.95 -9.26 1.54
CA HIS B 113 -3.02 -8.98 0.60
C HIS B 113 -3.88 -7.81 1.09
N CYS B 114 -4.23 -7.84 2.37
CA CYS B 114 -5.00 -6.76 2.99
C CYS B 114 -4.23 -5.45 2.96
N ASN B 115 -2.93 -5.53 3.22
CA ASN B 115 -2.05 -4.37 3.15
C ASN B 115 -2.15 -3.68 1.80
N THR B 116 -2.12 -4.48 0.74
CA THR B 116 -2.26 -3.95 -0.62
C THR B 116 -3.64 -3.36 -0.84
N LYS B 117 -4.67 -4.10 -0.45
CA LYS B 117 -6.05 -3.69 -0.71
C LYS B 117 -6.39 -2.38 -0.02
N TRP B 118 -5.92 -2.23 1.21
CA TRP B 118 -6.25 -1.06 2.01
C TRP B 118 -5.53 0.19 1.51
N ALA B 119 -4.35 -0.02 0.93
CA ALA B 119 -3.62 1.06 0.26
C ALA B 119 -4.41 1.60 -0.92
N VAL B 120 -4.95 0.70 -1.72
CA VAL B 120 -5.79 1.09 -2.85
C VAL B 120 -7.08 1.76 -2.39
N PHE B 121 -7.67 1.21 -1.32
CA PHE B 121 -8.89 1.76 -0.77
C PHE B 121 -8.70 3.22 -0.36
N LEU B 122 -7.62 3.50 0.35
CA LEU B 122 -7.34 4.84 0.85
C LEU B 122 -7.05 5.80 -0.31
N LEU B 123 -6.27 5.33 -1.27
CA LEU B 123 -6.00 6.11 -2.49
C LEU B 123 -7.30 6.49 -3.19
N SER B 124 -8.25 5.57 -3.20
CA SER B 124 -9.57 5.84 -3.76
C SER B 124 -10.31 6.90 -2.95
N LEU B 125 -10.22 6.79 -1.62
CA LEU B 125 -10.78 7.79 -0.73
C LEU B 125 -10.17 9.16 -1.00
N LYS B 126 -8.89 9.18 -1.35
CA LYS B 126 -8.17 10.43 -1.55
C LYS B 126 -8.62 11.15 -2.82
N ASP B 127 -8.69 10.40 -3.91
CA ASP B 127 -9.12 10.95 -5.20
C ASP B 127 -10.58 11.35 -5.17
N ALA B 128 -11.40 10.55 -4.48
CA ALA B 128 -12.83 10.82 -4.38
C ALA B 128 -13.09 12.14 -3.68
N LEU B 129 -12.37 12.39 -2.60
CA LEU B 129 -12.56 13.60 -1.80
C LEU B 129 -11.88 14.80 -2.44
N GLU B 130 -10.68 14.57 -2.97
CA GLU B 130 -9.88 15.66 -3.54
C GLU B 130 -10.49 16.16 -4.84
N ILE B 131 -10.76 15.24 -5.77
CA ILE B 131 -11.27 15.59 -7.08
C ILE B 131 -12.72 15.20 -7.24
N GLY B 132 -13.00 13.91 -7.04
CA GLY B 132 -14.36 13.38 -7.20
C GLY B 132 -14.51 12.68 -8.55
N LYS B 133 -13.46 12.73 -9.35
CA LYS B 133 -13.47 12.09 -10.67
C LYS B 133 -12.68 10.79 -10.66
N GLY B 134 -12.11 10.46 -9.51
CA GLY B 134 -11.33 9.24 -9.37
C GLY B 134 -12.18 8.01 -9.66
#